data_7TZ6
#
_entry.id   7TZ6
#
_cell.length_a   1.00
_cell.length_b   1.00
_cell.length_c   1.00
_cell.angle_alpha   90.00
_cell.angle_beta   90.00
_cell.angle_gamma   90.00
#
_symmetry.space_group_name_H-M   'P 1'
#
loop_
_entity.id
_entity.type
_entity.pdbx_description
1 polymer 'Cytochrome b-c1 complex subunit 1, mitochondrial'
2 polymer 'Cytochrome b-c1 complex subunit 2, mitochondrial'
3 polymer 'Cytochrome b'
4 polymer 'Cytochrome c1, heme protein, mitochondrial'
5 polymer 'Cytochrome b-c1 complex subunit Rieske, mitochondrial'
6 polymer 'Cytochrome b-c1 complex subunit 7'
7 polymer 'Cytochrome b-c1 complex subunit 8'
8 polymer 'Cytochrome b-c1 complex subunit 6, mitochondrial'
9 polymer 'Cytochrome b-c1 complex subunit Rieske, mitochondrial'
10 polymer 'Cytochrome b-c1 complex subunit 9'
11 polymer 'Cytochrome b-c1 complex subunit 10'
12 non-polymer 'PROTOPORPHYRIN IX CONTAINING FE'
13 non-polymer 7-chloranyl-3-methyl-2-[4-[[4-(trifluoromethyloxy)phenyl]methyl]phenyl]-1~{H}-quinolin-4-one
14 non-polymer 'HEME C'
15 non-polymer 'FE2/S2 (INORGANIC) CLUSTER'
#
loop_
_entity_poly.entity_id
_entity_poly.type
_entity_poly.pdbx_seq_one_letter_code
_entity_poly.pdbx_strand_id
1 'polypeptide(L)'
;TATYAQALQSVPETQVSQLDNGLRVASEQSSQPTCTVGVWIDAGSRYESEKNNGAGYFVEHLAFKGTKNRPGNALEKEVE
SMGAHLNAYSTREHTAYYIKALSKDLPKAVELLADIVQNCSLEDSQIEKERDVILQELQENDTSMRDVVFNYLHATAFQG
TPLAQSVEGPSENVRKLSRADLTEYLSRHYKAPRMVLAAAGGLEHRQLLDLAQKHFSGLSGTYDEDAVPTLSPCRFTGSQ
ICHREDGLPLAHVAIAVEGPGWAHPDNVALQVANAIIGHYDCTYGGGAHLSSPLASIAATNKLCQSFQTFNICYADTGLL
GAHFVCDHMSIDDMMFVLQGQWMRLCTSATESEVLRGKNLLRNALVSHLDGTTPVCEDIGRSLLTYGRRIPLAEWESRIA
EVDARVVREVCSKYFYDQCPAVAGFGPIEQLPDYNRIRSGMFWLRF
;
A,N
2 'polypeptide(L)'
;SLKVAPKVKATEAPAGVPPHPQDLEFTRLPNGLVIASLENYAPASRIGLFIKAGSRYENSNNLGTSHLLRLASSLTTKGA
SSFKITRGIEAVGGKLSVTSTRENMAYTVECLRDDVDILMEFLLNVTTAPEFRRWEVAALQPQLRIDKAVALQNPQAHVI
ENLHAAAYRNALANSLYCPDYRIGKVTPVELHDYVQNHFTSARMALIGLGVSHPVLKQVAEQFLNIRGGLGLSGAKAKYH
GGEIREQNGDSLVHAALVAESAAIGSAEANAFSVLQHVLGAGPHVKRGSNATSSLYQAVAKGVHQPFDVSAFNASYSDSG
LFGFYTISQAASAGDVIKAAYNQVKTIAQGNLSNPDVQAAKNKLKAGYLMSVESSEGFLDEVGSQALAAGSYTPPSTVLQ
QIDAVADADVINAAKKFVSGRKSMAASGNLGHTPFIDEL
;
B,O
3 'polypeptide(L)'
;MTNIRKSHPLMKIVNNAFIDLPAPSNISSWWNFGSLLGICLILQILTGLFLAMHYTSDTTTAFSSVTHICRDVNYGWIIR
YMHANGASMFFICLYMHVGRGLYYGSYTFLETWNIGVILLLTVMATAFMGYVLPWGQMSFWGATVITNLLSAIPYIGTNL
VEWIWGGFSVDKATLTRFFAFHFILPFIIMAIAMVHLLFLHETGSNNPTGISSDVDKIPFHPYYTIKDILGALLLILALM
LLVLFAPDLLGDPDNYTPANPLNTPPHIKPEWYFLFAYAILRSIPNKLGGVLALAFSILILALIPLLHTSKQRSMMFRPL
SQCLFWALVADLLTLTWIGGQPVEHPYITIGQLASVLYFLLILVLMPTAGTIENKLLKW
;
C,P
4 'polypeptide(L)'
;SDLELHPPSYPWSHRGLLSSLDHTSIRRGFQVYKQVCSSCHSMDYVAYRHLVGVCYTEDEAKALAEEVEVQDGPNEDGEM
FMRPGKLSDYFPKPYPNPEAARAANNGALPPDLSYIVRARHGGEDYVFSLLTGYCEPPTGVSLREGLYFNPYFPGQAIGM
APPIYNEVLEFDDGTPATMSQVAKDVCTFLRWAAEPEHDHRKRMGLKMLLMMGLLLPLVYAMKRHKWSVLKSRKLAYRPP
K
;
D,Q
5 'polypeptide(L)'
;SHTDIKVPDFSDYRRPEVLDSTKSSKESSEARKGFSYLVTATTTVGVAYAAKNVVSQFVSSMSASADVLAMSKIEIKLSD
IPEGKNMAFKWRGKPLFVRHRTKKEIDQEAAVEVSQLRDPQHDLERVKKPEWVILIGVCTHLGCVPIANAGDFGGYYCPC
HGSHYDASGRIRKGPAPLNLEVPSYEFTSDDMVIVG
;
E,R
6 'polypeptide(L)'
;AGRPAVSASSRWLEGIRKWYYNAAGFNKLGLMRDDTIHENDDVKEAIRRLPENLYNDRVFRIKRALDLSMRQQILPKEQW
TKYEEDKSYLEPYLKEVIRERKEREEWAKK
;
F,S
7 'polypeptide(L)' GRQFGHLTRVRHVITYSLSPFEQRAFPHYFSKGIPNVLRRTRACILRVAPPFVAFYLVYTWGTQEFEKSKRKNPAAYEND G,T
8 'polypeptide(L)' GDPKEEEEEEEELVDPLTTVREQCEQLEKCVKARERLELCDERVSSRSQTEEDCTEELLDFLHARDHCVAHKLFNSLK H,U
9 'polypeptide(L)' MLSVAARSGPFAPVLSATSRGVAGALRPLVQAAVPATSESPVLDLKRSVLCRESLRGQAAGRPLVASVSLNVPASVRY I,V
10 'polypeptide(L)' VAPTLTARLYSLLFRRTSTFALTIVVGALFFERAFDQGADAIYEHINEGKLWKHIKHKYENKE J,W
11 'polypeptide(L)' MLTRFLGPRYRQLARNWVPTASLWGAVGAVGLVWATDWRLILDWVPYINGKFKKDD K,X
#
loop_
_chem_comp.id
_chem_comp.type
_chem_comp.name
_chem_comp.formula
FES non-polymer 'FE2/S2 (INORGANIC) CLUSTER' 'Fe2 S2'
HEC non-polymer 'HEME C' 'C34 H34 Fe N4 O4'
HEM non-polymer 'PROTOPORPHYRIN IX CONTAINING FE' 'C34 H32 Fe N4 O4'
JHB non-polymer 7-chloranyl-3-methyl-2-[4-[[4-(trifluoromethyloxy)phenyl]methyl]phenyl]-1~{H}-quinolin-4-one 'C24 H17 Cl F3 N O2'
#
# COMPACT_ATOMS: atom_id res chain seq x y z
N THR A 1 -28.06 3.67 60.52
CA THR A 1 -28.76 2.73 61.45
C THR A 1 -29.47 1.62 60.69
N ALA A 2 -30.00 1.93 59.51
CA ALA A 2 -30.69 0.96 58.68
C ALA A 2 -29.67 0.22 57.81
N THR A 3 -30.17 -0.72 56.99
CA THR A 3 -29.35 -1.52 56.11
C THR A 3 -30.11 -1.78 54.81
N TYR A 4 -29.42 -2.35 53.84
CA TYR A 4 -30.03 -2.64 52.55
C TYR A 4 -31.13 -3.68 52.67
N ALA A 5 -30.83 -4.78 53.37
CA ALA A 5 -31.83 -5.84 53.54
C ALA A 5 -33.02 -5.35 54.35
N GLN A 6 -32.77 -4.62 55.43
CA GLN A 6 -33.86 -4.09 56.25
C GLN A 6 -34.74 -3.13 55.44
N ALA A 7 -34.11 -2.28 54.63
CA ALA A 7 -34.87 -1.36 53.79
C ALA A 7 -35.72 -2.12 52.78
N LEU A 8 -35.17 -3.18 52.19
CA LEU A 8 -35.96 -3.98 51.25
C LEU A 8 -37.13 -4.65 51.94
N GLN A 9 -36.94 -5.12 53.18
CA GLN A 9 -38.03 -5.78 53.88
C GLN A 9 -39.14 -4.82 54.29
N SER A 10 -38.85 -3.52 54.39
CA SER A 10 -39.81 -2.56 54.93
C SER A 10 -40.80 -2.01 53.91
N VAL A 11 -40.69 -2.40 52.64
CA VAL A 11 -41.64 -1.87 51.65
C VAL A 11 -43.01 -2.49 51.89
N PRO A 12 -44.11 -1.73 51.82
CA PRO A 12 -45.42 -2.36 52.05
C PRO A 12 -45.78 -3.33 50.95
N GLU A 13 -46.62 -4.31 51.30
CA GLU A 13 -46.97 -5.40 50.41
C GLU A 13 -48.15 -5.03 49.54
N THR A 14 -48.12 -5.47 48.29
CA THR A 14 -49.27 -5.34 47.41
C THR A 14 -50.38 -6.27 47.86
N GLN A 15 -51.62 -5.79 47.78
CA GLN A 15 -52.80 -6.58 48.14
C GLN A 15 -53.68 -6.75 46.91
N VAL A 16 -54.08 -7.99 46.65
CA VAL A 16 -54.79 -8.39 45.44
C VAL A 16 -56.08 -9.11 45.83
N SER A 17 -57.15 -8.81 45.12
CA SER A 17 -58.44 -9.48 45.30
C SER A 17 -59.05 -9.66 43.93
N GLN A 18 -60.12 -10.46 43.88
CA GLN A 18 -60.77 -10.81 42.62
C GLN A 18 -62.28 -10.78 42.79
N LEU A 19 -62.96 -10.09 41.87
CA LEU A 19 -64.41 -10.01 41.89
C LEU A 19 -65.02 -11.26 41.26
N ASP A 20 -66.35 -11.30 41.18
CA ASP A 20 -67.05 -12.45 40.65
C ASP A 20 -67.00 -12.52 39.13
N ASN A 21 -67.01 -11.38 38.44
CA ASN A 21 -66.96 -11.39 36.98
C ASN A 21 -65.60 -11.79 36.44
N GLY A 22 -64.58 -11.92 37.30
CA GLY A 22 -63.23 -12.27 36.89
C GLY A 22 -62.24 -11.14 36.99
N LEU A 23 -62.68 -9.92 37.28
CA LEU A 23 -61.77 -8.80 37.36
C LEU A 23 -60.85 -8.95 38.57
N ARG A 24 -59.61 -8.51 38.42
CA ARG A 24 -58.60 -8.54 39.47
C ARG A 24 -58.25 -7.12 39.87
N VAL A 25 -58.35 -6.82 41.16
CA VAL A 25 -58.10 -5.51 41.72
C VAL A 25 -56.89 -5.60 42.63
N ALA A 26 -55.83 -4.88 42.29
CA ALA A 26 -54.59 -4.84 43.06
C ALA A 26 -54.32 -3.41 43.49
N SER A 27 -53.70 -3.26 44.66
CA SER A 27 -53.37 -1.93 45.14
C SER A 27 -52.25 -2.00 46.15
N GLU A 28 -51.61 -0.85 46.37
CA GLU A 28 -50.48 -0.73 47.28
C GLU A 28 -50.59 0.60 48.00
N GLN A 29 -50.84 0.55 49.30
CA GLN A 29 -51.00 1.77 50.08
C GLN A 29 -49.69 2.53 50.20
N SER A 30 -49.78 3.84 50.36
CA SER A 30 -48.62 4.68 50.57
C SER A 30 -49.08 5.96 51.25
N SER A 31 -48.11 6.71 51.77
CA SER A 31 -48.39 7.94 52.52
C SER A 31 -48.45 9.19 51.66
N GLN A 32 -48.19 9.10 50.36
CA GLN A 32 -48.22 10.27 49.52
C GLN A 32 -49.65 10.77 49.34
N PRO A 33 -49.85 12.04 48.94
CA PRO A 33 -51.21 12.55 48.76
C PRO A 33 -51.82 12.22 47.41
N THR A 34 -50.99 12.10 46.37
CA THR A 34 -51.46 11.84 45.03
C THR A 34 -51.66 10.34 44.83
N CYS A 35 -52.16 9.96 43.66
CA CYS A 35 -52.31 8.55 43.33
C CYS A 35 -52.43 8.39 41.83
N THR A 36 -52.22 7.16 41.38
CA THR A 36 -52.37 6.77 39.99
C THR A 36 -53.20 5.49 39.93
N VAL A 37 -54.22 5.48 39.09
CA VAL A 37 -55.13 4.35 38.96
C VAL A 37 -55.32 4.05 37.48
N GLY A 38 -55.31 2.76 37.13
CA GLY A 38 -55.41 2.42 35.72
C GLY A 38 -55.92 1.01 35.51
N VAL A 39 -56.23 0.75 34.24
CA VAL A 39 -56.71 -0.54 33.76
C VAL A 39 -55.74 -1.04 32.72
N TRP A 40 -55.21 -2.26 32.95
CA TRP A 40 -54.38 -2.97 32.00
C TRP A 40 -55.17 -4.11 31.40
N ILE A 41 -54.95 -4.35 30.10
CA ILE A 41 -55.71 -5.31 29.33
C ILE A 41 -54.74 -6.17 28.55
N ASP A 42 -55.00 -7.47 28.50
CA ASP A 42 -54.18 -8.44 27.77
C ASP A 42 -54.70 -8.59 26.35
N ALA A 43 -54.44 -7.57 25.54
CA ALA A 43 -54.90 -7.55 24.16
C ALA A 43 -54.07 -6.54 23.40
N GLY A 44 -53.30 -7.02 22.41
CA GLY A 44 -52.48 -6.17 21.59
C GLY A 44 -52.53 -6.58 20.13
N SER A 45 -51.47 -6.30 19.38
CA SER A 45 -51.46 -6.68 17.97
C SER A 45 -51.25 -8.16 17.76
N ARG A 46 -50.72 -8.88 18.76
CA ARG A 46 -50.46 -10.29 18.59
C ARG A 46 -51.74 -11.11 18.48
N TYR A 47 -52.86 -10.60 19.00
CA TYR A 47 -54.14 -11.29 18.93
C TYR A 47 -54.96 -10.89 17.71
N GLU A 48 -54.31 -10.42 16.64
CA GLU A 48 -54.98 -9.91 15.46
C GLU A 48 -54.49 -10.64 14.23
N SER A 49 -55.41 -11.00 13.35
CA SER A 49 -55.07 -11.63 12.09
C SER A 49 -54.74 -10.54 11.07
N GLU A 50 -54.49 -10.96 9.82
CA GLU A 50 -54.17 -9.99 8.78
C GLU A 50 -55.39 -9.17 8.38
N LYS A 51 -56.59 -9.72 8.56
CA LYS A 51 -57.80 -9.02 8.13
C LYS A 51 -58.02 -7.74 8.93
N ASN A 52 -57.81 -7.80 10.25
CA ASN A 52 -58.17 -6.73 11.16
C ASN A 52 -56.96 -6.16 11.90
N ASN A 53 -55.77 -6.28 11.32
CA ASN A 53 -54.57 -5.76 11.97
C ASN A 53 -54.65 -4.26 12.09
N GLY A 54 -54.20 -3.74 13.22
CA GLY A 54 -54.32 -2.34 13.56
C GLY A 54 -55.63 -1.94 14.20
N ALA A 55 -56.50 -2.91 14.51
CA ALA A 55 -57.77 -2.57 15.14
C ALA A 55 -57.57 -2.01 16.54
N GLY A 56 -56.65 -2.58 17.31
CA GLY A 56 -56.45 -2.14 18.68
C GLY A 56 -55.95 -0.71 18.75
N TYR A 57 -55.01 -0.35 17.88
CA TYR A 57 -54.51 1.02 17.85
C TYR A 57 -55.62 1.99 17.47
N PHE A 58 -56.48 1.59 16.54
CA PHE A 58 -57.60 2.42 16.15
C PHE A 58 -58.55 2.64 17.31
N VAL A 59 -58.85 1.58 18.06
CA VAL A 59 -59.74 1.72 19.21
C VAL A 59 -59.10 2.59 20.29
N GLU A 60 -57.79 2.43 20.48
CA GLU A 60 -57.09 3.26 21.45
C GLU A 60 -57.12 4.74 21.07
N HIS A 61 -57.12 5.04 19.77
CA HIS A 61 -57.24 6.42 19.35
C HIS A 61 -58.60 7.00 19.72
N LEU A 62 -59.66 6.20 19.62
CA LEU A 62 -61.02 6.65 19.82
C LEU A 62 -61.49 6.56 21.26
N ALA A 63 -60.61 6.18 22.19
CA ALA A 63 -61.04 6.01 23.58
C ALA A 63 -61.49 7.31 24.20
N PHE A 64 -60.69 8.37 24.06
CA PHE A 64 -60.97 9.65 24.68
C PHE A 64 -61.72 10.58 23.72
N LYS A 65 -62.82 10.08 23.14
CA LYS A 65 -63.61 10.85 22.18
C LYS A 65 -65.09 10.69 22.48
N GLY A 66 -65.44 10.69 23.75
CA GLY A 66 -66.83 10.65 24.16
C GLY A 66 -67.37 9.23 24.19
N THR A 67 -68.45 9.06 24.95
CA THR A 67 -69.09 7.77 25.18
C THR A 67 -70.58 7.98 25.07
N LYS A 68 -71.35 6.97 25.48
CA LYS A 68 -72.81 7.09 25.45
C LYS A 68 -73.29 8.14 26.44
N ASN A 69 -72.68 8.20 27.62
CA ASN A 69 -73.15 9.04 28.72
C ASN A 69 -72.42 10.37 28.82
N ARG A 70 -71.26 10.52 28.18
CA ARG A 70 -70.51 11.78 28.14
C ARG A 70 -70.23 12.12 26.68
N PRO A 71 -71.25 12.51 25.93
CA PRO A 71 -71.07 12.65 24.48
C PRO A 71 -70.14 13.79 24.11
N GLY A 72 -69.52 13.64 22.94
CA GLY A 72 -68.66 14.69 22.44
C GLY A 72 -67.41 14.86 23.27
N ASN A 73 -66.98 16.12 23.40
CA ASN A 73 -65.78 16.49 24.13
C ASN A 73 -66.05 16.85 25.59
N ALA A 74 -67.11 16.30 26.17
CA ALA A 74 -67.42 16.59 27.57
C ALA A 74 -66.47 15.87 28.50
N LEU A 75 -66.17 14.60 28.20
CA LEU A 75 -65.34 13.77 29.07
C LEU A 75 -64.00 14.43 29.35
N GLU A 76 -63.36 14.94 28.30
CA GLU A 76 -62.08 15.62 28.44
C GLU A 76 -62.17 16.75 29.46
N LYS A 77 -63.22 17.58 29.34
CA LYS A 77 -63.39 18.70 30.26
C LYS A 77 -63.46 18.22 31.69
N GLU A 78 -64.15 17.09 31.92
CA GLU A 78 -64.29 16.54 33.27
C GLU A 78 -62.93 16.27 33.88
N VAL A 79 -62.02 15.68 33.10
CA VAL A 79 -60.68 15.40 33.62
C VAL A 79 -60.01 16.71 34.00
N GLU A 80 -60.09 17.70 33.12
CA GLU A 80 -59.44 18.97 33.38
C GLU A 80 -60.21 19.79 34.41
N SER A 81 -61.41 19.35 34.82
CA SER A 81 -62.04 20.00 35.96
C SER A 81 -61.25 19.75 37.24
N MET A 82 -60.55 18.61 37.33
CA MET A 82 -59.82 18.22 38.53
C MET A 82 -58.31 18.24 38.34
N GLY A 83 -57.82 18.68 37.18
CA GLY A 83 -56.39 18.77 36.98
C GLY A 83 -55.67 17.43 37.00
N ALA A 84 -56.28 16.40 36.44
CA ALA A 84 -55.72 15.07 36.36
C ALA A 84 -55.15 14.83 34.97
N HIS A 85 -54.20 13.90 34.88
CA HIS A 85 -53.53 13.56 33.64
C HIS A 85 -54.01 12.18 33.18
N LEU A 86 -54.67 12.13 32.04
CA LEU A 86 -55.24 10.90 31.49
C LEU A 86 -54.40 10.45 30.31
N ASN A 87 -53.86 9.23 30.38
CA ASN A 87 -52.88 8.74 29.41
C ASN A 87 -53.18 7.29 29.07
N ALA A 88 -52.64 6.83 27.93
CA ALA A 88 -52.84 5.46 27.49
C ALA A 88 -51.68 5.03 26.61
N TYR A 89 -51.52 3.72 26.47
CA TYR A 89 -50.55 3.18 25.51
C TYR A 89 -50.96 1.78 25.09
N SER A 90 -50.36 1.33 23.98
CA SER A 90 -50.63 0.03 23.40
C SER A 90 -49.32 -0.56 22.87
N THR A 91 -49.17 -1.88 23.00
CA THR A 91 -47.96 -2.58 22.57
C THR A 91 -48.38 -3.82 21.82
N ARG A 92 -47.42 -4.73 21.58
CA ARG A 92 -47.69 -5.94 20.84
C ARG A 92 -48.44 -7.00 21.64
N GLU A 93 -48.51 -6.86 22.97
CA GLU A 93 -49.21 -7.82 23.82
C GLU A 93 -50.06 -7.21 24.91
N HIS A 94 -50.01 -5.91 25.16
CA HIS A 94 -50.72 -5.28 26.27
C HIS A 94 -51.32 -3.96 25.82
N THR A 95 -52.33 -3.53 26.56
CA THR A 95 -52.90 -2.20 26.43
C THR A 95 -53.11 -1.63 27.83
N ALA A 96 -53.07 -0.31 27.94
CA ALA A 96 -53.20 0.32 29.25
C ALA A 96 -53.83 1.70 29.13
N TYR A 97 -54.73 2.00 30.06
CA TYR A 97 -55.26 3.33 30.28
C TYR A 97 -55.03 3.68 31.74
N TYR A 98 -54.72 4.93 32.04
CA TYR A 98 -54.52 5.29 33.43
C TYR A 98 -54.69 6.79 33.63
N ILE A 99 -54.90 7.15 34.89
CA ILE A 99 -55.12 8.52 35.33
C ILE A 99 -54.22 8.79 36.52
N LYS A 100 -53.51 9.91 36.47
CA LYS A 100 -52.80 10.47 37.62
C LYS A 100 -53.64 11.59 38.19
N ALA A 101 -53.91 11.53 39.49
CA ALA A 101 -54.76 12.53 40.12
C ALA A 101 -54.43 12.59 41.60
N LEU A 102 -55.25 13.32 42.35
CA LEU A 102 -55.10 13.38 43.79
C LEU A 102 -55.84 12.22 44.43
N SER A 103 -55.64 12.07 45.75
CA SER A 103 -56.38 11.05 46.48
C SER A 103 -57.87 11.34 46.48
N LYS A 104 -58.23 12.62 46.67
CA LYS A 104 -59.62 13.00 46.80
C LYS A 104 -60.44 12.65 45.57
N ASP A 105 -59.81 12.62 44.40
CA ASP A 105 -60.48 12.32 43.15
C ASP A 105 -60.52 10.82 42.83
N LEU A 106 -60.12 9.96 43.76
CA LEU A 106 -60.21 8.53 43.51
C LEU A 106 -61.62 8.05 43.20
N PRO A 107 -62.70 8.52 43.86
CA PRO A 107 -64.04 8.08 43.44
C PRO A 107 -64.38 8.47 42.01
N LYS A 108 -64.18 9.73 41.65
CA LYS A 108 -64.56 10.18 40.30
C LYS A 108 -63.69 9.53 39.25
N ALA A 109 -62.37 9.43 39.49
CA ALA A 109 -61.44 8.95 38.48
C ALA A 109 -61.76 7.54 38.04
N VAL A 110 -61.99 6.64 39.00
CA VAL A 110 -62.39 5.27 38.68
C VAL A 110 -63.67 5.27 37.87
N GLU A 111 -64.62 6.14 38.23
CA GLU A 111 -65.88 6.20 37.51
C GLU A 111 -65.69 6.59 36.06
N LEU A 112 -64.60 7.31 35.75
CA LEU A 112 -64.29 7.60 34.36
C LEU A 112 -63.74 6.38 33.65
N LEU A 113 -62.84 5.64 34.30
CA LEU A 113 -62.17 4.53 33.63
C LEU A 113 -63.15 3.45 33.21
N ALA A 114 -64.10 3.12 34.10
CA ALA A 114 -65.14 2.16 33.75
C ALA A 114 -65.97 2.66 32.58
N ASP A 115 -66.13 3.97 32.45
CA ASP A 115 -66.83 4.50 31.29
C ASP A 115 -66.08 4.24 30.01
N ILE A 116 -64.74 4.33 30.04
CA ILE A 116 -63.97 4.28 28.80
C ILE A 116 -63.99 2.87 28.21
N VAL A 117 -63.79 1.86 29.03
CA VAL A 117 -63.52 0.51 28.53
C VAL A 117 -64.79 -0.32 28.42
N GLN A 118 -65.96 0.32 28.42
CA GLN A 118 -67.24 -0.37 28.30
C GLN A 118 -68.13 0.23 27.23
N ASN A 119 -68.14 1.54 27.07
CA ASN A 119 -69.15 2.26 26.30
C ASN A 119 -68.51 3.14 25.23
N CYS A 120 -67.60 2.57 24.44
CA CYS A 120 -67.02 3.28 23.31
C CYS A 120 -68.11 3.51 22.26
N SER A 121 -68.53 4.76 22.09
CA SER A 121 -69.60 5.06 21.15
C SER A 121 -69.18 4.85 19.71
N LEU A 122 -67.98 5.30 19.35
CA LEU A 122 -67.43 5.16 18.00
C LEU A 122 -68.33 5.87 16.98
N GLU A 123 -68.39 7.20 17.10
CA GLU A 123 -69.10 7.99 16.12
C GLU A 123 -68.43 7.86 14.76
N ASP A 124 -69.24 7.81 13.70
CA ASP A 124 -68.72 7.57 12.36
C ASP A 124 -67.85 8.73 11.89
N SER A 125 -68.26 9.96 12.17
CA SER A 125 -67.45 11.11 11.79
C SER A 125 -66.12 11.10 12.52
N GLN A 126 -66.13 10.74 13.81
CA GLN A 126 -64.88 10.61 14.54
C GLN A 126 -64.03 9.49 13.97
N ILE A 127 -64.66 8.42 13.49
CA ILE A 127 -63.90 7.35 12.86
C ILE A 127 -63.19 7.86 11.62
N GLU A 128 -63.88 8.66 10.79
CA GLU A 128 -63.25 9.19 9.59
C GLU A 128 -62.11 10.15 9.93
N LYS A 129 -62.32 11.02 10.93
CA LYS A 129 -61.26 11.95 11.31
C LYS A 129 -60.04 11.21 11.84
N GLU A 130 -60.24 10.21 12.70
CA GLU A 130 -59.10 9.46 13.21
C GLU A 130 -58.46 8.62 12.12
N ARG A 131 -59.23 8.19 11.12
CA ARG A 131 -58.62 7.50 9.99
C ARG A 131 -57.64 8.42 9.27
N ASP A 132 -58.05 9.66 9.03
CA ASP A 132 -57.15 10.61 8.39
C ASP A 132 -55.91 10.88 9.25
N VAL A 133 -56.12 11.04 10.56
CA VAL A 133 -54.98 11.32 11.44
C VAL A 133 -54.02 10.14 11.47
N ILE A 134 -54.55 8.91 11.48
CA ILE A 134 -53.69 7.74 11.51
C ILE A 134 -52.93 7.60 10.20
N LEU A 135 -53.56 7.95 9.08
CA LEU A 135 -52.82 7.92 7.81
C LEU A 135 -51.67 8.93 7.84
N GLN A 136 -51.92 10.12 8.39
CA GLN A 136 -50.85 11.11 8.51
C GLN A 136 -49.72 10.57 9.40
N GLU A 137 -50.08 9.91 10.50
CA GLU A 137 -49.06 9.36 11.39
C GLU A 137 -48.25 8.26 10.71
N LEU A 138 -48.92 7.41 9.92
CA LEU A 138 -48.19 6.37 9.19
C LEU A 138 -47.22 6.99 8.19
N GLN A 139 -47.63 8.07 7.52
CA GLN A 139 -46.71 8.76 6.63
C GLN A 139 -45.52 9.34 7.40
N GLU A 140 -45.78 9.94 8.55
CA GLU A 140 -44.72 10.63 9.29
C GLU A 140 -43.82 9.68 10.09
N ASN A 141 -44.22 8.44 10.30
CA ASN A 141 -43.40 7.51 11.09
C ASN A 141 -42.13 7.10 10.39
N ASP A 142 -41.98 7.36 9.09
CA ASP A 142 -40.76 6.97 8.40
C ASP A 142 -39.55 7.80 8.83
N THR A 143 -39.76 8.92 9.53
CA THR A 143 -38.65 9.78 9.91
C THR A 143 -37.86 9.21 11.08
N SER A 144 -38.48 8.39 11.93
CA SER A 144 -37.79 7.79 13.07
C SER A 144 -37.12 6.50 12.61
N MET A 145 -35.79 6.50 12.56
CA MET A 145 -35.06 5.36 12.03
C MET A 145 -34.94 4.24 13.05
N ARG A 146 -34.85 4.56 14.34
CA ARG A 146 -34.76 3.53 15.37
C ARG A 146 -36.00 2.64 15.37
N ASP A 147 -37.18 3.26 15.28
CA ASP A 147 -38.41 2.49 15.30
C ASP A 147 -38.59 1.69 14.02
N VAL A 148 -38.13 2.23 12.89
CA VAL A 148 -38.14 1.48 11.64
C VAL A 148 -37.29 0.24 11.77
N VAL A 149 -36.09 0.38 12.34
CA VAL A 149 -35.20 -0.77 12.45
C VAL A 149 -35.75 -1.80 13.42
N PHE A 150 -36.39 -1.36 14.50
CA PHE A 150 -36.98 -2.33 15.41
C PHE A 150 -38.16 -3.06 14.77
N ASN A 151 -38.96 -2.36 13.97
CA ASN A 151 -40.03 -3.04 13.23
C ASN A 151 -39.47 -4.04 12.23
N TYR A 152 -38.37 -3.68 11.56
CA TYR A 152 -37.74 -4.62 10.64
C TYR A 152 -37.22 -5.85 11.38
N LEU A 153 -36.62 -5.64 12.56
CA LEU A 153 -36.12 -6.78 13.32
C LEU A 153 -37.25 -7.70 13.72
N HIS A 154 -38.39 -7.13 14.14
CA HIS A 154 -39.53 -7.97 14.47
C HIS A 154 -40.06 -8.70 13.25
N ALA A 155 -40.16 -8.00 12.11
CA ALA A 155 -40.73 -8.60 10.91
C ALA A 155 -39.88 -9.76 10.41
N THR A 156 -38.55 -9.59 10.41
CA THR A 156 -37.68 -10.67 9.93
C THR A 156 -37.52 -11.78 10.96
N ALA A 157 -37.49 -11.43 12.26
CA ALA A 157 -37.24 -12.44 13.28
C ALA A 157 -38.40 -13.41 13.41
N PHE A 158 -39.63 -12.89 13.38
CA PHE A 158 -40.85 -13.66 13.58
C PHE A 158 -41.71 -13.68 12.32
N GLN A 159 -41.07 -13.90 11.17
CA GLN A 159 -41.81 -13.88 9.92
C GLN A 159 -42.77 -15.06 9.83
N GLY A 160 -43.96 -14.79 9.32
CA GLY A 160 -44.98 -15.80 9.18
C GLY A 160 -45.81 -16.07 10.41
N THR A 161 -45.70 -15.25 11.44
CA THR A 161 -46.41 -15.40 12.70
C THR A 161 -47.07 -14.07 13.06
N PRO A 162 -47.92 -14.05 14.09
CA PRO A 162 -48.51 -12.77 14.50
C PRO A 162 -47.51 -11.74 15.00
N LEU A 163 -46.34 -12.17 15.48
CA LEU A 163 -45.39 -11.20 16.03
C LEU A 163 -44.72 -10.35 14.95
N ALA A 164 -44.82 -10.74 13.68
CA ALA A 164 -44.31 -9.88 12.63
C ALA A 164 -45.14 -8.62 12.47
N GLN A 165 -46.44 -8.70 12.75
CA GLN A 165 -47.35 -7.59 12.52
C GLN A 165 -47.01 -6.42 13.44
N SER A 166 -47.00 -5.22 12.87
CA SER A 166 -46.73 -4.01 13.64
C SER A 166 -47.99 -3.56 14.37
N VAL A 167 -47.79 -2.70 15.37
CA VAL A 167 -48.90 -2.25 16.19
C VAL A 167 -49.89 -1.43 15.37
N GLU A 168 -49.39 -0.49 14.57
CA GLU A 168 -50.27 0.39 13.81
C GLU A 168 -50.89 -0.35 12.62
N GLY A 169 -50.21 -1.37 12.11
CA GLY A 169 -50.74 -2.16 11.02
C GLY A 169 -50.47 -1.51 9.68
N PRO A 170 -50.69 -2.24 8.60
CA PRO A 170 -50.40 -1.70 7.27
C PRO A 170 -51.38 -0.58 6.90
N SER A 171 -50.91 0.30 6.02
CA SER A 171 -51.72 1.43 5.59
C SER A 171 -52.97 1.00 4.84
N GLU A 172 -52.98 -0.19 4.24
CA GLU A 172 -54.16 -0.64 3.51
C GLU A 172 -55.27 -1.06 4.47
N ASN A 173 -54.91 -1.68 5.59
CA ASN A 173 -55.93 -2.15 6.53
C ASN A 173 -56.70 -0.99 7.14
N VAL A 174 -55.99 0.07 7.54
CA VAL A 174 -56.65 1.19 8.22
C VAL A 174 -57.65 1.88 7.30
N ARG A 175 -57.40 1.88 5.99
CA ARG A 175 -58.33 2.48 5.05
C ARG A 175 -59.64 1.71 4.93
N LYS A 176 -59.67 0.42 5.31
CA LYS A 176 -60.84 -0.43 5.18
C LYS A 176 -61.48 -0.82 6.51
N LEU A 177 -60.89 -0.44 7.64
CA LEU A 177 -61.48 -0.79 8.92
C LEU A 177 -62.82 -0.09 9.07
N SER A 178 -63.85 -0.85 9.43
CA SER A 178 -65.21 -0.36 9.59
C SER A 178 -65.62 -0.47 11.05
N ARG A 179 -66.74 0.18 11.37
CA ARG A 179 -67.23 0.16 12.75
C ARG A 179 -67.61 -1.25 13.19
N ALA A 180 -68.01 -2.10 12.24
CA ALA A 180 -68.30 -3.49 12.58
C ALA A 180 -67.05 -4.19 13.11
N ASP A 181 -65.91 -3.98 12.45
CA ASP A 181 -64.67 -4.61 12.89
C ASP A 181 -64.25 -4.12 14.26
N LEU A 182 -64.37 -2.82 14.51
CA LEU A 182 -63.99 -2.27 15.81
C LEU A 182 -64.90 -2.81 16.91
N THR A 183 -66.21 -2.87 16.66
CA THR A 183 -67.12 -3.41 17.66
C THR A 183 -66.82 -4.89 17.92
N GLU A 184 -66.53 -5.66 16.87
CA GLU A 184 -66.21 -7.06 17.07
C GLU A 184 -64.94 -7.22 17.90
N TYR A 185 -63.93 -6.38 17.63
CA TYR A 185 -62.70 -6.43 18.40
C TYR A 185 -62.96 -6.16 19.88
N LEU A 186 -63.73 -5.10 20.15
CA LEU A 186 -64.03 -4.76 21.54
C LEU A 186 -64.85 -5.86 22.22
N SER A 187 -65.83 -6.41 21.51
CA SER A 187 -66.68 -7.43 22.10
C SER A 187 -65.92 -8.74 22.34
N ARG A 188 -64.86 -8.99 21.56
CA ARG A 188 -64.11 -10.23 21.70
C ARG A 188 -63.02 -10.15 22.76
N HIS A 189 -62.27 -9.05 22.81
CA HIS A 189 -61.04 -9.02 23.60
C HIS A 189 -61.18 -8.34 24.95
N TYR A 190 -62.02 -7.32 25.08
CA TYR A 190 -62.16 -6.59 26.35
C TYR A 190 -63.11 -7.37 27.24
N LYS A 191 -62.57 -8.18 28.14
CA LYS A 191 -63.37 -9.01 29.02
C LYS A 191 -62.70 -9.12 30.38
N ALA A 192 -63.52 -9.36 31.40
CA ALA A 192 -63.06 -9.27 32.78
C ALA A 192 -61.91 -10.21 33.14
N PRO A 193 -61.85 -11.47 32.70
CA PRO A 193 -60.69 -12.30 33.06
C PRO A 193 -59.37 -11.77 32.55
N ARG A 194 -59.36 -10.95 31.52
CA ARG A 194 -58.15 -10.44 30.90
C ARG A 194 -57.79 -9.01 31.32
N MET A 195 -58.52 -8.43 32.27
CA MET A 195 -58.30 -7.07 32.73
C MET A 195 -57.75 -7.09 34.15
N VAL A 196 -56.95 -6.07 34.46
CA VAL A 196 -56.40 -5.85 35.79
C VAL A 196 -56.59 -4.39 36.14
N LEU A 197 -57.13 -4.12 37.32
CA LEU A 197 -57.40 -2.77 37.81
C LEU A 197 -56.39 -2.46 38.91
N ALA A 198 -55.35 -1.71 38.56
CA ALA A 198 -54.27 -1.41 39.48
C ALA A 198 -54.38 0.01 40.00
N ALA A 199 -53.83 0.23 41.19
CA ALA A 199 -53.80 1.55 41.79
C ALA A 199 -52.58 1.63 42.68
N ALA A 200 -52.12 2.85 42.92
CA ALA A 200 -50.95 3.05 43.76
C ALA A 200 -50.88 4.51 44.19
N GLY A 201 -50.73 4.73 45.48
CA GLY A 201 -50.57 6.05 46.02
C GLY A 201 -51.17 6.13 47.41
N GLY A 202 -51.82 7.26 47.69
CA GLY A 202 -52.55 7.44 48.93
C GLY A 202 -53.97 6.95 48.81
N LEU A 203 -54.24 5.77 49.33
CA LEU A 203 -55.56 5.16 49.23
C LEU A 203 -55.58 3.96 50.16
N GLU A 204 -56.76 3.38 50.32
CA GLU A 204 -56.96 2.16 51.10
C GLU A 204 -57.60 1.10 50.20
N HIS A 205 -57.21 -0.15 50.42
CA HIS A 205 -57.56 -1.21 49.46
C HIS A 205 -59.06 -1.45 49.40
N ARG A 206 -59.74 -1.42 50.56
CA ARG A 206 -61.16 -1.76 50.56
C ARG A 206 -61.99 -0.71 49.83
N GLN A 207 -61.59 0.56 49.89
CA GLN A 207 -62.34 1.58 49.16
C GLN A 207 -62.26 1.35 47.66
N LEU A 208 -61.07 1.02 47.16
CA LEU A 208 -60.95 0.71 45.74
C LEU A 208 -61.75 -0.53 45.38
N LEU A 209 -61.75 -1.53 46.26
CA LEU A 209 -62.52 -2.74 45.99
C LEU A 209 -64.01 -2.44 45.91
N ASP A 210 -64.52 -1.61 46.82
CA ASP A 210 -65.93 -1.25 46.78
C ASP A 210 -66.27 -0.45 45.53
N LEU A 211 -65.41 0.49 45.15
CA LEU A 211 -65.67 1.26 43.93
C LEU A 211 -65.65 0.36 42.70
N ALA A 212 -64.74 -0.60 42.65
CA ALA A 212 -64.72 -1.55 41.54
C ALA A 212 -65.99 -2.37 41.51
N GLN A 213 -66.46 -2.82 42.67
CA GLN A 213 -67.73 -3.56 42.72
C GLN A 213 -68.88 -2.70 42.21
N LYS A 214 -68.84 -1.41 42.47
CA LYS A 214 -69.88 -0.53 41.98
C LYS A 214 -69.84 -0.39 40.46
N HIS A 215 -68.66 -0.11 39.90
CA HIS A 215 -68.54 0.42 38.54
C HIS A 215 -68.06 -0.59 37.50
N PHE A 216 -67.72 -1.83 37.88
CA PHE A 216 -67.20 -2.82 36.94
C PHE A 216 -67.97 -4.14 36.99
N SER A 217 -69.05 -4.24 37.77
CA SER A 217 -69.77 -5.50 37.86
C SER A 217 -70.50 -5.86 36.58
N GLY A 218 -70.65 -4.94 35.63
CA GLY A 218 -71.36 -5.22 34.39
C GLY A 218 -70.56 -5.93 33.33
N LEU A 219 -69.24 -6.01 33.47
CA LEU A 219 -68.42 -6.69 32.48
C LEU A 219 -68.77 -8.17 32.43
N SER A 220 -68.83 -8.71 31.21
CA SER A 220 -69.03 -10.14 31.02
C SER A 220 -67.68 -10.85 31.05
N GLY A 221 -67.66 -12.02 31.68
CA GLY A 221 -66.44 -12.80 31.80
C GLY A 221 -66.68 -14.28 31.62
N THR A 222 -67.69 -14.63 30.82
CA THR A 222 -68.07 -16.02 30.62
C THR A 222 -67.34 -16.68 29.46
N TYR A 223 -66.59 -15.94 28.65
CA TYR A 223 -65.92 -16.48 27.47
C TYR A 223 -66.93 -17.16 26.54
N ASP A 224 -67.79 -16.33 25.95
CA ASP A 224 -68.91 -16.79 25.14
C ASP A 224 -68.46 -17.75 24.04
N GLU A 225 -69.04 -18.94 24.07
CA GLU A 225 -68.71 -20.02 23.13
C GLU A 225 -67.23 -20.35 23.30
N ASP A 226 -66.57 -20.84 22.25
CA ASP A 226 -65.14 -21.10 22.26
C ASP A 226 -64.32 -19.89 21.81
N ALA A 227 -64.87 -18.68 21.92
CA ALA A 227 -64.14 -17.46 21.58
C ALA A 227 -63.16 -17.16 22.70
N VAL A 228 -62.06 -17.92 22.69
CA VAL A 228 -61.01 -17.83 23.71
C VAL A 228 -59.68 -17.70 22.99
N PRO A 229 -59.28 -16.48 22.57
CA PRO A 229 -58.01 -16.36 21.86
C PRO A 229 -56.82 -16.72 22.73
N THR A 230 -56.13 -17.80 22.34
CA THR A 230 -54.97 -18.31 23.05
C THR A 230 -53.75 -18.23 22.13
N LEU A 231 -52.64 -17.77 22.68
CA LEU A 231 -51.42 -17.68 21.91
C LEU A 231 -50.88 -19.08 21.63
N SER A 232 -49.95 -19.16 20.68
CA SER A 232 -49.26 -20.37 20.31
C SER A 232 -47.77 -20.07 20.21
N PRO A 233 -46.91 -21.09 20.25
CA PRO A 233 -45.47 -20.83 20.09
C PRO A 233 -45.18 -20.20 18.73
N CYS A 234 -44.22 -19.28 18.73
CA CYS A 234 -43.82 -18.54 17.53
C CYS A 234 -42.45 -19.01 17.08
N ARG A 235 -42.34 -19.28 15.79
CA ARG A 235 -41.08 -19.73 15.21
C ARG A 235 -40.13 -18.54 15.06
N PHE A 236 -38.88 -18.73 15.48
CA PHE A 236 -37.81 -17.76 15.29
C PHE A 236 -36.95 -18.18 14.10
N THR A 237 -36.49 -17.20 13.33
CA THR A 237 -35.72 -17.43 12.13
C THR A 237 -34.48 -16.54 12.13
N GLY A 238 -33.32 -17.14 11.95
CA GLY A 238 -32.12 -16.37 11.69
C GLY A 238 -32.13 -15.89 10.25
N SER A 239 -31.97 -14.58 10.07
CA SER A 239 -32.13 -13.98 8.75
C SER A 239 -31.61 -12.55 8.81
N GLN A 240 -31.54 -11.92 7.64
CA GLN A 240 -31.05 -10.56 7.51
C GLN A 240 -32.04 -9.75 6.69
N ILE A 241 -32.18 -8.48 7.05
CA ILE A 241 -32.95 -7.52 6.27
C ILE A 241 -32.13 -6.23 6.18
N CYS A 242 -32.01 -5.70 4.98
CA CYS A 242 -31.14 -4.56 4.70
C CYS A 242 -31.89 -3.59 3.81
N HIS A 243 -32.09 -2.36 4.30
CA HIS A 243 -32.67 -1.28 3.53
C HIS A 243 -31.54 -0.28 3.25
N ARG A 244 -31.19 -0.15 1.98
CA ARG A 244 -30.06 0.65 1.54
C ARG A 244 -30.58 2.02 1.13
N GLU A 245 -30.16 3.06 1.85
CA GLU A 245 -30.51 4.44 1.55
C GLU A 245 -29.25 5.27 1.77
N ASP A 246 -28.44 5.40 0.72
CA ASP A 246 -27.15 6.05 0.85
C ASP A 246 -27.24 7.55 1.09
N GLY A 247 -28.41 8.15 0.92
CA GLY A 247 -28.56 9.57 1.16
C GLY A 247 -28.50 9.95 2.63
N LEU A 248 -28.76 9.01 3.54
CA LEU A 248 -28.83 9.33 4.96
C LEU A 248 -27.42 9.44 5.53
N PRO A 249 -27.24 10.19 6.64
CA PRO A 249 -25.89 10.42 7.15
C PRO A 249 -25.35 9.29 8.02
N LEU A 250 -26.23 8.63 8.75
CA LEU A 250 -25.86 7.62 9.74
C LEU A 250 -26.57 6.31 9.43
N ALA A 251 -25.95 5.21 9.87
CA ALA A 251 -26.49 3.88 9.70
C ALA A 251 -26.99 3.36 11.04
N HIS A 252 -28.18 2.75 11.01
CA HIS A 252 -28.79 2.11 12.17
C HIS A 252 -28.77 0.60 11.97
N VAL A 253 -28.27 -0.13 12.98
CA VAL A 253 -28.18 -1.58 12.92
C VAL A 253 -28.71 -2.15 14.23
N ALA A 254 -29.44 -3.27 14.13
CA ALA A 254 -29.96 -3.98 15.28
C ALA A 254 -29.83 -5.47 15.06
N ILE A 255 -29.19 -6.16 16.01
CA ILE A 255 -28.92 -7.59 15.91
C ILE A 255 -29.43 -8.26 17.17
N ALA A 256 -30.02 -9.45 17.01
CA ALA A 256 -30.71 -10.11 18.13
C ALA A 256 -30.64 -11.62 17.98
N VAL A 257 -30.93 -12.30 19.09
CA VAL A 257 -31.10 -13.75 19.13
C VAL A 257 -32.35 -14.06 19.94
N GLU A 258 -32.75 -15.33 19.91
CA GLU A 258 -33.98 -15.75 20.57
C GLU A 258 -33.78 -15.79 22.08
N GLY A 259 -34.73 -15.22 22.81
CA GLY A 259 -34.66 -15.10 24.25
C GLY A 259 -35.45 -16.18 24.97
N PRO A 260 -35.35 -16.21 26.30
CA PRO A 260 -36.01 -17.28 27.06
C PRO A 260 -37.51 -17.13 27.20
N GLY A 261 -37.98 -15.92 27.52
CA GLY A 261 -39.38 -15.65 27.74
C GLY A 261 -39.61 -14.91 29.04
N TRP A 262 -40.89 -14.67 29.33
CA TRP A 262 -41.26 -13.83 30.47
C TRP A 262 -40.84 -14.47 31.80
N ALA A 263 -41.24 -15.73 32.02
CA ALA A 263 -41.23 -16.33 33.35
C ALA A 263 -40.16 -17.41 33.49
N HIS A 264 -38.99 -17.19 32.89
CA HIS A 264 -37.89 -18.15 32.97
C HIS A 264 -36.92 -17.74 34.08
N PRO A 265 -36.27 -18.67 34.80
CA PRO A 265 -35.24 -18.24 35.75
C PRO A 265 -34.03 -17.60 35.10
N ASP A 266 -33.76 -17.89 33.83
CA ASP A 266 -32.52 -17.44 33.20
C ASP A 266 -32.45 -15.93 33.04
N ASN A 267 -33.60 -15.25 32.98
CA ASN A 267 -33.65 -13.84 32.58
C ASN A 267 -32.76 -12.98 33.44
N VAL A 268 -32.76 -13.23 34.75
CA VAL A 268 -31.96 -12.43 35.68
C VAL A 268 -30.49 -12.47 35.29
N ALA A 269 -29.99 -13.68 34.97
CA ALA A 269 -28.61 -13.81 34.55
C ALA A 269 -28.34 -12.99 33.30
N LEU A 270 -29.27 -13.03 32.34
CA LEU A 270 -29.09 -12.24 31.13
C LEU A 270 -29.05 -10.75 31.46
N GLN A 271 -29.89 -10.32 32.41
CA GLN A 271 -29.89 -8.91 32.78
C GLN A 271 -28.58 -8.53 33.44
N VAL A 272 -27.89 -9.47 34.08
CA VAL A 272 -26.55 -9.17 34.56
C VAL A 272 -25.59 -9.04 33.39
N ALA A 273 -25.69 -9.96 32.42
CA ALA A 273 -24.72 -10.00 31.33
C ALA A 273 -24.77 -8.72 30.49
N ASN A 274 -25.99 -8.29 30.15
CA ASN A 274 -26.14 -7.03 29.44
C ASN A 274 -25.57 -5.87 30.23
N ALA A 275 -25.73 -5.89 31.55
CA ALA A 275 -25.19 -4.80 32.35
C ALA A 275 -23.67 -4.75 32.28
N ILE A 276 -23.03 -5.90 32.02
CA ILE A 276 -21.58 -5.88 31.84
C ILE A 276 -21.23 -5.19 30.54
N ILE A 277 -22.01 -5.43 29.48
CA ILE A 277 -21.72 -4.80 28.20
C ILE A 277 -22.03 -3.31 28.26
N GLY A 278 -23.12 -2.94 28.91
CA GLY A 278 -23.41 -1.53 29.15
C GLY A 278 -24.01 -0.83 27.95
N HIS A 279 -23.83 0.49 27.93
CA HIS A 279 -24.31 1.34 26.87
C HIS A 279 -23.44 2.58 26.81
N TYR A 280 -23.53 3.29 25.69
CA TYR A 280 -22.69 4.46 25.46
C TYR A 280 -23.43 5.43 24.55
N ASP A 281 -23.21 6.72 24.79
CA ASP A 281 -23.67 7.79 23.91
C ASP A 281 -22.56 8.79 23.77
N CYS A 282 -22.59 9.53 22.66
CA CYS A 282 -21.52 10.49 22.38
C CYS A 282 -21.43 11.61 23.40
N THR A 283 -22.49 11.84 24.18
CA THR A 283 -22.55 12.88 25.19
C THR A 283 -22.18 12.41 26.59
N TYR A 284 -21.78 11.15 26.76
CA TYR A 284 -21.40 10.68 28.09
C TYR A 284 -20.11 11.34 28.54
N GLY A 285 -19.97 11.51 29.86
CA GLY A 285 -18.84 12.19 30.45
C GLY A 285 -17.69 11.32 30.89
N GLY A 286 -17.88 10.00 30.96
CA GLY A 286 -16.81 9.14 31.45
C GLY A 286 -15.60 9.14 30.54
N GLY A 287 -15.82 9.00 29.24
CA GLY A 287 -14.72 9.02 28.30
C GLY A 287 -14.09 7.66 28.14
N ALA A 288 -12.76 7.62 28.21
CA ALA A 288 -12.00 6.40 27.99
C ALA A 288 -11.81 5.55 29.24
N HIS A 289 -12.23 6.04 30.41
CA HIS A 289 -12.10 5.30 31.67
C HIS A 289 -13.31 4.45 32.00
N LEU A 290 -14.29 4.35 31.10
CA LEU A 290 -15.49 3.59 31.37
C LEU A 290 -15.15 2.11 31.54
N SER A 291 -15.89 1.45 32.44
CA SER A 291 -15.59 0.06 32.78
C SER A 291 -15.82 -0.87 31.60
N SER A 292 -16.86 -0.64 30.82
CA SER A 292 -17.17 -1.53 29.71
C SER A 292 -16.07 -1.45 28.65
N PRO A 293 -15.46 -2.57 28.22
CA PRO A 293 -14.47 -2.46 27.14
C PRO A 293 -15.03 -1.90 25.85
N LEU A 294 -16.27 -2.26 25.51
CA LEU A 294 -16.87 -1.77 24.27
C LEU A 294 -17.06 -0.26 24.31
N ALA A 295 -17.54 0.27 25.44
CA ALA A 295 -17.75 1.71 25.55
C ALA A 295 -16.44 2.46 25.49
N SER A 296 -15.41 1.98 26.20
CA SER A 296 -14.12 2.66 26.18
C SER A 296 -13.49 2.64 24.79
N ILE A 297 -13.57 1.50 24.11
CA ILE A 297 -13.01 1.39 22.77
C ILE A 297 -13.75 2.33 21.81
N ALA A 298 -15.08 2.34 21.88
CA ALA A 298 -15.85 3.21 20.99
C ALA A 298 -15.57 4.67 21.28
N ALA A 299 -15.37 5.03 22.55
CA ALA A 299 -15.08 6.42 22.88
C ALA A 299 -13.71 6.84 22.38
N THR A 300 -12.69 5.99 22.55
CA THR A 300 -11.35 6.38 22.15
C THR A 300 -11.22 6.40 20.62
N ASN A 301 -11.73 5.37 19.95
CA ASN A 301 -11.60 5.24 18.50
C ASN A 301 -12.75 5.84 17.72
N LYS A 302 -13.80 6.32 18.37
CA LYS A 302 -14.97 6.92 17.71
C LYS A 302 -15.60 5.93 16.73
N LEU A 303 -15.91 4.73 17.23
CA LEU A 303 -16.49 3.70 16.36
C LEU A 303 -17.95 3.95 16.06
N CYS A 304 -18.69 4.59 16.97
CA CYS A 304 -20.12 4.78 16.78
C CYS A 304 -20.59 6.00 17.54
N GLN A 305 -21.76 6.51 17.12
CA GLN A 305 -22.41 7.59 17.87
C GLN A 305 -23.06 7.05 19.13
N SER A 306 -23.72 5.90 19.06
CA SER A 306 -24.35 5.37 20.26
C SER A 306 -24.63 3.88 20.08
N PHE A 307 -24.75 3.18 21.21
CA PHE A 307 -25.19 1.79 21.20
C PHE A 307 -25.90 1.49 22.51
N GLN A 308 -26.67 0.40 22.49
CA GLN A 308 -27.35 -0.08 23.68
C GLN A 308 -27.70 -1.55 23.49
N THR A 309 -28.00 -2.21 24.61
CA THR A 309 -28.40 -3.61 24.64
C THR A 309 -29.85 -3.71 25.12
N PHE A 310 -30.56 -4.72 24.63
CA PHE A 310 -31.96 -4.92 24.96
C PHE A 310 -32.25 -6.39 25.19
N ASN A 311 -33.30 -6.64 25.99
CA ASN A 311 -33.85 -7.97 26.24
C ASN A 311 -35.36 -7.79 26.32
N ILE A 312 -36.04 -8.03 25.19
CA ILE A 312 -37.48 -7.84 25.06
C ILE A 312 -38.15 -9.19 25.21
N CYS A 313 -39.13 -9.29 26.10
CA CYS A 313 -39.77 -10.54 26.47
C CYS A 313 -41.19 -10.61 25.95
N TYR A 314 -41.60 -11.80 25.53
CA TYR A 314 -42.97 -12.10 25.15
C TYR A 314 -43.34 -13.42 25.81
N ALA A 315 -44.52 -13.95 25.49
CA ALA A 315 -44.91 -15.25 26.01
C ALA A 315 -44.09 -16.33 25.32
N ASP A 316 -43.16 -16.93 26.06
CA ASP A 316 -42.39 -18.08 25.61
C ASP A 316 -41.46 -17.75 24.44
N THR A 317 -41.02 -16.50 24.33
CA THR A 317 -40.06 -16.10 23.31
C THR A 317 -39.58 -14.69 23.63
N GLY A 318 -38.69 -14.18 22.81
CA GLY A 318 -38.19 -12.83 22.99
C GLY A 318 -36.98 -12.57 22.14
N LEU A 319 -36.54 -11.32 22.17
CA LEU A 319 -35.34 -10.87 21.49
C LEU A 319 -34.29 -10.47 22.52
N LEU A 320 -33.04 -10.81 22.24
CA LEU A 320 -31.92 -10.49 23.13
C LEU A 320 -30.76 -10.03 22.26
N GLY A 321 -30.34 -8.78 22.42
CA GLY A 321 -29.27 -8.30 21.56
C GLY A 321 -28.89 -6.86 21.73
N ALA A 322 -28.47 -6.22 20.63
CA ALA A 322 -27.90 -4.87 20.66
C ALA A 322 -28.40 -4.06 19.48
N HIS A 323 -28.25 -2.75 19.61
CA HIS A 323 -28.64 -1.78 18.59
C HIS A 323 -27.64 -0.64 18.64
N PHE A 324 -27.06 -0.28 17.48
CA PHE A 324 -26.12 0.84 17.44
C PHE A 324 -26.37 1.73 16.22
N VAL A 325 -26.05 3.01 16.42
CA VAL A 325 -26.06 4.04 15.38
C VAL A 325 -24.62 4.50 15.20
N CYS A 326 -24.16 4.46 13.96
CA CYS A 326 -22.74 4.70 13.68
C CYS A 326 -22.58 5.24 12.25
N ASP A 327 -21.34 5.59 11.93
CA ASP A 327 -20.98 6.08 10.61
C ASP A 327 -21.00 4.92 9.60
N HIS A 328 -21.01 5.27 8.32
CA HIS A 328 -21.03 4.26 7.27
C HIS A 328 -19.67 3.60 7.04
N MET A 329 -18.62 4.05 7.73
CA MET A 329 -17.27 3.50 7.59
C MET A 329 -16.80 2.83 8.87
N SER A 330 -17.72 2.44 9.77
CA SER A 330 -17.35 1.89 11.06
C SER A 330 -18.18 0.66 11.44
N ILE A 331 -18.93 0.08 10.51
CA ILE A 331 -19.85 -1.00 10.87
C ILE A 331 -19.07 -2.27 11.16
N ASP A 332 -18.02 -2.53 10.38
CA ASP A 332 -17.22 -3.74 10.61
C ASP A 332 -16.56 -3.71 11.98
N ASP A 333 -16.02 -2.55 12.38
CA ASP A 333 -15.36 -2.44 13.67
C ASP A 333 -16.35 -2.66 14.81
N MET A 334 -17.53 -2.06 14.72
CA MET A 334 -18.52 -2.20 15.77
C MET A 334 -19.01 -3.64 15.88
N MET A 335 -19.28 -4.28 14.75
CA MET A 335 -19.73 -5.67 14.78
C MET A 335 -18.65 -6.58 15.36
N PHE A 336 -17.39 -6.35 14.97
CA PHE A 336 -16.29 -7.16 15.48
C PHE A 336 -16.18 -7.03 17.00
N VAL A 337 -16.20 -5.79 17.51
CA VAL A 337 -16.02 -5.59 18.95
C VAL A 337 -17.21 -6.16 19.72
N LEU A 338 -18.43 -5.98 19.20
CA LEU A 338 -19.60 -6.48 19.90
C LEU A 338 -19.58 -8.00 20.01
N GLN A 339 -19.33 -8.68 18.89
CA GLN A 339 -19.31 -10.14 18.93
C GLN A 339 -18.14 -10.65 19.76
N GLY A 340 -17.00 -9.95 19.75
CA GLY A 340 -15.91 -10.33 20.62
C GLY A 340 -16.28 -10.24 22.08
N GLN A 341 -17.01 -9.20 22.47
CA GLN A 341 -17.44 -9.09 23.86
C GLN A 341 -18.42 -10.19 24.23
N TRP A 342 -19.33 -10.53 23.32
CA TRP A 342 -20.25 -11.65 23.60
C TRP A 342 -19.49 -12.95 23.79
N MET A 343 -18.53 -13.24 22.92
CA MET A 343 -17.76 -14.47 23.07
C MET A 343 -16.94 -14.43 24.36
N ARG A 344 -16.44 -13.27 24.74
CA ARG A 344 -15.71 -13.15 25.99
C ARG A 344 -16.59 -13.50 27.18
N LEU A 345 -17.84 -13.01 27.17
CA LEU A 345 -18.76 -13.37 28.23
C LEU A 345 -19.04 -14.87 28.23
N CYS A 346 -19.24 -15.45 27.05
CA CYS A 346 -19.57 -16.87 26.97
C CYS A 346 -18.44 -17.75 27.48
N THR A 347 -17.20 -17.43 27.12
CA THR A 347 -16.07 -18.32 27.38
C THR A 347 -15.36 -18.02 28.70
N SER A 348 -15.27 -16.75 29.09
CA SER A 348 -14.43 -16.38 30.23
C SER A 348 -15.00 -15.13 30.89
N ALA A 349 -15.66 -15.32 32.02
CA ALA A 349 -16.20 -14.23 32.84
C ALA A 349 -15.61 -14.36 34.24
N THR A 350 -15.24 -13.22 34.82
CA THR A 350 -14.59 -13.15 36.13
C THR A 350 -15.56 -12.59 37.16
N GLU A 351 -15.10 -12.57 38.41
CA GLU A 351 -15.97 -12.19 39.52
C GLU A 351 -16.21 -10.69 39.56
N SER A 352 -15.21 -9.88 39.24
CA SER A 352 -15.32 -8.45 39.45
C SER A 352 -16.36 -7.83 38.52
N GLU A 353 -16.36 -8.20 37.25
CA GLU A 353 -17.33 -7.63 36.33
C GLU A 353 -18.73 -8.09 36.66
N VAL A 354 -18.88 -9.33 37.13
CA VAL A 354 -20.20 -9.84 37.49
C VAL A 354 -20.70 -9.10 38.72
N LEU A 355 -19.82 -8.80 39.67
CA LEU A 355 -20.23 -8.02 40.83
C LEU A 355 -20.67 -6.62 40.40
N ARG A 356 -19.94 -6.00 39.47
CA ARG A 356 -20.33 -4.68 38.98
C ARG A 356 -21.69 -4.73 38.30
N GLY A 357 -21.94 -5.76 37.49
CA GLY A 357 -23.24 -5.87 36.83
C GLY A 357 -24.37 -6.12 37.80
N LYS A 358 -24.11 -6.91 38.85
CA LYS A 358 -25.11 -7.13 39.88
C LYS A 358 -25.46 -5.84 40.58
N ASN A 359 -24.45 -5.02 40.92
CA ASN A 359 -24.72 -3.73 41.55
C ASN A 359 -25.52 -2.83 40.62
N LEU A 360 -25.17 -2.82 39.33
CA LEU A 360 -25.92 -2.01 38.38
C LEU A 360 -27.38 -2.43 38.33
N LEU A 361 -27.65 -3.74 38.30
CA LEU A 361 -29.02 -4.21 38.22
C LEU A 361 -29.79 -3.87 39.49
N ARG A 362 -29.15 -4.00 40.65
CA ARG A 362 -29.78 -3.60 41.91
C ARG A 362 -30.18 -2.13 41.87
N ASN A 363 -29.24 -1.27 41.48
CA ASN A 363 -29.52 0.17 41.48
C ASN A 363 -30.61 0.52 40.48
N ALA A 364 -30.57 -0.09 39.30
CA ALA A 364 -31.60 0.17 38.29
C ALA A 364 -32.97 -0.26 38.78
N LEU A 365 -33.05 -1.44 39.38
CA LEU A 365 -34.33 -1.93 39.90
C LEU A 365 -34.86 -1.03 40.99
N VAL A 366 -33.99 -0.57 41.89
CA VAL A 366 -34.44 0.31 42.96
C VAL A 366 -34.93 1.64 42.39
N SER A 367 -34.15 2.23 41.50
CA SER A 367 -34.45 3.59 41.05
C SER A 367 -35.64 3.63 40.10
N HIS A 368 -35.87 2.57 39.33
CA HIS A 368 -36.97 2.57 38.38
C HIS A 368 -38.32 2.68 39.09
N LEU A 369 -38.48 1.96 40.20
CA LEU A 369 -39.71 1.98 40.98
C LEU A 369 -39.57 3.02 42.10
N ASP A 370 -39.79 4.28 41.73
CA ASP A 370 -39.76 5.38 42.69
C ASP A 370 -40.77 6.43 42.21
N GLY A 371 -41.96 6.37 42.75
CA GLY A 371 -43.06 7.24 42.34
C GLY A 371 -44.38 6.54 42.54
N THR A 372 -45.34 6.87 41.68
CA THR A 372 -46.64 6.23 41.65
C THR A 372 -46.95 5.58 40.31
N THR A 373 -46.64 6.24 39.20
CA THR A 373 -46.85 5.63 37.90
C THR A 373 -46.00 4.37 37.68
N PRO A 374 -44.70 4.34 38.01
CA PRO A 374 -43.96 3.09 37.76
C PRO A 374 -44.44 1.95 38.62
N VAL A 375 -44.85 2.21 39.86
CA VAL A 375 -45.35 1.15 40.73
C VAL A 375 -46.65 0.59 40.18
N CYS A 376 -47.56 1.46 39.74
CA CYS A 376 -48.81 1.00 39.15
C CYS A 376 -48.56 0.19 37.89
N GLU A 377 -47.61 0.63 37.06
CA GLU A 377 -47.24 -0.13 35.88
C GLU A 377 -46.68 -1.49 36.25
N ASP A 378 -45.86 -1.53 37.30
CA ASP A 378 -45.29 -2.80 37.76
C ASP A 378 -46.38 -3.77 38.18
N ILE A 379 -47.36 -3.27 38.95
CA ILE A 379 -48.47 -4.12 39.39
C ILE A 379 -49.25 -4.64 38.17
N GLY A 380 -49.57 -3.73 37.26
CA GLY A 380 -50.39 -4.11 36.12
C GLY A 380 -49.72 -5.14 35.23
N ARG A 381 -48.43 -4.97 34.96
CA ARG A 381 -47.73 -5.94 34.11
C ARG A 381 -47.50 -7.24 34.86
N SER A 382 -47.16 -7.17 36.15
CA SER A 382 -46.89 -8.39 36.91
C SER A 382 -48.12 -9.27 36.99
N LEU A 383 -49.28 -8.68 37.26
CA LEU A 383 -50.48 -9.49 37.43
C LEU A 383 -50.90 -10.20 36.15
N LEU A 384 -50.49 -9.71 34.98
CA LEU A 384 -50.78 -10.36 33.73
C LEU A 384 -49.70 -11.34 33.30
N THR A 385 -48.43 -11.07 33.64
CA THR A 385 -47.32 -11.89 33.19
C THR A 385 -47.02 -13.04 34.16
N TYR A 386 -46.75 -12.72 35.43
CA TYR A 386 -46.43 -13.73 36.43
C TYR A 386 -47.64 -14.24 37.18
N GLY A 387 -48.76 -13.52 37.15
CA GLY A 387 -49.88 -13.84 38.01
C GLY A 387 -49.76 -13.32 39.42
N ARG A 388 -48.71 -12.57 39.75
CA ARG A 388 -48.50 -12.05 41.08
C ARG A 388 -47.32 -11.09 41.04
N ARG A 389 -47.32 -10.13 41.95
CA ARG A 389 -46.25 -9.15 42.03
C ARG A 389 -45.12 -9.69 42.89
N ILE A 390 -43.91 -9.71 42.34
CA ILE A 390 -42.74 -10.23 43.04
C ILE A 390 -42.20 -9.13 43.95
N PRO A 391 -42.03 -9.33 45.25
CA PRO A 391 -41.43 -8.28 46.07
C PRO A 391 -39.97 -8.05 45.71
N LEU A 392 -39.44 -6.91 46.17
CA LEU A 392 -38.04 -6.60 45.89
C LEU A 392 -37.10 -7.53 46.64
N ALA A 393 -37.52 -8.07 47.78
CA ALA A 393 -36.68 -9.00 48.52
C ALA A 393 -36.40 -10.25 47.70
N GLU A 394 -37.42 -10.76 47.00
CA GLU A 394 -37.21 -11.90 46.13
C GLU A 394 -36.28 -11.56 44.98
N TRP A 395 -36.38 -10.33 44.44
CA TRP A 395 -35.48 -9.92 43.38
C TRP A 395 -34.04 -9.89 43.88
N GLU A 396 -33.82 -9.37 45.09
CA GLU A 396 -32.48 -9.38 45.65
C GLU A 396 -32.00 -10.81 45.86
N SER A 397 -32.88 -11.70 46.30
CA SER A 397 -32.48 -13.10 46.50
C SER A 397 -32.10 -13.74 45.18
N ARG A 398 -32.84 -13.47 44.12
CA ARG A 398 -32.51 -14.02 42.81
C ARG A 398 -31.20 -13.44 42.29
N ILE A 399 -30.98 -12.14 42.48
CA ILE A 399 -29.79 -11.50 41.94
C ILE A 399 -28.55 -11.96 42.68
N ALA A 400 -28.64 -12.10 44.00
CA ALA A 400 -27.47 -12.44 44.80
C ALA A 400 -26.94 -13.84 44.52
N GLU A 401 -27.73 -14.71 43.88
CA GLU A 401 -27.31 -16.08 43.61
C GLU A 401 -26.56 -16.24 42.30
N VAL A 402 -26.35 -15.17 41.54
CA VAL A 402 -25.63 -15.24 40.28
C VAL A 402 -24.14 -15.09 40.55
N ASP A 403 -23.33 -15.83 39.80
CA ASP A 403 -21.89 -15.74 39.88
C ASP A 403 -21.32 -15.94 38.48
N ALA A 404 -20.00 -16.05 38.37
CA ALA A 404 -19.37 -16.14 37.05
C ALA A 404 -19.77 -17.43 36.33
N ARG A 405 -19.89 -18.53 37.07
CA ARG A 405 -20.24 -19.80 36.45
C ARG A 405 -21.63 -19.75 35.82
N VAL A 406 -22.60 -19.17 36.53
CA VAL A 406 -23.96 -19.09 36.01
C VAL A 406 -24.01 -18.22 34.77
N VAL A 407 -23.30 -17.09 34.80
CA VAL A 407 -23.29 -16.20 33.64
C VAL A 407 -22.66 -16.89 32.45
N ARG A 408 -21.55 -17.60 32.67
CA ARG A 408 -20.91 -18.33 31.58
C ARG A 408 -21.86 -19.37 30.97
N GLU A 409 -22.53 -20.15 31.82
CA GLU A 409 -23.40 -21.20 31.31
C GLU A 409 -24.59 -20.62 30.55
N VAL A 410 -25.23 -19.58 31.10
CA VAL A 410 -26.39 -18.99 30.45
C VAL A 410 -26.00 -18.36 29.12
N CYS A 411 -24.89 -17.61 29.10
CA CYS A 411 -24.45 -16.98 27.86
C CYS A 411 -24.05 -18.01 26.82
N SER A 412 -23.37 -19.08 27.23
CA SER A 412 -23.05 -20.16 26.30
C SER A 412 -24.32 -20.80 25.76
N LYS A 413 -25.37 -20.85 26.57
CA LYS A 413 -26.63 -21.43 26.11
C LYS A 413 -27.28 -20.58 25.04
N TYR A 414 -27.37 -19.26 25.28
CA TYR A 414 -28.22 -18.40 24.46
C TYR A 414 -27.51 -17.66 23.34
N PHE A 415 -26.20 -17.42 23.47
CA PHE A 415 -25.44 -16.67 22.46
C PHE A 415 -24.56 -17.56 21.59
N TYR A 416 -23.83 -18.50 22.18
CA TYR A 416 -22.75 -19.16 21.47
C TYR A 416 -23.28 -20.05 20.35
N ASP A 417 -22.77 -19.82 19.14
CA ASP A 417 -23.06 -20.66 17.97
C ASP A 417 -24.56 -20.69 17.68
N GLN A 418 -25.16 -19.51 17.66
CA GLN A 418 -26.58 -19.33 17.38
C GLN A 418 -26.74 -18.50 16.11
N CYS A 419 -27.83 -18.75 15.39
CA CYS A 419 -28.15 -17.96 14.21
C CYS A 419 -28.85 -16.69 14.65
N PRO A 420 -28.30 -15.50 14.43
CA PRO A 420 -28.98 -14.28 14.85
C PRO A 420 -29.91 -13.75 13.75
N ALA A 421 -30.66 -12.72 14.12
CA ALA A 421 -31.46 -11.93 13.20
C ALA A 421 -30.86 -10.53 13.14
N VAL A 422 -30.73 -10.00 11.93
CA VAL A 422 -30.05 -8.73 11.69
C VAL A 422 -30.94 -7.82 10.88
N ALA A 423 -31.00 -6.54 11.27
CA ALA A 423 -31.72 -5.52 10.54
C ALA A 423 -30.82 -4.29 10.39
N GLY A 424 -30.73 -3.77 9.17
CA GLY A 424 -29.93 -2.59 8.89
C GLY A 424 -30.67 -1.57 8.04
N PHE A 425 -30.49 -0.29 8.33
CA PHE A 425 -31.16 0.79 7.61
C PHE A 425 -30.19 1.94 7.40
N GLY A 426 -30.05 2.37 6.15
CA GLY A 426 -29.25 3.54 5.81
C GLY A 426 -28.09 3.21 4.88
N PRO A 427 -26.98 3.95 4.99
CA PRO A 427 -25.78 3.58 4.22
C PRO A 427 -25.06 2.39 4.83
N ILE A 428 -25.49 1.18 4.46
CA ILE A 428 -25.06 -0.05 5.10
C ILE A 428 -24.28 -0.93 4.12
N GLU A 429 -23.55 -0.29 3.21
CA GLU A 429 -22.75 -1.05 2.25
C GLU A 429 -21.63 -1.82 2.94
N GLN A 430 -21.15 -1.34 4.07
CA GLN A 430 -20.06 -1.99 4.79
C GLN A 430 -20.53 -3.02 5.80
N LEU A 431 -21.83 -3.22 5.95
CA LEU A 431 -22.31 -4.24 6.87
C LEU A 431 -21.84 -5.61 6.37
N PRO A 432 -21.30 -6.49 7.23
CA PRO A 432 -20.79 -7.76 6.72
C PRO A 432 -21.89 -8.63 6.14
N ASP A 433 -21.46 -9.61 5.36
CA ASP A 433 -22.39 -10.60 4.82
C ASP A 433 -22.93 -11.45 5.97
N TYR A 434 -24.06 -12.12 5.72
CA TYR A 434 -24.65 -12.92 6.79
C TYR A 434 -23.76 -14.08 7.18
N ASN A 435 -23.00 -14.64 6.23
CA ASN A 435 -22.08 -15.72 6.58
C ASN A 435 -21.00 -15.22 7.53
N ARG A 436 -20.52 -14.00 7.33
CA ARG A 436 -19.48 -13.46 8.21
C ARG A 436 -20.02 -13.20 9.61
N ILE A 437 -21.24 -12.64 9.71
CA ILE A 437 -21.88 -12.43 11.00
C ILE A 437 -22.10 -13.77 11.70
N ARG A 438 -22.55 -14.77 10.95
CA ARG A 438 -22.78 -16.09 11.54
C ARG A 438 -21.48 -16.71 12.03
N SER A 439 -20.41 -16.60 11.23
CA SER A 439 -19.13 -17.17 11.64
C SER A 439 -18.52 -16.41 12.81
N GLY A 440 -18.90 -15.17 13.03
CA GLY A 440 -18.45 -14.46 14.20
C GLY A 440 -19.10 -14.85 15.51
N MET A 441 -20.02 -15.82 15.50
CA MET A 441 -20.73 -16.26 16.70
C MET A 441 -20.01 -17.39 17.43
N PHE A 442 -18.82 -17.79 17.00
CA PHE A 442 -18.00 -18.73 17.74
C PHE A 442 -16.54 -18.36 17.56
N TRP A 443 -15.67 -19.10 18.25
CA TRP A 443 -14.23 -18.92 18.19
C TRP A 443 -13.58 -20.24 17.81
N LEU A 444 -12.54 -20.17 16.99
CA LEU A 444 -11.75 -21.37 16.70
C LEU A 444 -10.84 -21.73 17.87
N ARG A 445 -10.42 -20.74 18.65
CA ARG A 445 -9.54 -21.02 19.79
C ARG A 445 -10.26 -21.82 20.86
N PHE A 446 -11.57 -21.60 21.03
CA PHE A 446 -12.36 -22.30 22.04
C PHE A 446 -13.00 -23.55 21.46
N VAL B 17 -49.20 -0.26 59.25
CA VAL B 17 -48.87 0.73 58.23
C VAL B 17 -47.38 1.07 58.33
N PRO B 18 -46.81 1.74 57.33
CA PRO B 18 -45.40 2.12 57.41
C PRO B 18 -45.18 3.16 58.51
N PRO B 19 -43.93 3.38 58.94
CA PRO B 19 -43.69 4.46 59.91
C PRO B 19 -44.04 5.81 59.32
N HIS B 20 -44.48 6.71 60.21
CA HIS B 20 -44.88 8.04 59.76
C HIS B 20 -43.67 8.75 59.16
N PRO B 21 -43.83 9.52 58.07
CA PRO B 21 -42.66 10.23 57.51
C PRO B 21 -42.14 11.27 58.49
N GLN B 22 -40.86 11.17 58.83
CA GLN B 22 -40.27 12.09 59.79
C GLN B 22 -40.12 13.47 59.17
N ASP B 23 -40.08 14.49 60.03
CA ASP B 23 -39.96 15.87 59.57
C ASP B 23 -38.61 16.08 58.89
N LEU B 24 -38.62 16.96 57.90
CA LEU B 24 -37.39 17.35 57.21
C LEU B 24 -36.55 18.22 58.12
N GLU B 25 -35.44 17.66 58.62
CA GLU B 25 -34.54 18.43 59.46
C GLU B 25 -33.81 19.50 58.63
N PHE B 26 -33.71 20.70 59.19
CA PHE B 26 -33.17 21.88 58.52
C PHE B 26 -32.23 22.60 59.46
N THR B 27 -31.10 23.09 58.93
CA THR B 27 -30.09 23.75 59.75
C THR B 27 -29.33 24.75 58.90
N ARG B 28 -28.91 25.85 59.52
CA ARG B 28 -28.06 26.85 58.89
C ARG B 28 -26.85 27.07 59.79
N LEU B 29 -25.68 26.66 59.31
CA LEU B 29 -24.46 26.75 60.09
C LEU B 29 -24.03 28.20 60.24
N PRO B 30 -23.17 28.51 61.23
CA PRO B 30 -22.74 29.91 61.40
C PRO B 30 -21.98 30.48 60.22
N ASN B 31 -21.27 29.65 59.46
CA ASN B 31 -20.54 30.15 58.30
C ASN B 31 -21.45 30.49 57.12
N GLY B 32 -22.75 30.19 57.21
CA GLY B 32 -23.71 30.45 56.16
C GLY B 32 -24.18 29.22 55.43
N LEU B 33 -23.52 28.08 55.61
CA LEU B 33 -23.92 26.87 54.90
C LEU B 33 -25.24 26.35 55.45
N VAL B 34 -26.07 25.81 54.56
CA VAL B 34 -27.36 25.23 54.90
C VAL B 34 -27.28 23.73 54.69
N ILE B 35 -27.78 22.98 55.68
CA ILE B 35 -27.78 21.52 55.64
C ILE B 35 -29.20 21.06 55.94
N ALA B 36 -29.75 20.22 55.06
CA ALA B 36 -31.08 19.67 55.21
C ALA B 36 -31.04 18.16 54.98
N SER B 37 -31.82 17.44 55.77
CA SER B 37 -31.87 15.99 55.67
C SER B 37 -33.30 15.51 55.86
N LEU B 38 -33.59 14.35 55.28
CA LEU B 38 -34.88 13.69 55.48
C LEU B 38 -34.61 12.20 55.58
N GLU B 39 -34.83 11.63 56.77
CA GLU B 39 -34.48 10.24 57.04
C GLU B 39 -35.71 9.36 56.84
N ASN B 40 -35.97 9.03 55.58
CA ASN B 40 -36.89 7.95 55.25
C ASN B 40 -36.12 6.64 55.35
N TYR B 41 -36.71 5.54 54.91
CA TYR B 41 -36.08 4.23 54.92
C TYR B 41 -36.29 3.53 53.59
N ALA B 42 -36.06 4.27 52.51
CA ALA B 42 -36.04 3.70 51.18
C ALA B 42 -34.74 2.92 50.98
N PRO B 43 -34.70 1.98 50.03
CA PRO B 43 -33.44 1.27 49.78
C PRO B 43 -32.31 2.14 49.29
N ALA B 44 -32.60 3.21 48.55
CA ALA B 44 -31.58 4.05 47.94
C ALA B 44 -31.40 5.35 48.72
N SER B 45 -30.32 6.05 48.39
CA SER B 45 -29.99 7.34 48.97
C SER B 45 -29.61 8.31 47.88
N ARG B 46 -29.90 9.59 48.11
CA ARG B 46 -29.69 10.66 47.15
C ARG B 46 -29.19 11.89 47.88
N ILE B 47 -28.02 12.40 47.48
CA ILE B 47 -27.37 13.52 48.13
C ILE B 47 -27.11 14.59 47.07
N GLY B 48 -27.47 15.82 47.38
CA GLY B 48 -27.30 16.93 46.44
C GLY B 48 -26.61 18.11 47.06
N LEU B 49 -25.80 18.78 46.25
CA LEU B 49 -25.09 20.00 46.64
C LEU B 49 -25.46 21.08 45.63
N PHE B 50 -26.03 22.18 46.12
CA PHE B 50 -26.56 23.25 45.29
C PHE B 50 -25.76 24.51 45.54
N ILE B 51 -25.30 25.16 44.46
CA ILE B 51 -24.49 26.36 44.53
C ILE B 51 -25.13 27.41 43.63
N LYS B 52 -25.01 28.67 44.05
CA LYS B 52 -25.36 29.83 43.22
C LYS B 52 -24.19 30.12 42.29
N ALA B 53 -24.11 29.34 41.22
CA ALA B 53 -23.02 29.44 40.25
C ALA B 53 -23.56 29.29 38.84
N GLY B 54 -24.69 29.92 38.55
CA GLY B 54 -25.28 29.83 37.24
C GLY B 54 -24.54 30.66 36.22
N SER B 55 -25.09 30.69 35.01
CA SER B 55 -24.47 31.42 33.92
C SER B 55 -24.64 32.93 34.06
N ARG B 56 -25.55 33.39 34.93
CA ARG B 56 -25.74 34.82 35.10
C ARG B 56 -24.55 35.49 35.78
N TYR B 57 -23.72 34.73 36.48
CA TYR B 57 -22.56 35.30 37.18
C TYR B 57 -21.34 35.44 36.29
N GLU B 58 -21.42 35.06 35.02
CA GLU B 58 -20.36 35.32 34.06
C GLU B 58 -20.46 36.74 33.54
N ASN B 59 -19.30 37.38 33.40
CA ASN B 59 -19.21 38.66 32.71
C ASN B 59 -18.97 38.39 31.23
N SER B 60 -18.70 39.45 30.45
CA SER B 60 -18.53 39.30 29.02
C SER B 60 -17.17 38.77 28.60
N ASN B 61 -16.19 38.73 29.52
CA ASN B 61 -14.84 38.28 29.20
C ASN B 61 -14.60 36.80 29.49
N ASN B 62 -15.55 36.10 30.10
CA ASN B 62 -15.39 34.67 30.42
C ASN B 62 -16.68 33.92 30.15
N LEU B 63 -17.36 34.24 29.06
CA LEU B 63 -18.56 33.51 28.70
C LEU B 63 -18.22 32.05 28.38
N GLY B 64 -19.15 31.16 28.69
CA GLY B 64 -18.94 29.74 28.50
C GLY B 64 -18.17 29.06 29.61
N THR B 65 -17.82 29.77 30.67
CA THR B 65 -17.11 29.13 31.77
C THR B 65 -17.99 28.12 32.49
N SER B 66 -19.25 28.45 32.70
CA SER B 66 -20.14 27.54 33.42
C SER B 66 -20.42 26.28 32.61
N HIS B 67 -20.55 26.41 31.28
CA HIS B 67 -20.79 25.24 30.45
C HIS B 67 -19.62 24.27 30.52
N LEU B 68 -18.39 24.78 30.43
CA LEU B 68 -17.23 23.90 30.53
C LEU B 68 -17.10 23.31 31.93
N LEU B 69 -17.41 24.10 32.96
CA LEU B 69 -17.35 23.59 34.32
C LEU B 69 -18.37 22.48 34.55
N ARG B 70 -19.50 22.53 33.85
CA ARG B 70 -20.50 21.47 33.99
C ARG B 70 -19.97 20.16 33.43
N LEU B 71 -19.22 20.20 32.33
CA LEU B 71 -18.68 19.00 31.71
C LEU B 71 -17.36 18.54 32.31
N ALA B 72 -16.78 19.29 33.25
CA ALA B 72 -15.48 18.97 33.83
C ALA B 72 -15.62 18.28 35.18
N SER B 73 -16.73 17.60 35.43
CA SER B 73 -16.93 16.94 36.71
C SER B 73 -16.08 15.70 36.87
N SER B 74 -15.67 15.07 35.78
CA SER B 74 -14.93 13.82 35.81
C SER B 74 -13.41 13.98 35.74
N LEU B 75 -12.91 15.22 35.74
CA LEU B 75 -11.48 15.42 35.59
C LEU B 75 -10.74 15.11 36.89
N THR B 76 -9.42 15.11 36.80
CA THR B 76 -8.58 14.80 37.96
C THR B 76 -8.74 15.88 39.03
N THR B 77 -8.70 15.45 40.29
CA THR B 77 -8.77 16.32 41.44
C THR B 77 -7.65 15.95 42.40
N LYS B 78 -7.48 16.76 43.44
CA LYS B 78 -6.43 16.50 44.43
C LYS B 78 -6.71 15.20 45.18
N GLY B 79 -7.98 14.95 45.51
CA GLY B 79 -8.30 13.74 46.24
C GLY B 79 -8.05 12.47 45.46
N ALA B 80 -8.45 12.45 44.20
CA ALA B 80 -8.35 11.24 43.39
C ALA B 80 -8.26 11.62 41.92
N SER B 81 -7.86 10.65 41.11
CA SER B 81 -7.68 10.87 39.69
C SER B 81 -8.98 10.63 38.94
N SER B 82 -8.98 10.98 37.66
CA SER B 82 -10.15 10.77 36.81
C SER B 82 -10.48 9.28 36.70
N PHE B 83 -9.46 8.45 36.52
CA PHE B 83 -9.65 7.02 36.43
C PHE B 83 -10.28 6.48 37.69
N LYS B 84 -9.76 6.89 38.85
CA LYS B 84 -10.27 6.40 40.12
C LYS B 84 -11.70 6.84 40.35
N ILE B 85 -12.02 8.11 40.05
CA ILE B 85 -13.39 8.59 40.27
C ILE B 85 -14.37 7.85 39.38
N THR B 86 -14.06 7.73 38.09
CA THR B 86 -14.97 7.07 37.16
C THR B 86 -15.16 5.60 37.53
N ARG B 87 -14.06 4.90 37.77
CA ARG B 87 -14.14 3.47 38.05
C ARG B 87 -14.80 3.20 39.40
N GLY B 88 -14.51 4.03 40.41
CA GLY B 88 -15.14 3.85 41.71
C GLY B 88 -16.62 4.15 41.70
N ILE B 89 -17.02 5.19 40.97
CA ILE B 89 -18.45 5.50 40.88
C ILE B 89 -19.18 4.36 40.17
N GLU B 90 -18.63 3.87 39.07
CA GLU B 90 -19.32 2.82 38.32
C GLU B 90 -19.21 1.45 38.98
N ALA B 91 -18.23 1.25 39.87
CA ALA B 91 -18.06 -0.06 40.49
C ALA B 91 -19.22 -0.39 41.43
N VAL B 92 -19.69 0.59 42.20
CA VAL B 92 -20.80 0.38 43.13
C VAL B 92 -22.12 0.73 42.46
N GLY B 93 -22.14 0.88 41.14
CA GLY B 93 -23.38 1.15 40.44
C GLY B 93 -23.99 2.50 40.72
N GLY B 94 -23.22 3.44 41.25
CA GLY B 94 -23.75 4.75 41.56
C GLY B 94 -23.93 5.59 40.32
N LYS B 95 -24.53 6.77 40.53
CA LYS B 95 -24.78 7.73 39.46
C LYS B 95 -24.43 9.12 39.92
N LEU B 96 -23.63 9.83 39.14
CA LEU B 96 -23.23 11.21 39.38
C LEU B 96 -23.78 12.08 38.25
N SER B 97 -24.40 13.19 38.60
CA SER B 97 -25.04 14.07 37.63
C SER B 97 -24.84 15.52 38.03
N VAL B 98 -24.83 16.39 37.03
CA VAL B 98 -24.73 17.84 37.23
C VAL B 98 -25.81 18.50 36.39
N THR B 99 -26.49 19.48 36.97
CA THR B 99 -27.55 20.23 36.32
C THR B 99 -27.31 21.71 36.54
N SER B 100 -27.77 22.53 35.59
CA SER B 100 -27.55 23.97 35.67
C SER B 100 -28.69 24.71 35.00
N THR B 101 -29.29 25.63 35.73
CA THR B 101 -30.19 26.64 35.20
C THR B 101 -29.44 27.94 35.07
N ARG B 102 -30.15 29.02 34.75
CA ARG B 102 -29.50 30.32 34.63
C ARG B 102 -29.02 30.87 35.98
N GLU B 103 -29.51 30.32 37.10
CA GLU B 103 -29.22 30.86 38.42
C GLU B 103 -28.48 29.91 39.35
N ASN B 104 -28.58 28.60 39.14
CA ASN B 104 -28.06 27.64 40.10
C ASN B 104 -27.38 26.47 39.38
N MET B 105 -26.45 25.84 40.09
CA MET B 105 -25.85 24.57 39.71
C MET B 105 -26.14 23.55 40.80
N ALA B 106 -26.31 22.29 40.40
CA ALA B 106 -26.68 21.23 41.31
C ALA B 106 -25.90 19.97 40.96
N TYR B 107 -25.08 19.50 41.90
CA TYR B 107 -24.36 18.23 41.79
C TYR B 107 -25.11 17.20 42.61
N THR B 108 -25.62 16.15 41.95
CA THR B 108 -26.41 15.12 42.59
C THR B 108 -25.72 13.78 42.46
N VAL B 109 -25.81 12.98 43.52
CA VAL B 109 -25.25 11.64 43.58
C VAL B 109 -26.31 10.70 44.14
N GLU B 110 -26.59 9.62 43.42
CA GLU B 110 -27.56 8.62 43.84
C GLU B 110 -26.91 7.24 43.89
N CYS B 111 -27.26 6.48 44.92
CA CYS B 111 -26.68 5.14 45.10
C CYS B 111 -27.56 4.36 46.07
N LEU B 112 -27.07 3.19 46.48
CA LEU B 112 -27.74 2.39 47.50
C LEU B 112 -27.37 2.90 48.89
N ARG B 113 -28.05 2.35 49.90
CA ARG B 113 -27.93 2.88 51.26
C ARG B 113 -26.52 2.73 51.81
N ASP B 114 -25.90 1.57 51.59
CA ASP B 114 -24.60 1.27 52.18
C ASP B 114 -23.43 1.68 51.30
N ASP B 115 -23.63 2.67 50.42
CA ASP B 115 -22.57 3.15 49.53
C ASP B 115 -22.45 4.67 49.54
N VAL B 116 -23.16 5.38 50.43
CA VAL B 116 -23.04 6.83 50.47
C VAL B 116 -21.66 7.23 50.96
N ASP B 117 -21.10 6.50 51.92
CA ASP B 117 -19.84 6.90 52.56
C ASP B 117 -18.72 6.99 51.55
N ILE B 118 -18.67 6.05 50.60
CA ILE B 118 -17.70 6.14 49.52
C ILE B 118 -18.00 7.37 48.66
N LEU B 119 -19.27 7.50 48.23
CA LEU B 119 -19.58 8.50 47.21
C LEU B 119 -19.52 9.91 47.76
N MET B 120 -19.84 10.09 49.04
CA MET B 120 -19.66 11.38 49.69
C MET B 120 -18.21 11.84 49.60
N GLU B 121 -17.25 10.91 49.60
CA GLU B 121 -15.86 11.29 49.42
C GLU B 121 -15.63 11.85 48.02
N PHE B 122 -16.23 11.24 46.99
CA PHE B 122 -15.97 11.70 45.63
C PHE B 122 -16.57 13.08 45.39
N LEU B 123 -17.81 13.28 45.84
CA LEU B 123 -18.56 14.49 45.48
C LEU B 123 -17.84 15.75 45.92
N LEU B 124 -17.42 15.80 47.18
CA LEU B 124 -16.70 16.98 47.65
C LEU B 124 -15.37 17.15 46.92
N ASN B 125 -14.72 16.05 46.56
CA ASN B 125 -13.48 16.19 45.79
C ASN B 125 -13.75 16.80 44.42
N VAL B 126 -14.95 16.56 43.85
CA VAL B 126 -15.29 17.21 42.60
C VAL B 126 -15.48 18.71 42.82
N THR B 127 -15.90 19.12 44.01
CA THR B 127 -16.38 20.47 44.26
C THR B 127 -15.37 21.34 45.00
N THR B 128 -14.79 20.84 46.09
CA THR B 128 -13.95 21.65 46.96
C THR B 128 -12.48 21.63 46.61
N ALA B 129 -12.06 20.84 45.62
CA ALA B 129 -10.65 20.83 45.27
C ALA B 129 -10.38 20.25 43.89
N PRO B 130 -10.81 20.92 42.81
CA PRO B 130 -10.37 20.52 41.47
C PRO B 130 -9.01 21.10 41.15
N GLU B 131 -8.39 20.53 40.12
CA GLU B 131 -7.06 20.94 39.66
C GLU B 131 -7.08 21.67 38.33
N PHE B 132 -7.84 21.17 37.36
CA PHE B 132 -7.92 21.75 36.02
C PHE B 132 -6.53 21.81 35.37
N ARG B 133 -5.97 20.64 35.12
CA ARG B 133 -4.71 20.54 34.40
C ARG B 133 -4.88 20.96 32.95
N ARG B 134 -3.79 21.45 32.36
CA ARG B 134 -3.87 22.05 31.03
C ARG B 134 -4.29 21.04 29.97
N TRP B 135 -3.60 19.90 29.93
CA TRP B 135 -3.88 18.91 28.88
C TRP B 135 -5.28 18.33 29.03
N GLU B 136 -5.72 18.10 30.26
CA GLU B 136 -7.06 17.58 30.48
C GLU B 136 -8.14 18.56 30.01
N VAL B 137 -7.98 19.83 30.35
CA VAL B 137 -8.96 20.83 29.95
C VAL B 137 -8.95 20.99 28.43
N ALA B 138 -7.76 20.95 27.82
CA ALA B 138 -7.66 21.08 26.39
C ALA B 138 -8.34 19.92 25.67
N ALA B 139 -8.18 18.70 26.18
CA ALA B 139 -8.82 17.55 25.55
C ALA B 139 -10.33 17.60 25.62
N LEU B 140 -10.89 18.35 26.55
CA LEU B 140 -12.33 18.42 26.76
C LEU B 140 -13.01 19.48 25.91
N GLN B 141 -12.25 20.32 25.22
CA GLN B 141 -12.85 21.42 24.46
C GLN B 141 -13.80 20.97 23.36
N PRO B 142 -13.46 20.01 22.50
CA PRO B 142 -14.39 19.66 21.40
C PRO B 142 -15.75 19.16 21.86
N GLN B 143 -15.83 18.63 23.09
CA GLN B 143 -17.12 18.22 23.64
C GLN B 143 -18.11 19.37 23.67
N LEU B 144 -17.64 20.60 23.90
CA LEU B 144 -18.54 21.74 23.92
C LEU B 144 -19.23 21.94 22.58
N ARG B 145 -18.59 21.54 21.48
CA ARG B 145 -19.26 21.63 20.18
C ARG B 145 -20.30 20.53 20.00
N ILE B 146 -20.10 19.37 20.62
CA ILE B 146 -21.03 18.27 20.44
C ILE B 146 -22.31 18.53 21.23
N ASP B 147 -22.17 18.74 22.54
CA ASP B 147 -23.33 18.83 23.42
C ASP B 147 -24.25 19.97 23.01
N LYS B 148 -23.67 21.15 22.75
CA LYS B 148 -24.45 22.29 22.28
C LYS B 148 -25.24 21.93 21.03
N ALA B 149 -24.59 21.22 20.09
CA ALA B 149 -25.27 20.84 18.86
C ALA B 149 -26.49 19.99 19.16
N VAL B 150 -26.35 19.03 20.10
CA VAL B 150 -27.49 18.22 20.47
C VAL B 150 -28.59 19.09 21.05
N ALA B 151 -28.23 20.03 21.92
CA ALA B 151 -29.23 20.90 22.51
C ALA B 151 -29.89 21.79 21.48
N LEU B 152 -29.23 22.05 20.36
CA LEU B 152 -29.79 22.88 19.31
C LEU B 152 -30.59 22.10 18.29
N GLN B 153 -30.73 20.78 18.46
CA GLN B 153 -31.63 20.04 17.58
C GLN B 153 -33.09 20.39 17.85
N ASN B 154 -33.41 20.89 19.05
CA ASN B 154 -34.76 21.30 19.40
C ASN B 154 -34.91 22.80 19.15
N PRO B 155 -35.86 23.26 18.33
CA PRO B 155 -35.96 24.71 18.09
C PRO B 155 -36.32 25.53 19.32
N GLN B 156 -36.96 24.91 20.32
CA GLN B 156 -37.38 25.65 21.50
C GLN B 156 -36.18 26.21 22.25
N ALA B 157 -35.10 25.43 22.35
CA ALA B 157 -33.92 25.90 23.07
C ALA B 157 -33.33 27.14 22.42
N HIS B 158 -33.20 27.12 21.08
CA HIS B 158 -32.67 28.27 20.37
C HIS B 158 -33.57 29.49 20.55
N VAL B 159 -34.88 29.31 20.42
CA VAL B 159 -35.80 30.44 20.52
C VAL B 159 -35.79 31.02 21.93
N ILE B 160 -35.74 30.17 22.95
CA ILE B 160 -35.77 30.65 24.33
C ILE B 160 -34.46 31.37 24.67
N GLU B 161 -33.33 30.87 24.19
CA GLU B 161 -32.07 31.56 24.45
C GLU B 161 -32.05 32.92 23.77
N ASN B 162 -32.53 33.00 22.52
CA ASN B 162 -32.63 34.30 21.86
C ASN B 162 -33.58 35.23 22.60
N LEU B 163 -34.67 34.69 23.13
CA LEU B 163 -35.63 35.50 23.87
C LEU B 163 -34.99 36.10 25.11
N HIS B 164 -34.21 35.30 25.83
CA HIS B 164 -33.51 35.83 27.00
C HIS B 164 -32.50 36.88 26.59
N ALA B 165 -31.81 36.67 25.47
CA ALA B 165 -30.85 37.68 24.99
C ALA B 165 -31.55 38.98 24.65
N ALA B 166 -32.75 38.91 24.07
CA ALA B 166 -33.46 40.10 23.67
C ALA B 166 -34.06 40.84 24.86
N ALA B 167 -34.62 40.10 25.81
CA ALA B 167 -35.35 40.74 26.91
C ALA B 167 -34.40 41.50 27.84
N TYR B 168 -33.32 40.85 28.28
CA TYR B 168 -32.41 41.39 29.27
C TYR B 168 -31.13 41.89 28.61
N ARG B 169 -30.37 42.67 29.37
CA ARG B 169 -29.17 43.34 28.88
C ARG B 169 -27.87 42.74 29.41
N ASN B 170 -27.75 42.50 30.72
CA ASN B 170 -26.48 42.13 31.34
C ASN B 170 -26.46 40.73 31.94
N ALA B 171 -27.35 40.42 32.89
CA ALA B 171 -27.15 39.27 33.76
C ALA B 171 -27.82 38.01 33.22
N LEU B 172 -29.13 38.04 33.08
CA LEU B 172 -29.87 36.86 32.62
C LEU B 172 -29.81 36.68 31.11
N ALA B 173 -29.10 37.54 30.39
CA ALA B 173 -28.94 37.38 28.96
C ALA B 173 -27.96 36.28 28.57
N ASN B 174 -27.13 35.82 29.50
CA ASN B 174 -26.09 34.86 29.16
C ASN B 174 -26.70 33.50 28.84
N SER B 175 -26.27 32.91 27.73
CA SER B 175 -26.81 31.63 27.31
C SER B 175 -26.34 30.53 28.26
N LEU B 176 -27.02 29.38 28.17
CA LEU B 176 -26.59 28.22 28.94
C LEU B 176 -25.36 27.55 28.34
N TYR B 177 -25.11 27.74 27.04
CA TYR B 177 -24.03 27.08 26.32
C TYR B 177 -23.01 28.10 25.86
N CYS B 178 -21.83 27.60 25.49
CA CYS B 178 -20.73 28.47 25.14
C CYS B 178 -21.02 29.18 23.80
N PRO B 179 -20.60 30.43 23.64
CA PRO B 179 -20.64 31.03 22.29
C PRO B 179 -19.73 30.28 21.35
N ASP B 180 -20.16 30.17 20.08
CA ASP B 180 -19.44 29.33 19.13
C ASP B 180 -18.03 29.85 18.88
N TYR B 181 -17.82 31.16 18.98
CA TYR B 181 -16.48 31.69 18.73
C TYR B 181 -15.52 31.37 19.87
N ARG B 182 -16.02 31.23 21.09
CA ARG B 182 -15.17 31.05 22.26
C ARG B 182 -14.85 29.60 22.56
N ILE B 183 -15.34 28.65 21.77
CA ILE B 183 -15.03 27.25 22.01
C ILE B 183 -13.55 27.02 21.73
N GLY B 184 -12.86 26.38 22.66
CA GLY B 184 -11.43 26.16 22.57
C GLY B 184 -10.58 27.26 23.17
N LYS B 185 -11.18 28.35 23.64
CA LYS B 185 -10.46 29.49 24.20
C LYS B 185 -10.58 29.59 25.72
N VAL B 186 -11.27 28.65 26.36
CA VAL B 186 -11.42 28.68 27.81
C VAL B 186 -10.20 28.03 28.44
N THR B 187 -9.55 28.75 29.36
CA THR B 187 -8.29 28.35 29.96
C THR B 187 -8.50 27.91 31.41
N PRO B 188 -7.53 27.21 32.00
CA PRO B 188 -7.69 26.80 33.41
C PRO B 188 -7.76 27.96 34.39
N VAL B 189 -7.19 29.11 34.04
CA VAL B 189 -7.23 30.26 34.95
C VAL B 189 -8.65 30.74 35.14
N GLU B 190 -9.44 30.78 34.05
CA GLU B 190 -10.83 31.19 34.15
C GLU B 190 -11.61 30.26 35.07
N LEU B 191 -11.42 28.95 34.91
CA LEU B 191 -12.12 27.98 35.75
C LEU B 191 -11.72 28.13 37.21
N HIS B 192 -10.41 28.30 37.48
CA HIS B 192 -9.95 28.48 38.85
C HIS B 192 -10.58 29.72 39.47
N ASP B 193 -10.60 30.83 38.73
CA ASP B 193 -11.20 32.05 39.26
C ASP B 193 -12.68 31.88 39.53
N TYR B 194 -13.40 31.24 38.60
CA TYR B 194 -14.83 31.05 38.77
C TYR B 194 -15.14 30.24 40.01
N VAL B 195 -14.42 29.13 40.20
CA VAL B 195 -14.67 28.30 41.37
C VAL B 195 -14.25 29.03 42.64
N GLN B 196 -13.12 29.71 42.62
CA GLN B 196 -12.65 30.39 43.83
C GLN B 196 -13.59 31.52 44.23
N ASN B 197 -14.27 32.14 43.28
CA ASN B 197 -15.12 33.28 43.57
C ASN B 197 -16.55 32.89 43.91
N HIS B 198 -17.09 31.83 43.29
CA HIS B 198 -18.50 31.51 43.41
C HIS B 198 -18.81 30.32 44.30
N PHE B 199 -17.88 29.39 44.49
CA PHE B 199 -18.12 28.20 45.31
C PHE B 199 -17.65 28.51 46.72
N THR B 200 -18.55 29.03 47.54
CA THR B 200 -18.23 29.42 48.91
C THR B 200 -19.37 29.06 49.84
N SER B 201 -19.09 29.10 51.14
CA SER B 201 -19.99 28.52 52.13
C SER B 201 -21.35 29.22 52.15
N ALA B 202 -21.36 30.54 52.08
CA ALA B 202 -22.62 31.28 52.16
C ALA B 202 -23.50 31.10 50.94
N ARG B 203 -22.99 30.51 49.85
CA ARG B 203 -23.73 30.34 48.62
C ARG B 203 -24.06 28.87 48.32
N MET B 204 -23.96 27.99 49.32
CA MET B 204 -24.09 26.56 49.14
C MET B 204 -25.18 25.99 50.04
N ALA B 205 -25.75 24.88 49.61
CA ALA B 205 -26.74 24.12 50.38
C ALA B 205 -26.54 22.63 50.12
N LEU B 206 -26.67 21.83 51.18
CA LEU B 206 -26.41 20.40 51.13
C LEU B 206 -27.66 19.65 51.60
N ILE B 207 -28.29 18.93 50.67
CA ILE B 207 -29.57 18.26 50.90
C ILE B 207 -29.33 16.75 50.84
N GLY B 208 -29.99 16.02 51.74
CA GLY B 208 -29.86 14.57 51.79
C GLY B 208 -31.17 13.83 52.00
N LEU B 209 -31.36 12.75 51.25
CA LEU B 209 -32.54 11.89 51.37
C LEU B 209 -32.03 10.46 51.53
N GLY B 210 -32.19 9.90 52.71
CA GLY B 210 -31.73 8.56 53.02
C GLY B 210 -30.49 8.49 53.88
N VAL B 211 -30.08 9.59 54.51
CA VAL B 211 -28.95 9.61 55.44
C VAL B 211 -29.32 10.46 56.64
N SER B 212 -28.64 10.20 57.75
CA SER B 212 -28.95 10.90 58.99
C SER B 212 -28.36 12.31 58.98
N HIS B 213 -28.75 13.09 59.97
CA HIS B 213 -28.31 14.48 60.12
C HIS B 213 -26.88 14.60 60.63
N PRO B 214 -26.47 13.86 61.68
CA PRO B 214 -25.09 14.01 62.16
C PRO B 214 -24.04 13.66 61.13
N VAL B 215 -24.30 12.71 60.24
CA VAL B 215 -23.31 12.35 59.22
C VAL B 215 -23.07 13.52 58.28
N LEU B 216 -24.15 14.11 57.76
CA LEU B 216 -24.01 15.27 56.88
C LEU B 216 -23.37 16.43 57.61
N LYS B 217 -23.75 16.66 58.87
CA LYS B 217 -23.18 17.77 59.61
C LYS B 217 -21.68 17.58 59.81
N GLN B 218 -21.26 16.36 60.13
CA GLN B 218 -19.83 16.09 60.28
C GLN B 218 -19.09 16.32 58.98
N VAL B 219 -19.65 15.84 57.87
CA VAL B 219 -18.99 15.98 56.57
C VAL B 219 -18.84 17.46 56.22
N ALA B 220 -19.91 18.23 56.39
CA ALA B 220 -19.88 19.64 56.06
C ALA B 220 -18.91 20.41 56.93
N GLU B 221 -18.91 20.13 58.24
CA GLU B 221 -17.98 20.82 59.13
C GLU B 221 -16.55 20.47 58.81
N GLN B 222 -16.28 19.21 58.47
CA GLN B 222 -14.91 18.81 58.18
C GLN B 222 -14.40 19.45 56.91
N PHE B 223 -15.23 19.52 55.86
CA PHE B 223 -14.76 19.92 54.54
C PHE B 223 -15.35 21.23 54.05
N LEU B 224 -16.67 21.36 53.97
CA LEU B 224 -17.27 22.51 53.29
C LEU B 224 -17.10 23.83 54.04
N ASN B 225 -16.67 23.80 55.30
CA ASN B 225 -16.49 25.05 56.03
C ASN B 225 -15.23 25.79 55.60
N ILE B 226 -14.15 25.06 55.30
CA ILE B 226 -12.90 25.71 54.92
C ILE B 226 -13.06 26.46 53.61
N ARG B 227 -13.99 26.04 52.76
CA ARG B 227 -14.20 26.68 51.47
C ARG B 227 -14.73 28.12 51.59
N GLY B 228 -15.18 28.53 52.77
CA GLY B 228 -15.65 29.90 52.96
C GLY B 228 -14.60 30.94 52.66
N GLY B 229 -15.03 32.20 52.68
CA GLY B 229 -14.26 33.27 52.07
C GLY B 229 -15.05 33.96 50.98
N LEU B 230 -16.37 34.10 51.20
CA LEU B 230 -17.36 34.61 50.26
C LEU B 230 -16.85 35.75 49.39
N GLY B 231 -17.05 35.63 48.08
CA GLY B 231 -16.49 36.54 47.10
C GLY B 231 -17.48 37.49 46.47
N LEU B 232 -17.71 37.35 45.17
CA LEU B 232 -18.44 38.35 44.40
C LEU B 232 -19.92 38.36 44.80
N SER B 233 -20.66 39.30 44.21
CA SER B 233 -22.08 39.51 44.52
C SER B 233 -22.94 39.46 43.25
N GLY B 234 -22.38 39.83 42.11
CA GLY B 234 -23.11 39.83 40.86
C GLY B 234 -23.79 41.15 40.57
N ALA B 235 -24.33 41.23 39.35
CA ALA B 235 -25.00 42.43 38.86
C ALA B 235 -26.47 42.40 39.29
N LYS B 236 -27.27 43.29 38.71
CA LYS B 236 -28.73 43.28 38.84
C LYS B 236 -29.35 43.20 37.46
N ALA B 237 -30.53 42.60 37.40
CA ALA B 237 -31.20 42.39 36.11
C ALA B 237 -31.74 43.71 35.59
N LYS B 238 -31.35 44.06 34.36
CA LYS B 238 -31.84 45.25 33.67
C LYS B 238 -32.72 44.80 32.52
N TYR B 239 -33.99 45.18 32.57
CA TYR B 239 -34.95 44.84 31.52
C TYR B 239 -34.97 45.96 30.48
N HIS B 240 -34.87 45.57 29.21
CA HIS B 240 -34.89 46.50 28.09
C HIS B 240 -35.90 46.15 27.01
N GLY B 241 -36.04 44.86 26.69
CA GLY B 241 -36.92 44.44 25.62
C GLY B 241 -36.28 44.63 24.26
N GLY B 242 -36.87 44.00 23.26
CA GLY B 242 -36.37 44.09 21.91
C GLY B 242 -36.88 42.94 21.06
N GLU B 243 -36.28 42.82 19.87
CA GLU B 243 -36.61 41.79 18.90
C GLU B 243 -35.33 41.09 18.47
N ILE B 244 -35.44 39.79 18.23
CA ILE B 244 -34.42 39.04 17.50
C ILE B 244 -35.15 38.13 16.53
N ARG B 245 -34.78 38.22 15.25
CA ARG B 245 -35.39 37.42 14.19
C ARG B 245 -34.29 36.68 13.46
N GLU B 246 -34.39 35.36 13.41
CA GLU B 246 -33.40 34.51 12.75
C GLU B 246 -34.13 33.62 11.76
N GLN B 247 -33.93 33.88 10.46
CA GLN B 247 -34.58 33.10 9.41
C GLN B 247 -33.71 31.92 9.05
N ASN B 248 -34.32 30.74 8.96
CA ASN B 248 -33.60 29.51 8.64
C ASN B 248 -34.37 28.58 7.71
N GLY B 249 -35.51 29.00 7.17
CA GLY B 249 -36.18 28.21 6.14
C GLY B 249 -36.63 26.84 6.57
N ASP B 250 -37.15 26.71 7.78
CA ASP B 250 -37.69 25.45 8.28
C ASP B 250 -39.19 25.39 8.02
N SER B 251 -39.76 24.20 8.23
CA SER B 251 -41.16 23.96 7.86
C SER B 251 -42.12 24.81 8.67
N LEU B 252 -41.88 24.93 9.97
CA LEU B 252 -42.78 25.60 10.91
C LEU B 252 -42.08 26.78 11.55
N VAL B 253 -42.85 27.82 11.83
CA VAL B 253 -42.37 29.03 12.46
C VAL B 253 -42.64 28.95 13.96
N HIS B 254 -41.57 29.12 14.74
CA HIS B 254 -41.66 29.22 16.19
C HIS B 254 -41.57 30.68 16.59
N ALA B 255 -42.32 31.06 17.62
CA ALA B 255 -42.28 32.44 18.09
C ALA B 255 -42.60 32.48 19.56
N ALA B 256 -42.17 33.55 20.21
CA ALA B 256 -42.40 33.74 21.65
C ALA B 256 -42.46 35.22 21.94
N LEU B 257 -43.56 35.65 22.57
CA LEU B 257 -43.77 37.06 22.92
C LEU B 257 -44.01 37.14 24.42
N VAL B 258 -43.18 37.91 25.12
CA VAL B 258 -43.19 37.95 26.59
C VAL B 258 -43.02 39.39 27.05
N ALA B 259 -43.07 39.57 28.38
CA ALA B 259 -42.87 40.87 29.00
C ALA B 259 -42.47 40.63 30.45
N GLU B 260 -41.99 41.70 31.10
CA GLU B 260 -41.61 41.64 32.50
C GLU B 260 -42.81 41.34 33.36
N SER B 261 -42.69 40.35 34.25
CA SER B 261 -43.81 39.89 35.08
C SER B 261 -43.60 40.12 36.57
N ALA B 262 -42.59 39.49 37.19
CA ALA B 262 -42.51 39.48 38.64
C ALA B 262 -41.28 38.72 39.12
N ALA B 263 -41.01 38.77 40.42
CA ALA B 263 -39.91 38.05 41.04
C ALA B 263 -40.44 36.85 41.80
N ILE B 264 -39.65 35.78 41.82
CA ILE B 264 -40.09 34.55 42.48
C ILE B 264 -40.19 34.77 43.98
N GLY B 265 -41.02 33.96 44.62
CA GLY B 265 -41.24 34.09 46.05
C GLY B 265 -41.88 35.42 46.41
N SER B 266 -42.93 35.79 45.68
CA SER B 266 -43.64 37.04 45.88
C SER B 266 -45.12 36.80 45.67
N ALA B 267 -45.93 37.76 46.13
CA ALA B 267 -47.38 37.62 46.03
C ALA B 267 -47.85 37.57 44.59
N GLU B 268 -47.26 38.41 43.73
CA GLU B 268 -47.69 38.47 42.34
C GLU B 268 -47.28 37.24 41.54
N ALA B 269 -46.27 36.50 42.01
CA ALA B 269 -45.85 35.30 41.31
C ALA B 269 -46.96 34.25 41.28
N ASN B 270 -47.68 34.11 42.40
CA ASN B 270 -48.80 33.18 42.43
C ASN B 270 -49.90 33.61 41.47
N ALA B 271 -50.14 34.93 41.37
CA ALA B 271 -51.12 35.42 40.43
C ALA B 271 -50.72 35.11 39.00
N PHE B 272 -49.43 35.24 38.68
CA PHE B 272 -48.97 34.93 37.34
C PHE B 272 -49.05 33.43 37.04
N SER B 273 -48.80 32.59 38.04
CA SER B 273 -48.99 31.15 37.86
C SER B 273 -50.45 30.81 37.59
N VAL B 274 -51.37 31.42 38.34
CA VAL B 274 -52.78 31.17 38.13
C VAL B 274 -53.18 31.65 36.74
N LEU B 275 -52.66 32.79 36.30
CA LEU B 275 -52.97 33.29 34.96
C LEU B 275 -52.44 32.34 33.89
N GLN B 276 -51.24 31.79 34.12
CA GLN B 276 -50.68 30.81 33.20
C GLN B 276 -51.61 29.62 33.02
N HIS B 277 -52.15 29.12 34.13
CA HIS B 277 -53.04 27.97 34.02
C HIS B 277 -54.43 28.33 33.54
N VAL B 278 -54.86 29.58 33.69
CA VAL B 278 -56.09 30.03 33.05
C VAL B 278 -55.93 30.00 31.53
N LEU B 279 -54.81 30.53 31.04
CA LEU B 279 -54.64 30.65 29.59
C LEU B 279 -54.42 29.29 28.95
N GLY B 280 -53.55 28.46 29.53
CA GLY B 280 -53.24 27.15 29.00
C GLY B 280 -51.76 26.86 29.05
N ALA B 281 -51.40 25.67 29.54
CA ALA B 281 -50.01 25.27 29.70
C ALA B 281 -49.81 23.85 29.20
N GLY B 282 -50.32 23.56 28.00
CA GLY B 282 -50.16 22.27 27.39
C GLY B 282 -51.27 21.31 27.74
N PRO B 283 -51.33 20.15 27.07
CA PRO B 283 -52.47 19.26 27.20
C PRO B 283 -52.37 18.30 28.38
N HIS B 284 -53.51 18.09 29.04
CA HIS B 284 -53.65 17.12 30.12
C HIS B 284 -54.16 15.78 29.65
N VAL B 285 -54.42 15.60 28.35
CA VAL B 285 -55.00 14.38 27.82
C VAL B 285 -54.25 14.02 26.54
N LYS B 286 -54.05 12.73 26.32
CA LYS B 286 -53.35 12.28 25.14
C LYS B 286 -54.16 12.60 23.89
N ARG B 287 -53.56 13.39 22.99
CA ARG B 287 -54.22 13.82 21.75
C ARG B 287 -55.52 14.56 22.05
N GLY B 288 -55.53 15.35 23.11
CA GLY B 288 -56.70 16.09 23.48
C GLY B 288 -56.93 17.31 22.60
N SER B 289 -58.18 17.76 22.59
CA SER B 289 -58.55 18.96 21.84
C SER B 289 -58.27 20.25 22.59
N ASN B 290 -57.83 20.17 23.86
CA ASN B 290 -57.59 21.35 24.70
C ASN B 290 -58.87 22.19 24.82
N ALA B 291 -59.97 21.53 25.16
CA ALA B 291 -61.27 22.20 25.18
C ALA B 291 -61.30 23.31 26.22
N THR B 292 -60.71 23.08 27.39
CA THR B 292 -60.71 24.08 28.44
C THR B 292 -59.70 25.19 28.20
N SER B 293 -58.69 24.95 27.36
CA SER B 293 -57.66 25.95 27.13
C SER B 293 -58.24 27.13 26.36
N SER B 294 -58.27 28.30 27.01
CA SER B 294 -58.90 29.46 26.39
C SER B 294 -58.14 29.93 25.16
N LEU B 295 -56.81 29.94 25.22
CA LEU B 295 -56.02 30.43 24.09
C LEU B 295 -56.18 29.54 22.87
N TYR B 296 -56.14 28.22 23.06
CA TYR B 296 -56.25 27.31 21.92
C TYR B 296 -57.61 27.44 21.26
N GLN B 297 -58.67 27.56 22.05
CA GLN B 297 -60.00 27.70 21.47
C GLN B 297 -60.18 29.06 20.81
N ALA B 298 -59.56 30.11 21.37
CA ALA B 298 -59.63 31.41 20.73
C ALA B 298 -58.93 31.42 19.39
N VAL B 299 -57.76 30.80 19.30
CA VAL B 299 -57.03 30.79 18.04
C VAL B 299 -57.72 29.89 17.02
N ALA B 300 -58.17 28.71 17.46
CA ALA B 300 -58.69 27.71 16.53
C ALA B 300 -59.99 28.14 15.87
N LYS B 301 -60.68 29.14 16.40
CA LYS B 301 -61.93 29.58 15.80
C LYS B 301 -61.69 30.18 14.41
N GLY B 302 -60.60 30.93 14.26
CA GLY B 302 -60.28 31.55 12.98
C GLY B 302 -59.35 30.71 12.13
N VAL B 303 -58.26 30.24 12.72
CA VAL B 303 -57.24 29.48 11.99
C VAL B 303 -57.70 28.04 11.86
N HIS B 304 -57.72 27.53 10.63
CA HIS B 304 -58.17 26.18 10.32
C HIS B 304 -57.04 25.29 9.82
N GLN B 305 -55.83 25.50 10.34
CA GLN B 305 -54.64 24.75 10.00
C GLN B 305 -54.03 24.22 11.29
N PRO B 306 -53.19 23.18 11.22
CA PRO B 306 -52.53 22.71 12.45
C PRO B 306 -51.60 23.77 13.02
N PHE B 307 -51.58 23.88 14.34
CA PHE B 307 -50.78 24.87 15.05
C PHE B 307 -50.64 24.41 16.50
N ASP B 308 -50.04 25.26 17.33
CA ASP B 308 -49.93 24.98 18.75
C ASP B 308 -49.57 26.28 19.46
N VAL B 309 -50.07 26.45 20.68
CA VAL B 309 -49.81 27.64 21.46
C VAL B 309 -49.87 27.26 22.93
N SER B 310 -49.08 27.96 23.75
CA SER B 310 -49.11 27.76 25.18
C SER B 310 -48.65 29.01 25.89
N ALA B 311 -48.90 29.08 27.19
CA ALA B 311 -48.43 30.17 28.03
C ALA B 311 -47.05 29.86 28.56
N PHE B 312 -46.19 30.87 28.59
CA PHE B 312 -44.80 30.76 29.01
C PHE B 312 -44.60 31.61 30.25
N ASN B 313 -43.96 31.04 31.27
CA ASN B 313 -43.68 31.74 32.52
C ASN B 313 -42.32 31.31 33.03
N ALA B 314 -41.55 32.27 33.55
CA ALA B 314 -40.21 31.98 34.04
C ALA B 314 -39.84 33.04 35.06
N SER B 315 -39.74 32.66 36.33
CA SER B 315 -39.46 33.57 37.43
C SER B 315 -38.05 33.32 37.97
N TYR B 316 -37.39 34.41 38.35
CA TYR B 316 -36.04 34.39 38.90
C TYR B 316 -36.02 35.23 40.17
N SER B 317 -34.84 35.32 40.79
CA SER B 317 -34.74 35.91 42.12
C SER B 317 -35.03 37.40 42.13
N ASP B 318 -34.97 38.08 40.96
CA ASP B 318 -35.19 39.52 40.88
C ASP B 318 -36.08 39.96 39.74
N SER B 319 -36.38 39.11 38.77
CA SER B 319 -37.21 39.50 37.63
C SER B 319 -37.82 38.24 37.05
N GLY B 320 -38.83 38.42 36.21
CA GLY B 320 -39.47 37.29 35.56
C GLY B 320 -40.10 37.68 34.25
N LEU B 321 -40.30 36.67 33.40
CA LEU B 321 -40.89 36.82 32.09
C LEU B 321 -42.21 36.06 32.04
N PHE B 322 -43.24 36.71 31.50
CA PHE B 322 -44.54 36.07 31.27
C PHE B 322 -45.03 36.41 29.87
N GLY B 323 -45.62 35.42 29.22
CA GLY B 323 -46.10 35.61 27.85
C GLY B 323 -46.62 34.34 27.26
N PHE B 324 -46.42 34.18 25.95
CA PHE B 324 -46.89 32.98 25.29
C PHE B 324 -46.01 32.62 24.10
N TYR B 325 -46.01 31.32 23.80
CA TYR B 325 -45.18 30.69 22.77
C TYR B 325 -46.11 30.04 21.75
N THR B 326 -45.77 30.20 20.47
CA THR B 326 -46.58 29.68 19.38
C THR B 326 -45.72 28.92 18.38
N ILE B 327 -46.32 27.90 17.77
CA ILE B 327 -45.73 27.14 16.67
C ILE B 327 -46.80 27.05 15.59
N SER B 328 -46.50 27.59 14.40
CA SER B 328 -47.50 27.59 13.34
C SER B 328 -46.81 27.75 12.00
N GLN B 329 -47.51 27.35 10.95
CA GLN B 329 -46.96 27.41 9.61
C GLN B 329 -46.72 28.87 9.20
N ALA B 330 -45.94 29.03 8.13
CA ALA B 330 -45.42 30.35 7.77
C ALA B 330 -46.54 31.32 7.40
N ALA B 331 -47.53 30.85 6.64
CA ALA B 331 -48.61 31.74 6.21
C ALA B 331 -49.45 32.20 7.38
N SER B 332 -49.65 31.34 8.39
CA SER B 332 -50.63 31.57 9.44
C SER B 332 -50.02 32.07 10.75
N ALA B 333 -48.74 32.46 10.76
CA ALA B 333 -48.12 32.89 12.00
C ALA B 333 -48.76 34.17 12.53
N GLY B 334 -49.00 35.13 11.63
CA GLY B 334 -49.60 36.39 12.07
C GLY B 334 -50.99 36.21 12.63
N ASP B 335 -51.77 35.33 12.01
CA ASP B 335 -53.12 35.07 12.51
C ASP B 335 -53.08 34.51 13.93
N VAL B 336 -52.18 33.56 14.17
CA VAL B 336 -52.10 32.91 15.48
C VAL B 336 -51.66 33.92 16.53
N ILE B 337 -50.64 34.71 16.23
CA ILE B 337 -50.13 35.64 17.23
C ILE B 337 -51.17 36.73 17.53
N LYS B 338 -51.84 37.22 16.49
CA LYS B 338 -52.89 38.23 16.69
C LYS B 338 -54.03 37.69 17.52
N ALA B 339 -54.46 36.46 17.24
CA ALA B 339 -55.57 35.88 18.00
C ALA B 339 -55.21 35.70 19.47
N ALA B 340 -54.00 35.19 19.74
CA ALA B 340 -53.60 34.99 21.13
C ALA B 340 -53.48 36.31 21.87
N TYR B 341 -52.92 37.33 21.22
CA TYR B 341 -52.82 38.64 21.84
C TYR B 341 -54.19 39.21 22.13
N ASN B 342 -55.14 39.04 21.20
CA ASN B 342 -56.50 39.51 21.42
C ASN B 342 -57.15 38.81 22.61
N GLN B 343 -56.94 37.51 22.73
CA GLN B 343 -57.54 36.77 23.84
C GLN B 343 -57.00 37.27 25.18
N VAL B 344 -55.69 37.49 25.27
CA VAL B 344 -55.13 38.01 26.51
C VAL B 344 -55.66 39.42 26.78
N LYS B 345 -55.87 40.22 25.73
CA LYS B 345 -56.44 41.56 25.92
C LYS B 345 -57.85 41.48 26.50
N THR B 346 -58.67 40.59 25.96
CA THR B 346 -60.03 40.45 26.47
C THR B 346 -60.02 40.00 27.93
N ILE B 347 -59.11 39.11 28.29
CA ILE B 347 -58.98 38.75 29.71
C ILE B 347 -58.58 39.97 30.53
N ALA B 348 -57.72 40.81 29.97
CA ALA B 348 -57.25 41.99 30.72
C ALA B 348 -58.37 42.97 30.97
N GLN B 349 -59.27 43.12 30.01
CA GLN B 349 -60.33 44.12 30.15
C GLN B 349 -61.26 43.80 31.32
N GLY B 350 -61.44 42.52 31.63
CA GLY B 350 -62.25 42.12 32.77
C GLY B 350 -63.03 40.83 32.59
N ASN B 351 -63.15 40.33 31.36
CA ASN B 351 -63.97 39.16 31.09
C ASN B 351 -63.27 37.92 31.62
N LEU B 352 -63.64 37.52 32.84
CA LEU B 352 -63.09 36.31 33.45
C LEU B 352 -64.16 35.71 34.37
N SER B 353 -64.34 34.40 34.27
CA SER B 353 -65.38 33.68 35.00
C SER B 353 -64.78 32.96 36.20
N ASN B 354 -65.42 33.09 37.35
CA ASN B 354 -64.93 32.46 38.57
C ASN B 354 -64.80 30.94 38.46
N PRO B 355 -65.71 30.20 37.81
CA PRO B 355 -65.44 28.76 37.61
C PRO B 355 -64.14 28.47 36.91
N ASP B 356 -63.76 29.26 35.91
CA ASP B 356 -62.50 29.03 35.22
C ASP B 356 -61.31 29.34 36.11
N VAL B 357 -61.42 30.38 36.94
CA VAL B 357 -60.35 30.67 37.89
C VAL B 357 -60.17 29.52 38.86
N GLN B 358 -61.28 28.95 39.35
CA GLN B 358 -61.17 27.81 40.25
C GLN B 358 -60.58 26.59 39.55
N ALA B 359 -60.96 26.36 38.29
CA ALA B 359 -60.39 25.23 37.55
C ALA B 359 -58.89 25.40 37.37
N ALA B 360 -58.46 26.62 37.05
CA ALA B 360 -57.03 26.88 36.93
C ALA B 360 -56.31 26.69 38.26
N LYS B 361 -56.95 27.09 39.37
CA LYS B 361 -56.34 26.88 40.67
C LYS B 361 -56.18 25.39 40.97
N ASN B 362 -57.19 24.60 40.62
CA ASN B 362 -57.08 23.16 40.82
C ASN B 362 -55.99 22.55 39.95
N LYS B 363 -55.86 23.04 38.70
CA LYS B 363 -54.76 22.57 37.85
C LYS B 363 -53.41 22.90 38.46
N LEU B 364 -53.27 24.11 39.00
CA LEU B 364 -52.01 24.51 39.61
C LEU B 364 -51.69 23.65 40.82
N LYS B 365 -52.68 23.41 41.69
CA LYS B 365 -52.45 22.59 42.88
C LYS B 365 -52.08 21.16 42.49
N ALA B 366 -52.80 20.59 41.52
CA ALA B 366 -52.51 19.22 41.10
C ALA B 366 -51.12 19.12 40.50
N GLY B 367 -50.74 20.07 39.64
CA GLY B 367 -49.41 20.04 39.05
C GLY B 367 -48.31 20.17 40.08
N TYR B 368 -48.46 21.11 41.02
CA TYR B 368 -47.43 21.30 42.03
C TYR B 368 -47.30 20.05 42.90
N LEU B 369 -48.41 19.45 43.32
CA LEU B 369 -48.32 18.26 44.14
C LEU B 369 -47.70 17.10 43.37
N MET B 370 -48.12 16.90 42.12
CA MET B 370 -47.59 15.76 41.37
C MET B 370 -46.16 15.97 40.93
N SER B 371 -45.65 17.20 40.95
CA SER B 371 -44.26 17.44 40.54
C SER B 371 -43.27 16.85 41.56
N VAL B 372 -43.58 16.93 42.85
CA VAL B 372 -42.64 16.60 43.90
C VAL B 372 -42.88 15.21 44.47
N GLU B 373 -43.51 14.31 43.70
CA GLU B 373 -43.71 12.95 44.19
C GLU B 373 -42.42 12.14 44.14
N SER B 374 -41.58 12.38 43.13
CA SER B 374 -40.37 11.62 42.95
C SER B 374 -39.24 12.17 43.81
N SER B 375 -38.20 11.34 43.99
CA SER B 375 -37.05 11.78 44.77
C SER B 375 -36.31 12.92 44.08
N GLU B 376 -36.19 12.87 42.75
CA GLU B 376 -35.52 13.93 42.02
C GLU B 376 -36.24 15.26 42.20
N GLY B 377 -37.57 15.26 41.98
CA GLY B 377 -38.31 16.50 42.11
C GLY B 377 -38.32 17.03 43.52
N PHE B 378 -38.44 16.15 44.52
CA PHE B 378 -38.42 16.58 45.91
C PHE B 378 -37.08 17.21 46.27
N LEU B 379 -35.98 16.58 45.85
CA LEU B 379 -34.66 17.14 46.14
C LEU B 379 -34.48 18.48 45.45
N ASP B 380 -34.94 18.61 44.21
CA ASP B 380 -34.80 19.88 43.51
C ASP B 380 -35.60 20.98 44.18
N GLU B 381 -36.83 20.69 44.59
CA GLU B 381 -37.64 21.71 45.27
C GLU B 381 -37.02 22.12 46.58
N VAL B 382 -36.54 21.15 47.37
CA VAL B 382 -35.95 21.48 48.67
C VAL B 382 -34.69 22.32 48.49
N GLY B 383 -33.86 21.97 47.50
CA GLY B 383 -32.65 22.74 47.27
C GLY B 383 -32.95 24.15 46.80
N SER B 384 -33.93 24.30 45.91
CA SER B 384 -34.28 25.64 45.44
C SER B 384 -34.80 26.50 46.58
N GLN B 385 -35.66 25.93 47.44
CA GLN B 385 -36.15 26.71 48.57
C GLN B 385 -35.02 27.05 49.53
N ALA B 386 -34.09 26.13 49.75
CA ALA B 386 -32.98 26.39 50.66
C ALA B 386 -32.10 27.53 50.15
N LEU B 387 -31.80 27.54 48.85
CA LEU B 387 -30.97 28.62 48.32
C LEU B 387 -31.73 29.94 48.30
N ALA B 388 -32.99 29.92 47.89
CA ALA B 388 -33.72 31.18 47.68
C ALA B 388 -34.06 31.84 49.00
N ALA B 389 -34.84 31.17 49.84
CA ALA B 389 -35.36 31.75 51.07
C ALA B 389 -34.60 31.31 52.32
N GLY B 390 -33.83 30.24 52.26
CA GLY B 390 -33.15 29.74 53.44
C GLY B 390 -34.10 29.19 54.49
N SER B 391 -35.15 28.50 54.07
CA SER B 391 -36.10 27.88 54.98
C SER B 391 -37.00 26.97 54.17
N TYR B 392 -37.47 25.90 54.79
CA TYR B 392 -38.30 24.91 54.13
C TYR B 392 -39.77 25.18 54.40
N THR B 393 -40.57 25.23 53.35
CA THR B 393 -42.00 25.45 53.42
C THR B 393 -42.72 24.14 53.07
N PRO B 394 -43.51 23.52 53.92
CA PRO B 394 -44.15 22.26 53.55
C PRO B 394 -45.19 22.48 52.46
N PRO B 395 -45.68 21.43 51.82
CA PRO B 395 -46.67 21.62 50.75
C PRO B 395 -47.96 22.29 51.20
N SER B 396 -48.40 22.06 52.44
CA SER B 396 -49.68 22.59 52.88
C SER B 396 -49.71 24.11 52.86
N THR B 397 -48.63 24.74 53.28
CA THR B 397 -48.56 26.20 53.25
C THR B 397 -48.62 26.72 51.82
N VAL B 398 -47.95 26.04 50.89
CA VAL B 398 -48.01 26.44 49.49
C VAL B 398 -49.43 26.33 48.97
N LEU B 399 -50.13 25.26 49.34
CA LEU B 399 -51.52 25.11 48.92
C LEU B 399 -52.39 26.23 49.47
N GLN B 400 -52.19 26.59 50.74
CA GLN B 400 -52.96 27.68 51.33
C GLN B 400 -52.69 28.99 50.61
N GLN B 401 -51.42 29.27 50.28
CA GLN B 401 -51.09 30.49 49.56
C GLN B 401 -51.70 30.50 48.17
N ILE B 402 -51.73 29.36 47.50
CA ILE B 402 -52.35 29.29 46.18
C ILE B 402 -53.83 29.59 46.28
N ASP B 403 -54.51 29.01 47.27
CA ASP B 403 -55.94 29.29 47.44
C ASP B 403 -56.18 30.74 47.84
N ALA B 404 -55.22 31.38 48.51
CA ALA B 404 -55.42 32.74 48.98
C ALA B 404 -55.48 33.77 47.85
N VAL B 405 -55.08 33.41 46.63
CA VAL B 405 -55.02 34.38 45.55
C VAL B 405 -56.44 34.81 45.17
N ALA B 406 -56.64 36.12 45.09
CA ALA B 406 -57.93 36.69 44.71
C ALA B 406 -58.02 36.79 43.19
N ASP B 407 -59.24 36.64 42.68
CA ASP B 407 -59.47 36.65 41.24
C ASP B 407 -59.20 38.01 40.61
N ALA B 408 -59.18 39.09 41.39
CA ALA B 408 -58.83 40.39 40.85
C ALA B 408 -57.34 40.51 40.57
N ASP B 409 -56.51 39.77 41.31
CA ASP B 409 -55.08 39.84 41.09
C ASP B 409 -54.68 39.27 39.74
N VAL B 410 -55.43 38.27 39.24
CA VAL B 410 -55.18 37.75 37.90
C VAL B 410 -55.46 38.83 36.87
N ILE B 411 -56.54 39.60 37.06
CA ILE B 411 -56.84 40.70 36.15
C ILE B 411 -55.73 41.75 36.21
N ASN B 412 -55.21 42.02 37.41
CA ASN B 412 -54.11 42.96 37.52
C ASN B 412 -52.88 42.46 36.78
N ALA B 413 -52.61 41.16 36.85
CA ALA B 413 -51.49 40.59 36.11
C ALA B 413 -51.68 40.72 34.61
N ALA B 414 -52.91 40.48 34.13
CA ALA B 414 -53.18 40.66 32.70
C ALA B 414 -52.99 42.11 32.29
N LYS B 415 -53.40 43.05 33.16
CA LYS B 415 -53.16 44.47 32.87
C LYS B 415 -51.69 44.80 32.83
N LYS B 416 -50.90 44.20 33.73
CA LYS B 416 -49.46 44.44 33.69
C LYS B 416 -48.85 43.90 32.40
N PHE B 417 -49.36 42.77 31.92
CA PHE B 417 -48.86 42.23 30.65
C PHE B 417 -49.22 43.13 29.48
N VAL B 418 -50.49 43.54 29.38
CA VAL B 418 -50.94 44.22 28.18
C VAL B 418 -50.33 45.61 28.02
N SER B 419 -49.86 46.22 29.12
CA SER B 419 -49.37 47.60 29.10
C SER B 419 -47.88 47.65 29.44
N GLY B 420 -47.09 46.78 28.83
CA GLY B 420 -45.66 46.73 29.11
C GLY B 420 -44.88 46.54 27.82
N ARG B 421 -43.59 46.85 27.90
CA ARG B 421 -42.71 46.74 26.74
C ARG B 421 -42.54 45.27 26.40
N LYS B 422 -43.04 44.87 25.25
CA LYS B 422 -42.97 43.48 24.86
C LYS B 422 -41.56 43.13 24.37
N SER B 423 -41.26 41.85 24.38
CA SER B 423 -40.03 41.30 23.83
C SER B 423 -40.40 40.07 23.02
N MET B 424 -39.99 40.04 21.76
CA MET B 424 -40.36 38.97 20.83
C MET B 424 -39.12 38.28 20.31
N ALA B 425 -39.22 36.97 20.12
CA ALA B 425 -38.23 36.20 19.39
C ALA B 425 -38.96 35.29 18.42
N ALA B 426 -38.30 34.96 17.32
CA ALA B 426 -38.93 34.18 16.27
C ALA B 426 -37.88 33.40 15.51
N SER B 427 -38.33 32.36 14.82
CA SER B 427 -37.45 31.53 14.00
C SER B 427 -38.30 30.82 12.95
N GLY B 428 -37.72 30.66 11.76
CA GLY B 428 -38.39 29.99 10.65
C GLY B 428 -38.45 30.84 9.40
N ASN B 429 -39.40 30.55 8.52
CA ASN B 429 -39.61 31.32 7.31
C ASN B 429 -40.41 32.57 7.68
N LEU B 430 -39.70 33.62 8.07
CA LEU B 430 -40.33 34.82 8.64
C LEU B 430 -40.78 35.78 7.55
N GLY B 431 -41.65 35.29 6.67
CA GLY B 431 -42.20 36.09 5.60
C GLY B 431 -43.51 36.78 5.95
N HIS B 432 -44.17 36.33 7.02
CA HIS B 432 -45.45 36.89 7.43
C HIS B 432 -45.56 37.11 8.92
N THR B 433 -44.53 36.82 9.71
CA THR B 433 -44.60 37.11 11.13
C THR B 433 -44.62 38.63 11.33
N PRO B 434 -45.45 39.15 12.23
CA PRO B 434 -45.43 40.59 12.48
C PRO B 434 -44.26 41.00 13.36
N PHE B 435 -44.03 42.31 13.42
CA PHE B 435 -43.12 42.92 14.35
C PHE B 435 -43.90 43.31 15.60
N ILE B 436 -43.21 43.89 16.60
CA ILE B 436 -43.90 44.30 17.82
C ILE B 436 -44.86 45.45 17.52
N ASP B 437 -44.47 46.38 16.66
CA ASP B 437 -45.31 47.55 16.41
C ASP B 437 -46.61 47.17 15.73
N GLU B 438 -46.60 46.11 14.90
CA GLU B 438 -47.81 45.71 14.20
C GLU B 438 -48.86 45.19 15.15
N LEU B 439 -48.45 44.48 16.20
CA LEU B 439 -49.39 43.98 17.19
C LEU B 439 -49.98 45.12 18.00
N THR C 2 -8.10 -1.95 15.99
CA THR C 2 -8.83 -2.90 16.83
C THR C 2 -8.50 -4.33 16.41
N ASN C 3 -8.77 -4.64 15.14
CA ASN C 3 -8.51 -5.96 14.59
C ASN C 3 -7.09 -6.01 14.04
N ILE C 4 -6.32 -6.99 14.50
CA ILE C 4 -4.93 -7.12 14.04
C ILE C 4 -4.88 -7.46 12.56
N ARG C 5 -5.89 -8.15 12.03
CA ARG C 5 -5.86 -8.52 10.62
C ARG C 5 -5.85 -7.30 9.72
N LYS C 6 -6.51 -6.22 10.12
CA LYS C 6 -6.64 -5.03 9.30
C LYS C 6 -5.57 -3.97 9.58
N SER C 7 -4.64 -4.22 10.51
CA SER C 7 -3.62 -3.24 10.88
C SER C 7 -2.21 -3.80 10.94
N HIS C 8 -2.02 -5.12 10.98
CA HIS C 8 -0.67 -5.66 10.93
C HIS C 8 -0.05 -5.37 9.57
N PRO C 9 1.26 -5.04 9.50
CA PRO C 9 1.84 -4.71 8.18
C PRO C 9 1.77 -5.82 7.17
N LEU C 10 1.95 -7.08 7.59
CA LEU C 10 2.03 -8.20 6.66
C LEU C 10 0.68 -8.85 6.40
N MET C 11 -0.13 -9.03 7.45
CA MET C 11 -1.45 -9.62 7.26
C MET C 11 -2.42 -8.67 6.56
N LYS C 12 -2.14 -7.37 6.57
CA LYS C 12 -3.01 -6.41 5.89
C LYS C 12 -3.01 -6.63 4.38
N ILE C 13 -1.85 -6.96 3.82
CA ILE C 13 -1.76 -7.23 2.39
C ILE C 13 -2.62 -8.44 2.04
N VAL C 14 -2.52 -9.51 2.84
CA VAL C 14 -3.28 -10.71 2.56
C VAL C 14 -4.77 -10.44 2.75
N ASN C 15 -5.12 -9.63 3.74
CA ASN C 15 -6.52 -9.28 3.97
C ASN C 15 -7.10 -8.54 2.78
N ASN C 16 -6.34 -7.56 2.26
CA ASN C 16 -6.83 -6.77 1.13
C ASN C 16 -6.78 -7.53 -0.18
N ALA C 17 -5.97 -8.60 -0.27
CA ALA C 17 -5.84 -9.37 -1.49
C ALA C 17 -6.81 -10.54 -1.58
N PHE C 18 -7.09 -11.21 -0.46
CA PHE C 18 -7.78 -12.49 -0.47
C PHE C 18 -9.05 -12.53 0.39
N ILE C 19 -9.06 -11.89 1.55
CA ILE C 19 -10.15 -12.13 2.51
C ILE C 19 -11.29 -11.15 2.33
N ASP C 20 -10.99 -9.84 2.27
CA ASP C 20 -12.00 -8.79 2.18
C ASP C 20 -12.12 -8.18 0.79
N LEU C 21 -11.59 -8.84 -0.23
CA LEU C 21 -11.66 -8.32 -1.59
C LEU C 21 -13.11 -8.29 -2.06
N PRO C 22 -13.66 -7.16 -2.52
CA PRO C 22 -14.98 -7.20 -3.15
C PRO C 22 -14.90 -7.81 -4.54
N ALA C 23 -15.75 -8.79 -4.80
CA ALA C 23 -15.81 -9.50 -6.07
C ALA C 23 -17.24 -9.54 -6.57
N PRO C 24 -17.45 -9.70 -7.88
CA PRO C 24 -18.84 -9.80 -8.38
C PRO C 24 -19.50 -11.07 -7.90
N SER C 25 -20.82 -11.04 -7.83
CA SER C 25 -21.58 -12.15 -7.29
C SER C 25 -21.96 -13.19 -8.33
N ASN C 26 -21.66 -12.97 -9.62
CA ASN C 26 -22.19 -13.81 -10.69
C ASN C 26 -21.12 -14.35 -11.62
N ILE C 27 -19.86 -14.37 -11.20
CA ILE C 27 -18.79 -14.91 -12.04
C ILE C 27 -18.92 -16.43 -12.08
N SER C 28 -18.89 -16.98 -13.29
CA SER C 28 -19.16 -18.40 -13.49
C SER C 28 -17.89 -19.21 -13.22
N SER C 29 -17.90 -20.49 -13.61
CA SER C 29 -16.78 -21.37 -13.34
C SER C 29 -15.55 -21.03 -14.17
N TRP C 30 -15.72 -20.32 -15.29
CA TRP C 30 -14.57 -19.99 -16.12
C TRP C 30 -13.58 -19.08 -15.40
N TRP C 31 -14.02 -18.34 -14.38
CA TRP C 31 -13.11 -17.54 -13.59
C TRP C 31 -12.25 -18.35 -12.63
N ASN C 32 -12.49 -19.66 -12.50
CA ASN C 32 -11.67 -20.47 -11.60
C ASN C 32 -10.30 -20.79 -12.19
N PHE C 33 -10.17 -20.83 -13.52
CA PHE C 33 -8.95 -21.31 -14.16
C PHE C 33 -7.74 -20.46 -13.77
N GLY C 34 -7.96 -19.16 -13.60
CA GLY C 34 -6.87 -18.29 -13.16
C GLY C 34 -6.31 -18.70 -11.82
N SER C 35 -7.18 -19.13 -10.91
CA SER C 35 -6.71 -19.69 -9.65
C SER C 35 -6.01 -21.03 -9.86
N LEU C 36 -6.51 -21.83 -10.80
CA LEU C 36 -5.92 -23.15 -11.03
C LEU C 36 -4.49 -23.01 -11.55
N LEU C 37 -4.25 -22.03 -12.42
CA LEU C 37 -2.89 -21.74 -12.86
C LEU C 37 -1.99 -21.37 -11.69
N GLY C 38 -2.55 -20.75 -10.65
CA GLY C 38 -1.78 -20.51 -9.44
C GLY C 38 -1.39 -21.80 -8.74
N ILE C 39 -2.27 -22.80 -8.77
CA ILE C 39 -1.98 -24.06 -8.10
C ILE C 39 -0.95 -24.85 -8.89
N CYS C 40 -1.20 -25.05 -10.20
CA CYS C 40 -0.36 -25.91 -11.03
C CYS C 40 1.09 -25.47 -11.01
N LEU C 41 1.32 -24.16 -11.10
CA LEU C 41 2.67 -23.62 -11.02
C LEU C 41 3.40 -24.11 -9.78
N ILE C 42 2.75 -23.93 -8.62
CA ILE C 42 3.37 -24.35 -7.37
C ILE C 42 3.60 -25.86 -7.38
N LEU C 43 2.66 -26.61 -7.96
CA LEU C 43 2.84 -28.05 -8.05
C LEU C 43 4.08 -28.39 -8.85
N GLN C 44 4.27 -27.72 -10.00
CA GLN C 44 5.46 -28.00 -10.79
C GLN C 44 6.72 -27.56 -10.06
N ILE C 45 6.62 -26.55 -9.20
CA ILE C 45 7.80 -26.14 -8.44
C ILE C 45 8.11 -27.19 -7.39
N LEU C 46 7.09 -27.87 -6.85
CA LEU C 46 7.36 -28.86 -5.81
C LEU C 46 7.93 -30.13 -6.40
N THR C 47 7.16 -30.79 -7.28
CA THR C 47 7.58 -32.07 -7.85
C THR C 47 8.91 -31.94 -8.57
N GLY C 48 9.06 -30.89 -9.39
CA GLY C 48 10.32 -30.67 -10.08
C GLY C 48 11.48 -30.51 -9.12
N LEU C 49 11.26 -29.84 -7.99
CA LEU C 49 12.33 -29.66 -7.03
C LEU C 49 12.79 -30.98 -6.45
N PHE C 50 11.93 -32.00 -6.44
CA PHE C 50 12.30 -33.33 -5.99
C PHE C 50 12.88 -34.18 -7.12
N LEU C 51 12.72 -33.76 -8.37
CA LEU C 51 13.42 -34.43 -9.47
C LEU C 51 14.84 -33.92 -9.62
N ALA C 52 15.10 -32.67 -9.22
CA ALA C 52 16.43 -32.11 -9.30
C ALA C 52 17.39 -32.74 -8.29
N MET C 53 16.88 -33.39 -7.25
CA MET C 53 17.73 -34.06 -6.28
C MET C 53 18.29 -35.37 -6.78
N HIS C 54 17.85 -35.85 -7.94
CA HIS C 54 18.31 -37.11 -8.51
C HIS C 54 18.71 -37.01 -9.96
N TYR C 55 18.63 -35.83 -10.58
CA TYR C 55 18.95 -35.63 -11.98
C TYR C 55 20.37 -35.12 -12.12
N THR C 56 21.09 -35.64 -13.11
CA THR C 56 22.40 -35.16 -13.49
C THR C 56 22.37 -34.75 -14.95
N SER C 57 22.90 -33.58 -15.25
CA SER C 57 22.79 -32.97 -16.58
C SER C 57 23.88 -33.42 -17.54
N ASP C 58 24.79 -34.30 -17.13
CA ASP C 58 25.79 -34.81 -18.04
C ASP C 58 25.13 -35.57 -19.18
N THR C 59 25.65 -35.38 -20.39
CA THR C 59 25.01 -35.98 -21.56
C THR C 59 25.12 -37.50 -21.55
N THR C 60 26.17 -38.05 -20.94
CA THR C 60 26.35 -39.49 -20.90
C THR C 60 25.55 -40.17 -19.80
N THR C 61 25.02 -39.41 -18.84
CA THR C 61 24.34 -39.96 -17.67
C THR C 61 23.08 -39.17 -17.36
N ALA C 62 22.29 -38.87 -18.39
CA ALA C 62 21.01 -38.17 -18.25
C ALA C 62 19.82 -39.11 -18.43
N PHE C 63 19.79 -39.82 -19.56
CA PHE C 63 18.79 -40.86 -19.76
C PHE C 63 18.86 -41.89 -18.65
N SER C 64 20.07 -42.33 -18.30
CA SER C 64 20.24 -43.30 -17.23
C SER C 64 19.77 -42.74 -15.90
N SER C 65 20.03 -41.46 -15.64
CA SER C 65 19.57 -40.87 -14.39
C SER C 65 18.05 -40.83 -14.31
N VAL C 66 17.38 -40.52 -15.42
CA VAL C 66 15.93 -40.48 -15.39
C VAL C 66 15.36 -41.89 -15.17
N THR C 67 15.96 -42.89 -15.81
CA THR C 67 15.49 -44.26 -15.56
C THR C 67 15.78 -44.70 -14.14
N HIS C 68 16.89 -44.24 -13.55
CA HIS C 68 17.13 -44.49 -12.13
C HIS C 68 16.04 -43.87 -11.28
N ILE C 69 15.61 -42.66 -11.62
CA ILE C 69 14.52 -42.02 -10.89
C ILE C 69 13.25 -42.86 -10.99
N CYS C 70 12.95 -43.35 -12.20
CA CYS C 70 11.73 -44.13 -12.39
C CYS C 70 11.78 -45.45 -11.61
N ARG C 71 12.93 -46.12 -11.62
CA ARG C 71 13.04 -47.51 -11.17
C ARG C 71 13.55 -47.67 -9.74
N ASP C 72 14.47 -46.83 -9.29
CA ASP C 72 15.14 -47.01 -8.01
C ASP C 72 14.63 -46.09 -6.90
N VAL C 73 14.27 -44.86 -7.22
CA VAL C 73 13.83 -43.93 -6.18
C VAL C 73 12.45 -44.36 -5.67
N ASN C 74 12.29 -44.29 -4.35
CA ASN C 74 11.03 -44.69 -3.73
C ASN C 74 9.92 -43.75 -4.15
N TYR C 75 8.90 -44.29 -4.81
CA TYR C 75 7.78 -43.52 -5.37
C TYR C 75 8.24 -42.49 -6.40
N GLY C 76 9.42 -42.67 -6.99
CA GLY C 76 9.93 -41.71 -7.94
C GLY C 76 9.11 -41.65 -9.22
N TRP C 77 8.51 -42.77 -9.60
CA TRP C 77 7.67 -42.78 -10.79
C TRP C 77 6.47 -41.86 -10.62
N ILE C 78 5.93 -41.78 -9.40
CA ILE C 78 4.78 -40.91 -9.17
C ILE C 78 5.17 -39.45 -9.39
N ILE C 79 6.31 -39.06 -8.81
CA ILE C 79 6.76 -37.67 -8.93
C ILE C 79 7.10 -37.35 -10.38
N ARG C 80 7.77 -38.28 -11.06
CA ARG C 80 8.14 -38.04 -12.45
C ARG C 80 6.91 -37.83 -13.33
N TYR C 81 5.93 -38.73 -13.23
CA TYR C 81 4.78 -38.63 -14.11
C TYR C 81 3.85 -37.50 -13.69
N MET C 82 3.84 -37.13 -12.42
CA MET C 82 3.11 -35.91 -12.02
C MET C 82 3.73 -34.68 -12.66
N HIS C 83 5.06 -34.55 -12.59
CA HIS C 83 5.71 -33.40 -13.23
C HIS C 83 5.52 -33.44 -14.74
N ALA C 84 5.43 -34.64 -15.33
CA ALA C 84 5.30 -34.74 -16.78
C ALA C 84 3.90 -34.32 -17.24
N ASN C 85 2.86 -34.79 -16.55
CA ASN C 85 1.49 -34.46 -16.95
C ASN C 85 1.03 -33.10 -16.44
N GLY C 86 1.71 -32.54 -15.44
CA GLY C 86 1.36 -31.21 -14.98
C GLY C 86 1.55 -30.16 -16.06
N ALA C 87 2.47 -30.39 -17.00
CA ALA C 87 2.62 -29.48 -18.13
C ALA C 87 1.37 -29.46 -18.99
N SER C 88 0.82 -30.64 -19.29
CA SER C 88 -0.41 -30.70 -20.08
C SER C 88 -1.56 -30.03 -19.34
N MET C 89 -1.66 -30.27 -18.03
CA MET C 89 -2.71 -29.62 -17.26
C MET C 89 -2.52 -28.11 -17.25
N PHE C 90 -1.28 -27.65 -17.10
CA PHE C 90 -0.98 -26.23 -17.09
C PHE C 90 -1.40 -25.58 -18.40
N PHE C 91 -1.11 -26.23 -19.52
CA PHE C 91 -1.43 -25.63 -20.81
C PHE C 91 -2.93 -25.67 -21.11
N ILE C 92 -3.63 -26.70 -20.65
CA ILE C 92 -5.09 -26.71 -20.78
C ILE C 92 -5.69 -25.55 -20.00
N CYS C 93 -5.25 -25.36 -18.76
CA CYS C 93 -5.75 -24.26 -17.96
C CYS C 93 -5.39 -22.92 -18.58
N LEU C 94 -4.20 -22.81 -19.17
CA LEU C 94 -3.76 -21.55 -19.75
C LEU C 94 -4.60 -21.18 -20.96
N TYR C 95 -4.87 -22.13 -21.85
CA TYR C 95 -5.70 -21.84 -23.01
C TYR C 95 -7.13 -21.53 -22.62
N MET C 96 -7.65 -22.20 -21.58
CA MET C 96 -8.99 -21.84 -21.10
C MET C 96 -9.02 -20.42 -20.52
N HIS C 97 -7.97 -20.04 -19.78
CA HIS C 97 -7.85 -18.68 -19.26
C HIS C 97 -7.88 -17.66 -20.39
N VAL C 98 -7.10 -17.91 -21.45
CA VAL C 98 -7.03 -16.95 -22.56
C VAL C 98 -8.36 -16.88 -23.31
N GLY C 99 -9.00 -18.03 -23.53
CA GLY C 99 -10.30 -18.01 -24.19
C GLY C 99 -11.36 -17.28 -23.38
N ARG C 100 -11.33 -17.45 -22.06
CA ARG C 100 -12.24 -16.72 -21.18
C ARG C 100 -12.01 -15.22 -21.32
N GLY C 101 -10.75 -14.80 -21.31
CA GLY C 101 -10.48 -13.38 -21.45
C GLY C 101 -10.92 -12.82 -22.78
N LEU C 102 -10.80 -13.63 -23.85
CA LEU C 102 -11.16 -13.16 -25.17
C LEU C 102 -12.68 -13.07 -25.36
N TYR C 103 -13.42 -14.05 -24.84
CA TYR C 103 -14.87 -14.08 -25.06
C TYR C 103 -15.56 -12.94 -24.31
N TYR C 104 -15.20 -12.71 -23.05
CA TYR C 104 -15.91 -11.78 -22.18
C TYR C 104 -15.29 -10.40 -22.15
N GLY C 105 -14.43 -10.07 -23.11
CA GLY C 105 -13.89 -8.73 -23.22
C GLY C 105 -13.02 -8.29 -22.05
N SER C 106 -12.26 -9.21 -21.46
CA SER C 106 -11.34 -8.84 -20.38
C SER C 106 -10.08 -8.16 -20.90
N TYR C 107 -9.88 -8.10 -22.21
CA TYR C 107 -8.67 -7.49 -22.76
C TYR C 107 -8.66 -5.97 -22.65
N THR C 108 -9.76 -5.33 -22.23
CA THR C 108 -9.73 -3.89 -22.06
C THR C 108 -8.82 -3.47 -20.92
N PHE C 109 -8.48 -4.37 -20.00
CA PHE C 109 -7.42 -4.15 -19.03
C PHE C 109 -6.09 -4.38 -19.74
N LEU C 110 -5.55 -3.31 -20.34
CA LEU C 110 -4.40 -3.46 -21.23
C LEU C 110 -3.17 -3.93 -20.47
N GLU C 111 -2.94 -3.42 -19.27
CA GLU C 111 -1.73 -3.76 -18.53
C GLU C 111 -1.73 -5.23 -18.16
N THR C 112 -2.84 -5.70 -17.59
CA THR C 112 -2.96 -7.09 -17.19
C THR C 112 -2.88 -8.01 -18.40
N TRP C 113 -3.51 -7.61 -19.51
CA TRP C 113 -3.46 -8.41 -20.73
C TRP C 113 -2.03 -8.55 -21.25
N ASN C 114 -1.27 -7.46 -21.28
CA ASN C 114 0.09 -7.52 -21.80
C ASN C 114 1.01 -8.31 -20.88
N ILE C 115 0.85 -8.13 -19.56
CA ILE C 115 1.64 -8.92 -18.63
C ILE C 115 1.31 -10.40 -18.79
N GLY C 116 0.04 -10.71 -19.06
CA GLY C 116 -0.31 -12.09 -19.33
C GLY C 116 0.33 -12.63 -20.59
N VAL C 117 0.45 -11.80 -21.61
CA VAL C 117 1.14 -12.24 -22.83
C VAL C 117 2.59 -12.56 -22.53
N ILE C 118 3.23 -11.74 -21.70
CA ILE C 118 4.60 -12.03 -21.27
C ILE C 118 4.66 -13.36 -20.53
N LEU C 119 3.69 -13.60 -19.63
CA LEU C 119 3.66 -14.85 -18.88
C LEU C 119 3.47 -16.05 -19.80
N LEU C 120 2.62 -15.90 -20.82
CA LEU C 120 2.41 -16.98 -21.79
C LEU C 120 3.70 -17.34 -22.49
N LEU C 121 4.44 -16.32 -22.96
CA LEU C 121 5.71 -16.59 -23.64
C LEU C 121 6.72 -17.25 -22.70
N THR C 122 6.81 -16.77 -21.46
CA THR C 122 7.75 -17.34 -20.50
C THR C 122 7.42 -18.79 -20.20
N VAL C 123 6.14 -19.12 -20.03
CA VAL C 123 5.75 -20.48 -19.72
C VAL C 123 6.02 -21.39 -20.92
N MET C 124 5.79 -20.89 -22.14
CA MET C 124 6.12 -21.69 -23.32
C MET C 124 7.61 -22.01 -23.37
N ALA C 125 8.45 -21.02 -23.08
CA ALA C 125 9.90 -21.27 -23.07
C ALA C 125 10.28 -22.30 -22.02
N THR C 126 9.70 -22.18 -20.82
CA THR C 126 10.03 -23.13 -19.75
C THR C 126 9.60 -24.54 -20.11
N ALA C 127 8.41 -24.69 -20.69
CA ALA C 127 7.94 -26.01 -21.09
C ALA C 127 8.84 -26.60 -22.16
N PHE C 128 9.27 -25.80 -23.14
CA PHE C 128 10.16 -26.34 -24.17
C PHE C 128 11.51 -26.74 -23.58
N MET C 129 12.08 -25.92 -22.71
CA MET C 129 13.39 -26.25 -22.15
C MET C 129 13.33 -27.47 -21.25
N GLY C 130 12.19 -27.71 -20.60
CA GLY C 130 12.05 -28.90 -19.79
C GLY C 130 12.10 -30.18 -20.61
N TYR C 131 11.48 -30.17 -21.79
CA TYR C 131 11.35 -31.38 -22.59
C TYR C 131 12.67 -31.88 -23.13
N VAL C 132 13.73 -31.08 -23.08
CA VAL C 132 15.05 -31.50 -23.57
C VAL C 132 15.83 -32.30 -22.54
N LEU C 133 15.55 -32.11 -21.26
CA LEU C 133 16.38 -32.72 -20.22
C LEU C 133 16.37 -34.24 -20.20
N PRO C 134 15.29 -34.95 -20.53
CA PRO C 134 15.40 -36.41 -20.65
C PRO C 134 16.46 -36.88 -21.63
N TRP C 135 16.69 -36.13 -22.71
CA TRP C 135 17.73 -36.46 -23.69
C TRP C 135 17.40 -37.74 -24.45
N GLY C 136 16.19 -37.79 -25.00
CA GLY C 136 15.78 -38.80 -25.96
C GLY C 136 15.84 -38.28 -27.38
N GLN C 137 15.17 -39.00 -28.28
CA GLN C 137 15.17 -38.60 -29.68
C GLN C 137 14.46 -37.27 -29.89
N MET C 138 13.24 -37.15 -29.37
CA MET C 138 12.46 -35.95 -29.58
C MET C 138 13.09 -34.75 -28.90
N SER C 139 13.74 -34.97 -27.76
CA SER C 139 14.49 -33.90 -27.10
C SER C 139 15.55 -33.32 -28.03
N PHE C 140 16.36 -34.20 -28.62
CA PHE C 140 17.44 -33.76 -29.49
C PHE C 140 16.90 -33.03 -30.71
N TRP C 141 15.90 -33.62 -31.37
CA TRP C 141 15.41 -33.06 -32.62
C TRP C 141 14.39 -31.95 -32.43
N GLY C 142 14.03 -31.61 -31.19
CA GLY C 142 13.30 -30.39 -30.92
C GLY C 142 14.24 -29.26 -30.55
N ALA C 143 15.27 -29.57 -29.76
CA ALA C 143 16.28 -28.56 -29.45
C ALA C 143 16.96 -28.08 -30.72
N THR C 144 17.30 -29.00 -31.62
CA THR C 144 17.92 -28.63 -32.88
C THR C 144 17.04 -27.67 -33.67
N VAL C 145 15.75 -27.99 -33.80
CA VAL C 145 14.88 -27.21 -34.67
C VAL C 145 14.64 -25.82 -34.08
N ILE C 146 14.39 -25.72 -32.77
CA ILE C 146 14.15 -24.40 -32.21
C ILE C 146 15.42 -23.56 -32.25
N THR C 147 16.58 -24.16 -32.00
CA THR C 147 17.80 -23.37 -32.07
C THR C 147 18.07 -22.89 -33.49
N ASN C 148 17.81 -23.74 -34.49
CA ASN C 148 17.95 -23.30 -35.87
C ASN C 148 16.86 -22.32 -36.29
N LEU C 149 15.78 -22.20 -35.52
CA LEU C 149 14.72 -21.27 -35.86
C LEU C 149 15.23 -19.82 -35.89
N LEU C 150 16.26 -19.51 -35.13
CA LEU C 150 16.87 -18.19 -35.15
C LEU C 150 17.86 -17.99 -36.28
N SER C 151 18.13 -19.03 -37.09
CA SER C 151 19.04 -18.86 -38.22
C SER C 151 18.42 -18.05 -39.35
N ALA C 152 17.10 -17.84 -39.34
CA ALA C 152 16.47 -17.09 -40.41
C ALA C 152 16.73 -15.59 -40.32
N ILE C 153 17.11 -15.08 -39.14
CA ILE C 153 17.39 -13.65 -39.02
C ILE C 153 18.60 -13.31 -39.88
N PRO C 154 18.52 -12.34 -40.81
CA PRO C 154 19.66 -12.13 -41.71
C PRO C 154 20.84 -11.48 -41.00
N TYR C 155 22.04 -11.90 -41.39
CA TYR C 155 23.33 -11.32 -41.07
C TYR C 155 23.83 -11.66 -39.66
N ILE C 156 22.99 -12.20 -38.77
CA ILE C 156 23.42 -12.58 -37.42
C ILE C 156 22.92 -13.97 -37.03
N GLY C 157 22.25 -14.66 -37.94
CA GLY C 157 21.57 -15.90 -37.57
C GLY C 157 22.53 -16.99 -37.13
N THR C 158 23.57 -17.22 -37.93
CA THR C 158 24.51 -18.30 -37.62
C THR C 158 25.25 -18.05 -36.32
N ASN C 159 25.64 -16.81 -36.07
CA ASN C 159 26.36 -16.49 -34.85
C ASN C 159 25.48 -16.69 -33.63
N LEU C 160 24.22 -16.26 -33.70
CA LEU C 160 23.31 -16.46 -32.58
C LEU C 160 23.05 -17.95 -32.33
N VAL C 161 22.90 -18.73 -33.41
CA VAL C 161 22.70 -20.17 -33.27
C VAL C 161 23.88 -20.80 -32.58
N GLU C 162 25.10 -20.45 -33.01
CA GLU C 162 26.30 -21.00 -32.40
C GLU C 162 26.41 -20.59 -30.94
N TRP C 163 26.05 -19.34 -30.63
CA TRP C 163 26.15 -18.88 -29.26
C TRP C 163 25.18 -19.63 -28.35
N ILE C 164 23.94 -19.84 -28.81
CA ILE C 164 22.98 -20.58 -28.00
C ILE C 164 23.43 -22.02 -27.83
N TRP C 165 23.90 -22.65 -28.92
CA TRP C 165 24.39 -24.02 -28.81
C TRP C 165 25.61 -24.13 -27.92
N GLY C 166 26.42 -23.08 -27.83
CA GLY C 166 27.71 -23.18 -27.18
C GLY C 166 28.66 -24.09 -27.91
N GLY C 167 28.60 -24.11 -29.23
CA GLY C 167 29.41 -25.02 -30.01
C GLY C 167 28.89 -25.07 -31.43
N PHE C 168 29.30 -26.10 -32.16
CA PHE C 168 28.88 -26.29 -33.55
C PHE C 168 27.63 -27.14 -33.68
N SER C 169 27.08 -27.66 -32.58
CA SER C 169 25.93 -28.54 -32.64
C SER C 169 25.30 -28.60 -31.26
N VAL C 170 24.29 -29.44 -31.12
CA VAL C 170 23.67 -29.71 -29.82
C VAL C 170 24.53 -30.75 -29.11
N ASP C 171 24.95 -30.44 -27.89
CA ASP C 171 25.93 -31.25 -27.19
C ASP C 171 25.78 -30.97 -25.69
N LYS C 172 26.82 -31.34 -24.91
CA LYS C 172 26.72 -31.32 -23.45
C LYS C 172 26.44 -29.91 -22.93
N ALA C 173 27.11 -28.91 -23.50
CA ALA C 173 26.95 -27.54 -23.02
C ALA C 173 25.51 -27.09 -23.17
N THR C 174 24.88 -27.45 -24.29
CA THR C 174 23.48 -27.10 -24.51
C THR C 174 22.59 -27.69 -23.42
N LEU C 175 22.81 -28.97 -23.10
CA LEU C 175 22.00 -29.63 -22.09
C LEU C 175 22.18 -28.99 -20.72
N THR C 176 23.41 -28.66 -20.36
CA THR C 176 23.65 -28.07 -19.05
C THR C 176 23.00 -26.70 -18.92
N ARG C 177 23.15 -25.85 -19.94
CA ARG C 177 22.56 -24.53 -19.83
C ARG C 177 21.04 -24.57 -19.91
N PHE C 178 20.49 -25.51 -20.68
CA PHE C 178 19.04 -25.70 -20.67
C PHE C 178 18.55 -26.13 -19.30
N PHE C 179 19.31 -26.98 -18.62
CA PHE C 179 18.94 -27.37 -17.26
C PHE C 179 18.94 -26.17 -16.33
N ALA C 180 19.95 -25.31 -16.43
CA ALA C 180 20.02 -24.13 -15.56
C ALA C 180 18.84 -23.20 -15.82
N PHE C 181 18.55 -22.92 -17.08
CA PHE C 181 17.43 -22.03 -17.39
C PHE C 181 16.09 -22.63 -16.96
N HIS C 182 15.92 -23.94 -17.16
CA HIS C 182 14.68 -24.59 -16.73
C HIS C 182 14.51 -24.51 -15.22
N PHE C 183 15.61 -24.65 -14.48
CA PHE C 183 15.54 -24.51 -13.03
C PHE C 183 15.12 -23.10 -12.64
N ILE C 184 15.72 -22.09 -13.26
CA ILE C 184 15.59 -20.73 -12.74
C ILE C 184 14.32 -20.00 -13.23
N LEU C 185 13.83 -20.30 -14.43
CA LEU C 185 12.78 -19.47 -15.02
C LEU C 185 11.42 -19.48 -14.30
N PRO C 186 10.99 -20.59 -13.66
CA PRO C 186 9.73 -20.53 -12.91
C PRO C 186 9.67 -19.50 -11.81
N PHE C 187 10.80 -19.20 -11.17
CA PHE C 187 10.80 -18.15 -10.15
C PHE C 187 10.51 -16.79 -10.76
N ILE C 188 11.07 -16.54 -11.96
CA ILE C 188 10.75 -15.31 -12.67
C ILE C 188 9.29 -15.29 -13.07
N ILE C 189 8.74 -16.45 -13.45
CA ILE C 189 7.32 -16.52 -13.81
C ILE C 189 6.46 -16.13 -12.62
N MET C 190 6.79 -16.65 -11.43
CA MET C 190 6.02 -16.31 -10.24
C MET C 190 6.14 -14.83 -9.90
N ALA C 191 7.35 -14.26 -10.06
CA ALA C 191 7.54 -12.84 -9.80
C ALA C 191 6.69 -11.99 -10.74
N ILE C 192 6.61 -12.38 -12.02
CA ILE C 192 5.78 -11.63 -12.96
C ILE C 192 4.31 -11.83 -12.65
N ALA C 193 3.93 -13.02 -12.17
CA ALA C 193 2.53 -13.26 -11.84
C ALA C 193 2.08 -12.40 -10.67
N MET C 194 3.00 -12.06 -9.77
CA MET C 194 2.66 -11.10 -8.72
C MET C 194 2.23 -9.76 -9.33
N VAL C 195 2.91 -9.32 -10.38
CA VAL C 195 2.54 -8.08 -11.05
C VAL C 195 1.23 -8.24 -11.82
N HIS C 196 1.03 -9.41 -12.42
CA HIS C 196 -0.24 -9.72 -13.09
C HIS C 196 -1.40 -9.54 -12.14
N LEU C 197 -1.25 -9.99 -10.89
CA LEU C 197 -2.28 -9.77 -9.88
C LEU C 197 -2.36 -8.30 -9.45
N LEU C 198 -1.19 -7.66 -9.29
CA LEU C 198 -1.15 -6.30 -8.78
C LEU C 198 -1.89 -5.34 -9.70
N PHE C 199 -1.70 -5.46 -11.02
CA PHE C 199 -2.38 -4.56 -11.93
C PHE C 199 -3.87 -4.84 -12.01
N LEU C 200 -4.32 -6.05 -11.68
CA LEU C 200 -5.75 -6.34 -11.63
C LEU C 200 -6.40 -5.87 -10.35
N HIS C 201 -5.63 -5.72 -9.27
CA HIS C 201 -6.21 -5.27 -8.01
C HIS C 201 -6.81 -3.87 -8.12
N GLU C 202 -6.27 -3.02 -8.99
CA GLU C 202 -6.72 -1.63 -9.04
C GLU C 202 -8.08 -1.50 -9.72
N THR C 203 -8.30 -2.25 -10.80
CA THR C 203 -9.50 -2.10 -11.62
C THR C 203 -10.63 -3.04 -11.25
N GLY C 204 -10.40 -4.01 -10.38
CA GLY C 204 -11.41 -5.00 -10.07
C GLY C 204 -11.51 -6.04 -11.17
N SER C 205 -12.46 -6.94 -11.00
CA SER C 205 -12.66 -8.08 -11.88
C SER C 205 -13.89 -7.88 -12.75
N ASN C 206 -13.96 -8.67 -13.81
CA ASN C 206 -15.04 -8.63 -14.78
C ASN C 206 -16.08 -9.71 -14.44
N ASN C 207 -17.22 -9.63 -15.09
CA ASN C 207 -18.30 -10.59 -14.95
C ASN C 207 -18.85 -10.95 -16.33
N PRO C 208 -19.58 -12.07 -16.46
CA PRO C 208 -20.06 -12.48 -17.79
C PRO C 208 -20.94 -11.46 -18.48
N THR C 209 -21.77 -10.73 -17.74
CA THR C 209 -22.66 -9.77 -18.39
C THR C 209 -21.90 -8.63 -19.06
N GLY C 210 -20.68 -8.36 -18.63
CA GLY C 210 -19.90 -7.26 -19.16
C GLY C 210 -20.27 -5.90 -18.60
N ILE C 211 -21.24 -5.83 -17.68
CA ILE C 211 -21.71 -4.58 -17.11
C ILE C 211 -21.06 -4.41 -15.75
N SER C 212 -20.76 -3.16 -15.39
CA SER C 212 -20.11 -2.88 -14.12
C SER C 212 -20.98 -3.34 -12.95
N SER C 213 -20.35 -4.00 -11.99
CA SER C 213 -21.04 -4.73 -10.94
C SER C 213 -20.70 -4.16 -9.57
N ASP C 214 -20.53 -2.84 -9.47
CA ASP C 214 -20.31 -2.23 -8.17
C ASP C 214 -21.55 -2.35 -7.29
N VAL C 215 -22.73 -2.43 -7.88
CA VAL C 215 -23.96 -2.50 -7.10
C VAL C 215 -24.07 -3.84 -6.37
N ASP C 216 -23.68 -4.94 -7.03
CA ASP C 216 -23.71 -6.29 -6.47
C ASP C 216 -22.27 -6.74 -6.27
N LYS C 217 -21.82 -6.74 -5.02
CA LYS C 217 -20.52 -7.25 -4.63
C LYS C 217 -20.68 -8.14 -3.42
N ILE C 218 -19.77 -9.10 -3.27
CA ILE C 218 -19.70 -9.94 -2.09
C ILE C 218 -18.23 -10.14 -1.73
N PRO C 219 -17.93 -10.47 -0.47
CA PRO C 219 -16.53 -10.72 -0.12
C PRO C 219 -16.00 -11.94 -0.83
N PHE C 220 -14.68 -11.96 -1.03
CA PHE C 220 -14.07 -13.12 -1.66
C PHE C 220 -14.16 -14.35 -0.78
N HIS C 221 -13.91 -14.18 0.51
CA HIS C 221 -14.07 -15.24 1.50
C HIS C 221 -15.43 -15.13 2.18
N PRO C 222 -16.21 -16.21 2.38
CA PRO C 222 -16.01 -17.64 2.10
C PRO C 222 -16.55 -18.12 0.76
N TYR C 223 -16.93 -17.21 -0.13
CA TYR C 223 -17.72 -17.59 -1.29
C TYR C 223 -16.86 -18.15 -2.42
N TYR C 224 -15.71 -17.55 -2.69
CA TYR C 224 -14.82 -17.99 -3.75
C TYR C 224 -13.61 -18.74 -3.23
N THR C 225 -13.46 -18.87 -1.91
CA THR C 225 -12.49 -19.82 -1.38
C THR C 225 -12.99 -21.26 -1.52
N ILE C 226 -14.27 -21.48 -1.27
CA ILE C 226 -14.82 -22.83 -1.36
C ILE C 226 -14.90 -23.28 -2.82
N LYS C 227 -15.22 -22.35 -3.73
CA LYS C 227 -15.17 -22.69 -5.15
C LYS C 227 -13.74 -22.98 -5.59
N ASP C 228 -12.76 -22.28 -5.02
CA ASP C 228 -11.37 -22.60 -5.31
C ASP C 228 -11.02 -24.00 -4.84
N ILE C 229 -11.52 -24.40 -3.67
CA ILE C 229 -11.25 -25.74 -3.16
C ILE C 229 -11.88 -26.79 -4.05
N LEU C 230 -13.12 -26.55 -4.50
CA LEU C 230 -13.79 -27.51 -5.38
C LEU C 230 -13.08 -27.62 -6.73
N GLY C 231 -12.65 -26.49 -7.29
CA GLY C 231 -11.91 -26.53 -8.55
C GLY C 231 -10.58 -27.24 -8.41
N ALA C 232 -9.87 -27.00 -7.29
CA ALA C 232 -8.62 -27.71 -7.05
C ALA C 232 -8.84 -29.20 -6.92
N LEU C 233 -9.94 -29.60 -6.28
CA LEU C 233 -10.26 -31.02 -6.18
C LEU C 233 -10.50 -31.65 -7.54
N LEU C 234 -11.25 -30.97 -8.41
CA LEU C 234 -11.49 -31.50 -9.75
C LEU C 234 -10.20 -31.58 -10.55
N LEU C 235 -9.33 -30.57 -10.41
CA LEU C 235 -8.04 -30.59 -11.09
C LEU C 235 -7.19 -31.77 -10.64
N ILE C 236 -7.16 -32.02 -9.33
CA ILE C 236 -6.38 -33.13 -8.80
C ILE C 236 -6.95 -34.44 -9.30
N LEU C 237 -8.27 -34.54 -9.40
CA LEU C 237 -8.90 -35.75 -9.92
C LEU C 237 -8.45 -36.02 -11.35
N ALA C 238 -8.50 -35.00 -12.22
CA ALA C 238 -8.11 -35.21 -13.61
C ALA C 238 -6.62 -35.55 -13.73
N LEU C 239 -5.77 -34.84 -12.98
CA LEU C 239 -4.34 -35.13 -13.04
C LEU C 239 -4.04 -36.54 -12.58
N MET C 240 -4.67 -36.98 -11.48
CA MET C 240 -4.40 -38.32 -10.98
C MET C 240 -5.00 -39.39 -11.89
N LEU C 241 -6.12 -39.09 -12.56
CA LEU C 241 -6.62 -40.01 -13.58
C LEU C 241 -5.57 -40.23 -14.65
N LEU C 242 -4.98 -39.14 -15.15
CA LEU C 242 -3.92 -39.27 -16.16
C LEU C 242 -2.71 -40.02 -15.60
N VAL C 243 -2.32 -39.74 -14.36
CA VAL C 243 -1.10 -40.33 -13.82
C VAL C 243 -1.28 -41.83 -13.59
N LEU C 244 -2.44 -42.24 -13.08
CA LEU C 244 -2.63 -43.59 -12.56
C LEU C 244 -3.33 -44.53 -13.52
N PHE C 245 -4.04 -44.03 -14.54
CA PHE C 245 -4.77 -44.87 -15.47
C PHE C 245 -4.30 -44.74 -16.91
N ALA C 246 -3.44 -43.80 -17.23
CA ALA C 246 -2.94 -43.65 -18.59
C ALA C 246 -1.66 -42.81 -18.55
N PRO C 247 -0.56 -43.34 -18.01
CA PRO C 247 0.62 -42.49 -17.80
C PRO C 247 1.25 -41.95 -19.06
N ASP C 248 1.01 -42.56 -20.23
CA ASP C 248 1.68 -42.21 -21.47
C ASP C 248 0.69 -41.95 -22.59
N LEU C 249 -0.50 -41.43 -22.28
CA LEU C 249 -1.46 -41.11 -23.32
C LEU C 249 -1.04 -39.87 -24.09
N LEU C 250 -0.60 -38.83 -23.39
CA LEU C 250 -0.21 -37.57 -23.99
C LEU C 250 1.26 -37.49 -24.37
N GLY C 251 2.05 -38.53 -24.07
CA GLY C 251 3.47 -38.53 -24.39
C GLY C 251 3.72 -38.98 -25.81
N ASP C 252 4.98 -39.37 -26.06
CA ASP C 252 5.42 -39.86 -27.36
C ASP C 252 6.27 -41.10 -27.10
N PRO C 253 6.09 -42.21 -27.83
CA PRO C 253 6.99 -43.35 -27.62
C PRO C 253 8.45 -43.05 -27.92
N ASP C 254 8.72 -42.22 -28.92
CA ASP C 254 10.08 -42.07 -29.44
C ASP C 254 11.03 -41.47 -28.42
N ASN C 255 10.53 -40.78 -27.39
CA ASN C 255 11.39 -40.22 -26.37
C ASN C 255 11.84 -41.26 -25.34
N TYR C 256 11.46 -42.53 -25.49
CA TYR C 256 11.96 -43.60 -24.65
C TYR C 256 13.19 -44.29 -25.24
N THR C 257 13.71 -43.81 -26.42
CA THR C 257 14.99 -44.27 -26.96
C THR C 257 16.08 -43.24 -26.68
N PRO C 258 17.33 -43.63 -26.40
CA PRO C 258 18.36 -42.60 -26.19
C PRO C 258 18.64 -41.80 -27.44
N ALA C 259 19.11 -40.57 -27.23
CA ALA C 259 19.33 -39.64 -28.33
C ALA C 259 20.39 -40.17 -29.30
N ASN C 260 20.08 -40.08 -30.59
CA ASN C 260 20.95 -40.55 -31.67
C ASN C 260 21.26 -39.36 -32.58
N PRO C 261 22.47 -38.79 -32.56
CA PRO C 261 22.72 -37.63 -33.43
C PRO C 261 22.61 -37.91 -34.92
N LEU C 262 22.74 -39.16 -35.35
CA LEU C 262 22.73 -39.50 -36.77
C LEU C 262 21.33 -39.73 -37.30
N ASN C 263 20.61 -40.68 -36.73
CA ASN C 263 19.28 -41.02 -37.21
C ASN C 263 18.27 -39.96 -36.81
N THR C 264 17.14 -39.94 -37.53
CA THR C 264 16.01 -39.08 -37.23
C THR C 264 14.75 -39.93 -37.42
N PRO C 265 13.77 -39.90 -36.51
CA PRO C 265 12.53 -40.62 -36.78
C PRO C 265 11.80 -40.03 -37.96
N PRO C 266 11.02 -40.83 -38.69
CA PRO C 266 10.33 -40.30 -39.88
C PRO C 266 9.03 -39.56 -39.58
N HIS C 267 8.56 -39.56 -38.33
CA HIS C 267 7.30 -38.93 -37.94
C HIS C 267 7.52 -38.01 -36.75
N ILE C 268 8.51 -37.13 -36.88
CA ILE C 268 8.78 -36.15 -35.84
C ILE C 268 7.57 -35.23 -35.68
N LYS C 269 7.28 -34.87 -34.42
CA LYS C 269 6.23 -33.91 -34.11
C LYS C 269 6.50 -33.38 -32.70
N PRO C 270 6.11 -32.15 -32.38
CA PRO C 270 6.28 -31.64 -31.02
C PRO C 270 5.12 -32.10 -30.12
N GLU C 271 5.13 -31.58 -28.89
CA GLU C 271 4.06 -31.87 -27.95
C GLU C 271 2.75 -31.26 -28.41
N TRP C 272 1.64 -31.79 -27.88
CA TRP C 272 0.32 -31.47 -28.40
C TRP C 272 -0.03 -30.00 -28.28
N TYR C 273 0.62 -29.26 -27.39
CA TYR C 273 0.27 -27.88 -27.09
C TYR C 273 1.07 -26.87 -27.92
N PHE C 274 1.84 -27.34 -28.90
CA PHE C 274 2.51 -26.47 -29.87
C PHE C 274 2.16 -26.81 -31.31
N LEU C 275 1.38 -27.87 -31.56
CA LEU C 275 1.17 -28.36 -32.91
C LEU C 275 0.57 -27.30 -33.82
N PHE C 276 -0.29 -26.43 -33.28
CA PHE C 276 -0.90 -25.40 -34.12
C PHE C 276 0.17 -24.49 -34.72
N ALA C 277 1.18 -24.11 -33.94
CA ALA C 277 2.29 -23.36 -34.50
C ALA C 277 3.02 -24.19 -35.53
N TYR C 278 3.22 -25.47 -35.23
CA TYR C 278 3.83 -26.38 -36.20
C TYR C 278 2.96 -26.56 -37.43
N ALA C 279 1.66 -26.29 -37.34
CA ALA C 279 0.82 -26.30 -38.53
C ALA C 279 1.00 -25.02 -39.34
N ILE C 280 1.22 -23.89 -38.66
CA ILE C 280 1.38 -22.63 -39.38
C ILE C 280 2.71 -22.61 -40.12
N LEU C 281 3.79 -23.00 -39.43
CA LEU C 281 5.12 -22.91 -40.02
C LEU C 281 5.24 -23.82 -41.23
N ARG C 282 4.63 -25.00 -41.18
CA ARG C 282 4.64 -25.89 -42.33
C ARG C 282 3.86 -25.34 -43.51
N SER C 283 2.94 -24.42 -43.28
CA SER C 283 2.08 -23.96 -44.38
C SER C 283 2.87 -23.12 -45.38
N ILE C 284 3.63 -22.15 -44.90
CA ILE C 284 4.34 -21.23 -45.77
C ILE C 284 5.60 -21.93 -46.30
N PRO C 285 5.80 -22.07 -47.64
CA PRO C 285 7.09 -22.57 -48.14
C PRO C 285 8.14 -21.48 -48.25
N ASN C 286 8.53 -20.92 -47.12
CA ASN C 286 9.56 -19.89 -47.05
C ASN C 286 10.07 -19.80 -45.63
N LYS C 287 11.39 -19.75 -45.47
CA LYS C 287 11.99 -19.85 -44.15
C LYS C 287 11.68 -18.63 -43.30
N LEU C 288 12.09 -17.46 -43.75
CA LEU C 288 11.84 -16.23 -42.99
C LEU C 288 10.35 -15.97 -42.88
N GLY C 289 9.60 -16.20 -43.95
CA GLY C 289 8.16 -16.03 -43.88
C GLY C 289 7.51 -16.97 -42.90
N GLY C 290 7.96 -18.23 -42.87
CA GLY C 290 7.42 -19.18 -41.90
C GLY C 290 7.71 -18.78 -40.47
N VAL C 291 8.94 -18.34 -40.19
CA VAL C 291 9.28 -17.95 -38.83
C VAL C 291 8.49 -16.71 -38.42
N LEU C 292 8.33 -15.75 -39.33
CA LEU C 292 7.55 -14.56 -39.01
C LEU C 292 6.09 -14.90 -38.78
N ALA C 293 5.54 -15.82 -39.56
CA ALA C 293 4.17 -16.25 -39.34
C ALA C 293 4.02 -16.93 -37.99
N LEU C 294 4.99 -17.76 -37.61
CA LEU C 294 4.95 -18.41 -36.29
C LEU C 294 4.99 -17.38 -35.18
N ALA C 295 5.86 -16.38 -35.29
CA ALA C 295 5.95 -15.36 -34.25
C ALA C 295 4.66 -14.54 -34.17
N PHE C 296 4.12 -14.16 -35.33
CA PHE C 296 2.93 -13.31 -35.34
C PHE C 296 1.69 -14.05 -34.88
N SER C 297 1.62 -15.36 -35.11
CA SER C 297 0.46 -16.13 -34.66
C SER C 297 0.33 -16.12 -33.14
N ILE C 298 1.45 -15.96 -32.43
CA ILE C 298 1.43 -15.87 -30.97
C ILE C 298 1.34 -14.43 -30.51
N LEU C 299 2.01 -13.51 -31.22
CA LEU C 299 2.02 -12.10 -30.82
C LEU C 299 0.81 -11.32 -31.30
N ILE C 300 -0.13 -11.94 -32.02
CA ILE C 300 -1.33 -11.23 -32.43
C ILE C 300 -2.26 -10.96 -31.26
N LEU C 301 -2.08 -11.64 -30.13
CA LEU C 301 -2.88 -11.34 -28.95
C LEU C 301 -2.62 -9.95 -28.42
N ALA C 302 -1.44 -9.39 -28.68
CA ALA C 302 -1.14 -8.04 -28.22
C ALA C 302 -1.94 -6.99 -28.97
N LEU C 303 -2.37 -7.29 -30.20
CA LEU C 303 -3.15 -6.36 -31.00
C LEU C 303 -4.66 -6.53 -30.83
N ILE C 304 -5.10 -7.47 -29.99
CA ILE C 304 -6.55 -7.67 -29.81
C ILE C 304 -7.23 -6.45 -29.21
N PRO C 305 -6.70 -5.77 -28.19
CA PRO C 305 -7.40 -4.57 -27.68
C PRO C 305 -7.58 -3.47 -28.71
N LEU C 306 -6.68 -3.36 -29.67
CA LEU C 306 -6.77 -2.27 -30.65
C LEU C 306 -7.88 -2.49 -31.67
N LEU C 307 -8.30 -3.72 -31.89
CA LEU C 307 -9.30 -4.04 -32.89
C LEU C 307 -10.73 -4.02 -32.35
N HIS C 308 -10.94 -3.65 -31.09
CA HIS C 308 -12.28 -3.65 -30.53
C HIS C 308 -13.07 -2.46 -31.05
N THR C 309 -14.28 -2.74 -31.57
CA THR C 309 -15.09 -1.72 -32.22
C THR C 309 -16.56 -1.77 -31.81
N SER C 310 -16.91 -2.52 -30.78
CA SER C 310 -18.31 -2.70 -30.38
C SER C 310 -18.64 -1.83 -29.18
N LYS C 311 -19.91 -1.46 -29.08
CA LYS C 311 -20.37 -0.68 -27.94
C LYS C 311 -20.54 -1.52 -26.69
N GLN C 312 -20.68 -2.84 -26.83
CA GLN C 312 -20.89 -3.75 -25.72
C GLN C 312 -19.60 -4.53 -25.47
N ARG C 313 -19.22 -4.64 -24.20
CA ARG C 313 -17.93 -5.22 -23.84
C ARG C 313 -17.87 -6.71 -24.14
N SER C 314 -18.86 -7.46 -23.68
CA SER C 314 -18.85 -8.92 -23.72
C SER C 314 -19.70 -9.45 -24.86
N MET C 315 -19.36 -10.66 -25.31
CA MET C 315 -20.08 -11.33 -26.39
C MET C 315 -21.37 -11.98 -25.95
N MET C 316 -21.81 -11.76 -24.71
CA MET C 316 -23.03 -12.39 -24.23
C MET C 316 -24.24 -11.95 -25.02
N PHE C 317 -24.22 -10.74 -25.58
CA PHE C 317 -25.35 -10.14 -26.28
C PHE C 317 -25.04 -9.86 -27.75
N ARG C 318 -24.08 -10.58 -28.32
CA ARG C 318 -23.56 -10.31 -29.67
C ARG C 318 -23.51 -11.62 -30.46
N PRO C 319 -24.64 -12.06 -31.04
CA PRO C 319 -24.66 -13.39 -31.67
C PRO C 319 -23.66 -13.61 -32.79
N LEU C 320 -23.43 -12.61 -33.64
CA LEU C 320 -22.49 -12.78 -34.75
C LEU C 320 -21.07 -12.96 -34.22
N SER C 321 -20.70 -12.18 -33.21
CA SER C 321 -19.38 -12.32 -32.61
C SER C 321 -19.22 -13.71 -32.00
N GLN C 322 -20.29 -14.24 -31.40
CA GLN C 322 -20.24 -15.59 -30.84
C GLN C 322 -20.00 -16.63 -31.92
N CYS C 323 -20.70 -16.51 -33.05
CA CYS C 323 -20.50 -17.45 -34.15
C CYS C 323 -19.07 -17.40 -34.65
N LEU C 324 -18.52 -16.19 -34.82
CA LEU C 324 -17.15 -16.08 -35.29
C LEU C 324 -16.16 -16.64 -34.27
N PHE C 325 -16.43 -16.45 -32.98
CA PHE C 325 -15.55 -16.98 -31.94
C PHE C 325 -15.51 -18.50 -31.98
N TRP C 326 -16.66 -19.14 -32.13
CA TRP C 326 -16.65 -20.60 -32.18
C TRP C 326 -16.05 -21.10 -33.49
N ALA C 327 -16.18 -20.33 -34.57
CA ALA C 327 -15.48 -20.69 -35.80
C ALA C 327 -13.97 -20.64 -35.60
N LEU C 328 -13.49 -19.63 -34.86
CA LEU C 328 -12.07 -19.54 -34.56
C LEU C 328 -11.60 -20.75 -33.73
N VAL C 329 -12.40 -21.14 -32.74
CA VAL C 329 -12.01 -22.28 -31.90
C VAL C 329 -11.96 -23.56 -32.74
N ALA C 330 -12.95 -23.75 -33.61
CA ALA C 330 -12.94 -24.91 -34.49
C ALA C 330 -11.72 -24.89 -35.42
N ASP C 331 -11.33 -23.70 -35.88
CA ASP C 331 -10.16 -23.61 -36.74
C ASP C 331 -8.87 -23.96 -36.00
N LEU C 332 -8.76 -23.53 -34.74
CA LEU C 332 -7.61 -23.92 -33.94
C LEU C 332 -7.55 -25.43 -33.74
N LEU C 333 -8.71 -26.04 -33.51
CA LEU C 333 -8.75 -27.50 -33.42
C LEU C 333 -8.33 -28.15 -34.74
N THR C 334 -8.74 -27.57 -35.86
CA THR C 334 -8.34 -28.09 -37.17
C THR C 334 -6.84 -28.02 -37.34
N LEU C 335 -6.23 -26.90 -36.95
CA LEU C 335 -4.78 -26.78 -37.05
C LEU C 335 -4.07 -27.78 -36.16
N THR C 336 -4.61 -28.00 -34.95
CA THR C 336 -4.00 -28.98 -34.05
C THR C 336 -4.10 -30.38 -34.62
N TRP C 337 -5.20 -30.70 -35.29
CA TRP C 337 -5.30 -31.99 -35.97
C TRP C 337 -4.30 -32.09 -37.11
N ILE C 338 -4.16 -31.02 -37.90
CA ILE C 338 -3.28 -31.07 -39.07
C ILE C 338 -1.82 -31.20 -38.65
N GLY C 339 -1.42 -30.56 -37.56
CA GLY C 339 -0.03 -30.56 -37.16
C GLY C 339 0.53 -31.93 -36.82
N GLY C 340 -0.33 -32.90 -36.52
CA GLY C 340 0.08 -34.25 -36.21
C GLY C 340 0.13 -35.20 -37.38
N GLN C 341 0.00 -34.72 -38.61
CA GLN C 341 -0.08 -35.52 -39.82
C GLN C 341 1.14 -35.28 -40.70
N PRO C 342 1.48 -36.21 -41.59
CA PRO C 342 2.61 -35.97 -42.49
C PRO C 342 2.29 -34.91 -43.53
N VAL C 343 3.33 -34.22 -43.99
CA VAL C 343 3.17 -33.21 -45.03
C VAL C 343 2.92 -33.94 -46.35
N GLU C 344 1.67 -33.92 -46.79
CA GLU C 344 1.29 -34.63 -48.01
C GLU C 344 -0.11 -34.17 -48.39
N HIS C 345 -0.52 -34.53 -49.61
CA HIS C 345 -1.86 -34.21 -50.05
C HIS C 345 -2.88 -35.01 -49.24
N PRO C 346 -4.04 -34.43 -48.90
CA PRO C 346 -4.57 -33.08 -49.05
C PRO C 346 -4.31 -32.18 -47.84
N TYR C 347 -3.47 -32.64 -46.92
CA TYR C 347 -3.29 -31.91 -45.66
C TYR C 347 -2.58 -30.57 -45.86
N ILE C 348 -1.78 -30.43 -46.92
CA ILE C 348 -1.11 -29.16 -47.17
C ILE C 348 -2.13 -28.07 -47.47
N THR C 349 -3.07 -28.35 -48.36
CA THR C 349 -4.09 -27.38 -48.71
C THR C 349 -4.94 -27.03 -47.49
N ILE C 350 -5.31 -28.04 -46.70
CA ILE C 350 -6.15 -27.81 -45.53
C ILE C 350 -5.41 -26.95 -44.53
N GLY C 351 -4.12 -27.22 -44.32
CA GLY C 351 -3.35 -26.41 -43.38
C GLY C 351 -3.22 -24.96 -43.82
N GLN C 352 -2.95 -24.75 -45.10
CA GLN C 352 -2.84 -23.38 -45.62
C GLN C 352 -4.17 -22.64 -45.49
N LEU C 353 -5.28 -23.30 -45.83
CA LEU C 353 -6.58 -22.66 -45.72
C LEU C 353 -6.92 -22.36 -44.26
N ALA C 354 -6.56 -23.26 -43.35
CA ALA C 354 -6.83 -23.04 -41.94
C ALA C 354 -6.03 -21.85 -41.42
N SER C 355 -4.76 -21.72 -41.81
CA SER C 355 -3.97 -20.58 -41.36
C SER C 355 -4.53 -19.27 -41.90
N VAL C 356 -4.92 -19.26 -43.18
CA VAL C 356 -5.52 -18.06 -43.76
C VAL C 356 -6.80 -17.71 -43.01
N LEU C 357 -7.63 -18.71 -42.71
CA LEU C 357 -8.88 -18.46 -42.00
C LEU C 357 -8.62 -17.94 -40.59
N TYR C 358 -7.59 -18.46 -39.93
CA TYR C 358 -7.22 -18.00 -38.59
C TYR C 358 -6.91 -16.51 -38.60
N PHE C 359 -5.99 -16.09 -39.48
CA PHE C 359 -5.60 -14.69 -39.50
C PHE C 359 -6.74 -13.80 -39.96
N LEU C 360 -7.53 -14.26 -40.95
CA LEU C 360 -8.64 -13.46 -41.44
C LEU C 360 -9.70 -13.27 -40.35
N LEU C 361 -9.99 -14.32 -39.59
CA LEU C 361 -10.98 -14.21 -38.52
C LEU C 361 -10.51 -13.25 -37.44
N ILE C 362 -9.24 -13.32 -37.04
CA ILE C 362 -8.77 -12.43 -35.99
C ILE C 362 -8.76 -10.98 -36.47
N LEU C 363 -8.28 -10.74 -37.69
CA LEU C 363 -7.97 -9.38 -38.12
C LEU C 363 -9.14 -8.67 -38.79
N VAL C 364 -9.86 -9.33 -39.68
CA VAL C 364 -10.82 -8.67 -40.57
C VAL C 364 -12.25 -8.81 -40.07
N LEU C 365 -12.69 -10.03 -39.79
CA LEU C 365 -14.12 -10.28 -39.63
C LEU C 365 -14.67 -9.82 -38.29
N MET C 366 -13.90 -9.90 -37.22
CA MET C 366 -14.42 -9.50 -35.91
C MET C 366 -14.75 -8.02 -35.83
N PRO C 367 -13.86 -7.09 -36.23
CA PRO C 367 -14.27 -5.67 -36.26
C PRO C 367 -15.44 -5.38 -37.17
N THR C 368 -15.53 -6.08 -38.31
CA THR C 368 -16.64 -5.88 -39.22
C THR C 368 -17.96 -6.29 -38.58
N ALA C 369 -17.97 -7.42 -37.89
CA ALA C 369 -19.17 -7.85 -37.19
C ALA C 369 -19.52 -6.87 -36.08
N GLY C 370 -18.52 -6.35 -35.38
CA GLY C 370 -18.79 -5.35 -34.36
C GLY C 370 -19.45 -4.10 -34.91
N THR C 371 -18.93 -3.60 -36.04
CA THR C 371 -19.53 -2.42 -36.66
C THR C 371 -20.95 -2.69 -37.16
N ILE C 372 -21.17 -3.86 -37.74
CA ILE C 372 -22.52 -4.20 -38.21
C ILE C 372 -23.48 -4.25 -37.03
N GLU C 373 -23.08 -4.89 -35.94
CA GLU C 373 -23.93 -4.95 -34.76
C GLU C 373 -24.16 -3.56 -34.17
N ASN C 374 -23.18 -2.67 -34.27
CA ASN C 374 -23.39 -1.29 -33.84
C ASN C 374 -24.47 -0.62 -34.67
N LYS C 375 -24.46 -0.86 -35.99
CA LYS C 375 -25.48 -0.25 -36.84
C LYS C 375 -26.85 -0.88 -36.61
N LEU C 376 -26.91 -2.16 -36.24
CA LEU C 376 -28.20 -2.79 -36.02
C LEU C 376 -28.90 -2.25 -34.78
N LEU C 377 -28.15 -1.93 -33.73
CA LEU C 377 -28.72 -1.42 -32.49
C LEU C 377 -28.96 0.09 -32.50
N LYS C 378 -28.64 0.78 -33.60
CA LYS C 378 -28.90 2.21 -33.74
C LYS C 378 -28.13 3.04 -32.72
N TRP C 379 -26.81 2.85 -32.73
CA TRP C 379 -25.91 3.71 -31.95
C TRP C 379 -24.47 3.57 -32.43
N SER D 1 8.62 -49.69 -49.13
CA SER D 1 7.27 -49.14 -49.40
C SER D 1 6.76 -48.33 -48.20
N ASP D 2 5.68 -47.57 -48.43
CA ASP D 2 5.10 -46.73 -47.41
C ASP D 2 3.94 -47.38 -46.66
N LEU D 3 3.54 -48.59 -47.03
CA LEU D 3 2.41 -49.24 -46.40
C LEU D 3 2.71 -49.56 -44.94
N GLU D 4 1.68 -49.49 -44.12
CA GLU D 4 1.75 -49.83 -42.70
C GLU D 4 0.57 -50.72 -42.35
N LEU D 5 0.76 -51.55 -41.34
CA LEU D 5 -0.24 -52.51 -40.89
C LEU D 5 -0.43 -52.33 -39.39
N HIS D 6 -1.60 -51.87 -39.00
CA HIS D 6 -1.90 -51.66 -37.59
C HIS D 6 -2.10 -53.01 -36.91
N PRO D 7 -1.40 -53.33 -35.81
CA PRO D 7 -1.64 -54.61 -35.15
C PRO D 7 -3.03 -54.65 -34.55
N PRO D 8 -3.64 -55.83 -34.44
CA PRO D 8 -4.93 -55.92 -33.76
C PRO D 8 -4.77 -55.84 -32.25
N SER D 9 -5.89 -55.64 -31.57
CA SER D 9 -5.93 -55.52 -30.11
C SER D 9 -6.27 -56.89 -29.53
N TYR D 10 -5.27 -57.55 -28.96
CA TYR D 10 -5.48 -58.83 -28.29
C TYR D 10 -6.01 -58.59 -26.87
N PRO D 11 -6.81 -59.51 -26.32
CA PRO D 11 -7.33 -59.31 -24.96
C PRO D 11 -6.37 -59.83 -23.89
N TRP D 12 -5.34 -59.04 -23.60
CA TRP D 12 -4.37 -59.43 -22.60
C TRP D 12 -5.03 -59.49 -21.23
N SER D 13 -4.47 -60.34 -20.35
CA SER D 13 -5.05 -60.52 -19.03
C SER D 13 -5.00 -59.24 -18.21
N HIS D 14 -4.02 -58.38 -18.47
CA HIS D 14 -3.90 -57.10 -17.80
C HIS D 14 -4.48 -55.94 -18.60
N ARG D 15 -5.27 -56.24 -19.63
CA ARG D 15 -5.87 -55.18 -20.44
C ARG D 15 -6.85 -54.33 -19.64
N GLY D 16 -7.43 -54.86 -18.58
CA GLY D 16 -8.45 -54.15 -17.85
C GLY D 16 -7.92 -52.94 -17.10
N LEU D 17 -8.86 -52.15 -16.60
CA LEU D 17 -8.51 -50.93 -15.88
C LEU D 17 -7.80 -51.24 -14.57
N LEU D 18 -8.26 -52.27 -13.85
CA LEU D 18 -7.70 -52.67 -12.57
C LEU D 18 -6.94 -53.99 -12.64
N SER D 19 -6.96 -54.70 -13.75
CA SER D 19 -6.30 -55.99 -13.85
C SER D 19 -4.79 -55.83 -13.76
N SER D 20 -4.15 -56.76 -13.07
CA SER D 20 -2.71 -56.76 -12.85
C SER D 20 -2.05 -57.86 -13.67
N LEU D 21 -0.72 -57.87 -13.65
CA LEU D 21 0.05 -58.84 -14.42
C LEU D 21 0.04 -60.20 -13.74
N ASP D 22 0.07 -61.25 -14.55
CA ASP D 22 0.18 -62.62 -14.06
C ASP D 22 1.65 -62.97 -13.91
N HIS D 23 2.04 -63.31 -12.68
CA HIS D 23 3.46 -63.43 -12.36
C HIS D 23 4.06 -64.73 -12.88
N THR D 24 3.25 -65.78 -13.05
CA THR D 24 3.78 -67.00 -13.64
C THR D 24 4.19 -66.77 -15.09
N SER D 25 3.41 -65.98 -15.82
CA SER D 25 3.81 -65.62 -17.18
C SER D 25 5.09 -64.81 -17.18
N ILE D 26 5.28 -63.96 -16.17
CA ILE D 26 6.53 -63.21 -16.06
C ILE D 26 7.70 -64.17 -15.86
N ARG D 27 7.52 -65.19 -15.04
CA ARG D 27 8.57 -66.18 -14.82
C ARG D 27 8.92 -66.90 -16.11
N ARG D 28 7.90 -67.36 -16.84
CA ARG D 28 8.15 -68.07 -18.09
C ARG D 28 8.81 -67.17 -19.12
N GLY D 29 8.38 -65.91 -19.20
CA GLY D 29 9.00 -64.98 -20.14
C GLY D 29 10.44 -64.68 -19.78
N PHE D 30 10.75 -64.63 -18.49
CA PHE D 30 12.14 -64.44 -18.09
C PHE D 30 12.98 -65.63 -18.54
N GLN D 31 12.45 -66.85 -18.42
CA GLN D 31 13.19 -68.00 -18.92
C GLN D 31 13.38 -67.92 -20.43
N VAL D 32 12.34 -67.49 -21.15
CA VAL D 32 12.45 -67.33 -22.60
C VAL D 32 13.53 -66.33 -22.95
N TYR D 33 13.57 -65.20 -22.24
CA TYR D 33 14.62 -64.20 -22.50
C TYR D 33 15.99 -64.78 -22.23
N LYS D 34 16.15 -65.46 -21.09
CA LYS D 34 17.47 -65.94 -20.69
C LYS D 34 18.02 -66.94 -21.69
N GLN D 35 17.19 -67.88 -22.14
CA GLN D 35 17.70 -69.00 -22.93
C GLN D 35 17.62 -68.80 -24.44
N VAL D 36 16.99 -67.73 -24.92
CA VAL D 36 16.84 -67.48 -26.36
C VAL D 36 17.30 -66.08 -26.73
N CYS D 37 16.69 -65.06 -26.12
CA CYS D 37 16.87 -63.70 -26.58
C CYS D 37 18.14 -63.04 -26.05
N SER D 38 18.77 -63.59 -25.02
CA SER D 38 19.93 -62.94 -24.42
C SER D 38 21.19 -63.05 -25.27
N SER D 39 21.19 -63.86 -26.32
CA SER D 39 22.39 -64.00 -27.13
C SER D 39 22.65 -62.76 -27.98
N CYS D 40 21.59 -62.12 -28.47
CA CYS D 40 21.68 -60.93 -29.29
C CYS D 40 21.30 -59.66 -28.55
N HIS D 41 20.09 -59.61 -27.98
CA HIS D 41 19.58 -58.37 -27.40
C HIS D 41 20.17 -58.12 -26.03
N SER D 42 19.93 -56.91 -25.52
CA SER D 42 20.42 -56.47 -24.22
C SER D 42 19.28 -55.89 -23.41
N MET D 43 19.44 -55.95 -22.09
CA MET D 43 18.44 -55.46 -21.14
C MET D 43 19.21 -54.78 -20.01
N ASP D 44 19.44 -53.48 -20.17
CA ASP D 44 20.49 -52.82 -19.39
C ASP D 44 20.03 -52.36 -18.03
N TYR D 45 18.75 -51.98 -17.88
CA TYR D 45 18.24 -51.33 -16.69
C TYR D 45 17.45 -52.28 -15.80
N VAL D 46 17.79 -53.57 -15.81
CA VAL D 46 17.15 -54.58 -14.98
C VAL D 46 18.24 -55.39 -14.31
N ALA D 47 18.11 -55.58 -13.00
CA ALA D 47 19.06 -56.33 -12.18
C ALA D 47 18.40 -57.57 -11.62
N TYR D 48 19.24 -58.49 -11.12
CA TYR D 48 18.70 -59.71 -10.53
C TYR D 48 17.96 -59.43 -9.24
N ARG D 49 18.31 -58.35 -8.54
CA ARG D 49 17.59 -57.99 -7.33
C ARG D 49 16.16 -57.55 -7.62
N HIS D 50 15.86 -57.13 -8.84
CA HIS D 50 14.50 -56.74 -9.18
C HIS D 50 13.57 -57.94 -9.30
N LEU D 51 14.12 -59.10 -9.70
CA LEU D 51 13.28 -60.29 -9.84
C LEU D 51 12.77 -60.81 -8.50
N VAL D 52 13.44 -60.48 -7.40
CA VAL D 52 13.00 -60.96 -6.09
C VAL D 52 11.70 -60.27 -5.71
N GLY D 53 10.72 -61.05 -5.26
CA GLY D 53 9.43 -60.53 -4.89
C GLY D 53 8.48 -60.30 -6.05
N VAL D 54 8.77 -60.84 -7.23
CA VAL D 54 7.90 -60.74 -8.40
C VAL D 54 7.61 -62.14 -8.91
N CYS D 55 8.69 -62.88 -9.21
CA CYS D 55 8.57 -64.26 -9.66
C CYS D 55 9.64 -65.17 -9.10
N TYR D 56 10.51 -64.70 -8.21
CA TYR D 56 11.55 -65.53 -7.63
C TYR D 56 11.74 -65.13 -6.17
N THR D 57 12.27 -66.06 -5.39
CA THR D 57 12.68 -65.80 -4.03
C THR D 57 14.15 -65.40 -4.01
N GLU D 58 14.66 -65.02 -2.85
CA GLU D 58 16.05 -64.58 -2.76
C GLU D 58 17.02 -65.70 -3.10
N ASP D 59 16.73 -66.92 -2.65
CA ASP D 59 17.61 -68.04 -2.94
C ASP D 59 17.62 -68.38 -4.42
N GLU D 60 16.44 -68.41 -5.04
CA GLU D 60 16.37 -68.69 -6.48
C GLU D 60 17.03 -67.59 -7.29
N ALA D 61 16.84 -66.33 -6.88
CA ALA D 61 17.46 -65.23 -7.60
C ALA D 61 18.98 -65.28 -7.47
N LYS D 62 19.48 -65.61 -6.28
CA LYS D 62 20.92 -65.75 -6.10
C LYS D 62 21.47 -66.89 -6.93
N ALA D 63 20.72 -68.01 -7.01
CA ALA D 63 21.15 -69.11 -7.86
C ALA D 63 21.21 -68.69 -9.32
N LEU D 64 20.23 -67.92 -9.79
CA LEU D 64 20.26 -67.43 -11.16
C LEU D 64 21.44 -66.49 -11.39
N ALA D 65 21.72 -65.62 -10.42
CA ALA D 65 22.81 -64.66 -10.59
C ALA D 65 24.17 -65.35 -10.58
N GLU D 66 24.33 -66.40 -9.78
CA GLU D 66 25.63 -67.07 -9.66
C GLU D 66 26.06 -67.80 -10.93
N GLU D 67 25.18 -67.96 -11.92
CA GLU D 67 25.49 -68.68 -13.15
C GLU D 67 26.11 -67.78 -14.21
N VAL D 68 26.70 -66.66 -13.82
CA VAL D 68 27.21 -65.66 -14.75
C VAL D 68 28.59 -65.22 -14.28
N GLU D 69 29.50 -65.03 -15.23
CA GLU D 69 30.82 -64.47 -14.95
C GLU D 69 30.77 -62.96 -15.16
N VAL D 70 31.12 -62.21 -14.12
CA VAL D 70 31.14 -60.75 -14.16
C VAL D 70 32.55 -60.29 -13.86
N GLN D 71 33.04 -59.33 -14.66
CA GLN D 71 34.38 -58.82 -14.50
C GLN D 71 34.39 -57.72 -13.43
N ASP D 72 35.28 -57.87 -12.45
CA ASP D 72 35.45 -56.89 -11.38
C ASP D 72 36.93 -56.70 -11.12
N GLY D 73 37.25 -55.57 -10.52
CA GLY D 73 38.62 -55.23 -10.20
C GLY D 73 38.77 -53.75 -9.91
N PRO D 74 40.01 -53.29 -9.70
CA PRO D 74 41.28 -54.03 -9.70
C PRO D 74 41.58 -54.69 -8.37
N ASN D 75 42.40 -55.74 -8.39
CA ASN D 75 42.82 -56.41 -7.17
C ASN D 75 43.98 -55.63 -6.54
N GLU D 76 44.63 -56.22 -5.54
CA GLU D 76 45.71 -55.52 -4.85
C GLU D 76 46.91 -55.28 -5.76
N ASP D 77 47.16 -56.16 -6.72
CA ASP D 77 48.25 -55.98 -7.67
C ASP D 77 47.91 -55.04 -8.82
N GLY D 78 46.65 -54.65 -8.97
CA GLY D 78 46.24 -53.79 -10.07
C GLY D 78 45.90 -54.56 -11.33
N GLU D 79 45.04 -55.56 -11.20
CA GLU D 79 44.59 -56.38 -12.31
C GLU D 79 43.10 -56.64 -12.18
N MET D 80 42.42 -56.74 -13.32
CA MET D 80 41.00 -57.07 -13.35
C MET D 80 40.82 -58.57 -13.49
N PHE D 81 39.83 -59.10 -12.78
CA PHE D 81 39.54 -60.53 -12.72
C PHE D 81 38.05 -60.76 -12.93
N MET D 82 37.65 -62.03 -12.92
CA MET D 82 36.27 -62.45 -13.05
C MET D 82 35.78 -63.04 -11.74
N ARG D 83 34.48 -62.99 -11.50
CA ARG D 83 33.89 -63.55 -10.30
C ARG D 83 32.47 -63.98 -10.61
N PRO D 84 31.82 -64.73 -9.72
CA PRO D 84 30.39 -64.99 -9.87
C PRO D 84 29.57 -63.73 -9.62
N GLY D 85 28.38 -63.72 -10.21
CA GLY D 85 27.49 -62.58 -10.05
C GLY D 85 26.89 -62.51 -8.66
N LYS D 86 26.29 -61.36 -8.37
CA LYS D 86 25.57 -61.08 -7.13
C LYS D 86 24.19 -60.58 -7.49
N LEU D 87 23.36 -60.34 -6.47
CA LEU D 87 22.04 -59.77 -6.72
C LEU D 87 22.11 -58.33 -7.20
N SER D 88 23.20 -57.62 -6.94
CA SER D 88 23.32 -56.23 -7.32
C SER D 88 23.77 -56.04 -8.77
N ASP D 89 24.11 -57.11 -9.48
CA ASP D 89 24.66 -57.01 -10.82
C ASP D 89 23.54 -56.98 -11.85
N TYR D 90 23.71 -56.10 -12.84
CA TYR D 90 22.77 -56.06 -13.95
C TYR D 90 23.02 -57.24 -14.88
N PHE D 91 22.06 -57.48 -15.77
CA PHE D 91 22.19 -58.60 -16.69
C PHE D 91 23.40 -58.38 -17.59
N PRO D 92 24.10 -59.44 -17.98
CA PRO D 92 25.33 -59.23 -18.78
C PRO D 92 24.99 -58.77 -20.18
N LYS D 93 25.79 -57.84 -20.68
CA LYS D 93 25.60 -57.39 -22.05
C LYS D 93 26.15 -58.44 -23.01
N PRO D 94 25.55 -58.60 -24.20
CA PRO D 94 26.06 -59.61 -25.12
C PRO D 94 27.26 -59.15 -25.92
N TYR D 95 27.35 -57.84 -26.19
CA TYR D 95 28.44 -57.22 -26.94
C TYR D 95 28.97 -56.03 -26.17
N PRO D 96 30.25 -55.62 -26.42
CA PRO D 96 30.80 -54.50 -25.65
C PRO D 96 30.49 -53.13 -26.24
N ASN D 97 30.06 -53.05 -27.50
CA ASN D 97 29.84 -51.78 -28.15
C ASN D 97 28.91 -51.98 -29.33
N PRO D 98 28.30 -50.91 -29.85
CA PRO D 98 27.41 -51.07 -31.01
C PRO D 98 28.10 -51.61 -32.26
N GLU D 99 29.38 -51.30 -32.45
CA GLU D 99 30.08 -51.77 -33.65
C GLU D 99 30.21 -53.28 -33.66
N ALA D 100 30.53 -53.88 -32.52
CA ALA D 100 30.61 -55.34 -32.43
C ALA D 100 29.24 -55.96 -32.69
N ALA D 101 28.18 -55.34 -32.19
CA ALA D 101 26.84 -55.84 -32.47
C ALA D 101 26.53 -55.78 -33.96
N ARG D 102 26.88 -54.67 -34.61
CA ARG D 102 26.64 -54.55 -36.04
C ARG D 102 27.48 -55.53 -36.84
N ALA D 103 28.67 -55.87 -36.35
CA ALA D 103 29.54 -56.79 -37.07
C ALA D 103 28.96 -58.20 -37.11
N ALA D 104 28.26 -58.61 -36.06
CA ALA D 104 27.75 -59.96 -35.94
C ALA D 104 26.34 -60.15 -36.47
N ASN D 105 25.72 -59.10 -37.03
CA ASN D 105 24.34 -59.17 -37.51
C ASN D 105 24.18 -58.48 -38.87
N ASN D 106 25.25 -58.43 -39.68
CA ASN D 106 25.21 -57.83 -41.01
C ASN D 106 24.78 -56.36 -40.95
N GLY D 107 25.34 -55.62 -40.01
CA GLY D 107 25.14 -54.19 -39.96
C GLY D 107 23.87 -53.73 -39.28
N ALA D 108 23.04 -54.64 -38.78
CA ALA D 108 21.83 -54.31 -38.06
C ALA D 108 22.09 -54.33 -36.57
N LEU D 109 21.67 -53.28 -35.87
CA LEU D 109 21.89 -53.16 -34.44
C LEU D 109 20.68 -53.72 -33.69
N PRO D 110 20.82 -54.78 -32.88
CA PRO D 110 19.67 -55.24 -32.08
C PRO D 110 19.33 -54.24 -31.00
N PRO D 111 18.10 -53.70 -30.97
CA PRO D 111 17.79 -52.68 -29.95
C PRO D 111 17.71 -53.26 -28.55
N ASP D 112 17.89 -52.37 -27.58
CA ASP D 112 17.72 -52.71 -26.18
C ASP D 112 16.24 -52.95 -25.88
N LEU D 113 15.96 -53.98 -25.09
CA LEU D 113 14.59 -54.43 -24.82
C LEU D 113 14.04 -53.92 -23.51
N SER D 114 14.73 -53.01 -22.82
CA SER D 114 14.26 -52.53 -21.53
C SER D 114 13.05 -51.61 -21.65
N TYR D 115 12.83 -50.98 -22.81
CA TYR D 115 11.70 -50.10 -23.02
C TYR D 115 11.05 -50.31 -24.38
N ILE D 116 11.25 -51.48 -24.99
CA ILE D 116 10.76 -51.69 -26.35
C ILE D 116 9.23 -51.67 -26.36
N VAL D 117 8.59 -52.06 -25.26
CA VAL D 117 7.13 -52.00 -25.21
C VAL D 117 6.67 -50.55 -25.23
N ARG D 118 7.33 -49.68 -24.48
CA ARG D 118 6.97 -48.27 -24.46
C ARG D 118 7.48 -47.51 -25.68
N ALA D 119 8.45 -48.05 -26.40
CA ALA D 119 9.10 -47.35 -27.50
C ALA D 119 8.47 -47.61 -28.85
N ARG D 120 7.35 -48.34 -28.91
CA ARG D 120 6.70 -48.68 -30.17
C ARG D 120 5.20 -48.46 -30.03
N HIS D 121 4.57 -48.12 -31.16
CA HIS D 121 3.13 -47.88 -31.19
C HIS D 121 2.42 -49.22 -31.33
N GLY D 122 1.87 -49.70 -30.22
CA GLY D 122 1.21 -51.00 -30.17
C GLY D 122 1.53 -51.76 -28.90
N GLY D 123 2.71 -51.53 -28.35
CA GLY D 123 3.07 -52.13 -27.09
C GLY D 123 3.29 -53.62 -27.18
N GLU D 124 2.46 -54.39 -26.49
CA GLU D 124 2.57 -55.85 -26.54
C GLU D 124 2.05 -56.39 -27.86
N ASP D 125 1.06 -55.72 -28.46
CA ASP D 125 0.48 -56.20 -29.71
C ASP D 125 1.52 -56.20 -30.82
N TYR D 126 2.32 -55.15 -30.90
CA TYR D 126 3.33 -55.06 -31.94
C TYR D 126 4.34 -56.19 -31.82
N VAL D 127 4.83 -56.44 -30.60
CA VAL D 127 5.83 -57.47 -30.42
C VAL D 127 5.24 -58.85 -30.69
N PHE D 128 4.01 -59.08 -30.22
CA PHE D 128 3.39 -60.38 -30.43
C PHE D 128 3.13 -60.64 -31.91
N SER D 129 2.67 -59.63 -32.64
CA SER D 129 2.44 -59.80 -34.07
C SER D 129 3.76 -59.94 -34.82
N LEU D 130 4.80 -59.25 -34.37
CA LEU D 130 6.10 -59.37 -35.02
C LEU D 130 6.68 -60.77 -34.85
N LEU D 131 6.58 -61.33 -33.65
CA LEU D 131 7.15 -62.64 -33.39
C LEU D 131 6.35 -63.77 -34.03
N THR D 132 5.13 -63.50 -34.50
CA THR D 132 4.25 -64.49 -35.10
C THR D 132 3.65 -63.95 -36.38
N GLY D 133 4.50 -63.37 -37.23
CA GLY D 133 4.05 -62.74 -38.46
C GLY D 133 4.84 -63.11 -39.69
N TYR D 134 5.93 -63.85 -39.54
CA TYR D 134 6.76 -64.22 -40.68
C TYR D 134 5.99 -65.12 -41.63
N CYS D 135 6.23 -64.93 -42.92
CA CYS D 135 5.59 -65.73 -43.96
C CYS D 135 6.45 -65.61 -45.21
N GLU D 136 6.03 -66.33 -46.26
CA GLU D 136 6.74 -66.22 -47.53
C GLU D 136 6.53 -64.81 -48.10
N PRO D 137 7.50 -64.28 -48.86
CA PRO D 137 7.31 -62.96 -49.44
C PRO D 137 6.21 -62.99 -50.49
N PRO D 138 5.53 -61.87 -50.76
CA PRO D 138 4.50 -61.89 -51.79
C PRO D 138 5.10 -62.05 -53.18
N THR D 139 4.25 -62.49 -54.11
CA THR D 139 4.73 -62.77 -55.45
C THR D 139 5.20 -61.49 -56.13
N GLY D 140 6.24 -61.61 -56.96
CA GLY D 140 6.77 -60.46 -57.65
C GLY D 140 7.38 -59.41 -56.74
N VAL D 141 8.01 -59.84 -55.64
CA VAL D 141 8.73 -58.93 -54.74
C VAL D 141 10.01 -59.63 -54.32
N SER D 142 11.12 -58.91 -54.38
CA SER D 142 12.43 -59.40 -53.99
C SER D 142 12.84 -58.78 -52.66
N LEU D 143 14.04 -59.11 -52.23
CA LEU D 143 14.59 -58.58 -50.98
C LEU D 143 16.06 -58.93 -50.92
N ARG D 144 16.80 -58.15 -50.14
CA ARG D 144 18.24 -58.34 -50.02
C ARG D 144 18.54 -59.69 -49.39
N GLU D 145 19.82 -60.08 -49.45
CA GLU D 145 20.29 -61.23 -48.69
C GLU D 145 20.49 -60.82 -47.25
N GLY D 146 20.18 -61.73 -46.33
CA GLY D 146 20.27 -61.44 -44.92
C GLY D 146 19.07 -60.72 -44.33
N LEU D 147 17.99 -60.55 -45.09
CA LEU D 147 16.74 -59.97 -44.63
C LEU D 147 15.62 -60.97 -44.83
N TYR D 148 14.56 -60.81 -44.03
CA TYR D 148 13.42 -61.70 -44.05
C TYR D 148 12.14 -60.88 -44.06
N PHE D 149 11.09 -61.46 -44.62
CA PHE D 149 9.83 -60.75 -44.78
C PHE D 149 9.02 -60.81 -43.49
N ASN D 150 8.46 -59.66 -43.10
CA ASN D 150 7.61 -59.54 -41.93
C ASN D 150 6.66 -58.38 -42.16
N PRO D 151 5.36 -58.61 -42.41
CA PRO D 151 4.50 -57.48 -42.78
C PRO D 151 4.30 -56.45 -41.68
N TYR D 152 4.55 -56.80 -40.43
CA TYR D 152 4.35 -55.84 -39.34
C TYR D 152 5.54 -54.93 -39.11
N PHE D 153 6.70 -55.27 -39.63
CA PHE D 153 7.87 -54.40 -39.54
C PHE D 153 7.78 -53.31 -40.61
N PRO D 154 8.09 -52.04 -40.29
CA PRO D 154 8.05 -51.02 -41.34
C PRO D 154 9.05 -51.30 -42.45
N GLY D 155 8.59 -51.12 -43.69
CA GLY D 155 9.36 -51.52 -44.85
C GLY D 155 9.18 -52.95 -45.27
N GLN D 156 8.54 -53.79 -44.43
CA GLN D 156 8.26 -55.19 -44.74
C GLN D 156 9.54 -55.96 -45.07
N ALA D 157 10.62 -55.66 -44.35
CA ALA D 157 11.87 -56.38 -44.53
C ALA D 157 12.72 -56.16 -43.29
N ILE D 158 13.01 -57.22 -42.55
CA ILE D 158 13.64 -57.14 -41.24
C ILE D 158 14.86 -58.04 -41.22
N GLY D 159 15.86 -57.63 -40.45
CA GLY D 159 17.13 -58.33 -40.32
C GLY D 159 17.22 -59.33 -39.19
N MET D 160 16.12 -59.64 -38.52
CA MET D 160 16.07 -60.65 -37.47
C MET D 160 15.39 -61.89 -38.02
N ALA D 161 16.07 -63.03 -37.97
CA ALA D 161 15.46 -64.27 -38.39
C ALA D 161 14.37 -64.65 -37.39
N PRO D 162 13.45 -65.56 -37.77
CA PRO D 162 12.43 -65.99 -36.82
C PRO D 162 13.04 -66.62 -35.59
N PRO D 163 12.92 -65.99 -34.39
CA PRO D 163 13.64 -66.53 -33.23
C PRO D 163 12.97 -67.72 -32.58
N ILE D 164 11.64 -67.74 -32.56
CA ILE D 164 10.87 -68.72 -31.79
C ILE D 164 10.20 -69.71 -32.72
N TYR D 165 10.24 -70.98 -32.34
CA TYR D 165 9.57 -72.05 -33.07
C TYR D 165 9.13 -73.09 -32.04
N ASN D 166 8.56 -74.19 -32.52
CA ASN D 166 8.04 -75.21 -31.63
C ASN D 166 9.16 -75.91 -30.87
N GLU D 167 8.93 -76.13 -29.58
CA GLU D 167 9.86 -76.87 -28.71
C GLU D 167 11.21 -76.20 -28.61
N VAL D 168 11.26 -74.87 -28.75
CA VAL D 168 12.52 -74.16 -28.61
C VAL D 168 13.02 -74.24 -27.18
N LEU D 169 12.12 -74.23 -26.20
CA LEU D 169 12.46 -74.16 -24.79
C LEU D 169 11.57 -75.13 -24.03
N GLU D 170 12.08 -75.62 -22.89
CA GLU D 170 11.35 -76.50 -21.99
C GLU D 170 11.07 -75.73 -20.70
N PHE D 171 9.82 -75.35 -20.49
CA PHE D 171 9.46 -74.63 -19.28
C PHE D 171 9.60 -75.53 -18.05
N ASP D 172 9.85 -74.90 -16.90
CA ASP D 172 10.03 -75.67 -15.68
C ASP D 172 8.72 -76.31 -15.20
N ASP D 173 7.59 -75.63 -15.41
CA ASP D 173 6.32 -76.07 -14.86
C ASP D 173 5.56 -77.02 -15.77
N GLY D 174 6.20 -77.57 -16.80
CA GLY D 174 5.53 -78.54 -17.66
C GLY D 174 4.53 -77.95 -18.62
N THR D 175 4.56 -76.65 -18.87
CA THR D 175 3.66 -76.06 -19.84
C THR D 175 4.06 -76.51 -21.25
N PRO D 176 3.09 -76.68 -22.16
CA PRO D 176 3.47 -76.92 -23.55
C PRO D 176 4.18 -75.71 -24.15
N ALA D 177 5.27 -75.98 -24.86
CA ALA D 177 6.12 -74.92 -25.41
C ALA D 177 5.77 -74.70 -26.89
N THR D 178 4.58 -74.12 -27.09
CA THR D 178 4.14 -73.72 -28.41
C THR D 178 4.66 -72.33 -28.75
N MET D 179 4.58 -71.98 -30.04
CA MET D 179 5.06 -70.67 -30.46
C MET D 179 4.24 -69.56 -29.84
N SER D 180 2.91 -69.70 -29.87
CA SER D 180 2.05 -68.66 -29.31
C SER D 180 2.23 -68.54 -27.80
N GLN D 181 2.39 -69.67 -27.10
CA GLN D 181 2.58 -69.63 -25.66
C GLN D 181 3.88 -68.90 -25.31
N VAL D 182 4.96 -69.21 -26.01
CA VAL D 182 6.24 -68.56 -25.75
C VAL D 182 6.15 -67.07 -26.07
N ALA D 183 5.47 -66.73 -27.16
CA ALA D 183 5.30 -65.32 -27.50
C ALA D 183 4.53 -64.58 -26.41
N LYS D 184 3.46 -65.18 -25.92
CA LYS D 184 2.66 -64.54 -24.87
C LYS D 184 3.49 -64.35 -23.60
N ASP D 185 4.28 -65.36 -23.23
CA ASP D 185 5.08 -65.26 -22.02
C ASP D 185 6.14 -64.18 -22.14
N VAL D 186 6.87 -64.15 -23.26
CA VAL D 186 7.92 -63.15 -23.40
C VAL D 186 7.31 -61.75 -23.48
N CYS D 187 6.14 -61.61 -24.11
CA CYS D 187 5.48 -60.31 -24.16
C CYS D 187 5.09 -59.84 -22.76
N THR D 188 4.59 -60.74 -21.92
CA THR D 188 4.26 -60.36 -20.55
C THR D 188 5.52 -59.93 -19.78
N PHE D 189 6.62 -60.66 -19.96
CA PHE D 189 7.85 -60.28 -19.28
C PHE D 189 8.35 -58.92 -19.76
N LEU D 190 8.26 -58.66 -21.06
CA LEU D 190 8.68 -57.37 -21.57
C LEU D 190 7.80 -56.25 -21.03
N ARG D 191 6.49 -56.49 -20.92
CA ARG D 191 5.61 -55.49 -20.31
C ARG D 191 6.03 -55.20 -18.89
N TRP D 192 6.37 -56.24 -18.12
CA TRP D 192 6.82 -56.00 -16.75
C TRP D 192 8.13 -55.21 -16.75
N ALA D 193 9.05 -55.55 -17.65
CA ALA D 193 10.35 -54.90 -17.68
C ALA D 193 10.22 -53.42 -18.00
N ALA D 194 9.34 -53.07 -18.95
CA ALA D 194 9.17 -51.67 -19.30
C ALA D 194 8.55 -50.87 -18.17
N GLU D 195 7.57 -51.44 -17.48
CA GLU D 195 6.77 -50.74 -16.47
C GLU D 195 6.67 -51.62 -15.22
N PRO D 196 7.73 -51.69 -14.41
CA PRO D 196 7.63 -52.47 -13.17
C PRO D 196 6.60 -51.95 -12.18
N GLU D 197 6.13 -50.72 -12.32
CA GLU D 197 5.18 -50.12 -11.40
C GLU D 197 3.72 -50.33 -11.82
N HIS D 198 3.45 -51.37 -12.59
CA HIS D 198 2.10 -51.61 -13.10
C HIS D 198 1.12 -51.89 -11.96
N ASP D 199 1.47 -52.85 -11.10
CA ASP D 199 0.52 -53.35 -10.11
C ASP D 199 0.33 -52.34 -8.97
N HIS D 200 1.42 -51.73 -8.51
CA HIS D 200 1.30 -50.71 -7.48
C HIS D 200 0.50 -49.53 -7.99
N ARG D 201 0.70 -49.18 -9.26
CA ARG D 201 -0.06 -48.08 -9.86
C ARG D 201 -1.56 -48.37 -9.84
N LYS D 202 -1.96 -49.57 -10.25
CA LYS D 202 -3.39 -49.87 -10.27
C LYS D 202 -3.96 -50.02 -8.86
N ARG D 203 -3.19 -50.55 -7.93
CA ARG D 203 -3.60 -50.59 -6.53
C ARG D 203 -3.89 -49.19 -6.00
N MET D 204 -2.99 -48.24 -6.28
CA MET D 204 -3.22 -46.87 -5.85
C MET D 204 -4.39 -46.24 -6.58
N GLY D 205 -4.61 -46.61 -7.84
CA GLY D 205 -5.71 -46.04 -8.59
C GLY D 205 -7.07 -46.42 -8.03
N LEU D 206 -7.19 -47.66 -7.55
CA LEU D 206 -8.45 -48.08 -6.93
C LEU D 206 -8.79 -47.21 -5.72
N LYS D 207 -7.82 -47.01 -4.84
CA LYS D 207 -8.02 -46.17 -3.67
C LYS D 207 -8.32 -44.73 -4.07
N MET D 208 -7.64 -44.24 -5.12
CA MET D 208 -7.89 -42.88 -5.59
C MET D 208 -9.33 -42.72 -6.07
N LEU D 209 -9.82 -43.69 -6.84
CA LEU D 209 -11.20 -43.63 -7.32
C LEU D 209 -12.19 -43.63 -6.17
N LEU D 210 -11.99 -44.53 -5.19
CA LEU D 210 -12.92 -44.59 -4.06
C LEU D 210 -12.90 -43.30 -3.26
N MET D 211 -11.72 -42.79 -2.95
CA MET D 211 -11.63 -41.58 -2.14
C MET D 211 -12.20 -40.37 -2.86
N MET D 212 -11.95 -40.24 -4.17
CA MET D 212 -12.50 -39.10 -4.90
C MET D 212 -14.02 -39.20 -5.00
N GLY D 213 -14.54 -40.41 -5.23
CA GLY D 213 -15.98 -40.60 -5.23
C GLY D 213 -16.61 -40.26 -3.90
N LEU D 214 -15.87 -40.47 -2.81
CA LEU D 214 -16.36 -40.05 -1.50
C LEU D 214 -16.28 -38.53 -1.33
N LEU D 215 -15.15 -37.93 -1.74
CA LEU D 215 -14.87 -36.53 -1.42
C LEU D 215 -15.63 -35.53 -2.27
N LEU D 216 -15.94 -35.88 -3.52
CA LEU D 216 -16.64 -34.93 -4.40
C LEU D 216 -17.98 -34.46 -3.85
N PRO D 217 -18.93 -35.36 -3.51
CA PRO D 217 -20.23 -34.87 -3.06
C PRO D 217 -20.19 -34.10 -1.75
N LEU D 218 -19.28 -34.42 -0.84
CA LEU D 218 -19.23 -33.71 0.43
C LEU D 218 -18.78 -32.26 0.24
N VAL D 219 -17.74 -32.05 -0.58
CA VAL D 219 -17.27 -30.70 -0.85
C VAL D 219 -18.31 -29.93 -1.64
N TYR D 220 -18.97 -30.61 -2.58
CA TYR D 220 -20.05 -29.97 -3.33
C TYR D 220 -21.17 -29.52 -2.39
N ALA D 221 -21.51 -30.37 -1.41
CA ALA D 221 -22.55 -30.01 -0.44
C ALA D 221 -22.12 -28.85 0.44
N MET D 222 -20.85 -28.79 0.81
CA MET D 222 -20.36 -27.64 1.58
C MET D 222 -20.49 -26.36 0.78
N LYS D 223 -20.12 -26.40 -0.50
CA LYS D 223 -20.26 -25.22 -1.35
C LYS D 223 -21.71 -24.79 -1.47
N ARG D 224 -22.61 -25.76 -1.66
CA ARG D 224 -24.04 -25.45 -1.75
C ARG D 224 -24.55 -24.85 -0.44
N HIS D 225 -24.09 -25.37 0.69
CA HIS D 225 -24.50 -24.84 1.98
C HIS D 225 -24.07 -23.39 2.14
N LYS D 226 -22.85 -23.07 1.75
CA LYS D 226 -22.39 -21.69 1.86
C LYS D 226 -23.15 -20.76 0.92
N TRP D 227 -23.40 -21.21 -0.31
CA TRP D 227 -24.00 -20.34 -1.33
C TRP D 227 -25.52 -20.30 -1.27
N SER D 228 -26.15 -21.09 -0.39
CA SER D 228 -27.60 -21.06 -0.30
C SER D 228 -28.12 -19.70 0.14
N VAL D 229 -27.35 -18.95 0.92
CA VAL D 229 -27.79 -17.64 1.38
C VAL D 229 -27.96 -16.69 0.20
N LEU D 230 -27.00 -16.69 -0.73
CA LEU D 230 -27.10 -15.83 -1.90
C LEU D 230 -28.12 -16.35 -2.89
N LYS D 231 -28.21 -17.67 -3.04
CA LYS D 231 -29.04 -18.22 -4.11
C LYS D 231 -30.54 -18.09 -3.84
N SER D 232 -30.95 -17.68 -2.64
CA SER D 232 -32.37 -17.62 -2.27
C SER D 232 -32.84 -16.23 -1.87
N ARG D 233 -31.99 -15.22 -1.91
CA ARG D 233 -32.41 -13.90 -1.48
C ARG D 233 -33.35 -13.27 -2.51
N LYS D 234 -33.96 -12.16 -2.12
CA LYS D 234 -34.91 -11.45 -2.94
C LYS D 234 -34.64 -9.96 -2.84
N LEU D 235 -35.05 -9.22 -3.88
CA LEU D 235 -34.85 -7.78 -3.98
C LEU D 235 -36.19 -7.11 -4.22
N ALA D 236 -36.37 -5.94 -3.59
CA ALA D 236 -37.57 -5.14 -3.75
C ALA D 236 -37.17 -3.69 -3.93
N TYR D 237 -37.77 -3.03 -4.92
CA TYR D 237 -37.52 -1.63 -5.23
C TYR D 237 -38.73 -0.82 -4.80
N ARG D 238 -38.54 0.06 -3.83
CA ARG D 238 -39.61 0.83 -3.20
C ARG D 238 -39.24 2.31 -3.28
N PRO D 239 -39.38 2.93 -4.44
CA PRO D 239 -39.06 4.35 -4.55
C PRO D 239 -40.05 5.18 -3.75
N PRO D 240 -39.67 6.39 -3.31
CA PRO D 240 -40.54 7.20 -2.44
C PRO D 240 -41.57 8.01 -3.20
N LYS D 241 -42.30 7.34 -4.09
CA LYS D 241 -43.23 7.98 -5.02
C LYS D 241 -42.51 9.06 -5.83
N SER E 1 11.10 40.93 15.68
CA SER E 1 10.55 41.15 14.32
C SER E 1 11.40 40.42 13.28
N HIS E 2 11.02 40.54 12.01
CA HIS E 2 11.72 39.89 10.90
C HIS E 2 12.68 40.81 10.17
N THR E 3 12.58 42.13 10.36
CA THR E 3 13.46 43.06 9.65
C THR E 3 14.92 42.88 10.04
N ASP E 4 15.20 42.27 11.20
CA ASP E 4 16.57 41.94 11.59
C ASP E 4 17.07 40.68 10.91
N ILE E 5 16.28 40.05 10.02
CA ILE E 5 16.77 38.91 9.27
C ILE E 5 17.94 39.34 8.40
N LYS E 6 18.99 38.53 8.40
CA LYS E 6 20.17 38.82 7.61
C LYS E 6 20.93 37.52 7.42
N VAL E 7 21.20 37.17 6.18
CA VAL E 7 21.88 35.89 5.90
C VAL E 7 23.28 35.94 6.51
N PRO E 8 23.72 34.96 7.30
CA PRO E 8 25.11 34.95 7.75
C PRO E 8 26.07 34.81 6.58
N ASP E 9 27.26 35.36 6.74
CA ASP E 9 28.21 35.41 5.65
C ASP E 9 28.74 34.01 5.34
N PHE E 10 28.61 33.60 4.07
CA PHE E 10 29.17 32.36 3.57
C PHE E 10 30.52 32.57 2.89
N SER E 11 31.29 33.54 3.39
CA SER E 11 32.54 33.91 2.72
C SER E 11 33.54 32.77 2.69
N ASP E 12 33.57 31.94 3.74
CA ASP E 12 34.55 30.87 3.80
C ASP E 12 34.33 29.83 2.71
N TYR E 13 33.08 29.53 2.40
CA TYR E 13 32.75 28.42 1.51
C TYR E 13 32.69 28.83 0.04
N ARG E 14 32.55 30.12 -0.27
CA ARG E 14 32.35 30.54 -1.64
C ARG E 14 33.57 30.28 -2.51
N ARG E 15 33.32 30.04 -3.79
CA ARG E 15 34.42 29.87 -4.73
C ARG E 15 35.11 31.21 -4.95
N PRO E 16 36.37 31.20 -5.43
CA PRO E 16 37.07 32.48 -5.64
C PRO E 16 36.39 33.37 -6.67
N GLU E 17 35.65 32.80 -7.62
CA GLU E 17 35.08 33.61 -8.69
C GLU E 17 33.93 34.50 -8.22
N VAL E 18 33.34 34.20 -7.06
CA VAL E 18 32.15 34.91 -6.59
C VAL E 18 32.34 35.44 -5.18
N LEU E 19 33.59 35.71 -4.79
CA LEU E 19 33.84 36.28 -3.47
C LEU E 19 33.41 37.73 -3.41
N ASP E 20 33.74 38.51 -4.42
CA ASP E 20 33.44 39.94 -4.41
C ASP E 20 31.97 40.14 -4.74
N SER E 21 31.28 40.90 -3.89
CA SER E 21 29.86 41.14 -4.03
C SER E 21 29.52 42.34 -4.91
N THR E 22 30.53 42.99 -5.49
CA THR E 22 30.34 44.18 -6.31
C THR E 22 30.43 43.90 -7.80
N LYS E 23 30.39 42.63 -8.21
CA LYS E 23 30.49 42.24 -9.61
C LYS E 23 29.39 41.25 -9.96
N SER E 24 28.98 41.27 -11.22
CA SER E 24 27.97 40.32 -11.69
C SER E 24 28.53 38.91 -11.70
N SER E 25 27.68 37.95 -11.35
CA SER E 25 28.02 36.53 -11.39
C SER E 25 27.60 35.84 -12.68
N LYS E 26 27.04 36.57 -13.64
CA LYS E 26 26.54 35.93 -14.86
C LYS E 26 27.69 35.47 -15.75
N GLU E 27 28.83 36.16 -15.73
CA GLU E 27 29.93 35.75 -16.59
C GLU E 27 30.58 34.46 -16.13
N SER E 28 30.67 34.25 -14.81
CA SER E 28 31.37 33.10 -14.27
C SER E 28 30.52 31.84 -14.18
N SER E 29 29.21 31.94 -14.37
CA SER E 29 28.33 30.79 -14.15
C SER E 29 28.65 29.65 -15.11
N GLU E 30 28.89 29.98 -16.38
CA GLU E 30 29.14 28.94 -17.37
C GLU E 30 30.41 28.17 -17.06
N ALA E 31 31.45 28.86 -16.61
CA ALA E 31 32.70 28.17 -16.28
C ALA E 31 32.51 27.20 -15.13
N ARG E 32 31.79 27.61 -14.08
CA ARG E 32 31.56 26.76 -12.92
C ARG E 32 30.73 25.53 -13.30
N LYS E 33 29.65 25.74 -14.04
CA LYS E 33 28.82 24.62 -14.46
C LYS E 33 29.60 23.69 -15.38
N GLY E 34 30.43 24.25 -16.26
CA GLY E 34 31.22 23.42 -17.15
C GLY E 34 32.23 22.56 -16.40
N PHE E 35 32.85 23.12 -15.36
CA PHE E 35 33.77 22.33 -14.55
C PHE E 35 33.05 21.16 -13.88
N SER E 36 31.91 21.44 -13.24
CA SER E 36 31.20 20.37 -12.55
C SER E 36 30.71 19.29 -13.51
N TYR E 37 30.17 19.70 -14.66
CA TYR E 37 29.70 18.71 -15.60
C TYR E 37 30.86 17.96 -16.26
N LEU E 38 32.03 18.57 -16.36
CA LEU E 38 33.19 17.83 -16.85
C LEU E 38 33.58 16.72 -15.89
N VAL E 39 33.54 17.01 -14.59
CA VAL E 39 33.80 15.99 -13.58
C VAL E 39 32.81 14.83 -13.75
N THR E 40 31.53 15.16 -13.84
CA THR E 40 30.50 14.12 -13.97
C THR E 40 30.69 13.32 -15.25
N ALA E 41 31.06 13.99 -16.35
CA ALA E 41 31.20 13.31 -17.63
C ALA E 41 32.36 12.33 -17.61
N THR E 42 33.49 12.73 -17.00
CA THR E 42 34.61 11.80 -16.91
C THR E 42 34.24 10.58 -16.07
N THR E 43 33.50 10.80 -14.98
CA THR E 43 33.04 9.67 -14.17
C THR E 43 32.18 8.71 -14.99
N THR E 44 31.24 9.26 -15.77
CA THR E 44 30.37 8.41 -16.56
C THR E 44 31.15 7.67 -17.66
N VAL E 45 32.17 8.31 -18.22
CA VAL E 45 32.98 7.65 -19.25
C VAL E 45 33.69 6.44 -18.66
N GLY E 46 34.30 6.61 -17.48
CA GLY E 46 34.97 5.48 -16.85
C GLY E 46 34.02 4.35 -16.52
N VAL E 47 32.83 4.70 -16.00
CA VAL E 47 31.86 3.68 -15.64
C VAL E 47 31.37 2.94 -16.87
N ALA E 48 31.19 3.65 -17.99
CA ALA E 48 30.77 3.00 -19.23
C ALA E 48 31.82 2.01 -19.71
N TYR E 49 33.10 2.39 -19.63
CA TYR E 49 34.17 1.49 -20.04
C TYR E 49 34.16 0.21 -19.20
N ALA E 50 34.06 0.37 -17.88
CA ALA E 50 34.05 -0.80 -17.00
C ALA E 50 32.84 -1.69 -17.26
N ALA E 51 31.67 -1.08 -17.43
CA ALA E 51 30.45 -1.86 -17.65
C ALA E 51 30.52 -2.64 -18.94
N LYS E 52 31.02 -2.01 -20.01
CA LYS E 52 31.14 -2.71 -21.28
C LYS E 52 32.09 -3.90 -21.16
N ASN E 53 33.22 -3.70 -20.47
CA ASN E 53 34.18 -4.80 -20.34
C ASN E 53 33.58 -5.98 -19.59
N VAL E 54 32.93 -5.73 -18.45
CA VAL E 54 32.43 -6.85 -17.66
C VAL E 54 31.29 -7.56 -18.39
N VAL E 55 30.39 -6.81 -19.03
CA VAL E 55 29.29 -7.45 -19.76
C VAL E 55 29.83 -8.27 -20.93
N SER E 56 30.85 -7.76 -21.62
CA SER E 56 31.44 -8.50 -22.73
C SER E 56 32.07 -9.80 -22.25
N GLN E 57 32.76 -9.77 -21.10
CA GLN E 57 33.33 -10.99 -20.55
C GLN E 57 32.26 -12.02 -20.23
N PHE E 58 31.19 -11.59 -19.57
CA PHE E 58 30.12 -12.53 -19.22
C PHE E 58 29.46 -13.11 -20.46
N VAL E 59 29.24 -12.30 -21.48
CA VAL E 59 28.64 -12.82 -22.71
C VAL E 59 29.57 -13.81 -23.39
N SER E 60 30.86 -13.49 -23.45
CA SER E 60 31.80 -14.38 -24.12
C SER E 60 31.98 -15.70 -23.39
N SER E 61 31.73 -15.74 -22.09
CA SER E 61 31.85 -17.00 -21.36
C SER E 61 30.88 -18.06 -21.88
N MET E 62 29.72 -17.65 -22.40
CA MET E 62 28.75 -18.59 -22.95
C MET E 62 29.12 -19.13 -24.32
N SER E 63 30.10 -18.52 -25.00
CA SER E 63 30.48 -18.97 -26.34
C SER E 63 31.18 -20.32 -26.25
N ALA E 64 31.60 -20.84 -27.40
CA ALA E 64 32.28 -22.12 -27.45
C ALA E 64 33.58 -22.07 -26.67
N SER E 65 33.83 -23.12 -25.90
CA SER E 65 35.03 -23.19 -25.07
C SER E 65 36.23 -23.64 -25.90
N ALA E 66 37.40 -23.62 -25.26
CA ALA E 66 38.63 -23.99 -25.96
C ALA E 66 38.63 -25.46 -26.36
N ASP E 67 38.02 -26.32 -25.54
CA ASP E 67 38.08 -27.75 -25.79
C ASP E 67 37.09 -28.24 -26.83
N VAL E 68 36.07 -27.47 -27.16
CA VAL E 68 34.97 -27.94 -28.01
C VAL E 68 35.15 -27.50 -29.47
N LEU E 69 36.38 -27.17 -29.87
CA LEU E 69 36.61 -26.81 -31.26
C LEU E 69 36.72 -28.08 -32.12
N ALA E 70 37.75 -28.88 -31.88
CA ALA E 70 37.86 -30.26 -32.37
C ALA E 70 37.67 -30.35 -33.89
N MET E 71 38.62 -29.77 -34.62
CA MET E 71 38.63 -29.81 -36.08
C MET E 71 39.70 -30.80 -36.55
N SER E 72 39.27 -31.82 -37.30
CA SER E 72 40.19 -32.82 -37.81
C SER E 72 39.56 -33.48 -39.03
N LYS E 73 40.40 -34.19 -39.79
CA LYS E 73 39.97 -34.85 -41.01
C LYS E 73 39.46 -36.26 -40.70
N ILE E 74 38.99 -36.94 -41.74
CA ILE E 74 38.47 -38.30 -41.61
C ILE E 74 38.64 -39.01 -42.95
N GLU E 75 38.84 -40.33 -42.88
CA GLU E 75 39.09 -41.18 -44.03
C GLU E 75 37.96 -42.19 -44.16
N ILE E 76 37.40 -42.31 -45.37
CA ILE E 76 36.34 -43.25 -45.67
C ILE E 76 36.80 -44.15 -46.81
N LYS E 77 36.72 -45.46 -46.59
CA LYS E 77 37.09 -46.44 -47.61
C LYS E 77 35.88 -46.73 -48.49
N LEU E 78 36.07 -46.57 -49.80
CA LEU E 78 34.97 -46.64 -50.75
C LEU E 78 34.72 -48.04 -51.29
N SER E 79 35.56 -49.02 -50.98
CA SER E 79 35.27 -50.39 -51.37
C SER E 79 34.11 -50.95 -50.58
N ASP E 80 33.94 -50.51 -49.33
CA ASP E 80 32.88 -51.06 -48.48
C ASP E 80 31.50 -50.68 -48.98
N ILE E 81 31.33 -49.47 -49.50
CA ILE E 81 30.03 -48.99 -49.95
C ILE E 81 29.65 -49.78 -51.20
N PRO E 82 28.48 -50.43 -51.26
CA PRO E 82 28.08 -51.14 -52.49
C PRO E 82 27.38 -50.18 -53.44
N GLU E 83 26.98 -50.72 -54.59
CA GLU E 83 26.27 -49.92 -55.58
C GLU E 83 24.84 -49.63 -55.12
N GLY E 84 24.37 -48.43 -55.41
CA GLY E 84 23.00 -48.05 -55.11
C GLY E 84 22.68 -48.04 -53.63
N LYS E 85 23.55 -47.45 -52.82
CA LYS E 85 23.33 -47.38 -51.39
C LYS E 85 23.96 -46.10 -50.85
N ASN E 86 23.37 -45.58 -49.78
CA ASN E 86 23.82 -44.38 -49.09
C ASN E 86 24.33 -44.76 -47.70
N MET E 87 25.46 -44.18 -47.30
CA MET E 87 26.09 -44.46 -46.02
C MET E 87 26.33 -43.15 -45.28
N ALA E 88 26.32 -43.23 -43.95
CA ALA E 88 26.49 -42.08 -43.07
C ALA E 88 27.65 -42.29 -42.11
N PHE E 89 28.34 -41.19 -41.81
CA PHE E 89 29.46 -41.18 -40.89
C PHE E 89 29.36 -39.94 -40.02
N LYS E 90 30.02 -39.98 -38.86
CA LYS E 90 30.02 -38.86 -37.93
C LYS E 90 31.19 -37.94 -38.21
N TRP E 91 30.94 -36.63 -38.12
CA TRP E 91 31.99 -35.65 -38.33
C TRP E 91 31.54 -34.33 -37.75
N ARG E 92 32.27 -33.83 -36.74
CA ARG E 92 31.90 -32.61 -36.02
C ARG E 92 30.53 -32.76 -35.37
N GLY E 93 30.18 -33.96 -34.94
CA GLY E 93 28.86 -34.20 -34.40
C GLY E 93 27.75 -33.97 -35.40
N LYS E 94 28.00 -34.27 -36.67
CA LYS E 94 27.01 -34.17 -37.74
C LYS E 94 27.14 -35.40 -38.62
N PRO E 95 26.11 -35.74 -39.40
CA PRO E 95 26.27 -36.82 -40.37
C PRO E 95 27.22 -36.46 -41.49
N LEU E 96 27.47 -37.44 -42.35
CA LEU E 96 28.27 -37.25 -43.56
C LEU E 96 27.81 -38.28 -44.58
N PHE E 97 26.96 -37.86 -45.51
CA PHE E 97 26.41 -38.76 -46.51
C PHE E 97 27.41 -39.04 -47.61
N VAL E 98 27.60 -40.32 -47.93
CA VAL E 98 28.34 -40.77 -49.10
C VAL E 98 27.39 -41.67 -49.90
N ARG E 99 27.12 -41.28 -51.15
CA ARG E 99 26.23 -41.99 -52.05
C ARG E 99 27.00 -42.46 -53.27
N HIS E 100 26.88 -43.74 -53.58
CA HIS E 100 27.47 -44.33 -54.79
C HIS E 100 26.37 -44.35 -55.85
N ARG E 101 26.30 -43.26 -56.61
CA ARG E 101 25.22 -43.09 -57.57
C ARG E 101 25.38 -44.04 -58.75
N THR E 102 24.25 -44.58 -59.21
CA THR E 102 24.24 -45.41 -60.40
C THR E 102 24.21 -44.53 -61.65
N LYS E 103 24.48 -45.16 -62.80
CA LYS E 103 24.49 -44.43 -64.06
C LYS E 103 23.11 -43.88 -64.41
N LYS E 104 22.05 -44.58 -64.01
CA LYS E 104 20.70 -44.11 -64.31
C LYS E 104 20.41 -42.78 -63.62
N GLU E 105 20.87 -42.61 -62.37
CA GLU E 105 20.68 -41.33 -61.70
C GLU E 105 21.44 -40.22 -62.41
N ILE E 106 22.66 -40.52 -62.89
CA ILE E 106 23.45 -39.51 -63.59
C ILE E 106 22.74 -39.10 -64.88
N ASP E 107 22.19 -40.09 -65.61
CA ASP E 107 21.44 -39.78 -66.81
C ASP E 107 20.20 -38.95 -66.50
N GLN E 108 19.53 -39.26 -65.38
CA GLN E 108 18.28 -38.59 -65.07
C GLN E 108 18.51 -37.14 -64.63
N GLU E 109 19.50 -36.91 -63.79
CA GLU E 109 19.69 -35.59 -63.19
C GLU E 109 20.43 -34.61 -64.09
N ALA E 110 21.00 -35.07 -65.20
CA ALA E 110 21.64 -34.19 -66.17
C ALA E 110 20.67 -33.62 -67.20
N ALA E 111 19.40 -34.02 -67.18
CA ALA E 111 18.40 -33.63 -68.17
C ALA E 111 17.47 -32.55 -67.64
N VAL E 112 18.00 -31.61 -66.85
CA VAL E 112 17.24 -30.53 -66.27
C VAL E 112 18.01 -29.23 -66.50
N GLU E 113 17.29 -28.11 -66.37
CA GLU E 113 17.84 -26.78 -66.59
C GLU E 113 17.91 -26.03 -65.26
N VAL E 114 18.96 -25.21 -65.12
CA VAL E 114 19.17 -24.50 -63.87
C VAL E 114 18.12 -23.44 -63.61
N SER E 115 17.39 -22.99 -64.64
CA SER E 115 16.41 -21.92 -64.46
C SER E 115 15.29 -22.37 -63.52
N GLN E 116 14.83 -23.62 -63.65
CA GLN E 116 13.82 -24.13 -62.73
C GLN E 116 14.38 -24.21 -61.31
N LEU E 117 15.62 -24.64 -61.17
CA LEU E 117 16.23 -24.77 -59.85
C LEU E 117 16.37 -23.41 -59.19
N ARG E 118 15.96 -23.32 -57.92
CA ARG E 118 16.10 -22.09 -57.17
C ARG E 118 17.57 -21.72 -56.99
N ASP E 119 18.41 -22.72 -56.76
CA ASP E 119 19.86 -22.53 -56.60
C ASP E 119 20.55 -23.07 -57.86
N PRO E 120 21.02 -22.21 -58.78
CA PRO E 120 21.65 -22.73 -60.00
C PRO E 120 22.97 -23.43 -59.69
N GLN E 121 23.06 -24.69 -60.09
CA GLN E 121 24.32 -25.44 -59.98
C GLN E 121 24.23 -26.73 -60.80
N HIS E 122 25.18 -26.93 -61.70
CA HIS E 122 25.20 -28.14 -62.50
C HIS E 122 25.62 -29.34 -61.67
N ASP E 123 25.17 -30.53 -62.11
CA ASP E 123 25.48 -31.75 -61.38
C ASP E 123 26.98 -32.05 -61.40
N LEU E 124 27.63 -31.83 -62.55
CA LEU E 124 29.04 -32.19 -62.67
C LEU E 124 29.95 -31.31 -61.83
N GLU E 125 29.48 -30.14 -61.38
CA GLU E 125 30.34 -29.23 -60.62
C GLU E 125 30.52 -29.68 -59.18
N ARG E 126 29.53 -30.37 -58.60
CA ARG E 126 29.54 -30.68 -57.18
C ARG E 126 30.27 -31.98 -56.85
N VAL E 127 30.75 -32.73 -57.84
CA VAL E 127 31.39 -34.02 -57.64
C VAL E 127 32.72 -34.04 -58.36
N LYS E 128 33.76 -34.55 -57.67
CA LYS E 128 35.07 -34.71 -58.28
C LYS E 128 35.23 -36.01 -59.05
N LYS E 129 34.32 -36.97 -58.86
CA LYS E 129 34.21 -38.18 -59.65
C LYS E 129 32.75 -38.40 -59.99
N PRO E 130 32.43 -39.11 -61.09
CA PRO E 130 31.03 -39.23 -61.50
C PRO E 130 30.16 -39.98 -60.51
N GLU E 131 30.56 -41.20 -60.16
CA GLU E 131 29.72 -42.09 -59.35
C GLU E 131 30.03 -41.96 -57.86
N TRP E 132 30.11 -40.73 -57.35
CA TRP E 132 30.34 -40.48 -55.95
C TRP E 132 29.73 -39.13 -55.59
N VAL E 133 29.00 -39.08 -54.48
CA VAL E 133 28.48 -37.83 -53.95
C VAL E 133 28.76 -37.79 -52.46
N ILE E 134 29.47 -36.74 -52.03
CA ILE E 134 29.79 -36.48 -50.63
C ILE E 134 29.05 -35.23 -50.22
N LEU E 135 28.25 -35.33 -49.15
CA LEU E 135 27.42 -34.22 -48.70
C LEU E 135 27.37 -34.21 -47.18
N ILE E 136 27.01 -33.06 -46.63
CA ILE E 136 26.74 -32.92 -45.19
C ILE E 136 25.26 -33.18 -44.99
N GLY E 137 24.94 -34.18 -44.16
CA GLY E 137 23.56 -34.58 -43.97
C GLY E 137 22.81 -33.74 -42.97
N VAL E 138 22.66 -32.45 -43.28
CA VAL E 138 21.92 -31.50 -42.45
C VAL E 138 21.01 -30.71 -43.36
N CYS E 139 19.70 -30.77 -43.11
CA CYS E 139 18.76 -29.99 -43.89
C CYS E 139 19.02 -28.51 -43.69
N THR E 140 19.00 -27.76 -44.78
CA THR E 140 19.30 -26.34 -44.72
C THR E 140 18.11 -25.50 -44.25
N HIS E 141 16.96 -26.10 -43.97
CA HIS E 141 15.83 -25.33 -43.46
C HIS E 141 15.99 -25.06 -41.96
N LEU E 142 15.99 -26.13 -41.15
CA LEU E 142 16.19 -26.00 -39.70
C LEU E 142 17.05 -27.11 -39.11
N GLY E 143 17.72 -27.92 -39.92
CA GLY E 143 18.76 -28.80 -39.46
C GLY E 143 18.41 -30.25 -39.26
N CYS E 144 17.22 -30.69 -39.66
CA CYS E 144 16.90 -32.11 -39.58
C CYS E 144 17.73 -32.89 -40.59
N VAL E 145 17.80 -34.19 -40.39
CA VAL E 145 18.59 -35.08 -41.23
C VAL E 145 17.65 -35.68 -42.30
N PRO E 146 17.88 -35.43 -43.59
CA PRO E 146 17.03 -36.05 -44.60
C PRO E 146 17.19 -37.56 -44.65
N ILE E 147 16.14 -38.22 -45.13
CA ILE E 147 16.09 -39.68 -45.24
C ILE E 147 16.34 -40.07 -46.68
N ALA E 148 17.28 -40.98 -46.90
CA ALA E 148 17.72 -41.33 -48.23
C ALA E 148 16.69 -42.20 -48.95
N ASN E 149 16.72 -42.13 -50.29
CA ASN E 149 15.86 -42.95 -51.15
C ASN E 149 14.38 -42.73 -50.82
N ALA E 150 13.98 -41.47 -50.78
CA ALA E 150 12.61 -41.09 -50.49
C ALA E 150 12.28 -39.84 -51.30
N GLY E 151 11.08 -39.31 -51.08
CA GLY E 151 10.64 -38.13 -51.78
C GLY E 151 10.19 -38.44 -53.19
N ASP E 152 9.75 -37.39 -53.88
CA ASP E 152 9.22 -37.49 -55.24
C ASP E 152 10.29 -37.32 -56.31
N PHE E 153 11.56 -37.18 -55.94
CA PHE E 153 12.66 -37.07 -56.88
C PHE E 153 13.73 -38.13 -56.67
N GLY E 154 13.46 -39.16 -55.85
CA GLY E 154 14.40 -40.25 -55.67
C GLY E 154 15.67 -39.89 -54.94
N GLY E 155 15.75 -38.70 -54.36
CA GLY E 155 16.96 -38.25 -53.68
C GLY E 155 16.86 -38.37 -52.17
N TYR E 156 16.58 -37.25 -51.51
CA TYR E 156 16.45 -37.19 -50.06
C TYR E 156 15.15 -36.47 -49.72
N TYR E 157 14.57 -36.84 -48.59
CA TYR E 157 13.30 -36.28 -48.11
C TYR E 157 13.45 -35.93 -46.64
N CYS E 158 13.46 -34.64 -46.33
CA CYS E 158 13.45 -34.18 -44.95
C CYS E 158 12.00 -34.17 -44.46
N PRO E 159 11.62 -35.00 -43.49
CA PRO E 159 10.21 -35.08 -43.10
C PRO E 159 9.79 -34.13 -41.99
N CYS E 160 10.71 -33.37 -41.42
CA CYS E 160 10.33 -32.41 -40.40
C CYS E 160 9.39 -31.36 -40.96
N HIS E 161 9.64 -30.88 -42.19
CA HIS E 161 8.72 -30.01 -42.90
C HIS E 161 8.57 -30.38 -44.36
N GLY E 162 9.01 -31.57 -44.78
CA GLY E 162 8.76 -32.02 -46.13
C GLY E 162 9.53 -31.26 -47.18
N SER E 163 10.85 -31.41 -47.20
CA SER E 163 11.71 -30.80 -48.20
C SER E 163 12.33 -31.88 -49.06
N HIS E 164 12.21 -31.73 -50.38
CA HIS E 164 12.70 -32.72 -51.34
C HIS E 164 14.01 -32.22 -51.94
N TYR E 165 15.05 -33.05 -51.85
CA TYR E 165 16.31 -32.85 -52.56
C TYR E 165 16.45 -33.96 -53.60
N ASP E 166 17.00 -33.62 -54.76
CA ASP E 166 17.24 -34.61 -55.79
C ASP E 166 18.50 -35.40 -55.45
N ALA E 167 18.92 -36.29 -56.36
CA ALA E 167 20.02 -37.20 -56.06
C ALA E 167 21.33 -36.45 -55.88
N SER E 168 21.56 -35.40 -56.67
CA SER E 168 22.79 -34.62 -56.50
C SER E 168 22.83 -33.94 -55.14
N GLY E 169 21.67 -33.51 -54.64
CA GLY E 169 21.56 -32.84 -53.35
C GLY E 169 21.07 -31.42 -53.46
N ARG E 170 20.25 -31.15 -54.49
CA ARG E 170 19.74 -29.81 -54.78
C ARG E 170 18.27 -29.73 -54.39
N ILE E 171 17.90 -28.67 -53.68
CA ILE E 171 16.51 -28.49 -53.27
C ILE E 171 15.66 -28.28 -54.52
N ARG E 172 14.50 -28.94 -54.54
CA ARG E 172 13.56 -28.93 -55.67
C ARG E 172 12.16 -28.52 -55.27
N LYS E 173 11.71 -28.89 -54.08
CA LYS E 173 10.34 -28.56 -53.64
C LYS E 173 10.33 -28.56 -52.12
N GLY E 174 10.37 -27.37 -51.52
CA GLY E 174 10.29 -27.23 -50.08
C GLY E 174 10.81 -25.90 -49.62
N PRO E 175 10.71 -25.62 -48.32
CA PRO E 175 11.14 -24.32 -47.78
C PRO E 175 12.64 -24.19 -47.54
N ALA E 176 13.46 -25.12 -47.99
CA ALA E 176 14.89 -25.04 -47.75
C ALA E 176 15.53 -24.03 -48.71
N PRO E 177 16.19 -22.95 -48.22
CA PRO E 177 16.73 -21.96 -49.17
C PRO E 177 17.85 -22.51 -50.06
N LEU E 178 18.88 -23.10 -49.46
CA LEU E 178 20.09 -23.49 -50.15
C LEU E 178 20.06 -24.99 -50.46
N ASN E 179 21.13 -25.47 -51.09
CA ASN E 179 21.34 -26.89 -51.32
C ASN E 179 22.20 -27.47 -50.20
N LEU E 180 22.29 -28.80 -50.17
CA LEU E 180 23.14 -29.47 -49.19
C LEU E 180 24.60 -29.11 -49.46
N GLU E 181 25.32 -28.76 -48.40
CA GLU E 181 26.68 -28.28 -48.55
C GLU E 181 27.61 -29.38 -49.05
N VAL E 182 28.68 -28.96 -49.72
CA VAL E 182 29.70 -29.86 -50.26
C VAL E 182 31.02 -29.53 -49.57
N PRO E 183 31.40 -30.21 -48.49
CA PRO E 183 32.67 -29.88 -47.84
C PRO E 183 33.86 -30.27 -48.69
N SER E 184 34.98 -29.62 -48.43
CA SER E 184 36.21 -29.90 -49.15
C SER E 184 36.67 -31.33 -48.89
N TYR E 185 37.01 -32.04 -49.96
CA TYR E 185 37.45 -33.43 -49.85
C TYR E 185 38.38 -33.74 -51.01
N GLU E 186 39.15 -34.82 -50.86
CA GLU E 186 40.09 -35.23 -51.90
C GLU E 186 40.35 -36.72 -51.79
N PHE E 187 40.54 -37.36 -52.94
CA PHE E 187 40.88 -38.77 -53.02
C PHE E 187 42.40 -38.96 -53.08
N THR E 188 42.83 -40.15 -52.69
CA THR E 188 44.19 -40.63 -52.93
C THR E 188 44.26 -41.62 -54.08
N SER E 189 43.19 -42.38 -54.30
CA SER E 189 43.06 -43.30 -55.41
C SER E 189 41.58 -43.40 -55.76
N ASP E 190 41.19 -44.43 -56.51
CA ASP E 190 39.80 -44.78 -56.73
C ASP E 190 39.28 -45.77 -55.71
N ASP E 191 39.81 -45.75 -54.48
CA ASP E 191 39.50 -46.72 -53.43
C ASP E 191 39.09 -46.06 -52.12
N MET E 192 39.62 -44.86 -51.83
CA MET E 192 39.41 -44.20 -50.56
C MET E 192 39.22 -42.70 -50.80
N VAL E 193 38.72 -42.02 -49.77
CA VAL E 193 38.50 -40.58 -49.82
C VAL E 193 38.81 -40.00 -48.45
N ILE E 194 39.25 -38.74 -48.44
CA ILE E 194 39.56 -37.99 -47.22
C ILE E 194 38.71 -36.73 -47.23
N VAL E 195 38.09 -36.44 -46.10
CA VAL E 195 37.20 -35.28 -45.94
C VAL E 195 37.72 -34.44 -44.78
N GLY E 196 37.76 -33.12 -45.00
CA GLY E 196 38.26 -32.22 -43.98
C GLY E 196 37.77 -30.80 -44.19
N VAL F 6 -44.49 4.50 -46.19
CA VAL F 6 -43.91 3.19 -45.99
C VAL F 6 -42.95 2.89 -47.14
N SER F 7 -41.81 2.28 -46.80
CA SER F 7 -40.79 1.88 -47.76
C SER F 7 -40.43 0.43 -47.51
N ALA F 8 -40.26 -0.32 -48.62
CA ALA F 8 -39.94 -1.74 -48.50
C ALA F 8 -38.58 -1.95 -47.83
N SER F 9 -37.59 -1.14 -48.19
CA SER F 9 -36.29 -1.23 -47.55
C SER F 9 -36.40 -0.91 -46.06
N SER F 10 -37.19 0.10 -45.72
CA SER F 10 -37.42 0.41 -44.30
C SER F 10 -38.13 -0.75 -43.60
N ARG F 11 -39.06 -1.41 -44.30
CA ARG F 11 -39.73 -2.56 -43.70
C ARG F 11 -38.75 -3.69 -43.42
N TRP F 12 -37.86 -3.98 -44.37
CA TRP F 12 -36.85 -5.02 -44.13
C TRP F 12 -35.92 -4.62 -42.99
N LEU F 13 -35.53 -3.35 -42.92
CA LEU F 13 -34.67 -2.90 -41.84
C LEU F 13 -35.37 -3.05 -40.49
N GLU F 14 -36.65 -2.70 -40.42
CA GLU F 14 -37.40 -2.87 -39.17
C GLU F 14 -37.49 -4.33 -38.78
N GLY F 15 -37.76 -5.22 -39.75
CA GLY F 15 -37.84 -6.64 -39.44
C GLY F 15 -36.51 -7.19 -38.95
N ILE F 16 -35.42 -6.84 -39.64
CA ILE F 16 -34.11 -7.32 -39.24
C ILE F 16 -33.74 -6.78 -37.86
N ARG F 17 -34.03 -5.51 -37.60
CA ARG F 17 -33.70 -4.94 -36.30
C ARG F 17 -34.50 -5.59 -35.19
N LYS F 18 -35.79 -5.87 -35.43
CA LYS F 18 -36.59 -6.57 -34.43
C LYS F 18 -36.05 -7.97 -34.17
N TRP F 19 -35.69 -8.68 -35.24
CA TRP F 19 -35.11 -10.01 -35.09
C TRP F 19 -33.82 -9.98 -34.29
N TYR F 20 -32.94 -9.02 -34.60
CA TYR F 20 -31.68 -8.93 -33.89
C TYR F 20 -31.89 -8.55 -32.44
N TYR F 21 -32.86 -7.67 -32.17
CA TYR F 21 -33.16 -7.31 -30.79
C TYR F 21 -33.61 -8.53 -29.99
N ASN F 22 -34.48 -9.35 -30.58
CA ASN F 22 -34.91 -10.55 -29.88
C ASN F 22 -33.77 -11.55 -29.72
N ALA F 23 -32.86 -11.60 -30.69
CA ALA F 23 -31.77 -12.56 -30.62
C ALA F 23 -30.68 -12.16 -29.62
N ALA F 24 -30.50 -10.86 -29.39
CA ALA F 24 -29.42 -10.41 -28.50
C ALA F 24 -29.63 -10.95 -27.09
N GLY F 25 -30.85 -10.91 -26.59
CA GLY F 25 -31.21 -11.59 -25.36
C GLY F 25 -31.07 -10.77 -24.10
N PHE F 26 -30.57 -9.54 -24.17
CA PHE F 26 -30.50 -8.73 -22.96
C PHE F 26 -31.88 -8.40 -22.42
N ASN F 27 -32.92 -8.41 -23.27
CA ASN F 27 -34.26 -8.14 -22.79
C ASN F 27 -34.77 -9.24 -21.88
N LYS F 28 -34.28 -10.47 -22.05
CA LYS F 28 -34.72 -11.57 -21.19
C LYS F 28 -34.37 -11.34 -19.74
N LEU F 29 -33.29 -10.59 -19.46
CA LEU F 29 -32.94 -10.20 -18.11
C LEU F 29 -33.61 -8.90 -17.68
N GLY F 30 -34.51 -8.34 -18.49
CA GLY F 30 -35.21 -7.14 -18.12
C GLY F 30 -34.43 -5.86 -18.32
N LEU F 31 -33.27 -5.92 -18.97
CA LEU F 31 -32.47 -4.74 -19.20
C LEU F 31 -32.98 -3.97 -20.41
N MET F 32 -32.56 -2.72 -20.50
CA MET F 32 -32.72 -1.90 -21.68
C MET F 32 -31.40 -1.83 -22.43
N ARG F 33 -31.44 -1.27 -23.64
CA ARG F 33 -30.24 -1.20 -24.47
C ARG F 33 -29.17 -0.36 -23.79
N ASP F 34 -29.54 0.82 -23.31
CA ASP F 34 -28.56 1.73 -22.73
C ASP F 34 -27.96 1.20 -21.44
N ASP F 35 -28.61 0.23 -20.80
CA ASP F 35 -28.00 -0.41 -19.64
C ASP F 35 -26.74 -1.17 -20.02
N THR F 36 -26.68 -1.70 -21.23
CA THR F 36 -25.61 -2.60 -21.65
C THR F 36 -24.44 -1.89 -22.30
N ILE F 37 -24.42 -0.56 -22.32
CA ILE F 37 -23.35 0.16 -22.99
C ILE F 37 -22.06 0.04 -22.18
N HIS F 38 -20.94 -0.11 -22.89
CA HIS F 38 -19.65 -0.15 -22.24
C HIS F 38 -19.28 1.22 -21.71
N GLU F 39 -18.91 1.29 -20.43
CA GLU F 39 -18.71 2.55 -19.74
C GLU F 39 -17.27 3.02 -19.88
N ASN F 40 -17.08 4.16 -20.54
CA ASN F 40 -15.79 4.85 -20.61
C ASN F 40 -16.00 6.27 -20.11
N ASP F 41 -15.02 7.16 -20.33
CA ASP F 41 -15.07 8.49 -19.75
C ASP F 41 -16.28 9.28 -20.22
N ASP F 42 -16.58 9.23 -21.51
CA ASP F 42 -17.76 9.93 -22.03
C ASP F 42 -19.03 9.38 -21.41
N VAL F 43 -19.16 8.05 -21.39
CA VAL F 43 -20.36 7.44 -20.84
C VAL F 43 -20.43 7.66 -19.34
N LYS F 44 -19.28 7.66 -18.66
CA LYS F 44 -19.28 7.94 -17.23
C LYS F 44 -19.80 9.33 -16.94
N GLU F 45 -19.36 10.33 -17.72
CA GLU F 45 -19.89 11.68 -17.52
C GLU F 45 -21.38 11.75 -17.83
N ALA F 46 -21.81 11.08 -18.91
CA ALA F 46 -23.21 11.11 -19.29
C ALA F 46 -24.09 10.51 -18.21
N ILE F 47 -23.64 9.41 -17.61
CA ILE F 47 -24.39 8.81 -16.50
C ILE F 47 -24.35 9.71 -15.28
N ARG F 48 -23.23 10.39 -15.06
CA ARG F 48 -23.13 11.30 -13.93
C ARG F 48 -24.11 12.47 -14.05
N ARG F 49 -24.50 12.82 -15.27
CA ARG F 49 -25.43 13.93 -15.48
C ARG F 49 -26.91 13.54 -15.39
N LEU F 50 -27.24 12.27 -15.16
CA LEU F 50 -28.64 11.85 -15.18
C LEU F 50 -29.39 12.41 -13.97
N PRO F 51 -30.74 12.56 -14.08
CA PRO F 51 -31.52 12.91 -12.88
C PRO F 51 -31.68 11.75 -11.93
N GLU F 52 -32.32 12.00 -10.78
CA GLU F 52 -32.35 11.02 -9.70
C GLU F 52 -33.13 9.77 -10.09
N ASN F 53 -34.35 9.95 -10.60
CA ASN F 53 -35.24 8.82 -10.83
C ASN F 53 -34.68 7.87 -11.89
N LEU F 54 -34.15 8.42 -12.99
CA LEU F 54 -33.58 7.57 -14.03
C LEU F 54 -32.36 6.83 -13.54
N TYR F 55 -31.53 7.49 -12.73
CA TYR F 55 -30.35 6.82 -12.17
C TYR F 55 -30.75 5.66 -11.27
N ASN F 56 -31.75 5.88 -10.40
CA ASN F 56 -32.17 4.81 -9.50
C ASN F 56 -32.79 3.65 -10.26
N ASP F 57 -33.58 3.95 -11.31
CA ASP F 57 -34.14 2.89 -12.12
C ASP F 57 -33.05 2.07 -12.80
N ARG F 58 -32.03 2.75 -13.32
CA ARG F 58 -30.92 2.04 -13.96
C ARG F 58 -30.20 1.14 -12.96
N VAL F 59 -29.99 1.64 -11.74
CA VAL F 59 -29.30 0.85 -10.72
C VAL F 59 -30.11 -0.40 -10.40
N PHE F 60 -31.42 -0.26 -10.20
CA PHE F 60 -32.21 -1.42 -9.83
C PHE F 60 -32.29 -2.43 -10.97
N ARG F 61 -32.43 -1.96 -12.21
CA ARG F 61 -32.48 -2.89 -13.34
C ARG F 61 -31.19 -3.68 -13.46
N ILE F 62 -30.05 -2.99 -13.31
CA ILE F 62 -28.76 -3.68 -13.38
C ILE F 62 -28.62 -4.69 -12.25
N LYS F 63 -29.05 -4.32 -11.05
CA LYS F 63 -28.92 -5.22 -9.91
C LYS F 63 -29.75 -6.48 -10.09
N ARG F 64 -31.00 -6.32 -10.56
CA ARG F 64 -31.85 -7.47 -10.82
C ARG F 64 -31.25 -8.36 -11.90
N ALA F 65 -30.70 -7.76 -12.96
CA ALA F 65 -30.08 -8.54 -14.02
C ALA F 65 -28.89 -9.33 -13.51
N LEU F 66 -28.07 -8.72 -12.65
CA LEU F 66 -26.93 -9.43 -12.11
C LEU F 66 -27.36 -10.58 -11.21
N ASP F 67 -28.45 -10.41 -10.45
CA ASP F 67 -28.94 -11.52 -9.63
C ASP F 67 -29.45 -12.66 -10.50
N LEU F 68 -30.20 -12.34 -11.56
CA LEU F 68 -30.66 -13.38 -12.48
C LEU F 68 -29.48 -14.11 -13.11
N SER F 69 -28.44 -13.37 -13.47
CA SER F 69 -27.26 -14.00 -14.04
C SER F 69 -26.57 -14.90 -13.01
N MET F 70 -26.55 -14.49 -11.75
CA MET F 70 -25.96 -15.33 -10.70
C MET F 70 -26.71 -16.65 -10.61
N ARG F 71 -28.05 -16.61 -10.60
CA ARG F 71 -28.84 -17.81 -10.41
C ARG F 71 -29.08 -18.59 -11.69
N GLN F 72 -28.59 -18.13 -12.83
CA GLN F 72 -28.78 -18.80 -14.12
C GLN F 72 -30.26 -18.95 -14.45
N GLN F 73 -31.01 -17.86 -14.30
CA GLN F 73 -32.43 -17.81 -14.58
C GLN F 73 -32.70 -16.65 -15.53
N ILE F 74 -33.96 -16.52 -15.95
CA ILE F 74 -34.44 -15.37 -16.70
C ILE F 74 -35.85 -15.06 -16.22
N LEU F 75 -36.32 -13.88 -16.60
CA LEU F 75 -37.65 -13.46 -16.20
C LEU F 75 -38.70 -14.27 -16.95
N PRO F 76 -39.94 -14.30 -16.45
CA PRO F 76 -41.02 -14.85 -17.28
C PRO F 76 -41.28 -13.98 -18.50
N LYS F 77 -41.83 -14.60 -19.54
CA LYS F 77 -41.93 -13.95 -20.84
C LYS F 77 -42.79 -12.70 -20.82
N GLU F 78 -43.64 -12.52 -19.82
CA GLU F 78 -44.51 -11.36 -19.75
C GLU F 78 -43.80 -10.13 -19.21
N GLN F 79 -42.62 -10.27 -18.59
CA GLN F 79 -41.85 -9.16 -18.06
C GLN F 79 -40.68 -8.77 -18.94
N TRP F 80 -40.48 -9.42 -20.08
CA TRP F 80 -39.40 -9.04 -20.98
C TRP F 80 -39.64 -7.65 -21.55
N THR F 81 -38.56 -6.92 -21.76
CA THR F 81 -38.67 -5.59 -22.34
C THR F 81 -39.15 -5.69 -23.78
N LYS F 82 -40.17 -4.89 -24.12
CA LYS F 82 -40.69 -4.86 -25.47
C LYS F 82 -39.76 -4.06 -26.37
N TYR F 83 -39.62 -4.49 -27.62
CA TYR F 83 -38.75 -3.78 -28.54
C TYR F 83 -39.27 -2.39 -28.84
N GLU F 84 -40.59 -2.24 -29.00
CA GLU F 84 -41.15 -0.95 -29.39
C GLU F 84 -41.12 0.04 -28.25
N GLU F 85 -41.31 -0.42 -27.01
CA GLU F 85 -41.32 0.46 -25.86
C GLU F 85 -39.94 0.79 -25.33
N ASP F 86 -38.88 0.18 -25.86
CA ASP F 86 -37.52 0.47 -25.41
C ASP F 86 -37.08 1.78 -26.05
N LYS F 87 -37.23 2.87 -25.31
CA LYS F 87 -36.83 4.20 -25.75
C LYS F 87 -35.55 4.59 -25.02
N SER F 88 -34.56 5.06 -25.78
CA SER F 88 -33.27 5.39 -25.21
C SER F 88 -33.37 6.60 -24.29
N TYR F 89 -32.86 6.45 -23.07
CA TYR F 89 -32.82 7.54 -22.11
C TYR F 89 -31.47 8.22 -22.04
N LEU F 90 -30.40 7.56 -22.50
CA LEU F 90 -29.04 8.08 -22.44
C LEU F 90 -28.59 8.72 -23.75
N GLU F 91 -29.52 8.99 -24.68
CA GLU F 91 -29.12 9.58 -25.96
C GLU F 91 -28.66 11.03 -25.79
N PRO F 92 -29.50 11.97 -25.35
CA PRO F 92 -29.08 13.39 -25.38
C PRO F 92 -27.88 13.70 -24.52
N TYR F 93 -27.74 13.04 -23.36
CA TYR F 93 -26.60 13.31 -22.49
C TYR F 93 -25.29 12.92 -23.16
N LEU F 94 -25.25 11.71 -23.71
CA LEU F 94 -24.03 11.25 -24.38
C LEU F 94 -23.76 12.08 -25.63
N LYS F 95 -24.81 12.49 -26.33
CA LYS F 95 -24.64 13.33 -27.51
C LYS F 95 -23.98 14.65 -27.15
N GLU F 96 -24.48 15.31 -26.10
CA GLU F 96 -23.91 16.59 -25.68
C GLU F 96 -22.47 16.42 -25.20
N VAL F 97 -22.18 15.34 -24.47
CA VAL F 97 -20.83 15.14 -23.97
C VAL F 97 -19.84 14.94 -25.13
N ILE F 98 -20.24 14.14 -26.13
CA ILE F 98 -19.37 13.94 -27.28
C ILE F 98 -19.18 15.24 -28.05
N ARG F 99 -20.24 16.04 -28.17
CA ARG F 99 -20.15 17.32 -28.86
C ARG F 99 -19.15 18.25 -28.18
N GLU F 100 -19.22 18.33 -26.84
CA GLU F 100 -18.27 19.17 -26.12
C GLU F 100 -16.84 18.67 -26.29
N ARG F 101 -16.65 17.35 -26.23
CA ARG F 101 -15.30 16.81 -26.38
C ARG F 101 -14.72 17.12 -27.76
N LYS F 102 -15.54 16.99 -28.81
CA LYS F 102 -15.05 17.30 -30.14
C LYS F 102 -14.77 18.79 -30.31
N GLU F 103 -15.55 19.66 -29.65
CA GLU F 103 -15.22 21.08 -29.68
C GLU F 103 -13.88 21.35 -29.03
N ARG F 104 -13.61 20.69 -27.89
CA ARG F 104 -12.31 20.84 -27.23
C ARG F 104 -11.17 20.38 -28.14
N GLU F 105 -11.36 19.24 -28.81
CA GLU F 105 -10.33 18.75 -29.72
C GLU F 105 -10.09 19.71 -30.88
N GLU F 106 -11.18 20.25 -31.45
CA GLU F 106 -11.04 21.19 -32.56
C GLU F 106 -10.30 22.44 -32.14
N TRP F 107 -10.57 22.93 -30.93
CA TRP F 107 -9.80 24.06 -30.42
C TRP F 107 -8.34 23.69 -30.25
N ALA F 108 -8.07 22.47 -29.75
CA ALA F 108 -6.69 22.05 -29.53
C ALA F 108 -5.91 21.94 -30.82
N LYS F 109 -6.58 21.62 -31.94
CA LYS F 109 -5.88 21.52 -33.22
C LYS F 109 -5.23 22.83 -33.62
N LYS F 110 -5.96 23.95 -33.47
CA LYS F 110 -5.45 25.26 -33.84
C LYS F 110 -4.25 25.63 -32.99
N GLY G 1 -7.17 -0.92 -2.29
CA GLY G 1 -7.65 0.27 -3.04
C GLY G 1 -9.16 0.44 -2.94
N ARG G 2 -9.89 -0.42 -3.64
CA ARG G 2 -11.34 -0.44 -3.58
C ARG G 2 -11.78 -1.28 -2.39
N GLN G 3 -12.64 -0.71 -1.56
CA GLN G 3 -13.14 -1.38 -0.35
C GLN G 3 -14.62 -1.06 -0.20
N PHE G 4 -15.32 -1.93 0.53
CA PHE G 4 -16.74 -1.73 0.78
C PHE G 4 -16.97 -0.43 1.53
N GLY G 5 -18.04 0.26 1.16
CA GLY G 5 -18.49 1.45 1.87
C GLY G 5 -18.80 2.63 0.98
N HIS G 6 -18.02 2.85 -0.07
CA HIS G 6 -18.30 3.94 -1.02
C HIS G 6 -17.93 3.51 -2.44
N LEU G 7 -18.27 2.29 -2.82
CA LEU G 7 -18.04 1.87 -4.20
C LEU G 7 -19.02 2.51 -5.17
N THR G 8 -20.25 2.77 -4.72
CA THR G 8 -21.28 3.34 -5.57
C THR G 8 -22.43 3.79 -4.69
N ARG G 9 -23.38 4.50 -5.29
CA ARG G 9 -24.57 5.00 -4.61
C ARG G 9 -25.76 4.14 -4.99
N VAL G 10 -26.49 3.68 -3.98
CA VAL G 10 -27.70 2.88 -4.15
C VAL G 10 -28.74 3.40 -3.17
N ARG G 11 -29.99 3.48 -3.64
CA ARG G 11 -31.09 3.99 -2.83
C ARG G 11 -32.35 3.17 -3.09
N HIS G 12 -33.12 2.95 -2.03
CA HIS G 12 -34.49 2.44 -2.12
C HIS G 12 -34.55 0.97 -2.56
N VAL G 13 -33.59 0.16 -2.11
CA VAL G 13 -33.53 -1.26 -2.44
C VAL G 13 -33.50 -2.05 -1.14
N ILE G 14 -34.42 -2.99 -1.00
CA ILE G 14 -34.53 -3.83 0.19
C ILE G 14 -34.16 -5.25 -0.20
N THR G 15 -33.40 -5.92 0.67
CA THR G 15 -32.91 -7.27 0.44
C THR G 15 -33.31 -8.16 1.61
N TYR G 16 -33.89 -9.32 1.29
CA TYR G 16 -34.28 -10.33 2.26
C TYR G 16 -33.43 -11.58 2.03
N SER G 17 -32.85 -12.11 3.10
CA SER G 17 -32.05 -13.33 3.02
C SER G 17 -32.34 -14.21 4.22
N LEU G 18 -32.14 -15.51 4.03
CA LEU G 18 -32.45 -16.54 5.01
C LEU G 18 -31.19 -17.28 5.40
N SER G 19 -31.13 -17.71 6.66
CA SER G 19 -29.90 -18.31 7.18
C SER G 19 -29.63 -19.64 6.50
N PRO G 20 -28.36 -20.06 6.41
CA PRO G 20 -28.07 -21.32 5.70
C PRO G 20 -28.50 -22.56 6.46
N PHE G 21 -28.73 -22.47 7.77
CA PHE G 21 -29.23 -23.60 8.55
C PHE G 21 -30.75 -23.68 8.58
N GLU G 22 -31.46 -22.70 8.00
CA GLU G 22 -32.92 -22.70 7.96
C GLU G 22 -33.48 -23.23 6.65
N GLN G 23 -32.63 -23.72 5.73
CA GLN G 23 -33.07 -24.06 4.38
C GLN G 23 -32.24 -25.20 3.84
N ARG G 24 -32.78 -25.84 2.81
CA ARG G 24 -32.12 -26.95 2.15
C ARG G 24 -31.00 -26.45 1.23
N ALA G 25 -30.02 -27.32 1.01
CA ALA G 25 -28.96 -27.06 0.03
C ALA G 25 -29.35 -27.50 -1.37
N PHE G 26 -30.25 -28.48 -1.50
CA PHE G 26 -30.71 -29.00 -2.79
C PHE G 26 -32.23 -28.96 -2.80
N PRO G 27 -32.84 -27.78 -3.03
CA PRO G 27 -34.31 -27.70 -2.95
C PRO G 27 -35.04 -28.53 -3.99
N HIS G 28 -34.74 -28.31 -5.27
CA HIS G 28 -35.45 -28.94 -6.38
C HIS G 28 -34.44 -29.39 -7.43
N TYR G 29 -33.40 -30.09 -6.98
CA TYR G 29 -32.23 -30.32 -7.81
C TYR G 29 -32.51 -31.13 -9.07
N PHE G 30 -33.63 -31.85 -9.12
CA PHE G 30 -34.02 -32.63 -10.29
C PHE G 30 -35.32 -32.18 -10.92
N SER G 31 -36.30 -31.75 -10.12
CA SER G 31 -37.59 -31.37 -10.69
C SER G 31 -37.47 -30.11 -11.55
N LYS G 32 -36.73 -29.11 -11.06
CA LYS G 32 -36.61 -27.82 -11.74
C LYS G 32 -35.27 -27.60 -12.41
N GLY G 33 -34.21 -28.28 -11.98
CA GLY G 33 -32.91 -28.07 -12.60
C GLY G 33 -32.85 -28.58 -14.03
N ILE G 34 -33.42 -29.75 -14.29
CA ILE G 34 -33.31 -30.35 -15.62
C ILE G 34 -34.03 -29.51 -16.68
N PRO G 35 -35.25 -29.02 -16.47
CA PRO G 35 -35.84 -28.10 -17.46
C PRO G 35 -35.00 -26.86 -17.73
N ASN G 36 -34.38 -26.29 -16.70
CA ASN G 36 -33.51 -25.14 -16.91
C ASN G 36 -32.29 -25.50 -17.75
N VAL G 37 -31.70 -26.68 -17.48
CA VAL G 37 -30.55 -27.12 -18.28
C VAL G 37 -30.96 -27.33 -19.73
N LEU G 38 -32.14 -27.91 -19.94
CA LEU G 38 -32.63 -28.10 -21.31
C LEU G 38 -32.83 -26.76 -22.00
N ARG G 39 -33.36 -25.77 -21.28
CA ARG G 39 -33.54 -24.43 -21.84
C ARG G 39 -32.20 -23.84 -22.28
N ARG G 40 -31.20 -23.92 -21.40
CA ARG G 40 -29.89 -23.35 -21.73
C ARG G 40 -29.24 -24.07 -22.89
N THR G 41 -29.34 -25.40 -22.93
CA THR G 41 -28.76 -26.16 -24.03
C THR G 41 -29.44 -25.83 -25.35
N ARG G 42 -30.77 -25.71 -25.34
CA ARG G 42 -31.49 -25.34 -26.56
C ARG G 42 -31.09 -23.95 -27.02
N ALA G 43 -30.84 -23.04 -26.07
CA ALA G 43 -30.39 -21.71 -26.45
C ALA G 43 -29.02 -21.75 -27.12
N CYS G 44 -28.08 -22.53 -26.56
CA CYS G 44 -26.69 -22.42 -26.98
C CYS G 44 -26.31 -23.34 -28.14
N ILE G 45 -27.10 -24.38 -28.43
CA ILE G 45 -26.67 -25.40 -29.37
C ILE G 45 -26.54 -24.82 -30.79
N LEU G 46 -27.47 -23.96 -31.19
CA LEU G 46 -27.42 -23.44 -32.55
C LEU G 46 -26.25 -22.48 -32.74
N ARG G 47 -25.81 -21.81 -31.68
CA ARG G 47 -24.62 -20.97 -31.80
C ARG G 47 -23.34 -21.80 -31.81
N VAL G 48 -23.29 -22.87 -31.03
CA VAL G 48 -22.01 -23.56 -30.79
C VAL G 48 -21.75 -24.70 -31.79
N ALA G 49 -22.78 -25.36 -32.30
CA ALA G 49 -22.61 -26.63 -33.00
C ALA G 49 -22.08 -26.58 -34.43
N PRO G 50 -22.57 -25.72 -35.32
CA PRO G 50 -22.25 -25.87 -36.77
C PRO G 50 -20.77 -25.78 -37.08
N PRO G 51 -19.97 -24.92 -36.40
CA PRO G 51 -18.52 -24.98 -36.65
C PRO G 51 -17.89 -26.34 -36.37
N PHE G 52 -18.29 -26.99 -35.28
CA PHE G 52 -17.70 -28.28 -34.97
C PHE G 52 -18.25 -29.37 -35.89
N VAL G 53 -19.50 -29.24 -36.35
CA VAL G 53 -20.01 -30.16 -37.36
C VAL G 53 -19.19 -30.04 -38.64
N ALA G 54 -18.87 -28.81 -39.05
CA ALA G 54 -18.05 -28.60 -40.24
C ALA G 54 -16.65 -29.17 -40.05
N PHE G 55 -16.08 -29.01 -38.85
CA PHE G 55 -14.78 -29.62 -38.59
C PHE G 55 -14.84 -31.13 -38.71
N TYR G 56 -15.90 -31.74 -38.19
CA TYR G 56 -16.06 -33.19 -38.31
C TYR G 56 -16.14 -33.63 -39.77
N LEU G 57 -16.91 -32.89 -40.58
CA LEU G 57 -17.01 -33.24 -41.99
C LEU G 57 -15.66 -33.11 -42.69
N VAL G 58 -14.91 -32.04 -42.40
CA VAL G 58 -13.60 -31.87 -43.00
C VAL G 58 -12.66 -32.99 -42.59
N TYR G 59 -12.72 -33.40 -41.32
CA TYR G 59 -11.86 -34.47 -40.83
C TYR G 59 -12.14 -35.77 -41.58
N THR G 60 -13.42 -36.13 -41.69
CA THR G 60 -13.77 -37.37 -42.38
C THR G 60 -13.33 -37.33 -43.84
N TRP G 61 -13.63 -36.22 -44.53
CA TRP G 61 -13.29 -36.14 -45.95
C TRP G 61 -11.79 -36.21 -46.16
N GLY G 62 -11.02 -35.49 -45.34
CA GLY G 62 -9.58 -35.51 -45.50
C GLY G 62 -8.98 -36.87 -45.24
N THR G 63 -9.44 -37.56 -44.19
CA THR G 63 -8.91 -38.88 -43.90
C THR G 63 -9.22 -39.86 -45.04
N GLN G 64 -10.47 -39.85 -45.53
CA GLN G 64 -10.83 -40.74 -46.62
C GLN G 64 -10.02 -40.43 -47.87
N GLU G 65 -9.82 -39.14 -48.16
CA GLU G 65 -9.06 -38.76 -49.36
C GLU G 65 -7.61 -39.21 -49.26
N PHE G 66 -6.99 -39.05 -48.09
CA PHE G 66 -5.61 -39.49 -47.93
C PHE G 66 -5.50 -41.00 -48.11
N GLU G 67 -6.42 -41.75 -47.49
CA GLU G 67 -6.37 -43.20 -47.60
C GLU G 67 -6.57 -43.65 -49.05
N LYS G 68 -7.50 -43.01 -49.76
CA LYS G 68 -7.70 -43.34 -51.17
C LYS G 68 -6.46 -43.02 -51.99
N SER G 69 -5.79 -41.90 -51.68
CA SER G 69 -4.60 -41.52 -52.44
C SER G 69 -3.48 -42.54 -52.25
N LYS G 70 -3.31 -43.05 -51.03
CA LYS G 70 -2.18 -43.95 -50.76
C LYS G 70 -2.27 -45.23 -51.60
N ARG G 71 -3.46 -45.79 -51.73
CA ARG G 71 -3.63 -47.04 -52.47
C ARG G 71 -3.28 -46.83 -53.94
N LYS G 72 -2.72 -47.87 -54.56
CA LYS G 72 -2.30 -47.75 -55.95
C LYS G 72 -3.49 -47.91 -56.88
N ASN G 73 -3.32 -47.40 -58.12
CA ASN G 73 -4.32 -47.42 -59.16
C ASN G 73 -3.90 -48.38 -60.27
N PRO G 74 -4.85 -48.98 -61.01
CA PRO G 74 -4.44 -49.78 -62.18
C PRO G 74 -3.76 -48.93 -63.24
N ALA G 75 -2.83 -49.57 -63.96
CA ALA G 75 -2.07 -48.93 -65.03
C ALA G 75 -1.27 -47.74 -64.51
N GLU H 12 2.35 -85.52 -30.97
CA GLU H 12 3.22 -84.37 -31.19
C GLU H 12 2.57 -83.11 -30.63
N LEU H 13 3.28 -81.99 -30.77
CA LEU H 13 2.82 -80.69 -30.30
C LEU H 13 2.32 -79.88 -31.50
N VAL H 14 1.12 -79.31 -31.36
CA VAL H 14 0.52 -78.46 -32.39
C VAL H 14 0.07 -77.18 -31.72
N ASP H 15 0.52 -76.05 -32.23
CA ASP H 15 0.12 -74.77 -31.68
C ASP H 15 -1.37 -74.53 -31.96
N PRO H 16 -2.07 -73.80 -31.09
CA PRO H 16 -3.45 -73.41 -31.46
C PRO H 16 -3.51 -72.41 -32.61
N LEU H 17 -2.42 -71.71 -32.90
CA LEU H 17 -2.45 -70.59 -33.83
C LEU H 17 -2.81 -71.05 -35.24
N THR H 18 -2.26 -72.18 -35.68
CA THR H 18 -2.56 -72.68 -37.02
C THR H 18 -4.03 -73.05 -37.16
N THR H 19 -4.58 -73.75 -36.18
CA THR H 19 -5.99 -74.12 -36.24
C THR H 19 -6.89 -72.89 -36.22
N VAL H 20 -6.56 -71.91 -35.38
CA VAL H 20 -7.37 -70.70 -35.30
C VAL H 20 -7.31 -69.94 -36.62
N ARG H 21 -6.12 -69.88 -37.25
CA ARG H 21 -6.02 -69.19 -38.53
C ARG H 21 -6.83 -69.89 -39.61
N GLU H 22 -6.77 -71.23 -39.66
CA GLU H 22 -7.54 -71.95 -40.66
C GLU H 22 -9.03 -71.76 -40.45
N GLN H 23 -9.49 -71.74 -39.19
CA GLN H 23 -10.90 -71.50 -38.95
C GLN H 23 -11.29 -70.07 -39.33
N CYS H 24 -10.42 -69.10 -39.07
CA CYS H 24 -10.72 -67.72 -39.43
C CYS H 24 -10.84 -67.54 -40.93
N GLU H 25 -9.94 -68.16 -41.70
CA GLU H 25 -9.88 -67.90 -43.14
C GLU H 25 -11.09 -68.39 -43.90
N GLN H 26 -11.96 -69.20 -43.29
CA GLN H 26 -13.20 -69.63 -43.92
C GLN H 26 -14.39 -68.74 -43.56
N LEU H 27 -14.15 -67.45 -43.32
CA LEU H 27 -15.18 -66.46 -43.10
C LEU H 27 -15.45 -65.70 -44.40
N GLU H 28 -16.62 -65.07 -44.48
CA GLU H 28 -17.02 -64.41 -45.72
C GLU H 28 -16.09 -63.25 -46.07
N LYS H 29 -15.71 -62.44 -45.09
CA LYS H 29 -15.00 -61.20 -45.37
C LYS H 29 -13.62 -61.47 -45.99
N CYS H 30 -12.91 -62.46 -45.49
CA CYS H 30 -11.56 -62.73 -45.95
C CYS H 30 -11.50 -63.42 -47.31
N VAL H 31 -12.61 -64.03 -47.75
CA VAL H 31 -12.59 -64.76 -49.00
C VAL H 31 -12.37 -63.81 -50.18
N LYS H 32 -13.03 -62.66 -50.18
CA LYS H 32 -12.83 -61.70 -51.26
C LYS H 32 -11.39 -61.18 -51.29
N ALA H 33 -10.83 -60.90 -50.12
CA ALA H 33 -9.45 -60.42 -50.07
C ALA H 33 -8.49 -61.47 -50.62
N ARG H 34 -8.69 -62.74 -50.25
CA ARG H 34 -7.82 -63.78 -50.78
C ARG H 34 -8.02 -63.95 -52.28
N GLU H 35 -9.25 -63.79 -52.75
CA GLU H 35 -9.53 -63.89 -54.18
C GLU H 35 -8.77 -62.81 -54.95
N ARG H 36 -8.83 -61.57 -54.48
CA ARG H 36 -8.12 -60.49 -55.15
C ARG H 36 -6.61 -60.68 -55.05
N LEU H 37 -6.13 -61.21 -53.93
CA LEU H 37 -4.70 -61.52 -53.83
C LEU H 37 -4.28 -62.53 -54.88
N GLU H 38 -5.09 -63.57 -55.07
CA GLU H 38 -4.76 -64.57 -56.08
C GLU H 38 -4.80 -63.97 -57.48
N LEU H 39 -5.76 -63.09 -57.75
CA LEU H 39 -5.80 -62.43 -59.07
C LEU H 39 -4.57 -61.57 -59.30
N CYS H 40 -4.14 -60.81 -58.29
CA CYS H 40 -2.91 -60.03 -58.41
C CYS H 40 -1.71 -60.93 -58.67
N ASP H 41 -1.64 -62.05 -57.96
CA ASP H 41 -0.55 -63.00 -58.17
C ASP H 41 -0.55 -63.49 -59.61
N GLU H 42 -1.73 -63.81 -60.14
CA GLU H 42 -1.82 -64.31 -61.52
C GLU H 42 -1.35 -63.25 -62.51
N ARG H 43 -1.81 -62.00 -62.33
CA ARG H 43 -1.42 -60.95 -63.25
C ARG H 43 0.09 -60.68 -63.20
N VAL H 44 0.67 -60.64 -62.00
CA VAL H 44 2.08 -60.32 -61.89
C VAL H 44 2.94 -61.47 -62.43
N SER H 45 2.59 -62.71 -62.09
CA SER H 45 3.40 -63.84 -62.55
C SER H 45 3.30 -64.01 -64.06
N SER H 46 2.10 -63.88 -64.62
CA SER H 46 1.96 -64.04 -66.07
C SER H 46 2.57 -62.89 -66.85
N ARG H 47 2.82 -61.74 -66.23
CA ARG H 47 3.39 -60.61 -66.94
C ARG H 47 4.82 -60.90 -67.34
N SER H 48 5.25 -60.31 -68.46
CA SER H 48 6.60 -60.51 -68.95
C SER H 48 7.61 -59.72 -68.11
N GLN H 49 7.27 -58.48 -67.76
CA GLN H 49 8.16 -57.66 -66.96
C GLN H 49 7.38 -56.45 -66.47
N THR H 50 7.56 -56.11 -65.20
CA THR H 50 6.85 -54.99 -64.60
C THR H 50 7.40 -54.75 -63.21
N GLU H 51 7.07 -53.58 -62.67
CA GLU H 51 7.35 -53.24 -61.28
C GLU H 51 6.13 -53.48 -60.37
N GLU H 52 5.10 -54.15 -60.88
CA GLU H 52 3.94 -54.44 -60.06
C GLU H 52 4.32 -55.34 -58.89
N ASP H 53 3.70 -55.11 -57.75
CA ASP H 53 4.05 -55.78 -56.51
C ASP H 53 2.80 -55.99 -55.68
N CYS H 54 2.45 -57.25 -55.43
CA CYS H 54 1.21 -57.57 -54.71
C CYS H 54 1.46 -57.55 -53.20
N THR H 55 1.81 -56.36 -52.71
CA THR H 55 1.98 -56.14 -51.28
C THR H 55 0.71 -55.57 -50.64
N GLU H 56 -0.01 -54.71 -51.37
CA GLU H 56 -1.24 -54.13 -50.83
C GLU H 56 -2.30 -55.19 -50.60
N GLU H 57 -2.44 -56.13 -51.54
CA GLU H 57 -3.43 -57.18 -51.40
C GLU H 57 -3.09 -58.12 -50.25
N LEU H 58 -1.80 -58.42 -50.06
CA LEU H 58 -1.42 -59.29 -48.96
C LEU H 58 -1.75 -58.66 -47.61
N LEU H 59 -1.44 -57.38 -47.43
CA LEU H 59 -1.78 -56.71 -46.19
C LEU H 59 -3.29 -56.56 -46.03
N ASP H 60 -4.01 -56.33 -47.12
CA ASP H 60 -5.47 -56.26 -47.05
C ASP H 60 -6.05 -57.57 -46.57
N PHE H 61 -5.53 -58.69 -47.06
CA PHE H 61 -5.96 -60.00 -46.57
C PHE H 61 -5.60 -60.17 -45.11
N LEU H 62 -4.37 -59.80 -44.73
CA LEU H 62 -3.90 -60.08 -43.38
C LEU H 62 -4.63 -59.25 -42.32
N HIS H 63 -5.01 -58.02 -42.64
CA HIS H 63 -5.72 -57.21 -41.66
C HIS H 63 -7.05 -57.85 -41.27
N ALA H 64 -7.84 -58.25 -42.26
CA ALA H 64 -9.09 -58.93 -41.98
C ALA H 64 -8.88 -60.30 -41.36
N ARG H 65 -7.80 -60.99 -41.72
CA ARG H 65 -7.57 -62.32 -41.16
C ARG H 65 -7.16 -62.24 -39.69
N ASP H 66 -6.42 -61.19 -39.32
CA ASP H 66 -5.96 -61.03 -37.95
C ASP H 66 -6.94 -60.26 -37.07
N HIS H 67 -7.96 -59.63 -37.65
CA HIS H 67 -9.02 -59.07 -36.82
C HIS H 67 -9.75 -60.15 -36.03
N CYS H 68 -10.05 -61.29 -36.68
CA CYS H 68 -10.85 -62.33 -36.06
C CYS H 68 -10.02 -63.22 -35.13
N VAL H 69 -8.74 -63.42 -35.43
CA VAL H 69 -7.91 -64.31 -34.61
C VAL H 69 -7.75 -63.75 -33.20
N ALA H 70 -7.70 -62.42 -33.07
CA ALA H 70 -7.48 -61.82 -31.75
C ALA H 70 -8.62 -62.13 -30.79
N HIS H 71 -9.83 -62.33 -31.30
CA HIS H 71 -10.95 -62.60 -30.41
C HIS H 71 -10.81 -63.95 -29.70
N LYS H 72 -10.41 -64.99 -30.43
CA LYS H 72 -10.51 -66.37 -29.96
C LYS H 72 -9.18 -67.07 -29.76
N LEU H 73 -8.05 -66.42 -30.00
CA LEU H 73 -6.77 -67.10 -29.85
C LEU H 73 -6.46 -67.38 -28.39
N PHE H 74 -6.63 -66.37 -27.53
CA PHE H 74 -6.15 -66.48 -26.15
C PHE H 74 -6.92 -67.49 -25.31
N ASN H 75 -8.08 -67.96 -25.76
CA ASN H 75 -8.78 -69.01 -25.02
C ASN H 75 -7.97 -70.30 -25.01
N SER H 76 -7.36 -70.65 -26.14
CA SER H 76 -6.53 -71.85 -26.19
C SER H 76 -5.28 -71.69 -25.34
N LEU H 77 -4.68 -70.50 -25.32
CA LEU H 77 -3.43 -70.30 -24.62
C LEU H 77 -3.66 -70.23 -23.12
N LYS H 78 -2.88 -70.99 -22.38
CA LYS H 78 -3.01 -71.02 -20.92
C LYS H 78 -2.33 -69.82 -20.31
N GLY I 57 -48.19 19.64 22.55
CA GLY I 57 -47.35 19.89 23.71
C GLY I 57 -45.91 20.18 23.37
N GLN I 58 -45.67 20.67 22.15
CA GLN I 58 -44.31 20.96 21.70
C GLN I 58 -43.80 22.31 22.20
N ALA I 59 -44.68 23.21 22.63
CA ALA I 59 -44.28 24.55 22.97
C ALA I 59 -43.63 24.60 24.35
N ALA I 60 -42.51 25.31 24.45
CA ALA I 60 -41.88 25.54 25.74
C ALA I 60 -42.77 26.41 26.61
N GLY I 61 -42.78 26.11 27.91
CA GLY I 61 -43.58 26.87 28.86
C GLY I 61 -42.91 27.17 30.19
N ARG I 62 -41.72 26.62 30.42
CA ARG I 62 -40.99 26.78 31.67
C ARG I 62 -39.54 27.09 31.33
N PRO I 63 -38.80 27.74 32.23
CA PRO I 63 -37.42 28.10 31.92
C PRO I 63 -36.55 26.88 31.68
N LEU I 64 -35.64 26.99 30.73
CA LEU I 64 -34.86 25.84 30.29
C LEU I 64 -33.84 25.44 31.34
N VAL I 65 -33.45 24.17 31.30
CA VAL I 65 -32.50 23.57 32.23
C VAL I 65 -31.59 22.64 31.45
N ALA I 66 -30.31 22.61 31.82
CA ALA I 66 -29.29 21.81 31.14
C ALA I 66 -28.76 20.75 32.08
N SER I 67 -28.82 19.49 31.65
CA SER I 67 -28.44 18.33 32.46
C SER I 67 -27.27 17.61 31.80
N VAL I 68 -26.28 17.25 32.60
CA VAL I 68 -25.10 16.51 32.16
C VAL I 68 -24.81 15.43 33.18
N SER I 69 -24.46 14.23 32.70
CA SER I 69 -24.36 13.05 33.55
C SER I 69 -23.15 12.22 33.16
N LEU I 70 -22.71 11.39 34.10
CA LEU I 70 -21.55 10.53 33.90
C LEU I 70 -21.86 9.34 32.99
N ASN I 71 -23.03 8.70 33.19
CA ASN I 71 -23.43 7.51 32.43
C ASN I 71 -24.89 7.59 31.98
N VAL I 72 -25.37 8.80 31.67
CA VAL I 72 -26.68 8.99 31.07
C VAL I 72 -26.58 10.01 29.96
N PRO I 73 -27.40 9.89 28.91
CA PRO I 73 -27.40 10.94 27.88
C PRO I 73 -27.80 12.29 28.47
N ALA I 74 -27.16 13.34 27.95
CA ALA I 74 -27.53 14.69 28.34
C ALA I 74 -28.87 15.06 27.75
N SER I 75 -29.61 15.91 28.46
CA SER I 75 -30.94 16.35 28.04
C SER I 75 -31.11 17.82 28.38
N VAL I 76 -32.17 18.40 27.82
CA VAL I 76 -32.46 19.82 27.96
C VAL I 76 -33.95 20.01 28.22
N ALA J 2 -32.39 -34.49 21.38
CA ALA J 2 -31.50 -35.34 22.19
C ALA J 2 -31.63 -36.82 21.85
N PRO J 3 -32.86 -37.34 21.68
CA PRO J 3 -33.00 -38.70 21.16
C PRO J 3 -32.33 -38.92 19.81
N THR J 4 -32.33 -37.91 18.94
CA THR J 4 -31.72 -38.05 17.63
C THR J 4 -30.20 -38.19 17.75
N LEU J 5 -29.62 -38.95 16.82
CA LEU J 5 -28.18 -39.16 16.84
C LEU J 5 -27.42 -37.87 16.59
N THR J 6 -27.89 -37.07 15.63
CA THR J 6 -27.19 -35.84 15.28
C THR J 6 -27.22 -34.83 16.42
N ALA J 7 -28.34 -34.77 17.16
CA ALA J 7 -28.41 -33.88 18.31
C ALA J 7 -27.38 -34.28 19.36
N ARG J 8 -27.25 -35.59 19.62
CA ARG J 8 -26.24 -36.04 20.57
C ARG J 8 -24.84 -35.71 20.09
N LEU J 9 -24.56 -35.91 18.80
CA LEU J 9 -23.24 -35.59 18.27
C LEU J 9 -22.94 -34.11 18.40
N TYR J 10 -23.91 -33.25 18.12
CA TYR J 10 -23.68 -31.82 18.27
C TYR J 10 -23.45 -31.44 19.73
N SER J 11 -24.33 -31.89 20.62
CA SER J 11 -24.23 -31.50 22.02
C SER J 11 -23.03 -32.11 22.72
N LEU J 12 -22.44 -33.17 22.16
CA LEU J 12 -21.33 -33.89 22.80
C LEU J 12 -19.97 -33.49 22.22
N LEU J 13 -19.85 -33.36 20.91
CA LEU J 13 -18.58 -33.22 20.21
C LEU J 13 -18.42 -31.90 19.49
N PHE J 14 -19.39 -31.52 18.66
CA PHE J 14 -19.19 -30.44 17.70
C PHE J 14 -19.38 -29.04 18.28
N ARG J 15 -19.74 -28.90 19.55
CA ARG J 15 -19.89 -27.57 20.13
C ARG J 15 -18.56 -26.82 20.13
N ARG J 16 -17.59 -27.34 20.87
CA ARG J 16 -16.25 -26.76 20.89
C ARG J 16 -15.49 -27.12 19.62
N THR J 17 -14.42 -26.38 19.36
CA THR J 17 -13.56 -26.64 18.22
C THR J 17 -12.40 -27.57 18.57
N SER J 18 -11.91 -27.52 19.81
CA SER J 18 -10.87 -28.46 20.22
C SER J 18 -11.39 -29.89 20.17
N THR J 19 -12.60 -30.12 20.67
CA THR J 19 -13.20 -31.45 20.57
C THR J 19 -13.46 -31.83 19.12
N PHE J 20 -13.82 -30.87 18.28
CA PHE J 20 -14.00 -31.12 16.85
C PHE J 20 -12.71 -31.62 16.23
N ALA J 21 -11.59 -30.96 16.53
CA ALA J 21 -10.30 -31.38 16.01
C ALA J 21 -9.89 -32.75 16.54
N LEU J 22 -10.13 -33.00 17.83
CA LEU J 22 -9.81 -34.30 18.41
C LEU J 22 -10.61 -35.41 17.73
N THR J 23 -11.90 -35.16 17.49
CA THR J 23 -12.72 -36.12 16.77
C THR J 23 -12.19 -36.36 15.38
N ILE J 24 -11.75 -35.30 14.70
CA ILE J 24 -11.25 -35.44 13.34
C ILE J 24 -10.01 -36.32 13.31
N VAL J 25 -9.06 -36.08 14.22
CA VAL J 25 -7.82 -36.86 14.17
C VAL J 25 -8.08 -38.31 14.53
N VAL J 26 -8.96 -38.57 15.51
CA VAL J 26 -9.25 -39.96 15.86
C VAL J 26 -9.95 -40.66 14.71
N GLY J 27 -10.90 -39.97 14.07
CA GLY J 27 -11.59 -40.55 12.93
C GLY J 27 -10.64 -40.86 11.79
N ALA J 28 -9.68 -39.97 11.53
CA ALA J 28 -8.68 -40.23 10.51
C ALA J 28 -7.83 -41.44 10.87
N LEU J 29 -7.47 -41.56 12.16
CA LEU J 29 -6.63 -42.67 12.60
C LEU J 29 -7.31 -44.01 12.36
N PHE J 30 -8.60 -44.12 12.67
CA PHE J 30 -9.29 -45.39 12.43
C PHE J 30 -9.65 -45.58 10.96
N PHE J 31 -10.04 -44.50 10.28
CA PHE J 31 -10.45 -44.59 8.89
C PHE J 31 -9.30 -45.00 7.99
N GLU J 32 -8.06 -44.64 8.34
CA GLU J 32 -6.91 -45.08 7.57
C GLU J 32 -6.85 -46.61 7.51
N ARG J 33 -6.90 -47.26 8.68
CA ARG J 33 -6.81 -48.71 8.72
C ARG J 33 -8.01 -49.36 8.04
N ALA J 34 -9.22 -48.84 8.29
CA ALA J 34 -10.41 -49.44 7.70
C ALA J 34 -10.36 -49.36 6.18
N PHE J 35 -10.04 -48.18 5.64
CA PHE J 35 -10.00 -48.01 4.19
C PHE J 35 -8.89 -48.85 3.58
N ASP J 36 -7.72 -48.93 4.23
CA ASP J 36 -6.63 -49.72 3.68
C ASP J 36 -7.01 -51.19 3.60
N GLN J 37 -7.61 -51.73 4.67
CA GLN J 37 -8.01 -53.13 4.64
C GLN J 37 -9.06 -53.40 3.57
N GLY J 38 -10.06 -52.51 3.46
CA GLY J 38 -11.10 -52.72 2.46
C GLY J 38 -10.55 -52.68 1.04
N ALA J 39 -9.72 -51.68 0.74
CA ALA J 39 -9.16 -51.55 -0.59
C ALA J 39 -8.26 -52.73 -0.93
N ASP J 40 -7.43 -53.15 0.02
CA ASP J 40 -6.56 -54.31 -0.23
C ASP J 40 -7.37 -55.57 -0.45
N ALA J 41 -8.46 -55.75 0.30
CA ALA J 41 -9.30 -56.93 0.10
C ALA J 41 -9.92 -56.92 -1.29
N ILE J 42 -10.44 -55.78 -1.73
CA ILE J 42 -11.06 -55.71 -3.05
C ILE J 42 -10.03 -55.98 -4.14
N TYR J 43 -8.85 -55.38 -4.02
CA TYR J 43 -7.82 -55.57 -5.04
C TYR J 43 -7.33 -57.00 -5.08
N GLU J 44 -7.18 -57.64 -3.92
CA GLU J 44 -6.77 -59.03 -3.90
C GLU J 44 -7.85 -59.93 -4.50
N HIS J 45 -9.12 -59.63 -4.24
CA HIS J 45 -10.17 -60.49 -4.78
C HIS J 45 -10.27 -60.37 -6.29
N ILE J 46 -10.12 -59.16 -6.84
CA ILE J 46 -10.27 -58.99 -8.27
C ILE J 46 -9.20 -59.76 -9.03
N ASN J 47 -7.98 -59.79 -8.50
CA ASN J 47 -6.81 -60.39 -9.16
C ASN J 47 -6.36 -61.66 -8.45
N GLU J 48 -7.30 -62.50 -8.02
CA GLU J 48 -6.93 -63.71 -7.31
C GLU J 48 -6.17 -64.68 -8.22
N GLY J 49 -5.16 -65.32 -7.66
CA GLY J 49 -4.35 -66.26 -8.41
C GLY J 49 -3.35 -65.66 -9.35
N LYS J 50 -3.02 -64.38 -9.18
CA LYS J 50 -2.07 -63.68 -10.06
C LYS J 50 -0.97 -63.00 -9.26
N LEU J 51 -1.29 -62.47 -8.10
CA LEU J 51 -0.29 -61.78 -7.29
C LEU J 51 0.78 -62.74 -6.82
N TRP J 52 1.92 -62.18 -6.40
CA TRP J 52 3.02 -63.01 -5.93
C TRP J 52 2.64 -63.79 -4.69
N LYS J 53 1.93 -63.16 -3.76
CA LYS J 53 1.59 -63.82 -2.50
C LYS J 53 0.65 -65.00 -2.70
N HIS J 54 -0.08 -65.04 -3.81
CA HIS J 54 -0.95 -66.18 -4.08
C HIS J 54 -0.18 -67.39 -4.59
N ILE J 55 0.90 -67.17 -5.34
CA ILE J 55 1.74 -68.24 -5.87
C ILE J 55 3.04 -68.39 -5.10
N LYS J 56 3.16 -67.75 -3.93
CA LYS J 56 4.40 -67.77 -3.17
C LYS J 56 4.66 -69.14 -2.58
N HIS J 57 3.61 -69.78 -2.06
CA HIS J 57 3.76 -71.05 -1.34
C HIS J 57 4.33 -72.16 -2.22
N LYS J 58 4.14 -72.06 -3.54
CA LYS J 58 4.56 -73.15 -4.42
C LYS J 58 6.08 -73.31 -4.43
N TYR J 59 6.82 -72.21 -4.41
CA TYR J 59 8.26 -72.22 -4.66
C TYR J 59 9.08 -72.22 -3.38
N GLU J 60 8.81 -71.32 -2.45
CA GLU J 60 9.56 -71.31 -1.20
C GLU J 60 9.17 -72.52 -0.35
N ASN J 61 10.18 -73.19 0.21
CA ASN J 61 9.94 -74.38 1.02
C ASN J 61 9.66 -74.00 2.47
N MET K 1 10.48 -10.19 34.18
CA MET K 1 9.95 -9.52 35.40
C MET K 1 8.46 -9.21 35.25
N LEU K 2 7.71 -10.17 34.73
CA LEU K 2 6.28 -10.00 34.48
C LEU K 2 5.50 -10.24 35.77
N THR K 3 5.66 -9.30 36.70
CA THR K 3 4.95 -9.31 37.97
C THR K 3 3.58 -8.62 37.89
N ARG K 4 3.22 -8.07 36.74
CA ARG K 4 1.91 -7.44 36.57
C ARG K 4 0.77 -8.47 36.59
N PHE K 5 1.07 -9.75 36.41
CA PHE K 5 0.06 -10.78 36.17
C PHE K 5 -0.08 -11.73 37.36
N LEU K 6 -0.03 -11.19 38.57
CA LEU K 6 -0.23 -11.94 39.81
C LEU K 6 -1.41 -11.32 40.55
N GLY K 7 -2.59 -11.87 40.33
CA GLY K 7 -3.78 -11.42 41.02
C GLY K 7 -4.92 -12.41 40.89
N PRO K 8 -6.05 -12.15 41.57
CA PRO K 8 -7.20 -13.06 41.46
C PRO K 8 -7.72 -13.21 40.04
N ARG K 9 -7.72 -12.13 39.26
CA ARG K 9 -8.32 -12.18 37.93
C ARG K 9 -7.56 -13.13 37.03
N TYR K 10 -6.23 -13.13 37.12
CA TYR K 10 -5.44 -13.95 36.20
C TYR K 10 -5.48 -15.42 36.57
N ARG K 11 -5.49 -15.75 37.86
CA ARG K 11 -5.66 -17.15 38.23
C ARG K 11 -7.06 -17.64 37.87
N GLN K 12 -8.07 -16.78 38.00
CA GLN K 12 -9.41 -17.15 37.54
C GLN K 12 -9.42 -17.42 36.04
N LEU K 13 -8.77 -16.55 35.26
CA LEU K 13 -8.72 -16.74 33.82
C LEU K 13 -7.98 -18.02 33.46
N ALA K 14 -6.89 -18.30 34.16
CA ALA K 14 -6.15 -19.53 33.90
C ALA K 14 -6.98 -20.76 34.23
N ARG K 15 -7.74 -20.71 35.33
CA ARG K 15 -8.63 -21.82 35.65
C ARG K 15 -9.67 -22.02 34.55
N ASN K 16 -10.19 -20.92 34.01
CA ASN K 16 -11.18 -21.04 32.94
C ASN K 16 -10.56 -21.65 31.68
N TRP K 17 -9.34 -21.26 31.34
CA TRP K 17 -8.74 -21.64 30.06
C TRP K 17 -7.90 -22.92 30.12
N VAL K 18 -7.73 -23.54 31.29
CA VAL K 18 -6.96 -24.79 31.37
C VAL K 18 -7.56 -25.92 30.53
N PRO K 19 -8.86 -26.21 30.60
CA PRO K 19 -9.38 -27.36 29.82
C PRO K 19 -9.16 -27.27 28.33
N THR K 20 -9.31 -26.09 27.74
CA THR K 20 -9.11 -25.95 26.30
C THR K 20 -7.63 -26.15 25.95
N ALA K 21 -6.73 -25.65 26.78
CA ALA K 21 -5.31 -25.86 26.54
C ALA K 21 -4.97 -27.34 26.62
N SER K 22 -5.55 -28.04 27.59
CA SER K 22 -5.31 -29.49 27.70
C SER K 22 -5.84 -30.23 26.48
N LEU K 23 -7.02 -29.84 25.99
CA LEU K 23 -7.58 -30.48 24.80
C LEU K 23 -6.72 -30.22 23.56
N TRP K 24 -6.21 -28.99 23.42
CA TRP K 24 -5.34 -28.71 22.29
C TRP K 24 -4.03 -29.49 22.38
N GLY K 25 -3.51 -29.64 23.60
CA GLY K 25 -2.32 -30.48 23.76
C GLY K 25 -2.59 -31.93 23.38
N ALA K 26 -3.75 -32.45 23.79
CA ALA K 26 -4.11 -33.81 23.39
C ALA K 26 -4.24 -33.94 21.89
N VAL K 27 -4.82 -32.92 21.24
CA VAL K 27 -4.93 -32.93 19.78
C VAL K 27 -3.54 -32.98 19.16
N GLY K 28 -2.61 -32.18 19.68
CA GLY K 28 -1.26 -32.19 19.14
C GLY K 28 -0.58 -33.54 19.32
N ALA K 29 -0.73 -34.14 20.49
CA ALA K 29 -0.11 -35.44 20.74
C ALA K 29 -0.66 -36.52 19.83
N VAL K 30 -1.99 -36.58 19.71
CA VAL K 30 -2.60 -37.60 18.86
C VAL K 30 -2.22 -37.38 17.40
N GLY K 31 -2.17 -36.11 16.96
CA GLY K 31 -1.77 -35.83 15.61
C GLY K 31 -0.33 -36.25 15.33
N LEU K 32 0.57 -35.97 16.27
CA LEU K 32 1.96 -36.38 16.09
C LEU K 32 2.08 -37.90 16.00
N VAL K 33 1.38 -38.61 16.88
CA VAL K 33 1.47 -40.07 16.87
C VAL K 33 0.90 -40.63 15.56
N TRP K 34 -0.22 -40.07 15.10
CA TRP K 34 -0.82 -40.57 13.86
C TRP K 34 0.05 -40.26 12.65
N ALA K 35 0.70 -39.09 12.65
CA ALA K 35 1.50 -38.69 11.49
C ALA K 35 2.80 -39.46 11.42
N THR K 36 3.46 -39.68 12.56
CA THR K 36 4.75 -40.37 12.56
C THR K 36 4.61 -41.89 12.50
N ASP K 37 3.42 -42.45 12.73
CA ASP K 37 3.22 -43.90 12.79
C ASP K 37 4.11 -44.51 13.88
N TRP K 38 4.12 -43.87 15.04
CA TRP K 38 4.98 -44.27 16.13
C TRP K 38 4.50 -45.60 16.70
N ARG K 39 5.21 -46.69 16.38
CA ARG K 39 4.77 -48.02 16.77
C ARG K 39 4.77 -48.22 18.27
N LEU K 40 5.60 -47.46 19.00
CA LEU K 40 5.74 -47.66 20.44
C LEU K 40 4.42 -47.44 21.17
N ILE K 41 3.68 -46.39 20.78
CA ILE K 41 2.37 -46.14 21.35
C ILE K 41 1.30 -46.94 20.62
N LEU K 42 1.37 -46.99 19.28
CA LEU K 42 0.28 -47.57 18.51
C LEU K 42 0.14 -49.07 18.69
N ASP K 43 1.19 -49.77 19.13
CA ASP K 43 1.08 -51.22 19.30
C ASP K 43 0.12 -51.60 20.42
N TRP K 44 -0.17 -50.69 21.35
CA TRP K 44 -1.09 -50.98 22.44
C TRP K 44 -2.55 -50.70 22.09
N VAL K 45 -2.81 -49.89 21.06
CA VAL K 45 -4.18 -49.62 20.66
C VAL K 45 -4.78 -50.90 20.05
N PRO K 46 -6.00 -51.32 20.42
CA PRO K 46 -6.46 -52.67 20.02
C PRO K 46 -6.63 -52.88 18.52
N TYR K 47 -7.46 -52.07 17.86
CA TYR K 47 -7.74 -52.31 16.46
C TYR K 47 -6.61 -51.86 15.55
N ILE K 48 -5.86 -50.85 15.96
CA ILE K 48 -4.74 -50.37 15.14
C ILE K 48 -3.63 -51.40 15.09
N ASN K 49 -3.43 -52.14 16.19
CA ASN K 49 -2.31 -53.08 16.32
C ASN K 49 -2.27 -54.13 15.22
N GLY K 50 -3.41 -54.45 14.62
CA GLY K 50 -3.44 -55.45 13.58
C GLY K 50 -2.85 -55.01 12.25
N LYS K 51 -2.55 -53.72 12.07
CA LYS K 51 -2.01 -53.25 10.80
C LYS K 51 -0.53 -53.55 10.64
N PHE K 52 0.16 -53.98 11.70
CA PHE K 52 1.57 -54.34 11.63
C PHE K 52 1.72 -55.85 11.55
N THR L 1 -14.61 53.18 -37.59
CA THR L 1 -13.70 53.23 -38.77
C THR L 1 -12.24 53.36 -38.35
N ALA L 2 -12.00 53.99 -37.20
CA ALA L 2 -10.63 54.14 -36.70
C ALA L 2 -10.10 52.79 -36.23
N THR L 3 -8.81 52.56 -36.48
CA THR L 3 -8.17 51.32 -36.06
C THR L 3 -7.47 51.52 -34.72
N TYR L 4 -6.98 50.40 -34.18
CA TYR L 4 -6.20 50.43 -32.95
C TYR L 4 -4.94 51.27 -33.11
N ALA L 5 -4.23 51.09 -34.23
CA ALA L 5 -2.99 51.82 -34.46
C ALA L 5 -3.23 53.32 -34.58
N GLN L 6 -4.29 53.73 -35.29
CA GLN L 6 -4.54 55.16 -35.41
C GLN L 6 -4.86 55.76 -34.06
N ALA L 7 -5.56 55.01 -33.21
CA ALA L 7 -5.83 55.51 -31.87
C ALA L 7 -4.53 55.66 -31.09
N LEU L 8 -3.56 54.77 -31.35
CA LEU L 8 -2.27 54.89 -30.68
C LEU L 8 -1.50 56.12 -31.15
N GLN L 9 -1.69 56.55 -32.39
CA GLN L 9 -1.03 57.76 -32.86
C GLN L 9 -1.66 59.02 -32.28
N SER L 10 -2.95 59.01 -31.98
CA SER L 10 -3.63 60.20 -31.47
C SER L 10 -3.25 60.57 -30.04
N VAL L 11 -2.46 59.77 -29.33
CA VAL L 11 -2.11 60.13 -27.95
C VAL L 11 -1.13 61.31 -27.99
N PRO L 12 -1.35 62.40 -27.25
CA PRO L 12 -0.41 63.53 -27.33
C PRO L 12 0.98 63.19 -26.81
N GLU L 13 1.97 63.79 -27.45
CA GLU L 13 3.37 63.64 -27.05
C GLU L 13 3.63 64.28 -25.68
N THR L 14 4.46 63.62 -24.88
CA THR L 14 4.86 64.11 -23.57
C THR L 14 5.98 65.13 -23.72
N GLN L 15 5.65 66.41 -23.51
CA GLN L 15 6.67 67.46 -23.59
C GLN L 15 7.66 67.39 -22.43
N VAL L 16 8.93 67.67 -22.71
CA VAL L 16 10.03 67.59 -21.75
C VAL L 16 10.88 68.85 -21.88
N SER L 17 11.25 69.43 -20.74
CA SER L 17 12.14 70.58 -20.68
C SER L 17 13.03 70.46 -19.45
N GLN L 18 14.19 71.11 -19.49
CA GLN L 18 15.14 71.08 -18.38
C GLN L 18 15.59 72.47 -17.99
N LEU L 19 15.57 72.75 -16.68
CA LEU L 19 16.00 74.03 -16.13
C LEU L 19 17.53 74.10 -16.12
N ASP L 20 18.06 75.28 -15.78
CA ASP L 20 19.50 75.48 -15.70
C ASP L 20 20.16 74.66 -14.58
N ASN L 21 19.47 74.44 -13.46
CA ASN L 21 20.05 73.64 -12.38
C ASN L 21 20.02 72.15 -12.64
N GLY L 22 19.32 71.69 -13.68
CA GLY L 22 19.24 70.29 -14.03
C GLY L 22 17.91 69.64 -13.72
N LEU L 23 17.00 70.34 -13.03
CA LEU L 23 15.69 69.79 -12.76
C LEU L 23 14.93 69.57 -14.07
N ARG L 24 14.48 68.34 -14.30
CA ARG L 24 13.70 68.03 -15.48
C ARG L 24 12.21 68.19 -15.18
N VAL L 25 11.52 68.89 -16.07
CA VAL L 25 10.11 69.21 -15.97
C VAL L 25 9.42 68.59 -17.18
N ALA L 26 8.49 67.67 -16.92
CA ALA L 26 7.81 66.93 -17.97
C ALA L 26 6.31 67.01 -17.76
N SER L 27 5.56 67.00 -18.86
CA SER L 27 4.12 67.13 -18.73
C SER L 27 3.41 66.54 -19.91
N GLU L 28 2.22 65.97 -19.64
CA GLU L 28 1.30 65.51 -20.68
C GLU L 28 -0.05 66.21 -20.56
N GLN L 29 -0.34 67.06 -21.55
CA GLN L 29 -1.57 67.85 -21.55
C GLN L 29 -2.75 66.99 -21.97
N SER L 30 -3.86 67.13 -21.27
CA SER L 30 -5.14 66.54 -21.64
C SER L 30 -6.20 67.62 -21.66
N SER L 31 -7.45 67.21 -21.89
CA SER L 31 -8.61 68.09 -21.77
C SER L 31 -9.41 67.82 -20.51
N GLN L 32 -8.80 67.19 -19.51
CA GLN L 32 -9.46 66.78 -18.28
C GLN L 32 -9.63 68.01 -17.38
N PRO L 33 -10.69 68.08 -16.56
CA PRO L 33 -10.76 69.17 -15.56
C PRO L 33 -9.81 69.02 -14.38
N THR L 34 -9.38 67.81 -14.05
CA THR L 34 -8.48 67.55 -12.93
C THR L 34 -7.08 67.28 -13.43
N CYS L 35 -6.14 67.16 -12.49
CA CYS L 35 -4.77 66.88 -12.87
C CYS L 35 -4.04 66.25 -11.69
N THR L 36 -2.86 65.72 -11.99
CA THR L 36 -1.92 65.20 -11.01
C THR L 36 -0.54 65.76 -11.27
N VAL L 37 0.14 66.21 -10.22
CA VAL L 37 1.48 66.76 -10.36
C VAL L 37 2.34 66.29 -9.20
N GLY L 38 3.62 66.03 -9.46
CA GLY L 38 4.44 65.50 -8.39
C GLY L 38 5.91 65.46 -8.75
N VAL L 39 6.70 65.09 -7.74
CA VAL L 39 8.16 65.03 -7.81
C VAL L 39 8.61 63.60 -7.58
N TRP L 40 9.36 63.05 -8.55
CA TRP L 40 9.97 61.73 -8.45
C TRP L 40 11.48 61.88 -8.25
N ILE L 41 11.99 61.33 -7.14
CA ILE L 41 13.39 61.48 -6.73
C ILE L 41 14.09 60.13 -6.87
N ASP L 42 15.34 60.18 -7.33
CA ASP L 42 16.19 58.99 -7.49
C ASP L 42 16.94 58.69 -6.20
N ALA L 43 16.17 58.29 -5.19
CA ALA L 43 16.71 57.97 -3.88
C ALA L 43 15.93 56.81 -3.28
N GLY L 44 16.64 55.98 -2.53
CA GLY L 44 16.00 54.81 -1.94
C GLY L 44 17.00 54.06 -1.09
N SER L 45 16.53 52.94 -0.54
CA SER L 45 17.32 52.19 0.43
C SER L 45 18.55 51.53 -0.20
N ARG L 46 18.57 51.36 -1.52
CA ARG L 46 19.77 50.84 -2.17
C ARG L 46 20.95 51.80 -2.05
N TYR L 47 20.68 53.10 -1.92
CA TYR L 47 21.71 54.09 -1.70
C TYR L 47 22.14 54.20 -0.24
N GLU L 48 21.39 53.63 0.69
CA GLU L 48 21.70 53.76 2.11
C GLU L 48 22.69 52.70 2.54
N SER L 49 23.60 53.09 3.42
CA SER L 49 24.55 52.17 4.04
C SER L 49 23.92 51.51 5.26
N GLU L 50 24.65 50.54 5.81
CA GLU L 50 24.18 49.85 7.02
C GLU L 50 23.98 50.80 8.19
N LYS L 51 24.77 51.87 8.28
CA LYS L 51 24.64 52.80 9.40
C LYS L 51 23.30 53.53 9.38
N ASN L 52 22.98 54.17 8.26
CA ASN L 52 21.81 55.03 8.13
C ASN L 52 20.65 54.37 7.38
N ASN L 53 20.62 53.04 7.34
CA ASN L 53 19.53 52.34 6.68
C ASN L 53 18.18 52.66 7.30
N GLY L 54 17.19 52.91 6.45
CA GLY L 54 15.88 53.35 6.88
C GLY L 54 15.73 54.84 7.02
N ALA L 55 16.74 55.62 6.65
CA ALA L 55 16.66 57.07 6.79
C ALA L 55 15.57 57.65 5.88
N GLY L 56 15.57 57.28 4.61
CA GLY L 56 14.58 57.81 3.69
C GLY L 56 13.16 57.49 4.07
N TYR L 57 12.92 56.25 4.54
CA TYR L 57 11.59 55.88 5.01
C TYR L 57 11.19 56.72 6.21
N PHE L 58 12.16 57.04 7.07
CA PHE L 58 11.90 57.95 8.18
C PHE L 58 11.53 59.34 7.69
N VAL L 59 12.21 59.81 6.64
CA VAL L 59 11.90 61.13 6.08
C VAL L 59 10.52 61.18 5.46
N GLU L 60 10.06 60.08 4.86
CA GLU L 60 8.70 60.06 4.31
C GLU L 60 7.64 60.33 5.38
N HIS L 61 7.86 59.83 6.60
CA HIS L 61 6.93 60.07 7.71
C HIS L 61 6.93 61.52 8.20
N LEU L 62 7.94 62.30 7.85
CA LEU L 62 8.08 63.68 8.32
C LEU L 62 7.82 64.72 7.24
N ALA L 63 7.64 64.31 5.98
CA ALA L 63 7.50 65.27 4.89
C ALA L 63 6.26 66.13 5.06
N PHE L 64 5.17 65.56 5.58
CA PHE L 64 3.88 66.23 5.67
C PHE L 64 3.54 66.72 7.07
N LYS L 65 4.52 66.81 7.97
CA LYS L 65 4.26 67.15 9.36
C LYS L 65 4.57 68.61 9.69
N GLY L 66 5.18 69.36 8.80
CA GLY L 66 5.44 70.77 9.03
C GLY L 66 6.68 71.22 8.29
N THR L 67 6.72 72.52 8.01
CA THR L 67 7.85 73.17 7.36
C THR L 67 8.19 74.45 8.11
N LYS L 68 9.26 75.11 7.68
CA LYS L 68 9.63 76.40 8.28
C LYS L 68 8.60 77.47 8.02
N ASN L 69 7.93 77.42 6.87
CA ASN L 69 6.93 78.43 6.50
C ASN L 69 5.54 78.08 6.99
N ARG L 70 5.14 76.80 6.91
CA ARG L 70 3.81 76.33 7.30
C ARG L 70 3.97 75.35 8.46
N PRO L 71 4.20 75.84 9.67
CA PRO L 71 4.47 74.92 10.79
C PRO L 71 3.23 74.16 11.24
N GLY L 72 3.48 73.00 11.83
CA GLY L 72 2.43 72.18 12.39
C GLY L 72 1.52 71.62 11.31
N ASN L 73 0.22 71.64 11.59
CA ASN L 73 -0.80 71.13 10.68
C ASN L 73 -1.29 72.18 9.67
N ALA L 74 -0.60 73.30 9.54
CA ALA L 74 -1.00 74.34 8.61
C ALA L 74 -1.01 73.85 7.17
N LEU L 75 0.03 73.10 6.79
CA LEU L 75 0.06 72.46 5.47
C LEU L 75 -1.11 71.51 5.27
N GLU L 76 -1.40 70.66 6.26
CA GLU L 76 -2.51 69.73 6.12
C GLU L 76 -3.83 70.47 5.90
N LYS L 77 -3.99 71.64 6.52
CA LYS L 77 -5.23 72.40 6.34
C LYS L 77 -5.24 73.06 4.96
N GLU L 78 -4.09 73.51 4.48
CA GLU L 78 -4.08 74.16 3.17
C GLU L 78 -4.43 73.13 2.10
N VAL L 79 -3.88 71.93 2.21
CA VAL L 79 -4.19 70.87 1.26
C VAL L 79 -5.67 70.51 1.34
N GLU L 80 -6.17 70.32 2.56
CA GLU L 80 -7.57 69.92 2.75
C GLU L 80 -8.55 70.97 2.26
N SER L 81 -8.22 72.26 2.42
CA SER L 81 -9.19 73.30 2.12
C SER L 81 -9.55 73.36 0.64
N MET L 82 -8.58 73.19 -0.26
CA MET L 82 -8.86 73.18 -1.68
C MET L 82 -9.29 71.82 -2.22
N GLY L 83 -9.58 70.86 -1.35
CA GLY L 83 -10.09 69.57 -1.81
C GLY L 83 -9.11 68.66 -2.49
N ALA L 84 -7.82 68.95 -2.43
CA ALA L 84 -6.80 68.14 -3.09
C ALA L 84 -6.43 66.94 -2.21
N HIS L 85 -5.69 66.00 -2.80
CA HIS L 85 -5.23 64.80 -2.10
C HIS L 85 -3.72 64.71 -2.26
N LEU L 86 -3.02 64.58 -1.14
CA LEU L 86 -1.57 64.51 -1.08
C LEU L 86 -1.11 63.12 -0.68
N ASN L 87 -0.14 62.57 -1.41
CA ASN L 87 0.25 61.18 -1.24
C ASN L 87 1.75 61.06 -1.51
N ALA L 88 2.32 59.92 -1.11
CA ALA L 88 3.74 59.69 -1.30
C ALA L 88 4.06 58.21 -1.11
N TYR L 89 5.18 57.78 -1.66
CA TYR L 89 5.66 56.42 -1.45
C TYR L 89 7.16 56.33 -1.64
N SER L 90 7.76 55.29 -1.06
CA SER L 90 9.19 55.03 -1.14
C SER L 90 9.40 53.56 -1.49
N THR L 91 10.33 53.31 -2.41
CA THR L 91 10.76 51.98 -2.80
C THR L 91 12.28 51.85 -2.58
N ARG L 92 12.85 50.76 -3.06
CA ARG L 92 14.30 50.57 -2.94
C ARG L 92 15.10 51.47 -3.88
N GLU L 93 14.47 52.03 -4.92
CA GLU L 93 15.17 52.86 -5.91
C GLU L 93 14.53 54.21 -6.20
N HIS L 94 13.27 54.43 -5.84
CA HIS L 94 12.54 55.64 -6.20
C HIS L 94 11.71 56.14 -5.04
N THR L 95 11.67 57.46 -4.88
CA THR L 95 10.79 58.13 -3.92
C THR L 95 9.87 59.07 -4.68
N ALA L 96 8.62 59.20 -4.24
CA ALA L 96 7.64 59.98 -4.98
C ALA L 96 6.73 60.73 -4.01
N TYR L 97 6.45 62.00 -4.33
CA TYR L 97 5.43 62.80 -3.67
C TYR L 97 4.54 63.42 -4.72
N TYR L 98 3.22 63.23 -4.62
CA TYR L 98 2.33 63.77 -5.65
C TYR L 98 0.99 64.23 -5.09
N ILE L 99 0.38 65.16 -5.81
CA ILE L 99 -0.89 65.77 -5.45
C ILE L 99 -1.88 65.58 -6.59
N LYS L 100 -3.10 65.19 -6.25
CA LYS L 100 -4.25 65.20 -7.16
C LYS L 100 -5.11 66.41 -6.84
N ALA L 101 -5.39 67.24 -7.85
CA ALA L 101 -6.13 68.46 -7.56
C ALA L 101 -6.81 68.97 -8.83
N LEU L 102 -7.74 69.90 -8.63
CA LEU L 102 -8.33 70.63 -9.73
C LEU L 102 -7.27 71.37 -10.52
N SER L 103 -7.50 71.53 -11.82
CA SER L 103 -6.55 72.24 -12.67
C SER L 103 -6.35 73.69 -12.22
N LYS L 104 -7.42 74.32 -11.73
CA LYS L 104 -7.31 75.70 -11.27
C LYS L 104 -6.38 75.83 -10.08
N ASP L 105 -6.23 74.76 -9.29
CA ASP L 105 -5.39 74.78 -8.12
C ASP L 105 -3.95 74.38 -8.44
N LEU L 106 -3.59 74.28 -9.72
CA LEU L 106 -2.22 73.91 -10.05
C LEU L 106 -1.16 74.87 -9.51
N PRO L 107 -1.33 76.20 -9.53
CA PRO L 107 -0.28 77.06 -8.96
C PRO L 107 0.04 76.81 -7.50
N LYS L 108 -0.96 76.57 -6.65
CA LYS L 108 -0.68 76.34 -5.24
C LYS L 108 -0.10 74.96 -4.98
N ALA L 109 -0.60 73.94 -5.67
CA ALA L 109 -0.10 72.57 -5.49
C ALA L 109 1.39 72.45 -5.77
N VAL L 110 1.86 73.08 -6.86
CA VAL L 110 3.28 73.06 -7.18
C VAL L 110 4.07 73.74 -6.08
N GLU L 111 3.53 74.84 -5.56
CA GLU L 111 4.22 75.57 -4.49
C GLU L 111 4.42 74.66 -3.29
N LEU L 112 3.37 73.89 -2.94
CA LEU L 112 3.49 73.02 -1.77
C LEU L 112 4.56 71.97 -2.01
N LEU L 113 4.62 71.43 -3.22
CA LEU L 113 5.63 70.41 -3.50
C LEU L 113 7.01 70.99 -3.33
N ALA L 114 7.22 72.22 -3.81
CA ALA L 114 8.52 72.88 -3.64
C ALA L 114 8.81 73.06 -2.16
N ASP L 115 7.78 73.42 -1.39
CA ASP L 115 7.98 73.61 0.03
C ASP L 115 8.36 72.31 0.73
N ILE L 116 7.88 71.17 0.22
CA ILE L 116 8.15 69.90 0.91
C ILE L 116 9.57 69.41 0.66
N VAL L 117 10.03 69.44 -0.59
CA VAL L 117 11.33 68.85 -0.91
C VAL L 117 12.51 69.72 -0.53
N GLN L 118 12.30 70.96 -0.10
CA GLN L 118 13.38 71.89 0.24
C GLN L 118 13.37 72.29 1.71
N ASN L 119 12.24 72.74 2.24
CA ASN L 119 12.16 73.33 3.58
C ASN L 119 11.46 72.35 4.49
N CYS L 120 12.24 71.44 5.06
CA CYS L 120 11.80 70.45 6.03
C CYS L 120 12.64 70.69 7.28
N SER L 121 11.98 70.98 8.40
CA SER L 121 12.69 71.26 9.65
C SER L 121 12.97 70.04 10.50
N LEU L 122 12.11 69.02 10.47
CA LEU L 122 12.28 67.82 11.28
C LEU L 122 12.35 68.16 12.78
N GLU L 123 11.20 68.51 13.34
CA GLU L 123 11.14 68.89 14.74
C GLU L 123 11.49 67.69 15.62
N ASP L 124 12.26 67.94 16.69
CA ASP L 124 12.70 66.85 17.54
C ASP L 124 11.51 66.12 18.15
N SER L 125 10.49 66.87 18.55
CA SER L 125 9.29 66.27 19.11
C SER L 125 8.61 65.38 18.08
N GLN L 126 8.68 65.76 16.80
CA GLN L 126 8.06 64.94 15.78
C GLN L 126 8.91 63.71 15.50
N ILE L 127 10.24 63.85 15.49
CA ILE L 127 11.09 62.68 15.29
C ILE L 127 10.80 61.64 16.37
N GLU L 128 10.64 62.09 17.61
CA GLU L 128 10.40 61.15 18.69
C GLU L 128 9.00 60.57 18.61
N LYS L 129 8.02 61.36 18.17
CA LYS L 129 6.67 60.82 18.08
C LYS L 129 6.53 59.83 16.92
N GLU L 130 7.18 60.10 15.79
CA GLU L 130 7.19 59.15 14.68
C GLU L 130 8.07 57.93 14.94
N ARG L 131 8.93 57.96 15.97
CA ARG L 131 9.72 56.76 16.28
C ARG L 131 8.81 55.60 16.67
N ASP L 132 7.92 55.82 17.65
CA ASP L 132 7.06 54.74 18.09
C ASP L 132 6.05 54.37 17.00
N VAL L 133 5.71 55.32 16.14
CA VAL L 133 4.77 55.03 15.04
C VAL L 133 5.42 54.04 14.10
N ILE L 134 6.67 54.30 13.70
CA ILE L 134 7.37 53.39 12.79
C ILE L 134 7.55 52.03 13.43
N LEU L 135 7.95 51.99 14.71
CA LEU L 135 8.10 50.70 15.39
C LEU L 135 6.79 49.91 15.42
N GLN L 136 5.68 50.58 15.67
CA GLN L 136 4.38 49.91 15.65
C GLN L 136 4.06 49.41 14.25
N GLU L 137 4.42 50.18 13.22
CA GLU L 137 4.20 49.69 11.86
C GLU L 137 5.05 48.47 11.57
N LEU L 138 6.26 48.39 12.11
CA LEU L 138 7.06 47.19 11.91
C LEU L 138 6.39 45.98 12.55
N GLN L 139 5.79 46.17 13.72
CA GLN L 139 5.06 45.07 14.34
C GLN L 139 3.85 44.66 13.50
N GLU L 140 3.14 45.64 12.93
CA GLU L 140 2.01 45.31 12.06
C GLU L 140 2.47 44.59 10.80
N ASN L 141 3.56 45.07 10.19
CA ASN L 141 4.07 44.52 8.94
C ASN L 141 4.54 43.09 9.11
N ASP L 142 4.98 42.72 10.32
CA ASP L 142 5.37 41.33 10.57
C ASP L 142 4.24 40.34 10.29
N THR L 143 2.98 40.76 10.38
CA THR L 143 1.83 39.88 10.20
C THR L 143 1.42 39.68 8.74
N SER L 144 1.99 40.40 7.78
CA SER L 144 1.71 40.19 6.35
C SER L 144 2.74 39.22 5.79
N MET L 145 2.31 37.97 5.61
CA MET L 145 3.20 36.93 5.10
C MET L 145 3.70 37.19 3.68
N ARG L 146 2.92 37.91 2.86
CA ARG L 146 3.39 38.23 1.52
C ARG L 146 4.60 39.17 1.58
N ASP L 147 4.50 40.21 2.39
CA ASP L 147 5.58 41.16 2.52
C ASP L 147 6.79 40.52 3.16
N VAL L 148 6.55 39.58 4.08
CA VAL L 148 7.65 38.88 4.74
C VAL L 148 8.41 38.05 3.72
N VAL L 149 7.68 37.25 2.93
CA VAL L 149 8.36 36.33 2.02
C VAL L 149 9.08 37.11 0.93
N PHE L 150 8.56 38.27 0.53
CA PHE L 150 9.26 39.06 -0.48
C PHE L 150 10.48 39.77 0.08
N ASN L 151 10.45 40.17 1.35
CA ASN L 151 11.66 40.70 1.96
C ASN L 151 12.70 39.60 2.15
N TYR L 152 12.27 38.39 2.48
CA TYR L 152 13.21 37.26 2.54
C TYR L 152 13.82 37.00 1.18
N LEU L 153 13.01 37.07 0.12
CA LEU L 153 13.54 36.81 -1.21
C LEU L 153 14.61 37.81 -1.58
N HIS L 154 14.37 39.10 -1.33
CA HIS L 154 15.43 40.09 -1.55
C HIS L 154 16.63 39.83 -0.64
N ALA L 155 16.39 39.46 0.61
CA ALA L 155 17.48 39.27 1.58
C ALA L 155 18.44 38.18 1.14
N THR L 156 17.90 37.09 0.58
CA THR L 156 18.74 35.97 0.17
C THR L 156 19.24 36.09 -1.26
N ALA L 157 18.44 36.62 -2.18
CA ALA L 157 18.85 36.72 -3.58
C ALA L 157 20.05 37.64 -3.75
N PHE L 158 19.99 38.83 -3.14
CA PHE L 158 21.05 39.83 -3.23
C PHE L 158 21.85 39.96 -1.93
N GLN L 159 22.08 38.85 -1.24
CA GLN L 159 22.78 38.87 0.04
C GLN L 159 24.17 39.48 -0.07
N GLY L 160 24.52 40.29 0.93
CA GLY L 160 25.80 40.96 0.97
C GLY L 160 25.91 42.24 0.18
N THR L 161 24.82 42.73 -0.40
CA THR L 161 24.79 43.90 -1.25
C THR L 161 23.72 44.85 -0.75
N PRO L 162 23.67 46.09 -1.26
CA PRO L 162 22.65 47.03 -0.79
C PRO L 162 21.21 46.60 -1.06
N LEU L 163 20.95 45.84 -2.13
CA LEU L 163 19.58 45.45 -2.43
C LEU L 163 19.03 44.46 -1.43
N ALA L 164 19.88 43.79 -0.64
CA ALA L 164 19.40 42.92 0.42
C ALA L 164 18.68 43.68 1.53
N GLN L 165 18.91 44.98 1.67
CA GLN L 165 18.32 45.72 2.77
C GLN L 165 16.84 45.94 2.54
N SER L 166 16.09 45.99 3.63
CA SER L 166 14.68 46.34 3.58
C SER L 166 14.52 47.85 3.52
N VAL L 167 13.34 48.28 3.07
CA VAL L 167 13.10 49.72 2.96
C VAL L 167 12.99 50.35 4.34
N GLU L 168 12.31 49.69 5.27
CA GLU L 168 12.10 50.26 6.59
C GLU L 168 13.31 50.19 7.49
N GLY L 169 14.23 49.25 7.24
CA GLY L 169 15.44 49.14 8.02
C GLY L 169 15.20 48.25 9.22
N PRO L 170 16.25 47.90 9.95
CA PRO L 170 16.08 47.05 11.12
C PRO L 170 15.58 47.84 12.33
N SER L 171 15.03 47.09 13.29
CA SER L 171 14.49 47.69 14.51
C SER L 171 15.51 48.54 15.24
N GLU L 172 16.77 48.08 15.29
CA GLU L 172 17.79 48.79 16.06
C GLU L 172 18.13 50.13 15.44
N ASN L 173 18.12 50.20 14.11
CA ASN L 173 18.52 51.43 13.43
C ASN L 173 17.51 52.55 13.69
N VAL L 174 16.22 52.21 13.74
CA VAL L 174 15.18 53.23 13.87
C VAL L 174 15.15 53.86 15.25
N ARG L 175 15.67 53.19 16.27
CA ARG L 175 15.67 53.70 17.64
C ARG L 175 16.91 54.50 17.99
N LYS L 176 17.89 54.61 17.08
CA LYS L 176 19.04 55.48 17.28
C LYS L 176 19.35 56.40 16.10
N LEU L 177 18.55 56.40 15.03
CA LEU L 177 18.73 57.39 13.98
C LEU L 177 18.52 58.80 14.53
N SER L 178 19.56 59.63 14.42
CA SER L 178 19.53 60.99 14.94
C SER L 178 19.11 61.99 13.87
N ARG L 179 18.87 63.23 14.32
CA ARG L 179 18.52 64.31 13.40
C ARG L 179 19.66 64.65 12.45
N ALA L 180 20.90 64.51 12.90
CA ALA L 180 22.04 64.78 12.03
C ALA L 180 22.10 63.79 10.88
N ASP L 181 21.76 62.53 11.14
CA ASP L 181 21.70 61.53 10.09
C ASP L 181 20.67 61.89 9.04
N LEU L 182 19.53 62.43 9.46
CA LEU L 182 18.48 62.74 8.51
C LEU L 182 18.83 63.96 7.69
N THR L 183 19.39 64.99 8.31
CA THR L 183 19.79 66.16 7.54
C THR L 183 20.92 65.83 6.57
N GLU L 184 21.88 65.01 7.00
CA GLU L 184 22.93 64.58 6.07
C GLU L 184 22.36 63.78 4.90
N TYR L 185 21.39 62.89 5.16
CA TYR L 185 20.74 62.15 4.08
C TYR L 185 20.07 63.10 3.10
N LEU L 186 19.34 64.09 3.62
CA LEU L 186 18.62 65.00 2.73
C LEU L 186 19.60 65.83 1.92
N SER L 187 20.57 66.46 2.58
CA SER L 187 21.51 67.30 1.85
C SER L 187 22.38 66.50 0.89
N ARG L 188 22.44 65.17 1.03
CA ARG L 188 23.26 64.35 0.14
C ARG L 188 22.49 63.73 -1.01
N HIS L 189 21.15 63.63 -0.92
CA HIS L 189 20.38 62.93 -1.95
C HIS L 189 19.32 63.76 -2.66
N TYR L 190 18.76 64.79 -2.01
CA TYR L 190 17.70 65.59 -2.64
C TYR L 190 18.34 66.72 -3.43
N LYS L 191 19.05 66.33 -4.47
CA LYS L 191 19.70 67.24 -5.41
C LYS L 191 18.90 67.36 -6.70
N ALA L 192 19.02 68.53 -7.34
CA ALA L 192 18.18 68.85 -8.48
C ALA L 192 18.31 67.91 -9.68
N PRO L 193 19.51 67.48 -10.10
CA PRO L 193 19.58 66.58 -11.26
C PRO L 193 19.06 65.18 -11.04
N ARG L 194 18.67 64.82 -9.81
CA ARG L 194 18.06 63.54 -9.50
C ARG L 194 16.56 63.60 -9.29
N MET L 195 15.93 64.77 -9.42
CA MET L 195 14.49 64.92 -9.28
C MET L 195 13.84 65.20 -10.63
N VAL L 196 12.57 64.82 -10.76
CA VAL L 196 11.80 65.01 -11.99
C VAL L 196 10.41 65.50 -11.60
N LEU L 197 10.10 66.74 -11.95
CA LEU L 197 8.77 67.32 -11.77
C LEU L 197 7.87 66.91 -12.93
N ALA L 198 7.04 65.89 -12.72
CA ALA L 198 6.12 65.38 -13.72
C ALA L 198 4.71 65.89 -13.47
N ALA L 199 3.95 66.04 -14.57
CA ALA L 199 2.55 66.43 -14.44
C ALA L 199 1.73 65.81 -15.56
N ALA L 200 0.43 65.73 -15.32
CA ALA L 200 -0.47 65.20 -16.34
C ALA L 200 -1.88 65.66 -16.07
N GLY L 201 -2.57 66.10 -17.12
CA GLY L 201 -3.94 66.56 -16.98
C GLY L 201 -4.23 67.80 -17.80
N GLY L 202 -5.19 68.60 -17.35
CA GLY L 202 -5.52 69.82 -18.04
C GLY L 202 -4.62 70.95 -17.61
N LEU L 203 -3.58 71.21 -18.39
CA LEU L 203 -2.58 72.20 -18.06
C LEU L 203 -1.67 72.39 -19.26
N GLU L 204 -1.21 73.62 -19.46
CA GLU L 204 -0.23 73.92 -20.50
C GLU L 204 1.17 73.76 -19.92
N HIS L 205 2.07 73.16 -20.72
CA HIS L 205 3.44 72.97 -20.28
C HIS L 205 4.15 74.28 -19.99
N ARG L 206 3.70 75.38 -20.61
CA ARG L 206 4.32 76.68 -20.38
C ARG L 206 4.17 77.10 -18.92
N GLN L 207 2.95 77.02 -18.39
CA GLN L 207 2.74 77.47 -17.03
C GLN L 207 3.42 76.56 -16.01
N LEU L 208 3.53 75.27 -16.30
CA LEU L 208 4.26 74.39 -15.41
C LEU L 208 5.74 74.76 -15.38
N LEU L 209 6.31 75.09 -16.54
CA LEU L 209 7.70 75.55 -16.57
C LEU L 209 7.88 76.85 -15.81
N ASP L 210 6.91 77.76 -15.93
CA ASP L 210 7.02 79.01 -15.19
C ASP L 210 7.00 78.79 -13.69
N LEU L 211 6.05 77.98 -13.20
CA LEU L 211 6.00 77.67 -11.78
C LEU L 211 7.26 76.93 -11.31
N ALA L 212 7.85 76.13 -12.20
CA ALA L 212 9.09 75.43 -11.85
C ALA L 212 10.23 76.42 -11.65
N GLN L 213 10.43 77.32 -12.62
CA GLN L 213 11.45 78.35 -12.46
C GLN L 213 11.15 79.28 -11.29
N LYS L 214 9.90 79.36 -10.85
CA LYS L 214 9.56 80.26 -9.74
C LYS L 214 9.92 79.65 -8.40
N HIS L 215 9.60 78.36 -8.18
CA HIS L 215 9.74 77.73 -6.87
C HIS L 215 10.84 76.68 -6.75
N PHE L 216 11.52 76.29 -7.84
CA PHE L 216 12.60 75.31 -7.79
C PHE L 216 13.95 75.82 -8.29
N SER L 217 14.03 77.07 -8.75
CA SER L 217 15.31 77.62 -9.20
C SER L 217 16.32 77.70 -8.07
N GLY L 218 15.87 77.95 -6.84
CA GLY L 218 16.77 77.96 -5.69
C GLY L 218 17.30 76.60 -5.26
N LEU L 219 16.80 75.51 -5.83
CA LEU L 219 17.30 74.19 -5.44
C LEU L 219 18.78 74.04 -5.81
N SER L 220 19.52 73.36 -4.92
CA SER L 220 20.97 73.21 -5.06
C SER L 220 21.31 72.17 -6.11
N GLY L 221 21.85 72.63 -7.24
CA GLY L 221 22.34 71.76 -8.30
C GLY L 221 23.84 71.50 -8.32
N THR L 222 24.60 72.04 -7.37
CA THR L 222 26.05 71.89 -7.30
C THR L 222 26.42 70.84 -6.26
N TYR L 223 26.82 69.65 -6.72
CA TYR L 223 27.22 68.61 -5.78
C TYR L 223 28.44 69.03 -4.97
N ASP L 224 28.66 68.32 -3.87
CA ASP L 224 29.87 68.46 -3.07
C ASP L 224 31.09 68.05 -3.90
N GLU L 225 32.28 68.38 -3.39
CA GLU L 225 33.53 68.18 -4.12
C GLU L 225 33.76 66.71 -4.43
N ASP L 226 33.67 66.35 -5.72
CA ASP L 226 33.92 64.99 -6.20
C ASP L 226 33.02 63.96 -5.52
N ALA L 227 31.82 64.37 -5.13
CA ALA L 227 30.85 63.51 -4.44
C ALA L 227 29.71 63.19 -5.41
N VAL L 228 29.57 61.92 -5.77
CA VAL L 228 28.46 61.49 -6.60
C VAL L 228 28.24 59.99 -6.38
N PRO L 229 27.11 59.53 -5.83
CA PRO L 229 26.95 58.10 -5.63
C PRO L 229 26.71 57.37 -6.95
N THR L 230 27.34 56.21 -7.09
CA THR L 230 27.21 55.33 -8.25
C THR L 230 26.78 53.95 -7.77
N LEU L 231 25.79 53.38 -8.42
CA LEU L 231 25.30 52.06 -8.06
C LEU L 231 26.25 51.01 -8.59
N SER L 232 26.82 50.21 -7.68
CA SER L 232 27.63 49.06 -8.06
C SER L 232 26.73 47.89 -8.48
N PRO L 233 27.15 47.07 -9.45
CA PRO L 233 26.37 45.85 -9.75
C PRO L 233 26.26 44.94 -8.54
N CYS L 234 25.13 44.25 -8.43
CA CYS L 234 24.78 43.42 -7.29
C CYS L 234 24.88 41.94 -7.64
N ARG L 235 25.76 41.23 -6.94
CA ARG L 235 25.91 39.80 -7.15
C ARG L 235 24.63 39.07 -6.77
N PHE L 236 24.05 38.34 -7.72
CA PHE L 236 22.97 37.40 -7.46
C PHE L 236 23.50 36.07 -6.92
N THR L 237 22.75 35.45 -6.02
CA THR L 237 23.15 34.20 -5.38
C THR L 237 21.99 33.21 -5.38
N GLY L 238 22.18 32.08 -6.04
CA GLY L 238 21.29 30.94 -5.92
C GLY L 238 21.33 30.37 -4.51
N SER L 239 20.23 30.42 -3.78
CA SER L 239 20.24 30.09 -2.37
C SER L 239 18.81 29.84 -1.92
N GLN L 240 18.63 29.55 -0.64
CA GLN L 240 17.31 29.21 -0.12
C GLN L 240 17.21 29.62 1.34
N ILE L 241 16.04 30.16 1.69
CA ILE L 241 15.72 30.50 3.07
C ILE L 241 14.34 29.93 3.38
N CYS L 242 14.25 29.18 4.48
CA CYS L 242 13.05 28.44 4.86
C CYS L 242 12.69 28.76 6.31
N HIS L 243 11.67 29.61 6.53
CA HIS L 243 11.17 29.88 7.88
C HIS L 243 10.04 28.91 8.18
N ARG L 244 10.38 27.76 8.77
CA ARG L 244 9.37 26.78 9.15
C ARG L 244 8.62 27.31 10.37
N GLU L 245 7.32 27.52 10.22
CA GLU L 245 6.40 27.98 11.26
C GLU L 245 5.05 27.31 11.02
N ASP L 246 4.87 26.18 11.71
CA ASP L 246 3.68 25.35 11.58
C ASP L 246 2.45 25.89 12.28
N GLY L 247 2.56 26.95 13.10
CA GLY L 247 1.38 27.52 13.71
C GLY L 247 0.49 28.25 12.74
N LEU L 248 1.01 28.62 11.55
CA LEU L 248 0.29 29.32 10.50
C LEU L 248 -0.46 28.35 9.58
N PRO L 249 -1.63 28.73 9.05
CA PRO L 249 -2.48 27.74 8.37
C PRO L 249 -2.15 27.47 6.91
N LEU L 250 -1.41 28.35 6.22
CA LEU L 250 -1.07 28.17 4.82
C LEU L 250 0.38 28.56 4.57
N ALA L 251 1.01 27.85 3.64
CA ALA L 251 2.40 28.12 3.26
C ALA L 251 2.45 29.17 2.17
N HIS L 252 3.43 30.06 2.28
CA HIS L 252 3.76 31.04 1.25
C HIS L 252 5.12 30.70 0.67
N VAL L 253 5.24 30.69 -0.66
CA VAL L 253 6.49 30.32 -1.32
C VAL L 253 6.75 31.29 -2.47
N ALA L 254 7.95 31.86 -2.53
CA ALA L 254 8.40 32.74 -3.61
C ALA L 254 9.73 32.24 -4.18
N ILE L 255 9.78 32.03 -5.50
CA ILE L 255 10.96 31.53 -6.19
C ILE L 255 11.28 32.46 -7.35
N ALA L 256 12.58 32.69 -7.59
CA ALA L 256 12.94 33.59 -8.69
C ALA L 256 14.36 33.38 -9.16
N VAL L 257 14.57 33.62 -10.45
CA VAL L 257 15.88 33.71 -11.07
C VAL L 257 16.24 35.16 -11.38
N GLU L 258 17.50 35.36 -11.77
CA GLU L 258 18.08 36.66 -12.07
C GLU L 258 17.57 37.20 -13.41
N GLY L 259 17.05 38.43 -13.39
CA GLY L 259 16.62 39.13 -14.60
C GLY L 259 17.71 40.04 -15.14
N PRO L 260 17.47 40.67 -16.32
CA PRO L 260 18.49 41.56 -16.89
C PRO L 260 18.55 43.01 -16.42
N GLY L 261 17.42 43.66 -16.19
CA GLY L 261 17.38 45.04 -15.74
C GLY L 261 16.32 45.83 -16.45
N TRP L 262 16.31 47.15 -16.21
CA TRP L 262 15.29 47.99 -16.83
C TRP L 262 15.43 48.11 -18.34
N ALA L 263 16.64 48.39 -18.83
CA ALA L 263 16.80 48.76 -20.23
C ALA L 263 17.09 47.61 -21.18
N HIS L 264 16.93 46.37 -20.77
CA HIS L 264 17.23 45.29 -21.70
C HIS L 264 16.02 45.03 -22.60
N PRO L 265 16.17 44.92 -23.93
CA PRO L 265 14.99 44.69 -24.77
C PRO L 265 14.28 43.37 -24.49
N ASP L 266 14.98 42.40 -23.91
CA ASP L 266 14.40 41.08 -23.69
C ASP L 266 13.27 41.11 -22.67
N ASN L 267 13.12 42.21 -21.93
CA ASN L 267 12.05 42.28 -20.94
C ASN L 267 10.71 42.19 -21.63
N VAL L 268 10.61 42.69 -22.86
CA VAL L 268 9.33 42.66 -23.56
C VAL L 268 8.93 41.21 -23.79
N ALA L 269 9.88 40.41 -24.27
CA ALA L 269 9.56 39.01 -24.51
C ALA L 269 9.30 38.30 -23.20
N LEU L 270 10.00 38.67 -22.14
CA LEU L 270 9.77 38.05 -20.85
C LEU L 270 8.37 38.36 -20.37
N GLN L 271 7.90 39.59 -20.61
CA GLN L 271 6.56 39.92 -20.18
C GLN L 271 5.52 39.14 -20.97
N VAL L 272 5.83 38.81 -22.24
CA VAL L 272 4.93 37.94 -22.98
C VAL L 272 4.89 36.56 -22.35
N ALA L 273 6.05 36.03 -21.95
CA ALA L 273 6.09 34.68 -21.39
C ALA L 273 5.36 34.59 -20.06
N ASN L 274 5.49 35.62 -19.22
CA ASN L 274 4.75 35.60 -17.96
C ASN L 274 3.26 35.69 -18.21
N ALA L 275 2.86 36.37 -19.29
CA ALA L 275 1.44 36.44 -19.61
C ALA L 275 0.92 35.08 -20.02
N ILE L 276 1.76 34.24 -20.64
CA ILE L 276 1.32 32.90 -20.96
C ILE L 276 1.03 32.11 -19.68
N ILE L 277 1.88 32.26 -18.66
CA ILE L 277 1.61 31.58 -17.39
C ILE L 277 0.49 32.26 -16.60
N GLY L 278 0.40 33.59 -16.68
CA GLY L 278 -0.72 34.31 -16.09
C GLY L 278 -0.73 34.25 -14.58
N HIS L 279 -1.92 34.34 -14.00
CA HIS L 279 -2.11 34.30 -12.55
C HIS L 279 -3.41 33.57 -12.24
N TYR L 280 -3.60 33.23 -10.95
CA TYR L 280 -4.82 32.54 -10.56
C TYR L 280 -5.15 32.92 -9.11
N ASP L 281 -6.44 32.94 -8.82
CA ASP L 281 -6.99 33.11 -7.47
C ASP L 281 -8.17 32.16 -7.34
N CYS L 282 -8.41 31.70 -6.10
CA CYS L 282 -9.54 30.80 -5.85
C CYS L 282 -10.91 31.44 -6.08
N THR L 283 -11.01 32.76 -6.27
CA THR L 283 -12.27 33.42 -6.56
C THR L 283 -12.51 33.65 -8.05
N TYR L 284 -11.62 33.20 -8.93
CA TYR L 284 -11.84 33.32 -10.37
C TYR L 284 -13.05 32.49 -10.78
N GLY L 285 -13.69 32.92 -11.86
CA GLY L 285 -14.88 32.26 -12.37
C GLY L 285 -14.62 31.25 -13.47
N GLY L 286 -13.49 31.34 -14.15
CA GLY L 286 -13.19 30.46 -15.26
C GLY L 286 -13.02 29.01 -14.88
N GLY L 287 -12.08 28.74 -13.97
CA GLY L 287 -11.84 27.40 -13.49
C GLY L 287 -11.22 26.43 -14.48
N ALA L 288 -11.93 25.35 -14.77
CA ALA L 288 -11.37 24.27 -15.59
C ALA L 288 -11.09 24.72 -17.03
N HIS L 289 -11.83 25.69 -17.53
CA HIS L 289 -11.71 26.11 -18.93
C HIS L 289 -10.67 27.19 -19.16
N LEU L 290 -9.94 27.61 -18.13
CA LEU L 290 -8.91 28.63 -18.29
C LEU L 290 -7.84 28.16 -19.27
N SER L 291 -7.29 29.11 -20.02
CA SER L 291 -6.32 28.79 -21.07
C SER L 291 -5.00 28.30 -20.51
N SER L 292 -4.49 28.96 -19.47
CA SER L 292 -3.22 28.57 -18.85
C SER L 292 -3.30 27.13 -18.33
N PRO L 293 -2.40 26.22 -18.76
CA PRO L 293 -2.40 24.87 -18.17
C PRO L 293 -2.22 24.85 -16.66
N LEU L 294 -1.31 25.68 -16.13
CA LEU L 294 -1.12 25.76 -14.70
C LEU L 294 -2.40 26.17 -13.98
N ALA L 295 -3.14 27.12 -14.55
CA ALA L 295 -4.34 27.61 -13.89
C ALA L 295 -5.44 26.56 -13.90
N SER L 296 -5.65 25.90 -15.03
CA SER L 296 -6.70 24.89 -15.10
C SER L 296 -6.36 23.69 -14.24
N ILE L 297 -5.09 23.28 -14.20
CA ILE L 297 -4.70 22.16 -13.36
C ILE L 297 -4.88 22.52 -11.89
N ALA L 298 -4.49 23.74 -11.51
CA ALA L 298 -4.63 24.16 -10.13
C ALA L 298 -6.09 24.25 -9.72
N ALA L 299 -6.95 24.68 -10.64
CA ALA L 299 -8.37 24.82 -10.31
C ALA L 299 -9.00 23.44 -10.16
N THR L 300 -8.74 22.54 -11.10
CA THR L 300 -9.40 21.25 -11.08
C THR L 300 -8.93 20.40 -9.91
N ASN L 301 -7.61 20.41 -9.62
CA ASN L 301 -7.04 19.59 -8.57
C ASN L 301 -6.85 20.31 -7.24
N LYS L 302 -7.25 21.59 -7.14
CA LYS L 302 -7.19 22.33 -5.88
C LYS L 302 -5.77 22.38 -5.31
N LEU L 303 -4.81 22.65 -6.18
CA LEU L 303 -3.41 22.64 -5.77
C LEU L 303 -2.98 23.88 -5.00
N CYS L 304 -3.74 24.97 -5.06
CA CYS L 304 -3.35 26.19 -4.39
C CYS L 304 -4.54 27.13 -4.30
N GLN L 305 -4.43 28.11 -3.40
CA GLN L 305 -5.43 29.17 -3.33
C GLN L 305 -5.14 30.31 -4.28
N SER L 306 -3.88 30.53 -4.65
CA SER L 306 -3.53 31.60 -5.58
C SER L 306 -2.08 31.45 -6.00
N PHE L 307 -1.78 31.97 -7.19
CA PHE L 307 -0.40 32.22 -7.57
C PHE L 307 -0.33 33.41 -8.52
N GLN L 308 0.87 34.01 -8.57
CA GLN L 308 1.18 35.11 -9.47
C GLN L 308 2.62 35.01 -9.96
N THR L 309 2.85 35.32 -11.22
CA THR L 309 4.18 35.53 -11.77
C THR L 309 4.57 37.00 -11.70
N PHE L 310 5.87 37.28 -11.64
CA PHE L 310 6.35 38.64 -11.55
C PHE L 310 7.71 38.79 -12.24
N ASN L 311 8.00 40.02 -12.65
CA ASN L 311 9.31 40.44 -13.17
C ASN L 311 9.68 41.80 -12.58
N ILE L 312 10.36 41.79 -11.45
CA ILE L 312 10.74 43.01 -10.75
C ILE L 312 12.08 43.48 -11.31
N CYS L 313 12.12 44.71 -11.82
CA CYS L 313 13.31 45.26 -12.49
C CYS L 313 14.06 46.23 -11.59
N TYR L 314 15.40 46.19 -11.68
CA TYR L 314 16.28 47.18 -11.09
C TYR L 314 17.35 47.58 -12.10
N ALA L 315 18.33 48.38 -11.68
CA ALA L 315 19.44 48.75 -12.54
C ALA L 315 20.33 47.54 -12.78
N ASP L 316 20.30 47.01 -14.00
CA ASP L 316 21.19 45.93 -14.46
C ASP L 316 20.95 44.62 -13.72
N THR L 317 19.82 44.46 -13.02
CA THR L 317 19.50 43.19 -12.38
C THR L 317 18.00 43.18 -12.11
N GLY L 318 17.51 42.06 -11.60
CA GLY L 318 16.09 41.94 -11.31
C GLY L 318 15.76 40.55 -10.83
N LEU L 319 14.51 40.40 -10.39
CA LEU L 319 13.95 39.14 -9.91
C LEU L 319 12.83 38.71 -10.85
N LEU L 320 13.04 37.61 -11.56
CA LEU L 320 12.07 37.05 -12.50
C LEU L 320 11.57 35.73 -11.92
N GLY L 321 10.28 35.62 -11.64
CA GLY L 321 9.81 34.34 -11.13
C GLY L 321 8.34 34.29 -10.74
N ALA L 322 8.02 33.57 -9.66
CA ALA L 322 6.63 33.43 -9.25
C ALA L 322 6.52 33.29 -7.74
N HIS L 323 5.28 33.41 -7.28
CA HIS L 323 4.95 33.29 -5.87
C HIS L 323 3.57 32.63 -5.77
N PHE L 324 3.38 31.79 -4.75
CA PHE L 324 2.09 31.13 -4.59
C PHE L 324 1.81 30.88 -3.11
N VAL L 325 0.56 30.50 -2.85
CA VAL L 325 0.06 30.25 -1.51
C VAL L 325 -0.76 28.98 -1.53
N CYS L 326 -0.45 28.04 -0.64
CA CYS L 326 -1.12 26.74 -0.72
C CYS L 326 -1.10 26.00 0.62
N ASP L 327 -1.97 24.99 0.70
CA ASP L 327 -1.98 24.04 1.80
C ASP L 327 -0.66 23.31 1.91
N HIS L 328 -0.32 22.85 3.12
CA HIS L 328 0.98 22.26 3.36
C HIS L 328 1.21 20.93 2.65
N MET L 329 0.15 20.25 2.22
CA MET L 329 0.27 18.98 1.49
C MET L 329 0.21 19.13 -0.02
N SER L 330 0.34 20.35 -0.55
CA SER L 330 0.27 20.63 -1.98
C SER L 330 1.51 21.31 -2.56
N ILE L 331 2.55 21.54 -1.77
CA ILE L 331 3.71 22.30 -2.23
C ILE L 331 4.44 21.57 -3.35
N ASP L 332 4.57 20.25 -3.24
CA ASP L 332 5.33 19.49 -4.24
C ASP L 332 4.66 19.53 -5.59
N ASP L 333 3.33 19.39 -5.63
CA ASP L 333 2.63 19.42 -6.90
C ASP L 333 2.71 20.80 -7.54
N MET L 334 2.55 21.86 -6.77
CA MET L 334 2.67 23.20 -7.34
C MET L 334 4.07 23.46 -7.89
N MET L 335 5.11 23.08 -7.15
CA MET L 335 6.48 23.25 -7.64
C MET L 335 6.69 22.46 -8.93
N PHE L 336 6.15 21.23 -8.98
CA PHE L 336 6.34 20.38 -10.13
C PHE L 336 5.69 20.99 -11.36
N VAL L 337 4.43 21.37 -11.26
CA VAL L 337 3.72 21.90 -12.41
C VAL L 337 4.33 23.24 -12.85
N LEU L 338 4.73 24.08 -11.89
CA LEU L 338 5.35 25.37 -12.23
C LEU L 338 6.61 25.17 -13.05
N GLN L 339 7.54 24.35 -12.57
CA GLN L 339 8.79 24.15 -13.29
C GLN L 339 8.52 23.47 -14.62
N GLY L 340 7.55 22.55 -14.67
CA GLY L 340 7.20 21.92 -15.93
C GLY L 340 6.75 22.92 -16.97
N GLN L 341 6.04 23.98 -16.54
CA GLN L 341 5.58 24.98 -17.50
C GLN L 341 6.73 25.86 -17.95
N TRP L 342 7.64 26.20 -17.04
CA TRP L 342 8.84 26.93 -17.46
C TRP L 342 9.61 26.14 -18.52
N MET L 343 9.85 24.85 -18.28
CA MET L 343 10.58 24.04 -19.26
C MET L 343 9.81 23.94 -20.57
N ARG L 344 8.48 23.84 -20.48
CA ARG L 344 7.66 23.74 -21.69
C ARG L 344 7.83 24.99 -22.54
N LEU L 345 7.82 26.16 -21.91
CA LEU L 345 8.01 27.38 -22.69
C LEU L 345 9.43 27.51 -23.21
N CYS L 346 10.41 27.04 -22.43
CA CYS L 346 11.80 27.02 -22.88
C CYS L 346 12.01 26.22 -24.15
N THR L 347 11.31 25.09 -24.29
CA THR L 347 11.60 24.11 -25.34
C THR L 347 10.57 24.01 -26.45
N SER L 348 9.28 24.26 -26.17
CA SER L 348 8.20 23.91 -27.09
C SER L 348 7.13 24.98 -27.21
N ALA L 349 7.48 26.26 -27.12
CA ALA L 349 6.47 27.30 -27.24
C ALA L 349 5.88 27.34 -28.65
N THR L 350 4.56 27.36 -28.71
CA THR L 350 3.76 27.39 -29.93
C THR L 350 3.33 28.82 -30.26
N GLU L 351 2.78 28.99 -31.47
CA GLU L 351 2.42 30.31 -31.97
C GLU L 351 1.16 30.85 -31.33
N SER L 352 0.16 30.00 -31.11
CA SER L 352 -1.14 30.49 -30.66
C SER L 352 -1.06 31.04 -29.23
N GLU L 353 -0.37 30.34 -28.33
CA GLU L 353 -0.26 30.85 -26.97
C GLU L 353 0.54 32.16 -26.95
N VAL L 354 1.50 32.31 -27.86
CA VAL L 354 2.27 33.53 -27.90
C VAL L 354 1.41 34.69 -28.38
N LEU L 355 0.56 34.45 -29.39
CA LEU L 355 -0.40 35.48 -29.76
C LEU L 355 -1.34 35.83 -28.61
N ARG L 356 -1.69 34.84 -27.78
CA ARG L 356 -2.47 35.11 -26.58
C ARG L 356 -1.72 36.07 -25.65
N GLY L 357 -0.46 35.75 -25.36
CA GLY L 357 0.33 36.59 -24.47
C GLY L 357 0.52 38.00 -25.00
N LYS L 358 0.75 38.13 -26.32
CA LYS L 358 0.83 39.46 -26.93
C LYS L 358 -0.46 40.24 -26.72
N ASN L 359 -1.61 39.61 -26.95
CA ASN L 359 -2.88 40.32 -26.78
C ASN L 359 -3.09 40.71 -25.32
N LEU L 360 -2.75 39.83 -24.39
CA LEU L 360 -2.84 40.16 -22.97
C LEU L 360 -1.96 41.35 -22.63
N LEU L 361 -0.76 41.41 -23.19
CA LEU L 361 0.14 42.52 -22.86
C LEU L 361 -0.37 43.82 -23.46
N ARG L 362 -0.91 43.77 -24.67
CA ARG L 362 -1.50 44.97 -25.28
C ARG L 362 -2.65 45.51 -24.44
N ASN L 363 -3.55 44.61 -24.00
CA ASN L 363 -4.66 45.06 -23.18
C ASN L 363 -4.20 45.56 -21.81
N ALA L 364 -3.18 44.93 -21.22
CA ALA L 364 -2.70 45.39 -19.92
C ALA L 364 -2.04 46.75 -20.04
N LEU L 365 -1.37 47.00 -21.16
CA LEU L 365 -0.68 48.26 -21.36
C LEU L 365 -1.69 49.36 -21.55
N VAL L 366 -2.72 49.12 -22.36
CA VAL L 366 -3.67 50.19 -22.65
C VAL L 366 -4.54 50.45 -21.44
N SER L 367 -5.02 49.39 -20.78
CA SER L 367 -5.88 49.54 -19.61
C SER L 367 -5.17 50.11 -18.39
N HIS L 368 -3.84 50.00 -18.30
CA HIS L 368 -3.17 50.56 -17.12
C HIS L 368 -2.98 52.07 -17.18
N LEU L 369 -2.57 52.60 -18.33
CA LEU L 369 -2.44 54.05 -18.54
C LEU L 369 -3.79 54.69 -18.84
N ASP L 370 -4.68 54.65 -17.86
CA ASP L 370 -6.05 55.15 -17.94
C ASP L 370 -6.32 55.99 -16.69
N GLY L 371 -6.04 57.29 -16.79
CA GLY L 371 -6.20 58.22 -15.69
C GLY L 371 -4.99 59.12 -15.51
N THR L 372 -5.17 60.25 -14.82
CA THR L 372 -4.09 61.21 -14.67
C THR L 372 -2.95 60.68 -13.79
N THR L 373 -3.26 59.84 -12.80
CA THR L 373 -2.24 59.43 -11.83
C THR L 373 -1.31 58.36 -12.41
N PRO L 374 -1.83 57.31 -13.06
CA PRO L 374 -0.91 56.34 -13.68
C PRO L 374 -0.06 56.96 -14.76
N VAL L 375 -0.63 57.90 -15.53
CA VAL L 375 0.15 58.58 -16.56
C VAL L 375 1.24 59.44 -15.95
N CYS L 376 0.94 60.16 -14.87
CA CYS L 376 1.96 60.98 -14.21
C CYS L 376 3.08 60.10 -13.66
N GLU L 377 2.72 58.93 -13.13
CA GLU L 377 3.72 57.99 -12.65
C GLU L 377 4.57 57.46 -13.78
N ASP L 378 3.94 57.11 -14.91
CA ASP L 378 4.70 56.60 -16.03
C ASP L 378 5.65 57.66 -16.59
N ILE L 379 5.26 58.93 -16.51
CA ILE L 379 6.14 60.02 -16.96
C ILE L 379 7.36 60.10 -16.05
N GLY L 380 7.14 60.26 -14.74
CA GLY L 380 8.26 60.47 -13.84
C GLY L 380 9.19 59.26 -13.81
N ARG L 381 8.61 58.07 -13.75
CA ARG L 381 9.45 56.89 -13.64
C ARG L 381 10.18 56.63 -14.94
N SER L 382 9.53 56.86 -16.08
CA SER L 382 10.21 56.63 -17.35
C SER L 382 11.37 57.60 -17.50
N LEU L 383 11.18 58.85 -17.07
CA LEU L 383 12.27 59.81 -17.16
C LEU L 383 13.42 59.48 -16.22
N LEU L 384 13.16 58.70 -15.16
CA LEU L 384 14.29 58.28 -14.32
C LEU L 384 14.98 57.05 -14.87
N THR L 385 14.21 56.03 -15.29
CA THR L 385 14.81 54.79 -15.74
C THR L 385 15.30 54.85 -17.19
N TYR L 386 14.42 55.19 -18.13
CA TYR L 386 14.76 55.23 -19.54
C TYR L 386 15.32 56.56 -20.02
N GLY L 387 15.19 57.62 -19.24
CA GLY L 387 15.56 58.96 -19.68
C GLY L 387 14.67 59.56 -20.74
N ARG L 388 13.49 58.99 -20.98
CA ARG L 388 12.55 59.51 -21.96
C ARG L 388 11.23 58.77 -21.78
N ARG L 389 10.19 59.31 -22.41
CA ARG L 389 8.88 58.67 -22.47
C ARG L 389 8.79 57.86 -23.77
N ILE L 390 8.52 56.56 -23.65
CA ILE L 390 8.40 55.67 -24.79
C ILE L 390 6.93 55.64 -25.24
N PRO L 391 6.58 56.21 -26.39
CA PRO L 391 5.16 56.22 -26.80
C PRO L 391 4.60 54.82 -26.99
N LEU L 392 3.28 54.70 -26.90
CA LEU L 392 2.62 53.42 -27.07
C LEU L 392 2.86 52.79 -28.45
N ALA L 393 2.99 53.62 -29.50
CA ALA L 393 3.28 53.06 -30.82
C ALA L 393 4.60 52.31 -30.83
N GLU L 394 5.55 52.73 -30.00
CA GLU L 394 6.81 52.02 -29.92
C GLU L 394 6.65 50.71 -29.19
N TRP L 395 5.88 50.70 -28.09
CA TRP L 395 5.62 49.44 -27.40
C TRP L 395 4.93 48.46 -28.33
N GLU L 396 3.98 48.93 -29.13
CA GLU L 396 3.30 48.04 -30.07
C GLU L 396 4.29 47.50 -31.10
N SER L 397 5.23 48.35 -31.54
CA SER L 397 6.24 47.87 -32.48
C SER L 397 7.11 46.78 -31.86
N ARG L 398 7.53 46.98 -30.61
CA ARG L 398 8.35 45.97 -29.95
C ARG L 398 7.57 44.68 -29.69
N ILE L 399 6.29 44.80 -29.36
CA ILE L 399 5.47 43.62 -29.11
C ILE L 399 5.27 42.82 -30.39
N ALA L 400 4.96 43.49 -31.51
CA ALA L 400 4.74 42.77 -32.75
C ALA L 400 5.96 41.98 -33.20
N GLU L 401 7.17 42.45 -32.89
CA GLU L 401 8.37 41.71 -33.25
C GLU L 401 8.45 40.34 -32.57
N VAL L 402 7.84 40.18 -31.40
CA VAL L 402 7.98 38.95 -30.64
C VAL L 402 7.21 37.83 -31.32
N ASP L 403 7.90 36.70 -31.56
CA ASP L 403 7.24 35.47 -32.01
C ASP L 403 7.69 34.28 -31.16
N ALA L 404 7.30 33.07 -31.56
CA ALA L 404 7.60 31.87 -30.76
C ALA L 404 9.10 31.64 -30.60
N ARG L 405 9.86 31.84 -31.68
CA ARG L 405 11.31 31.62 -31.64
C ARG L 405 11.97 32.54 -30.62
N VAL L 406 11.57 33.81 -30.60
CA VAL L 406 12.16 34.77 -29.66
C VAL L 406 11.86 34.33 -28.23
N VAL L 407 10.67 33.82 -27.99
CA VAL L 407 10.28 33.39 -26.66
C VAL L 407 11.09 32.17 -26.23
N ARG L 408 11.31 31.22 -27.15
CA ARG L 408 12.10 30.05 -26.79
C ARG L 408 13.55 30.43 -26.49
N GLU L 409 14.11 31.38 -27.23
CA GLU L 409 15.49 31.76 -26.98
C GLU L 409 15.63 32.56 -25.70
N VAL L 410 14.73 33.50 -25.45
CA VAL L 410 14.88 34.33 -24.26
C VAL L 410 14.65 33.47 -23.01
N CYS L 411 13.64 32.60 -23.06
CA CYS L 411 13.35 31.78 -21.90
C CYS L 411 14.51 30.81 -21.65
N SER L 412 15.04 30.18 -22.70
CA SER L 412 16.19 29.32 -22.48
C SER L 412 17.36 30.10 -21.90
N LYS L 413 17.52 31.35 -22.32
CA LYS L 413 18.64 32.18 -21.84
C LYS L 413 18.54 32.45 -20.34
N TYR L 414 17.33 32.64 -19.81
CA TYR L 414 17.18 33.06 -18.41
C TYR L 414 16.68 32.00 -17.44
N PHE L 415 15.97 30.96 -17.89
CA PHE L 415 15.41 29.94 -17.01
C PHE L 415 16.22 28.65 -17.00
N TYR L 416 16.54 28.11 -18.18
CA TYR L 416 17.00 26.74 -18.30
C TYR L 416 18.35 26.52 -17.63
N ASP L 417 18.40 25.57 -16.70
CA ASP L 417 19.63 25.18 -16.03
C ASP L 417 20.29 26.35 -15.29
N GLN L 418 19.48 27.15 -14.61
CA GLN L 418 19.93 28.27 -13.79
C GLN L 418 19.61 28.01 -12.33
N CYS L 419 20.41 28.59 -11.45
CA CYS L 419 20.20 28.41 -10.01
C CYS L 419 19.17 29.41 -9.50
N PRO L 420 18.03 28.98 -8.95
CA PRO L 420 17.06 29.94 -8.42
C PRO L 420 17.32 30.30 -6.96
N ALA L 421 16.69 31.40 -6.54
CA ALA L 421 16.61 31.80 -5.15
C ALA L 421 15.22 31.47 -4.63
N VAL L 422 15.14 30.77 -3.49
CA VAL L 422 13.88 30.29 -2.93
C VAL L 422 13.65 30.88 -1.55
N ALA L 423 12.39 31.24 -1.27
CA ALA L 423 11.97 31.77 0.03
C ALA L 423 10.68 31.08 0.44
N GLY L 424 10.70 30.46 1.60
CA GLY L 424 9.55 29.72 2.10
C GLY L 424 9.19 30.19 3.50
N PHE L 425 7.89 30.23 3.78
CA PHE L 425 7.43 30.68 5.10
C PHE L 425 6.15 29.96 5.44
N GLY L 426 6.10 29.42 6.68
CA GLY L 426 4.91 28.77 7.18
C GLY L 426 5.12 27.27 7.36
N PRO L 427 4.04 26.46 7.22
CA PRO L 427 4.24 25.01 7.29
C PRO L 427 4.83 24.43 6.02
N ILE L 428 6.16 24.47 5.91
CA ILE L 428 6.88 24.21 4.66
C ILE L 428 7.73 22.96 4.80
N GLU L 429 7.28 22.00 5.61
CA GLU L 429 8.00 20.74 5.74
C GLU L 429 8.09 19.99 4.42
N GLN L 430 7.07 20.08 3.59
CA GLN L 430 7.04 19.40 2.31
C GLN L 430 7.71 20.20 1.19
N LEU L 431 8.23 21.39 1.47
CA LEU L 431 8.96 22.16 0.48
C LEU L 431 10.17 21.36 0.01
N PRO L 432 10.35 21.10 -1.29
CA PRO L 432 11.44 20.21 -1.71
C PRO L 432 12.83 20.75 -1.37
N ASP L 433 13.76 19.82 -1.20
CA ASP L 433 15.15 20.15 -0.94
C ASP L 433 15.70 20.96 -2.12
N TYR L 434 16.73 21.78 -1.84
CA TYR L 434 17.27 22.65 -2.87
C TYR L 434 17.82 21.86 -4.05
N ASN L 435 18.48 20.75 -3.80
CA ASN L 435 18.97 19.91 -4.90
C ASN L 435 17.85 19.46 -5.82
N ARG L 436 16.71 19.05 -5.26
CA ARG L 436 15.58 18.63 -6.09
C ARG L 436 14.99 19.78 -6.89
N ILE L 437 14.90 20.96 -6.28
CA ILE L 437 14.45 22.14 -7.03
C ILE L 437 15.40 22.45 -8.18
N ARG L 438 16.71 22.46 -7.89
CA ARG L 438 17.70 22.72 -8.93
C ARG L 438 17.64 21.69 -10.04
N SER L 439 17.45 20.42 -9.70
CA SER L 439 17.30 19.39 -10.72
C SER L 439 16.04 19.57 -11.53
N GLY L 440 15.04 20.22 -10.97
CA GLY L 440 13.83 20.55 -11.72
C GLY L 440 13.96 21.61 -12.78
N MET L 441 15.13 22.24 -12.94
CA MET L 441 15.36 23.31 -13.89
C MET L 441 15.89 22.84 -15.24
N PHE L 442 16.01 21.53 -15.47
CA PHE L 442 16.34 21.01 -16.78
C PHE L 442 15.58 19.70 -16.99
N TRP L 443 15.59 19.23 -18.23
CA TRP L 443 14.91 18.01 -18.65
C TRP L 443 15.92 17.04 -19.26
N LEU L 444 15.97 15.82 -18.72
CA LEU L 444 16.84 14.80 -19.31
C LEU L 444 16.44 14.46 -20.74
N ARG L 445 15.16 14.66 -21.10
CA ARG L 445 14.73 14.34 -22.44
C ARG L 445 15.23 15.35 -23.47
N PHE L 446 15.61 16.55 -23.03
CA PHE L 446 15.99 17.62 -23.93
C PHE L 446 17.48 17.56 -24.22
N VAL M 17 -1.33 67.89 -28.97
CA VAL M 17 -2.64 68.46 -28.70
C VAL M 17 -3.70 67.42 -29.11
N PRO M 18 -4.75 67.22 -28.31
CA PRO M 18 -5.74 66.21 -28.67
C PRO M 18 -6.80 66.80 -29.60
N PRO M 19 -7.63 65.97 -30.24
CA PRO M 19 -8.70 66.52 -31.07
C PRO M 19 -9.77 67.22 -30.24
N HIS M 20 -10.79 67.76 -30.90
CA HIS M 20 -11.89 68.37 -30.17
C HIS M 20 -12.75 67.26 -29.57
N PRO M 21 -13.04 67.28 -28.26
CA PRO M 21 -13.75 66.14 -27.68
C PRO M 21 -15.20 66.10 -28.10
N GLN M 22 -15.65 64.91 -28.48
CA GLN M 22 -17.04 64.67 -28.81
C GLN M 22 -17.88 64.53 -27.54
N ASP M 23 -19.08 65.09 -27.57
CA ASP M 23 -20.01 65.01 -26.45
C ASP M 23 -20.86 63.74 -26.57
N LEU M 24 -21.28 63.22 -25.42
CA LEU M 24 -22.00 61.96 -25.39
C LEU M 24 -23.35 62.09 -26.10
N GLU M 25 -23.81 60.98 -26.66
CA GLU M 25 -25.13 60.86 -27.26
C GLU M 25 -25.99 59.89 -26.46
N PHE M 26 -27.30 60.11 -26.52
CA PHE M 26 -28.25 59.46 -25.65
C PHE M 26 -29.55 59.27 -26.42
N THR M 27 -30.20 58.12 -26.24
CA THR M 27 -31.42 57.80 -26.97
C THR M 27 -32.31 56.86 -26.16
N ARG M 28 -33.60 57.19 -26.09
CA ARG M 28 -34.61 56.32 -25.49
C ARG M 28 -35.45 55.74 -26.62
N LEU M 29 -35.47 54.40 -26.72
CA LEU M 29 -36.30 53.71 -27.69
C LEU M 29 -37.74 53.60 -27.18
N PRO M 30 -38.72 53.45 -28.08
CA PRO M 30 -40.12 53.36 -27.61
C PRO M 30 -40.41 52.16 -26.71
N ASN M 31 -39.62 51.09 -26.78
CA ASN M 31 -39.84 49.95 -25.88
C ASN M 31 -39.30 50.18 -24.47
N GLY M 32 -38.74 51.36 -24.18
CA GLY M 32 -38.22 51.69 -22.88
C GLY M 32 -36.71 51.58 -22.78
N LEU M 33 -36.08 50.87 -23.71
CA LEU M 33 -34.64 50.67 -23.68
C LEU M 33 -33.92 52.00 -23.87
N VAL M 34 -32.74 52.10 -23.28
CA VAL M 34 -31.91 53.29 -23.30
C VAL M 34 -30.56 52.91 -23.90
N ILE M 35 -30.12 53.67 -24.90
CA ILE M 35 -28.81 53.53 -25.52
C ILE M 35 -28.05 54.82 -25.26
N ALA M 36 -26.77 54.69 -24.88
CA ALA M 36 -25.94 55.86 -24.63
C ALA M 36 -24.54 55.54 -25.12
N SER M 37 -24.05 56.34 -26.06
CA SER M 37 -22.75 56.13 -26.67
C SER M 37 -21.89 57.37 -26.54
N LEU M 38 -20.58 57.15 -26.56
CA LEU M 38 -19.62 58.24 -26.60
C LEU M 38 -18.49 57.76 -27.50
N GLU M 39 -18.28 58.46 -28.60
CA GLU M 39 -17.20 58.13 -29.53
C GLU M 39 -15.98 58.96 -29.16
N ASN M 40 -15.06 58.35 -28.42
CA ASN M 40 -13.78 58.95 -28.08
C ASN M 40 -12.78 58.39 -29.08
N TYR M 41 -11.49 58.56 -28.81
CA TYR M 41 -10.47 58.02 -29.69
C TYR M 41 -9.42 57.24 -28.90
N ALA M 42 -9.82 56.64 -27.79
CA ALA M 42 -8.86 55.83 -27.05
C ALA M 42 -8.66 54.49 -27.75
N PRO M 43 -7.50 53.83 -27.55
CA PRO M 43 -7.28 52.53 -28.20
C PRO M 43 -8.23 51.43 -27.76
N ALA M 44 -8.82 51.53 -26.56
CA ALA M 44 -9.72 50.52 -26.04
C ALA M 44 -11.17 50.99 -25.99
N SER M 45 -12.07 50.00 -26.07
CA SER M 45 -13.50 50.18 -25.94
C SER M 45 -14.02 49.47 -24.70
N ARG M 46 -15.11 50.01 -24.17
CA ARG M 46 -15.78 49.52 -22.98
C ARG M 46 -17.30 49.56 -23.18
N ILE M 47 -17.98 48.46 -22.89
CA ILE M 47 -19.42 48.35 -23.08
C ILE M 47 -20.05 47.75 -21.83
N GLY M 48 -21.18 48.31 -21.39
CA GLY M 48 -21.87 47.85 -20.20
C GLY M 48 -23.39 47.82 -20.31
N LEU M 49 -23.99 46.73 -19.83
CA LEU M 49 -25.44 46.57 -19.73
C LEU M 49 -25.88 46.68 -18.27
N PHE M 50 -26.54 47.78 -17.93
CA PHE M 50 -27.04 48.03 -16.58
C PHE M 50 -28.51 47.61 -16.47
N ILE M 51 -28.83 46.84 -15.42
CA ILE M 51 -30.14 46.20 -15.26
C ILE M 51 -30.63 46.47 -13.85
N LYS M 52 -31.91 46.83 -13.71
CA LYS M 52 -32.56 46.96 -12.40
C LYS M 52 -32.90 45.57 -11.87
N ALA M 53 -31.87 44.89 -11.34
CA ALA M 53 -32.01 43.51 -10.89
C ALA M 53 -31.26 43.24 -9.59
N GLY M 54 -31.00 44.25 -8.76
CA GLY M 54 -30.29 44.05 -7.52
C GLY M 54 -31.02 43.17 -6.52
N SER M 55 -30.40 42.94 -5.36
CA SER M 55 -30.96 42.05 -4.36
C SER M 55 -32.26 42.54 -3.75
N ARG M 56 -32.64 43.80 -3.95
CA ARG M 56 -33.90 44.29 -3.40
C ARG M 56 -35.11 43.55 -3.98
N TYR M 57 -34.99 42.99 -5.17
CA TYR M 57 -36.11 42.36 -5.86
C TYR M 57 -36.26 40.88 -5.55
N GLU M 58 -35.45 40.34 -4.64
CA GLU M 58 -35.68 39.02 -4.06
C GLU M 58 -36.74 39.14 -2.97
N ASN M 59 -37.32 37.99 -2.63
CA ASN M 59 -38.23 37.87 -1.50
C ASN M 59 -37.80 36.71 -0.63
N SER M 60 -38.56 36.45 0.43
CA SER M 60 -38.15 35.47 1.42
C SER M 60 -38.10 34.03 0.89
N ASN M 61 -38.65 33.76 -0.29
CA ASN M 61 -38.65 32.41 -0.84
C ASN M 61 -37.50 32.14 -1.79
N ASN M 62 -36.85 33.17 -2.34
CA ASN M 62 -35.78 33.00 -3.31
C ASN M 62 -34.55 33.84 -2.98
N LEU M 63 -34.27 34.02 -1.68
CA LEU M 63 -33.12 34.79 -1.24
C LEU M 63 -31.83 34.18 -1.78
N GLY M 64 -30.88 35.04 -2.16
CA GLY M 64 -29.63 34.58 -2.70
C GLY M 64 -29.61 34.33 -4.20
N THR M 65 -30.76 34.44 -4.88
CA THR M 65 -30.79 34.12 -6.30
C THR M 65 -29.92 35.05 -7.12
N SER M 66 -29.80 36.31 -6.70
CA SER M 66 -28.98 37.26 -7.46
C SER M 66 -27.49 37.11 -7.18
N HIS M 67 -27.11 36.49 -6.07
CA HIS M 67 -25.71 36.18 -5.83
C HIS M 67 -25.26 35.06 -6.76
N LEU M 68 -26.00 33.94 -6.74
CA LEU M 68 -25.68 32.84 -7.65
C LEU M 68 -25.74 33.30 -9.10
N LEU M 69 -26.71 34.15 -9.43
CA LEU M 69 -26.78 34.70 -10.78
C LEU M 69 -25.53 35.51 -11.11
N ARG M 70 -25.03 36.28 -10.15
CA ARG M 70 -23.81 37.05 -10.39
C ARG M 70 -22.60 36.15 -10.66
N LEU M 71 -22.58 34.94 -10.13
CA LEU M 71 -21.45 34.03 -10.31
C LEU M 71 -21.56 33.15 -11.54
N ALA M 72 -22.64 33.27 -12.32
CA ALA M 72 -22.97 32.29 -13.36
C ALA M 72 -22.81 32.88 -14.75
N SER M 73 -22.03 33.96 -14.89
CA SER M 73 -21.92 34.62 -16.18
C SER M 73 -21.18 33.80 -17.21
N SER M 74 -20.32 32.87 -16.78
CA SER M 74 -19.55 32.02 -17.68
C SER M 74 -20.18 30.67 -17.93
N LEU M 75 -21.40 30.43 -17.45
CA LEU M 75 -22.11 29.19 -17.71
C LEU M 75 -22.65 29.15 -19.14
N THR M 76 -23.06 27.96 -19.55
CA THR M 76 -23.43 27.73 -20.94
C THR M 76 -24.67 28.53 -21.31
N THR M 77 -24.67 29.11 -22.50
CA THR M 77 -25.78 29.85 -23.06
C THR M 77 -26.31 29.12 -24.29
N LYS M 78 -27.36 29.69 -24.89
CA LYS M 78 -27.95 29.07 -26.06
C LYS M 78 -27.08 29.21 -27.30
N GLY M 79 -26.24 30.24 -27.35
CA GLY M 79 -25.41 30.49 -28.52
C GLY M 79 -23.93 30.19 -28.34
N ALA M 80 -23.48 30.00 -27.10
CA ALA M 80 -22.07 29.79 -26.80
C ALA M 80 -21.93 28.88 -25.58
N SER M 81 -21.17 27.80 -25.72
CA SER M 81 -20.89 26.98 -24.56
C SER M 81 -19.98 27.74 -23.59
N SER M 82 -19.89 27.23 -22.37
CA SER M 82 -19.02 27.84 -21.36
C SER M 82 -17.57 27.81 -21.79
N PHE M 83 -17.12 26.68 -22.34
CA PHE M 83 -15.77 26.58 -22.87
C PHE M 83 -15.52 27.64 -23.93
N LYS M 84 -16.49 27.85 -24.82
CA LYS M 84 -16.26 28.79 -25.91
C LYS M 84 -16.22 30.22 -25.37
N ILE M 85 -17.08 30.55 -24.40
CA ILE M 85 -17.08 31.90 -23.85
C ILE M 85 -15.75 32.20 -23.18
N THR M 86 -15.23 31.24 -22.40
CA THR M 86 -13.99 31.47 -21.68
C THR M 86 -12.80 31.56 -22.61
N ARG M 87 -12.73 30.68 -23.60
CA ARG M 87 -11.56 30.68 -24.46
C ARG M 87 -11.63 31.79 -25.48
N GLY M 88 -12.82 32.09 -25.99
CA GLY M 88 -12.96 33.17 -26.94
C GLY M 88 -12.63 34.52 -26.32
N ILE M 89 -13.09 34.76 -25.08
CA ILE M 89 -12.77 36.03 -24.46
C ILE M 89 -11.29 36.10 -24.09
N GLU M 90 -10.73 35.02 -23.55
CA GLU M 90 -9.32 35.05 -23.17
C GLU M 90 -8.40 35.11 -24.38
N ALA M 91 -8.83 34.59 -25.52
CA ALA M 91 -7.98 34.56 -26.71
C ALA M 91 -7.61 35.96 -27.18
N VAL M 92 -8.54 36.91 -27.15
CA VAL M 92 -8.26 38.29 -27.56
C VAL M 92 -7.92 39.18 -26.36
N GLY M 93 -7.62 38.58 -25.22
CA GLY M 93 -7.17 39.35 -24.06
C GLY M 93 -8.19 40.28 -23.44
N GLY M 94 -9.49 40.04 -23.65
CA GLY M 94 -10.51 40.93 -23.13
C GLY M 94 -10.88 40.58 -21.72
N LYS M 95 -11.88 41.29 -21.19
CA LYS M 95 -12.32 41.09 -19.81
C LYS M 95 -13.84 41.20 -19.76
N LEU M 96 -14.41 40.41 -18.84
CA LEU M 96 -15.83 40.39 -18.52
C LEU M 96 -16.03 40.42 -17.01
N SER M 97 -16.85 41.37 -16.53
CA SER M 97 -17.08 41.56 -15.11
C SER M 97 -18.56 41.79 -14.86
N VAL M 98 -18.99 41.48 -13.64
CA VAL M 98 -20.37 41.65 -13.20
C VAL M 98 -20.34 42.30 -11.83
N THR M 99 -20.70 43.58 -11.77
CA THR M 99 -20.76 44.34 -10.52
C THR M 99 -22.20 44.54 -10.07
N SER M 100 -22.47 44.34 -8.79
CA SER M 100 -23.84 44.25 -8.28
C SER M 100 -23.95 45.06 -6.99
N THR M 101 -24.97 45.91 -6.93
CA THR M 101 -25.38 46.64 -5.74
C THR M 101 -26.76 46.15 -5.32
N ARG M 102 -27.30 46.76 -4.26
CA ARG M 102 -28.63 46.40 -3.82
C ARG M 102 -29.71 46.76 -4.83
N GLU M 103 -29.43 47.64 -5.80
CA GLU M 103 -30.42 48.06 -6.78
C GLU M 103 -30.13 47.64 -8.21
N ASN M 104 -28.86 47.52 -8.61
CA ASN M 104 -28.48 47.32 -10.00
C ASN M 104 -27.52 46.16 -10.16
N MET M 105 -27.55 45.56 -11.35
CA MET M 105 -26.52 44.66 -11.85
C MET M 105 -25.92 45.24 -13.12
N ALA M 106 -24.59 45.22 -13.22
CA ALA M 106 -23.86 45.87 -14.30
C ALA M 106 -22.94 44.83 -14.94
N TYR M 107 -23.33 44.33 -16.11
CA TYR M 107 -22.50 43.43 -16.92
C TYR M 107 -21.60 44.27 -17.81
N THR M 108 -20.32 44.36 -17.47
CA THR M 108 -19.38 45.24 -18.17
C THR M 108 -18.27 44.43 -18.85
N VAL M 109 -17.78 44.95 -19.97
CA VAL M 109 -16.85 44.24 -20.85
C VAL M 109 -15.86 45.24 -21.41
N GLU M 110 -14.59 44.85 -21.46
CA GLU M 110 -13.51 45.71 -21.93
C GLU M 110 -12.69 44.95 -22.97
N CYS M 111 -12.17 45.68 -23.96
CA CYS M 111 -11.31 45.07 -24.97
C CYS M 111 -10.78 46.16 -25.90
N LEU M 112 -9.86 45.80 -26.77
CA LEU M 112 -9.42 46.74 -27.80
C LEU M 112 -10.53 46.91 -28.83
N ARG M 113 -10.42 48.00 -29.60
CA ARG M 113 -11.48 48.39 -30.53
C ARG M 113 -11.84 47.29 -31.53
N ASP M 114 -10.82 46.65 -32.11
CA ASP M 114 -11.09 45.79 -33.25
C ASP M 114 -11.79 44.49 -32.90
N ASP M 115 -12.02 44.21 -31.62
CA ASP M 115 -12.63 42.96 -31.18
C ASP M 115 -13.94 43.21 -30.44
N VAL M 116 -14.49 44.43 -30.54
CA VAL M 116 -15.74 44.71 -29.81
C VAL M 116 -16.88 43.85 -30.35
N ASP M 117 -16.89 43.63 -31.66
CA ASP M 117 -17.92 42.81 -32.29
C ASP M 117 -17.93 41.42 -31.68
N ILE M 118 -16.75 40.83 -31.51
CA ILE M 118 -16.67 39.51 -30.89
C ILE M 118 -17.27 39.55 -29.50
N LEU M 119 -16.81 40.48 -28.66
CA LEU M 119 -17.22 40.46 -27.27
C LEU M 119 -18.63 40.94 -27.06
N MET M 120 -19.13 41.79 -27.95
CA MET M 120 -20.53 42.18 -27.89
C MET M 120 -21.41 40.97 -28.05
N GLU M 121 -21.05 40.07 -28.98
CA GLU M 121 -21.87 38.88 -29.19
C GLU M 121 -21.92 38.04 -27.94
N PHE M 122 -20.80 37.91 -27.23
CA PHE M 122 -20.82 37.17 -25.97
C PHE M 122 -21.71 37.82 -24.92
N LEU M 123 -21.64 39.16 -24.77
CA LEU M 123 -22.40 39.83 -23.73
C LEU M 123 -23.90 39.59 -23.82
N LEU M 124 -24.48 39.67 -25.02
CA LEU M 124 -25.91 39.45 -25.14
C LEU M 124 -26.27 38.01 -24.81
N ASN M 125 -25.41 37.08 -25.20
CA ASN M 125 -25.69 35.68 -24.91
C ASN M 125 -25.68 35.45 -23.42
N VAL M 126 -24.79 36.12 -22.70
CA VAL M 126 -24.73 35.92 -21.26
C VAL M 126 -26.03 36.41 -20.62
N THR M 127 -26.58 37.52 -21.13
CA THR M 127 -27.70 38.21 -20.48
C THR M 127 -29.08 37.85 -21.01
N THR M 128 -29.21 37.38 -22.26
CA THR M 128 -30.52 37.11 -22.86
C THR M 128 -30.81 35.64 -23.15
N ALA M 129 -29.83 34.76 -23.16
CA ALA M 129 -30.10 33.35 -23.42
C ALA M 129 -29.28 32.37 -22.58
N PRO M 130 -29.27 32.49 -21.25
CA PRO M 130 -28.64 31.44 -20.44
C PRO M 130 -29.55 30.23 -20.29
N GLU M 131 -28.93 29.05 -20.21
CA GLU M 131 -29.65 27.79 -20.09
C GLU M 131 -29.80 27.31 -18.66
N PHE M 132 -28.89 27.71 -17.76
CA PHE M 132 -28.86 27.28 -16.37
C PHE M 132 -29.02 25.76 -16.24
N ARG M 133 -28.10 25.04 -16.87
CA ARG M 133 -28.14 23.58 -16.84
C ARG M 133 -27.98 23.07 -15.41
N ARG M 134 -28.83 22.10 -15.06
CA ARG M 134 -28.94 21.57 -13.70
C ARG M 134 -27.60 21.15 -13.11
N TRP M 135 -26.79 20.43 -13.86
CA TRP M 135 -25.51 19.97 -13.31
C TRP M 135 -24.53 21.12 -13.18
N GLU M 136 -24.50 22.03 -14.15
CA GLU M 136 -23.62 23.18 -14.06
C GLU M 136 -23.98 24.06 -12.86
N VAL M 137 -25.28 24.27 -12.63
CA VAL M 137 -25.70 25.06 -11.47
C VAL M 137 -25.31 24.35 -10.20
N ALA M 138 -25.49 23.02 -10.15
CA ALA M 138 -25.16 22.26 -8.94
C ALA M 138 -23.68 22.34 -8.62
N ALA M 139 -22.82 22.22 -9.64
CA ALA M 139 -21.38 22.27 -9.41
C ALA M 139 -20.89 23.65 -8.97
N LEU M 140 -21.65 24.70 -9.25
CA LEU M 140 -21.25 26.06 -8.91
C LEU M 140 -21.58 26.45 -7.47
N GLN M 141 -22.55 25.76 -6.84
CA GLN M 141 -23.02 26.12 -5.51
C GLN M 141 -21.94 26.29 -4.44
N PRO M 142 -20.93 25.41 -4.30
CA PRO M 142 -19.92 25.64 -3.25
C PRO M 142 -19.13 26.92 -3.39
N GLN M 143 -19.07 27.51 -4.58
CA GLN M 143 -18.33 28.75 -4.74
C GLN M 143 -19.00 29.88 -3.98
N LEU M 144 -20.32 29.79 -3.77
CA LEU M 144 -21.04 30.74 -2.93
C LEU M 144 -20.42 30.80 -1.55
N ARG M 145 -20.07 29.64 -1.01
CA ARG M 145 -19.49 29.61 0.31
C ARG M 145 -18.10 30.25 0.32
N ILE M 146 -17.29 29.98 -0.70
CA ILE M 146 -15.97 30.59 -0.78
C ILE M 146 -16.08 32.10 -0.93
N ASP M 147 -16.91 32.55 -1.86
CA ASP M 147 -17.02 33.98 -2.17
C ASP M 147 -17.53 34.79 -1.00
N LYS M 148 -18.49 34.27 -0.26
CA LYS M 148 -18.96 34.99 0.91
C LYS M 148 -17.87 35.08 1.97
N ALA M 149 -17.15 33.98 2.22
CA ALA M 149 -16.14 33.99 3.27
C ALA M 149 -15.04 34.99 2.99
N VAL M 150 -14.63 35.11 1.72
CA VAL M 150 -13.60 36.07 1.35
C VAL M 150 -14.12 37.48 1.59
N ALA M 151 -15.39 37.70 1.29
CA ALA M 151 -15.96 39.02 1.47
C ALA M 151 -16.10 39.34 2.97
N LEU M 152 -16.45 38.34 3.78
CA LEU M 152 -16.79 38.58 5.18
C LEU M 152 -15.60 38.58 6.13
N GLN M 153 -14.36 38.60 5.64
CA GLN M 153 -13.21 38.85 6.50
C GLN M 153 -12.85 40.34 6.61
N ASN M 154 -13.57 41.22 5.90
CA ASN M 154 -13.61 42.63 6.27
C ASN M 154 -14.75 42.85 7.26
N PRO M 155 -14.50 43.36 8.47
CA PRO M 155 -15.63 43.59 9.39
C PRO M 155 -16.66 44.59 8.91
N GLN M 156 -16.26 45.57 8.08
CA GLN M 156 -17.21 46.56 7.58
C GLN M 156 -18.33 45.94 6.78
N ALA M 157 -18.07 44.84 6.07
CA ALA M 157 -19.13 44.25 5.26
C ALA M 157 -20.18 43.61 6.15
N HIS M 158 -19.73 42.90 7.19
CA HIS M 158 -20.64 42.35 8.18
C HIS M 158 -21.49 43.46 8.78
N VAL M 159 -20.84 44.51 9.29
CA VAL M 159 -21.54 45.56 10.02
C VAL M 159 -22.57 46.21 9.12
N ILE M 160 -22.18 46.58 7.90
CA ILE M 160 -23.09 47.30 7.00
C ILE M 160 -24.28 46.42 6.59
N GLU M 161 -24.05 45.12 6.39
CA GLU M 161 -25.16 44.23 6.08
C GLU M 161 -26.12 44.12 7.25
N ASN M 162 -25.59 44.01 8.48
CA ASN M 162 -26.48 44.02 9.64
C ASN M 162 -27.18 45.35 9.78
N LEU M 163 -26.50 46.45 9.44
CA LEU M 163 -27.10 47.78 9.55
C LEU M 163 -28.34 47.87 8.66
N HIS M 164 -28.24 47.33 7.45
CA HIS M 164 -29.40 47.34 6.56
C HIS M 164 -30.46 46.37 7.06
N ALA M 165 -30.06 45.23 7.62
CA ALA M 165 -31.04 44.29 8.14
C ALA M 165 -31.83 44.90 9.29
N ALA M 166 -31.16 45.70 10.13
CA ALA M 166 -31.81 46.37 11.25
C ALA M 166 -32.65 47.57 10.81
N ALA M 167 -32.26 48.24 9.73
CA ALA M 167 -32.95 49.47 9.36
C ALA M 167 -34.31 49.18 8.73
N TYR M 168 -34.37 48.19 7.85
CA TYR M 168 -35.53 47.93 6.99
C TYR M 168 -36.23 46.61 7.33
N ARG M 169 -37.51 46.58 6.97
CA ARG M 169 -38.43 45.46 7.11
C ARG M 169 -38.43 44.50 5.93
N ASN M 170 -37.93 44.90 4.76
CA ASN M 170 -38.02 44.06 3.56
C ASN M 170 -36.93 44.39 2.53
N ALA M 171 -37.24 44.38 1.22
CA ALA M 171 -36.40 44.76 0.09
C ALA M 171 -34.99 45.30 0.32
N LEU M 172 -34.82 46.48 0.91
CA LEU M 172 -33.45 46.95 1.15
C LEU M 172 -32.78 46.24 2.32
N ALA M 173 -33.53 45.56 3.18
CA ALA M 173 -32.94 44.74 4.24
C ALA M 173 -32.16 43.56 3.70
N ASN M 174 -32.50 43.06 2.51
CA ASN M 174 -31.82 41.89 1.96
C ASN M 174 -30.33 42.12 1.75
N SER M 175 -29.57 41.05 1.99
CA SER M 175 -28.11 41.07 1.89
C SER M 175 -27.65 40.83 0.47
N LEU M 176 -26.49 41.41 0.13
CA LEU M 176 -25.84 41.12 -1.14
C LEU M 176 -25.35 39.68 -1.25
N TYR M 177 -25.13 38.98 -0.14
CA TYR M 177 -24.61 37.62 -0.11
C TYR M 177 -25.64 36.61 0.38
N CYS M 178 -25.53 35.40 -0.14
CA CYS M 178 -26.54 34.37 0.09
C CYS M 178 -26.54 33.94 1.56
N PRO M 179 -27.70 33.81 2.22
CA PRO M 179 -27.69 33.23 3.57
C PRO M 179 -27.16 31.81 3.56
N ASP M 180 -26.42 31.46 4.61
CA ASP M 180 -25.72 30.18 4.67
C ASP M 180 -26.67 28.99 4.51
N TYR M 181 -27.86 29.07 5.11
CA TYR M 181 -28.81 27.96 5.04
C TYR M 181 -29.34 27.70 3.63
N ARG M 182 -29.19 28.65 2.70
CA ARG M 182 -29.66 28.50 1.32
C ARG M 182 -28.59 27.98 0.37
N ILE M 183 -27.33 27.96 0.78
CA ILE M 183 -26.25 27.43 -0.06
C ILE M 183 -26.53 25.97 -0.36
N GLY M 184 -26.61 25.63 -1.65
CA GLY M 184 -27.01 24.33 -2.13
C GLY M 184 -28.47 24.15 -2.46
N LYS M 185 -29.34 25.09 -2.06
CA LYS M 185 -30.79 24.96 -2.26
C LYS M 185 -31.33 25.83 -3.40
N VAL M 186 -30.56 26.77 -3.93
CA VAL M 186 -31.02 27.56 -5.07
C VAL M 186 -31.13 26.68 -6.30
N THR M 187 -32.30 26.69 -6.96
CA THR M 187 -32.62 25.81 -8.08
C THR M 187 -32.50 26.54 -9.41
N PRO M 188 -32.34 25.81 -10.53
CA PRO M 188 -32.39 26.46 -11.85
C PRO M 188 -33.69 27.18 -12.18
N VAL M 189 -34.83 26.66 -11.71
CA VAL M 189 -36.11 27.32 -11.95
C VAL M 189 -36.12 28.73 -11.36
N GLU M 190 -35.59 28.91 -10.16
CA GLU M 190 -35.55 30.24 -9.56
C GLU M 190 -34.71 31.21 -10.37
N LEU M 191 -33.62 30.72 -10.95
CA LEU M 191 -32.80 31.56 -11.83
C LEU M 191 -33.55 31.92 -13.09
N HIS M 192 -34.30 30.97 -13.66
CA HIS M 192 -35.09 31.25 -14.84
C HIS M 192 -36.14 32.32 -14.55
N ASP M 193 -36.86 32.17 -13.44
CA ASP M 193 -37.89 33.15 -13.10
C ASP M 193 -37.29 34.52 -12.85
N TYR M 194 -36.12 34.58 -12.23
CA TYR M 194 -35.52 35.87 -11.91
C TYR M 194 -35.09 36.58 -13.19
N VAL M 195 -34.48 35.85 -14.12
CA VAL M 195 -34.08 36.46 -15.38
C VAL M 195 -35.33 36.85 -16.17
N GLN M 196 -36.35 36.01 -16.13
CA GLN M 196 -37.50 36.22 -17.00
C GLN M 196 -38.27 37.45 -16.58
N ASN M 197 -38.34 37.73 -15.28
CA ASN M 197 -39.13 38.84 -14.77
C ASN M 197 -38.33 40.04 -14.29
N HIS M 198 -37.00 40.07 -14.51
CA HIS M 198 -36.21 41.27 -14.18
C HIS M 198 -35.34 41.78 -15.33
N PHE M 199 -34.95 40.91 -16.25
CA PHE M 199 -34.09 41.27 -17.38
C PHE M 199 -34.91 41.65 -18.62
N THR M 200 -35.68 42.74 -18.49
CA THR M 200 -36.58 43.18 -19.55
C THR M 200 -36.18 44.57 -20.06
N SER M 201 -36.67 44.89 -21.26
CA SER M 201 -36.26 46.09 -22.00
C SER M 201 -36.45 47.38 -21.21
N ALA M 202 -37.59 47.54 -20.55
CA ALA M 202 -37.89 48.75 -19.79
C ALA M 202 -37.05 48.91 -18.53
N ARG M 203 -36.23 47.92 -18.18
CA ARG M 203 -35.40 47.92 -16.97
C ARG M 203 -33.91 47.94 -17.28
N MET M 204 -33.52 48.17 -18.54
CA MET M 204 -32.15 47.98 -19.01
C MET M 204 -31.62 49.25 -19.64
N ALA M 205 -30.29 49.35 -19.67
CA ALA M 205 -29.60 50.46 -20.32
C ALA M 205 -28.27 49.98 -20.88
N LEU M 206 -28.01 50.28 -22.16
CA LEU M 206 -26.80 49.85 -22.86
C LEU M 206 -25.90 51.07 -23.08
N ILE M 207 -24.76 51.07 -22.40
CA ILE M 207 -23.81 52.20 -22.42
C ILE M 207 -22.54 51.74 -23.10
N GLY M 208 -21.91 52.65 -23.84
CA GLY M 208 -20.69 52.33 -24.54
C GLY M 208 -19.73 53.48 -24.75
N LEU M 209 -18.46 53.24 -24.41
CA LEU M 209 -17.35 54.13 -24.68
C LEU M 209 -16.51 53.51 -25.79
N GLY M 210 -16.03 54.35 -26.69
CA GLY M 210 -15.29 53.90 -27.85
C GLY M 210 -16.07 53.08 -28.86
N VAL M 211 -17.38 53.31 -28.97
CA VAL M 211 -18.23 52.61 -29.92
C VAL M 211 -19.09 53.62 -30.65
N SER M 212 -19.40 53.32 -31.90
CA SER M 212 -20.25 54.17 -32.73
C SER M 212 -21.71 53.97 -32.34
N HIS M 213 -22.51 55.01 -32.53
CA HIS M 213 -23.93 54.97 -32.18
C HIS M 213 -24.77 54.08 -33.11
N PRO M 214 -24.58 54.11 -34.44
CA PRO M 214 -25.33 53.15 -35.28
C PRO M 214 -25.12 51.69 -34.93
N VAL M 215 -23.92 51.29 -34.53
CA VAL M 215 -23.67 49.89 -34.17
C VAL M 215 -24.49 49.49 -32.95
N LEU M 216 -24.39 50.27 -31.87
CA LEU M 216 -25.19 49.98 -30.68
C LEU M 216 -26.68 49.98 -30.97
N LYS M 217 -27.17 50.96 -31.74
CA LYS M 217 -28.58 50.98 -32.10
C LYS M 217 -28.99 49.75 -32.91
N GLN M 218 -28.10 49.29 -33.79
CA GLN M 218 -28.38 48.08 -34.56
C GLN M 218 -28.45 46.85 -33.65
N VAL M 219 -27.51 46.73 -32.72
CA VAL M 219 -27.52 45.58 -31.82
C VAL M 219 -28.80 45.58 -30.99
N ALA M 220 -29.15 46.75 -30.44
CA ALA M 220 -30.34 46.86 -29.60
C ALA M 220 -31.59 46.48 -30.39
N GLU M 221 -31.72 47.00 -31.61
CA GLU M 221 -32.93 46.74 -32.39
C GLU M 221 -32.99 45.30 -32.86
N GLN M 222 -31.84 44.66 -33.08
CA GLN M 222 -31.82 43.30 -33.58
C GLN M 222 -32.10 42.28 -32.48
N PHE M 223 -31.45 42.42 -31.31
CA PHE M 223 -31.38 41.33 -30.35
C PHE M 223 -32.05 41.59 -29.00
N LEU M 224 -32.32 42.84 -28.61
CA LEU M 224 -32.92 43.15 -27.32
C LEU M 224 -34.36 43.63 -27.48
N ASN M 225 -35.04 43.20 -28.55
CA ASN M 225 -36.45 43.46 -28.77
C ASN M 225 -37.35 42.33 -28.27
N ILE M 226 -36.80 41.19 -27.87
CA ILE M 226 -37.59 40.05 -27.40
C ILE M 226 -37.58 39.96 -25.87
N ARG M 227 -37.30 41.07 -25.19
CA ARG M 227 -37.22 41.12 -23.74
C ARG M 227 -38.35 41.94 -23.13
N GLY M 228 -39.51 41.98 -23.79
CA GLY M 228 -40.61 42.74 -23.23
C GLY M 228 -41.23 41.99 -22.07
N GLY M 229 -42.40 42.48 -21.64
CA GLY M 229 -43.13 41.79 -20.60
C GLY M 229 -42.81 42.26 -19.19
N LEU M 230 -42.98 43.55 -18.92
CA LEU M 230 -42.56 44.12 -17.64
C LEU M 230 -43.36 43.48 -16.50
N GLY M 231 -42.92 43.73 -15.27
CA GLY M 231 -43.65 43.22 -14.13
C GLY M 231 -42.78 43.18 -12.89
N LEU M 232 -43.41 42.75 -11.79
CA LEU M 232 -42.79 42.69 -10.47
C LEU M 232 -42.37 44.08 -9.98
N SER M 233 -43.42 44.85 -9.66
CA SER M 233 -43.33 46.18 -9.04
C SER M 233 -42.67 46.16 -7.66
N GLY M 234 -42.36 44.99 -7.10
CA GLY M 234 -41.67 44.87 -5.84
C GLY M 234 -42.43 45.50 -4.70
N ALA M 235 -41.71 46.22 -3.83
CA ALA M 235 -42.37 46.88 -2.72
C ALA M 235 -41.50 47.98 -2.17
N LYS M 236 -42.15 49.04 -1.70
CA LYS M 236 -41.44 50.20 -1.20
C LYS M 236 -40.75 49.82 0.10
N ALA M 237 -39.57 50.38 0.33
CA ALA M 237 -38.81 50.09 1.54
C ALA M 237 -39.35 50.87 2.73
N LYS M 238 -39.82 50.14 3.74
CA LYS M 238 -40.40 50.67 4.96
C LYS M 238 -39.30 50.75 6.02
N TYR M 239 -38.80 51.95 6.27
CA TYR M 239 -37.84 52.14 7.36
C TYR M 239 -38.48 51.79 8.70
N HIS M 240 -37.73 51.04 9.51
CA HIS M 240 -38.21 50.52 10.79
C HIS M 240 -37.45 51.10 11.97
N GLY M 241 -36.13 50.97 12.00
CA GLY M 241 -35.37 51.22 13.22
C GLY M 241 -35.18 49.98 14.05
N GLY M 242 -34.06 49.91 14.74
CA GLY M 242 -33.72 48.77 15.56
C GLY M 242 -32.22 48.70 15.75
N GLU M 243 -31.80 47.65 16.46
CA GLU M 243 -30.39 47.47 16.77
C GLU M 243 -30.00 46.00 16.68
N ILE M 244 -28.86 45.73 16.06
CA ILE M 244 -28.28 44.38 16.01
C ILE M 244 -26.87 44.41 16.59
N ARG M 245 -26.62 43.53 17.57
CA ARG M 245 -25.37 43.48 18.32
C ARG M 245 -24.75 42.10 18.16
N GLU M 246 -23.48 42.06 17.75
CA GLU M 246 -22.75 40.82 17.49
C GLU M 246 -21.55 40.71 18.43
N GLN M 247 -21.72 39.93 19.50
CA GLN M 247 -20.63 39.64 20.41
C GLN M 247 -19.73 38.58 19.77
N ASN M 248 -18.50 38.96 19.42
CA ASN M 248 -17.53 38.04 18.87
C ASN M 248 -16.12 38.17 19.46
N GLY M 249 -15.91 39.08 20.39
CA GLY M 249 -14.62 39.24 21.04
C GLY M 249 -13.48 39.60 20.13
N ASP M 250 -13.74 40.30 19.03
CA ASP M 250 -12.68 40.82 18.19
C ASP M 250 -11.84 41.83 18.98
N SER M 251 -10.67 42.15 18.44
CA SER M 251 -9.76 43.09 19.11
C SER M 251 -10.38 44.47 19.23
N LEU M 252 -11.12 44.90 18.22
CA LEU M 252 -11.72 46.24 18.16
C LEU M 252 -13.23 46.14 17.97
N VAL M 253 -13.91 47.19 18.42
CA VAL M 253 -15.36 47.30 18.28
C VAL M 253 -15.65 48.18 17.07
N HIS M 254 -16.41 47.63 16.12
CA HIS M 254 -16.96 48.37 14.99
C HIS M 254 -18.41 48.71 15.28
N ALA M 255 -18.82 49.95 15.03
CA ALA M 255 -20.19 50.37 15.27
C ALA M 255 -20.65 51.36 14.22
N ALA M 256 -21.92 51.25 13.83
CA ALA M 256 -22.56 52.18 12.91
C ALA M 256 -23.89 52.62 13.47
N LEU M 257 -24.14 53.94 13.46
CA LEU M 257 -25.39 54.51 13.95
C LEU M 257 -25.92 55.46 12.87
N VAL M 258 -27.15 55.23 12.41
CA VAL M 258 -27.71 55.99 11.30
C VAL M 258 -29.18 56.28 11.54
N ALA M 259 -29.72 57.20 10.73
CA ALA M 259 -31.14 57.46 10.63
C ALA M 259 -31.53 57.62 9.17
N GLU M 260 -32.83 57.58 8.90
CA GLU M 260 -33.34 57.80 7.56
C GLU M 260 -33.09 59.23 7.13
N SER M 261 -32.58 59.44 5.91
CA SER M 261 -32.16 60.77 5.47
C SER M 261 -32.94 61.30 4.27
N ALA M 262 -32.79 60.71 3.08
CA ALA M 262 -33.41 61.27 1.87
C ALA M 262 -33.17 60.43 0.64
N ALA M 263 -34.13 60.40 -0.27
CA ALA M 263 -33.98 59.67 -1.52
C ALA M 263 -33.05 60.38 -2.48
N ILE M 264 -32.31 59.60 -3.27
CA ILE M 264 -31.39 60.16 -4.25
C ILE M 264 -32.18 60.94 -5.29
N GLY M 265 -31.56 61.98 -5.85
CA GLY M 265 -32.22 62.83 -6.83
C GLY M 265 -32.96 64.00 -6.25
N SER M 266 -33.21 64.02 -4.94
CA SER M 266 -33.85 65.12 -4.27
C SER M 266 -32.85 66.19 -3.87
N ALA M 267 -33.35 67.42 -3.69
CA ALA M 267 -32.49 68.51 -3.25
C ALA M 267 -31.93 68.28 -1.87
N GLU M 268 -32.65 67.58 -1.00
CA GLU M 268 -32.16 67.29 0.34
C GLU M 268 -30.91 66.40 0.31
N ALA M 269 -30.78 65.57 -0.72
CA ALA M 269 -29.61 64.71 -0.79
C ALA M 269 -28.32 65.50 -0.97
N ASN M 270 -28.38 66.62 -1.69
CA ASN M 270 -27.17 67.46 -1.79
C ASN M 270 -26.81 68.04 -0.44
N ALA M 271 -27.82 68.45 0.34
CA ALA M 271 -27.57 68.95 1.68
C ALA M 271 -26.94 67.87 2.56
N PHE M 272 -27.39 66.63 2.42
CA PHE M 272 -26.78 65.54 3.17
C PHE M 272 -25.34 65.27 2.73
N SER M 273 -25.06 65.34 1.42
CA SER M 273 -23.68 65.17 0.96
C SER M 273 -22.77 66.25 1.52
N VAL M 274 -23.26 67.49 1.57
CA VAL M 274 -22.45 68.55 2.15
C VAL M 274 -22.27 68.33 3.64
N LEU M 275 -23.31 67.89 4.34
CA LEU M 275 -23.14 67.57 5.75
C LEU M 275 -22.11 66.46 5.95
N GLN M 276 -22.08 65.49 5.01
CA GLN M 276 -21.11 64.41 5.09
C GLN M 276 -19.70 64.95 5.05
N HIS M 277 -19.46 65.95 4.20
CA HIS M 277 -18.11 66.48 4.06
C HIS M 277 -17.78 67.57 5.08
N VAL M 278 -18.79 68.12 5.74
CA VAL M 278 -18.54 68.95 6.92
C VAL M 278 -18.10 68.08 8.09
N LEU M 279 -18.82 67.00 8.35
CA LEU M 279 -18.44 66.11 9.45
C LEU M 279 -17.11 65.40 9.20
N GLY M 280 -16.82 65.04 7.94
CA GLY M 280 -15.60 64.32 7.63
C GLY M 280 -15.88 62.96 7.03
N ALA M 281 -15.60 62.78 5.73
CA ALA M 281 -15.91 61.53 5.06
C ALA M 281 -14.72 60.57 5.05
N GLY M 282 -13.55 61.02 4.61
CA GLY M 282 -12.38 60.20 4.59
C GLY M 282 -11.11 61.01 4.57
N PRO M 283 -9.96 60.37 4.79
CA PRO M 283 -8.71 61.12 4.88
C PRO M 283 -8.19 61.51 3.51
N HIS M 284 -7.49 62.65 3.47
CA HIS M 284 -6.90 63.20 2.26
C HIS M 284 -5.39 63.20 2.26
N VAL M 285 -4.74 63.04 3.39
CA VAL M 285 -3.29 63.13 3.53
C VAL M 285 -2.80 61.86 4.19
N LYS M 286 -1.75 61.28 3.65
CA LYS M 286 -1.20 60.03 4.16
C LYS M 286 -0.63 60.24 5.55
N ARG M 287 -1.11 59.46 6.51
CA ARG M 287 -0.70 59.57 7.92
C ARG M 287 -0.99 60.97 8.47
N GLY M 288 -2.13 61.56 8.07
CA GLY M 288 -2.52 62.86 8.57
C GLY M 288 -3.45 62.79 9.77
N SER M 289 -3.51 63.91 10.50
CA SER M 289 -4.32 64.03 11.70
C SER M 289 -5.79 64.33 11.46
N ASN M 290 -6.23 64.48 10.21
CA ASN M 290 -7.61 64.89 9.90
C ASN M 290 -7.95 66.20 10.60
N ALA M 291 -7.19 67.24 10.25
CA ALA M 291 -7.29 68.52 10.94
C ALA M 291 -8.67 69.16 10.77
N THR M 292 -9.20 69.16 9.54
CA THR M 292 -10.46 69.81 9.23
C THR M 292 -11.68 68.89 9.41
N SER M 293 -11.51 67.76 10.11
CA SER M 293 -12.61 66.83 10.39
C SER M 293 -13.13 67.10 11.80
N SER M 294 -14.33 67.68 11.89
CA SER M 294 -14.85 68.12 13.19
C SER M 294 -15.20 66.96 14.09
N LEU M 295 -15.58 65.81 13.50
CA LEU M 295 -15.83 64.63 14.32
C LEU M 295 -14.54 64.12 14.92
N TYR M 296 -13.48 64.05 14.10
CA TYR M 296 -12.22 63.52 14.59
C TYR M 296 -11.64 64.38 15.71
N GLN M 297 -11.71 65.70 15.57
CA GLN M 297 -11.20 66.54 16.65
C GLN M 297 -12.10 66.49 17.88
N ALA M 298 -13.42 66.38 17.66
CA ALA M 298 -14.34 66.29 18.79
C ALA M 298 -14.07 65.04 19.62
N VAL M 299 -13.88 63.89 18.96
CA VAL M 299 -13.58 62.69 19.71
C VAL M 299 -12.16 62.77 20.27
N ALA M 300 -11.24 63.36 19.52
CA ALA M 300 -9.84 63.43 19.94
C ALA M 300 -9.66 64.23 21.21
N LYS M 301 -10.59 65.12 21.55
CA LYS M 301 -10.42 65.90 22.78
C LYS M 301 -10.37 64.99 24.00
N GLY M 302 -11.44 64.23 24.24
CA GLY M 302 -11.56 63.40 25.43
C GLY M 302 -11.34 61.92 25.21
N VAL M 303 -10.61 61.53 24.17
CA VAL M 303 -10.30 60.13 23.86
C VAL M 303 -8.87 60.08 23.35
N HIS M 304 -7.96 59.50 24.13
CA HIS M 304 -6.55 59.44 23.78
C HIS M 304 -6.10 58.11 23.17
N GLN M 305 -6.89 57.05 23.29
CA GLN M 305 -6.54 55.81 22.61
C GLN M 305 -6.69 55.97 21.10
N PRO M 306 -6.15 55.03 20.32
CA PRO M 306 -6.41 55.05 18.87
C PRO M 306 -7.88 54.81 18.55
N PHE M 307 -8.33 55.38 17.44
CA PHE M 307 -9.71 55.23 17.00
C PHE M 307 -9.80 55.75 15.56
N ASP M 308 -10.95 55.49 14.94
CA ASP M 308 -11.32 56.14 13.69
C ASP M 308 -12.81 56.43 13.71
N VAL M 309 -13.22 57.47 12.99
CA VAL M 309 -14.63 57.84 12.88
C VAL M 309 -14.85 58.53 11.53
N SER M 310 -16.01 58.26 10.91
CA SER M 310 -16.28 58.76 9.57
C SER M 310 -17.79 58.86 9.36
N ALA M 311 -18.23 59.92 8.70
CA ALA M 311 -19.64 60.02 8.31
C ALA M 311 -20.00 58.96 7.27
N PHE M 312 -21.20 58.40 7.40
CA PHE M 312 -21.75 57.38 6.53
C PHE M 312 -22.95 57.94 5.78
N ASN M 313 -22.96 57.77 4.45
CA ASN M 313 -24.02 58.28 3.59
C ASN M 313 -24.32 57.27 2.49
N ALA M 314 -25.55 56.72 2.49
CA ALA M 314 -25.98 55.76 1.48
C ALA M 314 -27.37 56.19 1.00
N SER M 315 -27.47 56.52 -0.29
CA SER M 315 -28.71 56.99 -0.90
C SER M 315 -29.19 56.03 -1.98
N TYR M 316 -30.50 55.81 -2.01
CA TYR M 316 -31.15 54.89 -2.93
C TYR M 316 -32.31 55.61 -3.61
N SER M 317 -33.06 54.87 -4.44
CA SER M 317 -34.10 55.48 -5.26
C SER M 317 -35.21 56.07 -4.41
N ASP M 318 -35.63 55.37 -3.35
CA ASP M 318 -36.79 55.76 -2.56
C ASP M 318 -36.50 55.91 -1.07
N SER M 319 -35.24 55.97 -0.66
CA SER M 319 -34.92 56.09 0.76
C SER M 319 -33.44 56.45 0.87
N GLY M 320 -32.96 56.56 2.11
CA GLY M 320 -31.56 56.82 2.36
C GLY M 320 -31.24 56.58 3.81
N LEU M 321 -29.94 56.46 4.09
CA LEU M 321 -29.42 56.30 5.44
C LEU M 321 -28.23 57.22 5.60
N PHE M 322 -28.26 58.05 6.65
CA PHE M 322 -27.13 58.91 7.00
C PHE M 322 -26.79 58.73 8.47
N GLY M 323 -25.51 58.83 8.78
CA GLY M 323 -25.05 58.73 10.16
C GLY M 323 -23.55 58.69 10.27
N PHE M 324 -23.01 57.85 11.17
CA PHE M 324 -21.56 57.75 11.28
C PHE M 324 -21.15 56.34 11.68
N TYR M 325 -19.89 56.05 11.41
CA TYR M 325 -19.25 54.76 11.63
C TYR M 325 -18.00 54.98 12.48
N THR M 326 -17.88 54.21 13.57
CA THR M 326 -16.78 54.32 14.52
C THR M 326 -16.05 52.99 14.59
N ILE M 327 -14.73 53.06 14.78
CA ILE M 327 -13.90 51.91 15.12
C ILE M 327 -13.08 52.31 16.33
N SER M 328 -13.11 51.51 17.38
CA SER M 328 -12.37 51.88 18.59
C SER M 328 -12.07 50.67 19.45
N GLN M 329 -11.27 50.89 20.49
CA GLN M 329 -11.07 49.89 21.52
C GLN M 329 -12.39 49.57 22.22
N ALA M 330 -12.48 48.35 22.75
CA ALA M 330 -13.72 47.89 23.36
C ALA M 330 -14.12 48.75 24.55
N ALA M 331 -13.15 49.21 25.35
CA ALA M 331 -13.48 50.02 26.51
C ALA M 331 -13.82 51.47 26.18
N SER M 332 -13.33 52.01 25.06
CA SER M 332 -13.58 53.38 24.67
C SER M 332 -14.76 53.56 23.71
N ALA M 333 -15.52 52.50 23.43
CA ALA M 333 -16.57 52.57 22.41
C ALA M 333 -17.65 53.57 22.77
N GLY M 334 -18.10 53.55 24.03
CA GLY M 334 -19.14 54.47 24.46
C GLY M 334 -18.69 55.91 24.40
N ASP M 335 -17.46 56.18 24.82
CA ASP M 335 -16.93 57.54 24.78
C ASP M 335 -16.90 58.06 23.35
N VAL M 336 -16.43 57.25 22.41
CA VAL M 336 -16.31 57.69 21.02
C VAL M 336 -17.68 57.92 20.42
N ILE M 337 -18.64 57.07 20.75
CA ILE M 337 -19.98 57.20 20.14
C ILE M 337 -20.67 58.44 20.70
N LYS M 338 -20.60 58.63 22.01
CA LYS M 338 -21.26 59.78 22.62
C LYS M 338 -20.61 61.09 22.20
N ALA M 339 -19.29 61.12 22.06
CA ALA M 339 -18.62 62.33 21.57
C ALA M 339 -19.02 62.66 20.13
N ALA M 340 -19.15 61.64 19.28
CA ALA M 340 -19.54 61.91 17.90
C ALA M 340 -20.98 62.39 17.83
N TYR M 341 -21.87 61.78 18.62
CA TYR M 341 -23.26 62.19 18.60
C TYR M 341 -23.41 63.61 19.13
N ASN M 342 -22.66 63.96 20.17
CA ASN M 342 -22.74 65.33 20.67
C ASN M 342 -22.22 66.31 19.64
N GLN M 343 -21.18 65.94 18.87
CA GLN M 343 -20.70 66.87 17.85
C GLN M 343 -21.75 67.11 16.76
N VAL M 344 -22.52 66.07 16.43
CA VAL M 344 -23.58 66.30 15.46
C VAL M 344 -24.69 67.14 16.08
N LYS M 345 -24.96 66.95 17.37
CA LYS M 345 -25.97 67.78 18.01
C LYS M 345 -25.54 69.24 17.98
N THR M 346 -24.25 69.49 18.24
CA THR M 346 -23.74 70.86 18.25
C THR M 346 -23.88 71.50 16.88
N ILE M 347 -23.73 70.72 15.82
CA ILE M 347 -23.95 71.26 14.47
C ILE M 347 -25.43 71.53 14.24
N ALA M 348 -26.30 70.62 14.68
CA ALA M 348 -27.75 70.81 14.57
C ALA M 348 -28.23 72.04 15.32
N GLN M 349 -27.53 72.46 16.38
CA GLN M 349 -27.89 73.68 17.11
C GLN M 349 -27.44 74.95 16.41
N GLY M 350 -26.88 74.88 15.21
CA GLY M 350 -26.54 76.06 14.43
C GLY M 350 -25.11 76.53 14.52
N ASN M 351 -24.25 75.83 15.26
CA ASN M 351 -22.85 76.23 15.39
C ASN M 351 -22.11 75.74 14.15
N LEU M 352 -22.27 76.52 13.06
CA LEU M 352 -21.67 76.15 11.77
C LEU M 352 -21.34 77.43 11.02
N SER M 353 -20.04 77.65 10.78
CA SER M 353 -19.57 78.83 10.06
C SER M 353 -19.65 78.63 8.55
N ASN M 354 -19.57 79.74 7.82
CA ASN M 354 -19.60 79.74 6.36
C ASN M 354 -18.31 79.23 5.70
N PRO M 355 -17.12 79.53 6.22
CA PRO M 355 -15.92 78.87 5.66
C PRO M 355 -15.97 77.36 5.76
N ASP M 356 -16.67 76.82 6.75
CA ASP M 356 -16.78 75.37 6.88
C ASP M 356 -17.58 74.80 5.73
N VAL M 357 -18.73 75.40 5.44
CA VAL M 357 -19.56 74.87 4.37
C VAL M 357 -18.90 75.13 3.02
N GLN M 358 -18.13 76.20 2.89
CA GLN M 358 -17.49 76.45 1.59
C GLN M 358 -16.37 75.45 1.35
N ALA M 359 -15.60 75.13 2.39
CA ALA M 359 -14.58 74.09 2.27
C ALA M 359 -15.23 72.74 1.98
N ALA M 360 -16.37 72.46 2.60
CA ALA M 360 -17.05 71.21 2.33
C ALA M 360 -17.52 71.13 0.89
N LYS M 361 -18.03 72.25 0.36
CA LYS M 361 -18.42 72.26 -1.05
C LYS M 361 -17.23 72.04 -1.96
N ASN M 362 -16.07 72.60 -1.61
CA ASN M 362 -14.88 72.37 -2.42
C ASN M 362 -14.49 70.89 -2.41
N LYS M 363 -14.50 70.27 -1.22
CA LYS M 363 -14.21 68.83 -1.12
C LYS M 363 -15.19 68.01 -1.92
N LEU M 364 -16.47 68.35 -1.88
CA LEU M 364 -17.48 67.59 -2.61
C LEU M 364 -17.29 67.72 -4.11
N LYS M 365 -17.15 68.95 -4.61
CA LYS M 365 -16.96 69.13 -6.05
C LYS M 365 -15.69 68.45 -6.54
N ALA M 366 -14.59 68.58 -5.80
CA ALA M 366 -13.37 67.90 -6.22
C ALA M 366 -13.54 66.39 -6.20
N GLY M 367 -14.20 65.85 -5.19
CA GLY M 367 -14.40 64.41 -5.13
C GLY M 367 -15.24 63.93 -6.30
N TYR M 368 -16.25 64.70 -6.68
CA TYR M 368 -17.11 64.29 -7.77
C TYR M 368 -16.33 64.27 -9.08
N LEU M 369 -15.56 65.34 -9.36
CA LEU M 369 -14.80 65.35 -10.60
C LEU M 369 -13.76 64.22 -10.62
N MET M 370 -13.11 63.97 -9.49
CA MET M 370 -12.15 62.87 -9.43
C MET M 370 -12.79 61.50 -9.53
N SER M 371 -14.09 61.36 -9.22
CA SER M 371 -14.74 60.06 -9.27
C SER M 371 -15.15 59.62 -10.67
N VAL M 372 -15.02 60.48 -11.67
CA VAL M 372 -15.43 60.19 -13.04
C VAL M 372 -14.25 60.45 -13.97
N GLU M 373 -13.04 60.50 -13.41
CA GLU M 373 -11.84 60.65 -14.21
C GLU M 373 -11.35 59.35 -14.83
N SER M 374 -11.73 58.21 -14.26
CA SER M 374 -11.46 56.91 -14.87
C SER M 374 -12.59 56.50 -15.80
N SER M 375 -12.26 55.68 -16.78
CA SER M 375 -13.27 55.20 -17.72
C SER M 375 -14.31 54.36 -17.00
N GLU M 376 -13.87 53.56 -16.01
CA GLU M 376 -14.78 52.74 -15.24
C GLU M 376 -15.79 53.60 -14.48
N GLY M 377 -15.31 54.63 -13.79
CA GLY M 377 -16.20 55.47 -13.02
C GLY M 377 -17.09 56.32 -13.89
N PHE M 378 -16.61 56.71 -15.07
CA PHE M 378 -17.46 57.45 -16.00
C PHE M 378 -18.57 56.55 -16.50
N LEU M 379 -18.24 55.32 -16.89
CA LEU M 379 -19.25 54.41 -17.41
C LEU M 379 -20.28 54.10 -16.34
N ASP M 380 -19.84 53.94 -15.09
CA ASP M 380 -20.76 53.64 -14.01
C ASP M 380 -21.67 54.83 -13.72
N GLU M 381 -21.13 56.05 -13.78
CA GLU M 381 -21.94 57.23 -13.55
C GLU M 381 -23.01 57.38 -14.63
N VAL M 382 -22.63 57.18 -15.89
CA VAL M 382 -23.58 57.30 -16.97
C VAL M 382 -24.66 56.23 -16.88
N GLY M 383 -24.29 54.99 -16.52
CA GLY M 383 -25.29 53.95 -16.38
C GLY M 383 -26.25 54.22 -15.23
N SER M 384 -25.73 54.76 -14.13
CA SER M 384 -26.59 55.05 -12.99
C SER M 384 -27.58 56.16 -13.33
N GLN M 385 -27.09 57.22 -13.98
CA GLN M 385 -28.00 58.28 -14.38
C GLN M 385 -29.03 57.76 -15.37
N ALA M 386 -28.61 56.86 -16.27
CA ALA M 386 -29.52 56.35 -17.28
C ALA M 386 -30.67 55.58 -16.66
N LEU M 387 -30.40 54.82 -15.59
CA LEU M 387 -31.46 54.04 -14.97
C LEU M 387 -32.29 54.87 -13.98
N ALA M 388 -31.65 55.69 -13.15
CA ALA M 388 -32.39 56.48 -12.18
C ALA M 388 -33.24 57.57 -12.86
N ALA M 389 -32.62 58.43 -13.65
CA ALA M 389 -33.26 59.63 -14.16
C ALA M 389 -33.69 59.54 -15.62
N GLY M 390 -33.13 58.60 -16.39
CA GLY M 390 -33.45 58.54 -17.80
C GLY M 390 -32.83 59.61 -18.66
N SER M 391 -31.75 60.25 -18.20
CA SER M 391 -31.12 61.33 -18.95
C SER M 391 -29.65 61.36 -18.57
N TYR M 392 -28.88 62.26 -19.20
CA TYR M 392 -27.50 62.53 -18.81
C TYR M 392 -27.37 63.99 -18.39
N THR M 393 -26.90 64.21 -17.16
CA THR M 393 -26.68 65.55 -16.62
C THR M 393 -25.17 65.83 -16.64
N PRO M 394 -24.67 66.77 -17.44
CA PRO M 394 -23.20 66.96 -17.51
C PRO M 394 -22.62 67.43 -16.19
N PRO M 395 -21.30 67.37 -16.03
CA PRO M 395 -20.67 67.75 -14.74
C PRO M 395 -20.94 69.18 -14.29
N SER M 396 -20.92 70.14 -15.21
CA SER M 396 -21.08 71.54 -14.83
C SER M 396 -22.42 71.80 -14.16
N THR M 397 -23.48 71.15 -14.63
CA THR M 397 -24.77 71.32 -13.97
C THR M 397 -24.77 70.70 -12.58
N VAL M 398 -24.01 69.62 -12.39
CA VAL M 398 -23.90 69.03 -11.06
C VAL M 398 -23.17 69.98 -10.12
N LEU M 399 -22.11 70.64 -10.59
CA LEU M 399 -21.43 71.60 -9.73
C LEU M 399 -22.34 72.79 -9.43
N GLN M 400 -23.17 73.18 -10.39
CA GLN M 400 -24.14 74.24 -10.14
C GLN M 400 -25.09 73.85 -9.02
N GLN M 401 -25.64 72.64 -9.10
CA GLN M 401 -26.57 72.18 -8.07
C GLN M 401 -25.89 72.06 -6.71
N ILE M 402 -24.60 71.74 -6.69
CA ILE M 402 -23.89 71.67 -5.42
C ILE M 402 -23.69 73.05 -4.82
N ASP M 403 -23.36 74.04 -5.65
CA ASP M 403 -23.17 75.39 -5.11
C ASP M 403 -24.45 75.98 -4.54
N ALA M 404 -25.61 75.62 -5.09
CA ALA M 404 -26.87 76.20 -4.64
C ALA M 404 -27.27 75.78 -3.23
N VAL M 405 -26.67 74.73 -2.68
CA VAL M 405 -26.98 74.31 -1.32
C VAL M 405 -26.64 75.42 -0.34
N ALA M 406 -27.65 75.89 0.40
CA ALA M 406 -27.49 76.86 1.46
C ALA M 406 -27.17 76.22 2.80
N ASP M 407 -26.59 77.03 3.69
CA ASP M 407 -26.25 76.59 5.04
C ASP M 407 -27.48 76.13 5.83
N ALA M 408 -28.60 76.81 5.66
CA ALA M 408 -29.83 76.42 6.36
C ALA M 408 -30.27 75.03 5.98
N ASP M 409 -30.02 74.60 4.75
CA ASP M 409 -30.34 73.23 4.36
C ASP M 409 -29.49 72.24 5.15
N VAL M 410 -28.22 72.55 5.35
CA VAL M 410 -27.34 71.66 6.11
C VAL M 410 -27.79 71.59 7.58
N ILE M 411 -28.14 72.73 8.17
CA ILE M 411 -28.65 72.70 9.53
C ILE M 411 -29.94 71.88 9.62
N ASN M 412 -30.80 72.00 8.62
CA ASN M 412 -32.06 71.25 8.64
C ASN M 412 -31.80 69.76 8.52
N ALA M 413 -30.83 69.37 7.70
CA ALA M 413 -30.43 67.97 7.61
C ALA M 413 -29.91 67.45 8.94
N ALA M 414 -29.10 68.26 9.63
CA ALA M 414 -28.62 67.84 10.94
C ALA M 414 -29.77 67.70 11.93
N LYS M 415 -30.76 68.59 11.85
CA LYS M 415 -31.95 68.44 12.68
C LYS M 415 -32.66 67.14 12.38
N LYS M 416 -32.77 66.80 11.08
CA LYS M 416 -33.46 65.57 10.70
C LYS M 416 -32.76 64.35 11.27
N PHE M 417 -31.43 64.38 11.29
CA PHE M 417 -30.70 63.24 11.84
C PHE M 417 -30.92 63.16 13.35
N VAL M 418 -30.79 64.29 14.03
CA VAL M 418 -30.86 64.31 15.49
C VAL M 418 -32.23 63.87 15.99
N SER M 419 -33.30 64.27 15.30
CA SER M 419 -34.65 63.96 15.77
C SER M 419 -35.21 62.65 15.24
N GLY M 420 -34.59 62.05 14.22
CA GLY M 420 -35.12 60.84 13.63
C GLY M 420 -34.82 59.60 14.44
N ARG M 421 -35.69 58.61 14.28
CA ARG M 421 -35.54 57.31 14.93
C ARG M 421 -34.28 56.60 14.45
N LYS M 422 -33.49 56.10 15.38
CA LYS M 422 -32.14 55.62 15.07
C LYS M 422 -32.16 54.13 14.72
N SER M 423 -31.17 53.74 13.94
CA SER M 423 -30.82 52.35 13.66
C SER M 423 -29.35 52.14 14.00
N MET M 424 -29.02 50.98 14.58
CA MET M 424 -27.68 50.74 15.07
C MET M 424 -27.23 49.31 14.76
N ALA M 425 -25.94 49.17 14.49
CA ALA M 425 -25.32 47.86 14.36
C ALA M 425 -23.94 47.90 14.98
N ALA M 426 -23.55 46.79 15.62
CA ALA M 426 -22.25 46.76 16.27
C ALA M 426 -21.70 45.35 16.29
N SER M 427 -20.38 45.25 16.24
CA SER M 427 -19.65 44.00 16.31
C SER M 427 -18.45 44.18 17.23
N GLY M 428 -18.13 43.15 18.02
CA GLY M 428 -16.93 43.16 18.82
C GLY M 428 -17.22 42.67 20.22
N ASN M 429 -16.34 43.03 21.16
CA ASN M 429 -16.58 42.82 22.59
C ASN M 429 -17.42 43.98 23.08
N LEU M 430 -18.73 43.76 23.20
CA LEU M 430 -19.70 44.83 23.41
C LEU M 430 -20.05 45.06 24.87
N GLY M 431 -19.17 44.70 25.80
CA GLY M 431 -19.47 44.90 27.21
C GLY M 431 -19.56 46.35 27.66
N HIS M 432 -19.08 47.31 26.84
CA HIS M 432 -19.13 48.73 27.16
C HIS M 432 -19.67 49.56 26.00
N THR M 433 -20.40 48.94 25.08
CA THR M 433 -21.02 49.65 23.96
C THR M 433 -22.47 49.98 24.28
N PRO M 434 -22.87 51.24 24.35
CA PRO M 434 -24.24 51.55 24.81
C PRO M 434 -25.30 51.12 23.80
N PHE M 435 -26.50 50.93 24.32
CA PHE M 435 -27.70 50.80 23.50
C PHE M 435 -28.16 52.16 22.99
N ILE M 436 -29.20 52.15 22.16
CA ILE M 436 -29.74 53.39 21.58
C ILE M 436 -30.33 54.27 22.67
N ASP M 437 -31.10 53.70 23.58
CA ASP M 437 -31.75 54.50 24.60
C ASP M 437 -30.79 55.06 25.65
N GLU M 438 -29.52 54.68 25.60
CA GLU M 438 -28.48 55.22 26.48
C GLU M 438 -27.70 56.37 25.86
N LEU M 439 -28.04 56.77 24.63
CA LEU M 439 -27.34 57.88 23.97
C LEU M 439 -28.02 59.20 24.27
N THR N 2 -1.42 14.34 -11.41
CA THR N 2 -0.35 15.23 -11.82
C THR N 2 0.89 14.42 -12.17
N ASN N 3 1.64 14.00 -11.15
CA ASN N 3 2.93 13.34 -11.33
C ASN N 3 2.70 11.85 -11.49
N ILE N 4 3.16 11.29 -12.61
CA ILE N 4 2.95 9.86 -12.83
C ILE N 4 3.94 9.01 -12.04
N ARG N 5 5.06 9.60 -11.60
CA ARG N 5 5.96 8.90 -10.70
C ARG N 5 5.29 8.55 -9.39
N LYS N 6 4.33 9.35 -8.95
CA LYS N 6 3.65 9.14 -7.68
C LYS N 6 2.37 8.33 -7.78
N SER N 7 1.71 8.31 -8.95
CA SER N 7 0.38 7.74 -9.08
C SER N 7 0.35 6.37 -9.77
N HIS N 8 1.35 6.03 -10.58
CA HIS N 8 1.36 4.77 -11.28
C HIS N 8 1.44 3.60 -10.29
N PRO N 9 0.64 2.53 -10.44
CA PRO N 9 0.58 1.48 -9.39
C PRO N 9 1.90 0.80 -9.07
N LEU N 10 2.83 0.75 -10.00
CA LEU N 10 4.11 0.06 -9.84
C LEU N 10 5.18 1.01 -9.33
N MET N 11 5.17 2.24 -9.82
CA MET N 11 6.21 3.21 -9.46
C MET N 11 6.04 3.76 -8.05
N LYS N 12 4.83 3.70 -7.46
CA LYS N 12 4.68 4.17 -6.10
C LYS N 12 5.54 3.39 -5.10
N ILE N 13 5.75 2.10 -5.33
CA ILE N 13 6.62 1.32 -4.45
C ILE N 13 8.06 1.80 -4.54
N VAL N 14 8.54 2.06 -5.76
CA VAL N 14 9.90 2.56 -5.94
C VAL N 14 10.03 3.95 -5.35
N ASN N 15 9.00 4.78 -5.49
CA ASN N 15 9.09 6.13 -4.96
C ASN N 15 9.09 6.09 -3.45
N ASN N 16 8.20 5.31 -2.85
CA ASN N 16 8.08 5.23 -1.40
C ASN N 16 9.16 4.36 -0.77
N ALA N 17 10.12 3.83 -1.54
CA ALA N 17 11.19 3.01 -1.01
C ALA N 17 12.59 3.52 -1.30
N PHE N 18 12.78 4.29 -2.39
CA PHE N 18 14.13 4.71 -2.82
C PHE N 18 14.27 6.16 -3.21
N ILE N 19 13.19 6.96 -3.29
CA ILE N 19 13.25 8.32 -3.83
C ILE N 19 12.80 9.34 -2.79
N ASP N 20 11.55 9.23 -2.34
CA ASP N 20 10.97 10.17 -1.39
C ASP N 20 11.03 9.69 0.06
N LEU N 21 11.69 8.57 0.32
CA LEU N 21 11.80 8.05 1.68
C LEU N 21 12.47 9.07 2.61
N PRO N 22 11.82 9.55 3.67
CA PRO N 22 12.53 10.39 4.64
C PRO N 22 13.59 9.60 5.40
N ALA N 23 14.82 10.10 5.41
CA ALA N 23 15.94 9.42 6.05
C ALA N 23 16.67 10.41 6.95
N PRO N 24 17.33 9.95 8.02
CA PRO N 24 18.05 10.90 8.87
C PRO N 24 19.20 11.55 8.13
N SER N 25 19.46 12.81 8.45
CA SER N 25 20.53 13.54 7.78
C SER N 25 21.93 13.13 8.22
N ASN N 26 22.08 12.29 9.26
CA ASN N 26 23.39 12.11 9.90
C ASN N 26 23.79 10.65 10.04
N ILE N 27 23.21 9.75 9.25
CA ILE N 27 23.62 8.34 9.31
C ILE N 27 25.01 8.20 8.69
N SER N 28 25.91 7.55 9.42
CA SER N 28 27.32 7.46 9.04
C SER N 28 27.53 6.35 8.02
N SER N 29 28.80 6.07 7.71
CA SER N 29 29.17 5.01 6.78
C SER N 29 28.75 3.62 7.23
N TRP N 30 28.49 3.42 8.52
CA TRP N 30 28.06 2.12 9.01
C TRP N 30 26.66 1.73 8.53
N TRP N 31 25.87 2.67 8.00
CA TRP N 31 24.59 2.36 7.40
C TRP N 31 24.70 1.96 5.93
N ASN N 32 25.91 1.89 5.37
CA ASN N 32 26.07 1.47 3.98
C ASN N 32 26.01 -0.03 3.77
N PHE N 33 26.24 -0.84 4.82
CA PHE N 33 26.34 -2.28 4.61
C PHE N 33 25.01 -2.93 4.27
N GLY N 34 23.89 -2.25 4.52
CA GLY N 34 22.61 -2.80 4.12
C GLY N 34 22.50 -2.95 2.62
N SER N 35 22.82 -1.90 1.89
CA SER N 35 22.79 -1.96 0.43
C SER N 35 23.91 -2.83 -0.12
N LEU N 36 25.07 -2.86 0.55
CA LEU N 36 26.15 -3.70 0.06
C LEU N 36 25.83 -5.17 0.19
N LEU N 37 25.06 -5.57 1.21
CA LEU N 37 24.59 -6.95 1.28
C LEU N 37 23.71 -7.32 0.09
N GLY N 38 22.88 -6.38 -0.37
CA GLY N 38 22.07 -6.67 -1.55
C GLY N 38 22.88 -6.71 -2.83
N ILE N 39 23.87 -5.83 -2.96
CA ILE N 39 24.80 -5.90 -4.09
C ILE N 39 25.52 -7.24 -4.11
N CYS N 40 26.00 -7.68 -2.95
CA CYS N 40 26.64 -8.99 -2.85
C CYS N 40 25.71 -10.13 -3.23
N LEU N 41 24.47 -10.10 -2.74
CA LEU N 41 23.52 -11.15 -3.06
C LEU N 41 23.21 -11.22 -4.56
N ILE N 42 23.11 -10.08 -5.22
CA ILE N 42 22.85 -10.10 -6.66
C ILE N 42 24.11 -10.56 -7.42
N LEU N 43 25.29 -10.19 -6.92
CA LEU N 43 26.54 -10.64 -7.54
C LEU N 43 26.60 -12.16 -7.48
N GLN N 44 26.32 -12.74 -6.30
CA GLN N 44 26.40 -14.20 -6.17
C GLN N 44 25.36 -14.88 -7.02
N ILE N 45 24.18 -14.27 -7.19
CA ILE N 45 23.15 -14.93 -8.00
C ILE N 45 23.59 -14.94 -9.46
N LEU N 46 24.16 -13.84 -9.95
CA LEU N 46 24.56 -13.79 -11.36
C LEU N 46 25.75 -14.70 -11.63
N THR N 47 26.83 -14.55 -10.85
CA THR N 47 28.00 -15.41 -11.04
C THR N 47 27.63 -16.88 -10.87
N GLY N 48 26.85 -17.23 -9.85
CA GLY N 48 26.48 -18.61 -9.65
C GLY N 48 25.68 -19.16 -10.81
N LEU N 49 24.75 -18.37 -11.34
CA LEU N 49 23.96 -18.81 -12.47
C LEU N 49 24.85 -19.09 -13.68
N PHE N 50 25.86 -18.26 -13.89
CA PHE N 50 26.78 -18.53 -14.99
C PHE N 50 27.74 -19.69 -14.71
N LEU N 51 27.97 -20.02 -13.44
CA LEU N 51 28.73 -21.22 -13.10
C LEU N 51 27.92 -22.50 -13.25
N ALA N 52 26.59 -22.42 -13.08
CA ALA N 52 25.74 -23.58 -13.26
C ALA N 52 25.58 -24.02 -14.70
N MET N 53 25.93 -23.16 -15.66
CA MET N 53 25.89 -23.56 -17.07
C MET N 53 26.98 -24.55 -17.44
N HIS N 54 28.01 -24.74 -16.61
CA HIS N 54 29.12 -25.65 -16.89
C HIS N 54 29.49 -26.51 -15.70
N TYR N 55 28.53 -26.85 -14.84
CA TYR N 55 28.77 -27.68 -13.67
C TYR N 55 27.87 -28.91 -13.71
N THR N 56 28.43 -30.05 -13.30
CA THR N 56 27.70 -31.30 -13.17
C THR N 56 27.89 -31.83 -11.75
N SER N 57 26.79 -32.21 -11.10
CA SER N 57 26.81 -32.67 -9.72
C SER N 57 27.04 -34.18 -9.61
N ASP N 58 27.59 -34.81 -10.63
CA ASP N 58 27.93 -36.22 -10.54
C ASP N 58 29.21 -36.36 -9.74
N THR N 59 29.22 -37.30 -8.78
CA THR N 59 30.37 -37.50 -7.92
C THR N 59 31.62 -37.86 -8.71
N THR N 60 31.47 -38.50 -9.87
CA THR N 60 32.60 -38.93 -10.68
C THR N 60 33.14 -37.82 -11.58
N THR N 61 32.43 -36.69 -11.71
CA THR N 61 32.83 -35.61 -12.59
C THR N 61 32.69 -34.22 -11.97
N ALA N 62 32.29 -34.11 -10.71
CA ALA N 62 32.08 -32.79 -10.12
C ALA N 62 33.41 -32.05 -9.96
N PHE N 63 34.46 -32.74 -9.52
CA PHE N 63 35.77 -32.11 -9.38
C PHE N 63 36.31 -31.64 -10.73
N SER N 64 36.17 -32.45 -11.76
CA SER N 64 36.76 -32.11 -13.05
C SER N 64 36.01 -30.98 -13.74
N SER N 65 34.71 -30.83 -13.50
CA SER N 65 33.97 -29.75 -14.12
C SER N 65 34.45 -28.38 -13.65
N VAL N 66 34.93 -28.27 -12.40
CA VAL N 66 35.42 -26.98 -11.95
C VAL N 66 36.75 -26.67 -12.63
N THR N 67 37.61 -27.67 -12.81
CA THR N 67 38.85 -27.42 -13.55
C THR N 67 38.55 -27.07 -15.00
N HIS N 68 37.55 -27.73 -15.59
CA HIS N 68 37.11 -27.36 -16.94
C HIS N 68 36.66 -25.91 -16.99
N ILE N 69 36.05 -25.42 -15.91
CA ILE N 69 35.64 -24.03 -15.87
C ILE N 69 36.85 -23.13 -15.81
N CYS N 70 37.79 -23.42 -14.91
CA CYS N 70 38.95 -22.57 -14.71
C CYS N 70 40.04 -22.72 -15.76
N ARG N 71 39.89 -23.65 -16.71
CA ARG N 71 40.88 -23.89 -17.75
C ARG N 71 40.37 -23.63 -19.16
N ASP N 72 39.17 -24.13 -19.50
CA ASP N 72 38.68 -24.06 -20.86
C ASP N 72 37.59 -23.02 -21.08
N VAL N 73 36.76 -22.75 -20.09
CA VAL N 73 35.69 -21.77 -20.28
C VAL N 73 36.31 -20.38 -20.38
N ASN N 74 35.87 -19.63 -21.38
CA ASN N 74 36.34 -18.26 -21.62
C ASN N 74 36.08 -17.37 -20.42
N TYR N 75 37.13 -16.90 -19.76
CA TYR N 75 37.01 -16.09 -18.54
C TYR N 75 36.25 -16.83 -17.44
N GLY N 76 36.32 -18.17 -17.44
CA GLY N 76 35.71 -18.93 -16.37
C GLY N 76 36.39 -18.74 -15.03
N TRP N 77 37.69 -18.47 -15.04
CA TRP N 77 38.42 -18.29 -13.79
C TRP N 77 37.91 -17.05 -13.06
N ILE N 78 37.68 -15.96 -13.79
CA ILE N 78 37.23 -14.74 -13.14
C ILE N 78 35.85 -14.95 -12.52
N ILE N 79 34.99 -15.71 -13.18
CA ILE N 79 33.67 -15.96 -12.62
C ILE N 79 33.77 -16.84 -11.38
N ARG N 80 34.62 -17.86 -11.44
CA ARG N 80 34.75 -18.80 -10.34
C ARG N 80 35.27 -18.08 -9.09
N TYR N 81 36.34 -17.31 -9.24
CA TYR N 81 36.91 -16.65 -8.07
C TYR N 81 36.15 -15.41 -7.63
N MET N 82 35.39 -14.74 -8.51
CA MET N 82 34.42 -13.78 -8.04
C MET N 82 33.36 -14.43 -7.15
N HIS N 83 32.89 -15.62 -7.51
CA HIS N 83 31.85 -16.25 -6.69
C HIS N 83 32.42 -16.67 -5.34
N ALA N 84 33.65 -17.21 -5.34
CA ALA N 84 34.26 -17.65 -4.10
C ALA N 84 34.59 -16.47 -3.19
N ASN N 85 35.30 -15.46 -3.70
CA ASN N 85 35.65 -14.32 -2.86
C ASN N 85 34.42 -13.48 -2.50
N GLY N 86 33.42 -13.44 -3.37
CA GLY N 86 32.17 -12.77 -3.04
C GLY N 86 31.48 -13.36 -1.83
N ALA N 87 31.61 -14.67 -1.63
CA ALA N 87 31.02 -15.25 -0.42
C ALA N 87 31.69 -14.71 0.85
N SER N 88 33.02 -14.55 0.82
CA SER N 88 33.72 -13.98 1.97
C SER N 88 33.34 -12.52 2.18
N MET N 89 33.26 -11.74 1.11
CA MET N 89 32.80 -10.36 1.26
C MET N 89 31.38 -10.30 1.80
N PHE N 90 30.55 -11.27 1.43
CA PHE N 90 29.19 -11.36 1.97
C PHE N 90 29.20 -11.50 3.47
N PHE N 91 30.09 -12.36 3.99
CA PHE N 91 30.10 -12.55 5.45
C PHE N 91 30.75 -11.38 6.17
N ILE N 92 31.70 -10.69 5.54
CA ILE N 92 32.24 -9.47 6.15
C ILE N 92 31.12 -8.45 6.31
N CYS N 93 30.32 -8.25 5.27
CA CYS N 93 29.25 -7.28 5.34
C CYS N 93 28.19 -7.72 6.35
N LEU N 94 27.90 -9.03 6.44
CA LEU N 94 26.93 -9.52 7.41
C LEU N 94 27.36 -9.18 8.83
N TYR N 95 28.61 -9.50 9.19
CA TYR N 95 29.03 -9.27 10.57
C TYR N 95 29.12 -7.80 10.90
N MET N 96 29.49 -6.96 9.93
CA MET N 96 29.46 -5.52 10.18
C MET N 96 28.03 -4.99 10.35
N HIS N 97 27.08 -5.48 9.54
CA HIS N 97 25.68 -5.10 9.71
C HIS N 97 25.16 -5.47 11.10
N VAL N 98 25.49 -6.67 11.57
CA VAL N 98 25.03 -7.12 12.88
C VAL N 98 25.67 -6.28 13.97
N GLY N 99 27.00 -6.09 13.91
CA GLY N 99 27.66 -5.31 14.95
C GLY N 99 27.18 -3.87 14.99
N ARG N 100 26.88 -3.29 13.82
CA ARG N 100 26.27 -1.97 13.78
C ARG N 100 24.98 -1.96 14.56
N GLY N 101 24.10 -2.92 14.29
CA GLY N 101 22.81 -2.91 14.94
C GLY N 101 22.92 -3.14 16.44
N LEU N 102 23.89 -3.95 16.86
CA LEU N 102 24.11 -4.19 18.27
C LEU N 102 24.64 -2.94 18.99
N TYR N 103 25.61 -2.25 18.39
CA TYR N 103 26.22 -1.08 19.04
C TYR N 103 25.20 0.04 19.21
N TYR N 104 24.47 0.38 18.15
CA TYR N 104 23.59 1.54 18.14
C TYR N 104 22.16 1.25 18.59
N GLY N 105 21.90 0.06 19.14
CA GLY N 105 20.58 -0.22 19.68
C GLY N 105 19.48 -0.41 18.65
N SER N 106 19.82 -0.75 17.42
CA SER N 106 18.83 -1.00 16.39
C SER N 106 17.99 -2.24 16.65
N TYR N 107 18.41 -3.11 17.57
CA TYR N 107 17.63 -4.31 17.88
C TYR N 107 16.25 -4.02 18.45
N THR N 108 15.97 -2.81 18.93
CA THR N 108 14.64 -2.50 19.46
C THR N 108 13.54 -2.57 18.40
N PHE N 109 13.89 -2.60 17.11
CA PHE N 109 12.98 -3.05 16.06
C PHE N 109 12.92 -4.57 16.08
N LEU N 110 11.97 -5.13 16.84
CA LEU N 110 11.96 -6.57 17.08
C LEU N 110 11.72 -7.38 15.81
N GLU N 111 10.71 -7.02 15.03
CA GLU N 111 10.39 -7.77 13.82
C GLU N 111 11.54 -7.73 12.82
N THR N 112 12.11 -6.55 12.61
CA THR N 112 13.24 -6.41 11.69
C THR N 112 14.44 -7.20 12.17
N TRP N 113 14.72 -7.13 13.47
CA TRP N 113 15.86 -7.85 14.04
C TRP N 113 15.68 -9.36 13.87
N ASN N 114 14.52 -9.89 14.29
CA ASN N 114 14.30 -11.33 14.21
C ASN N 114 14.31 -11.86 12.78
N ILE N 115 13.74 -11.10 11.84
CA ILE N 115 13.86 -11.48 10.43
C ILE N 115 15.31 -11.46 10.01
N GLY N 116 16.10 -10.53 10.57
CA GLY N 116 17.51 -10.52 10.29
C GLY N 116 18.18 -11.81 10.74
N VAL N 117 17.84 -12.28 11.94
CA VAL N 117 18.41 -13.52 12.45
C VAL N 117 18.06 -14.69 11.52
N ILE N 118 16.84 -14.68 10.98
CA ILE N 118 16.47 -15.71 10.00
C ILE N 118 17.35 -15.60 8.76
N LEU N 119 17.62 -14.37 8.31
CA LEU N 119 18.45 -14.19 7.13
C LEU N 119 19.86 -14.68 7.38
N LEU N 120 20.37 -14.46 8.59
CA LEU N 120 21.71 -14.90 8.94
C LEU N 120 21.81 -16.43 8.87
N LEU N 121 20.80 -17.11 9.41
CA LEU N 121 20.86 -18.57 9.41
C LEU N 121 20.73 -19.13 8.00
N THR N 122 19.87 -18.53 7.18
CA THR N 122 19.71 -19.05 5.82
C THR N 122 20.96 -18.79 4.97
N VAL N 123 21.61 -17.64 5.15
CA VAL N 123 22.85 -17.39 4.42
C VAL N 123 23.95 -18.33 4.88
N MET N 124 23.96 -18.69 6.17
CA MET N 124 24.94 -19.66 6.65
C MET N 124 24.73 -21.03 6.02
N ALA N 125 23.50 -21.51 6.01
CA ALA N 125 23.22 -22.80 5.35
C ALA N 125 23.60 -22.76 3.87
N THR N 126 23.30 -21.66 3.18
CA THR N 126 23.63 -21.54 1.77
C THR N 126 25.14 -21.64 1.56
N ALA N 127 25.92 -20.90 2.35
CA ALA N 127 27.36 -20.91 2.13
C ALA N 127 27.94 -22.26 2.54
N PHE N 128 27.36 -22.93 3.53
CA PHE N 128 27.86 -24.25 3.93
C PHE N 128 27.66 -25.25 2.78
N MET N 129 26.47 -25.25 2.18
CA MET N 129 26.18 -26.19 1.09
C MET N 129 27.00 -25.88 -0.16
N GLY N 130 27.22 -24.60 -0.45
CA GLY N 130 28.06 -24.22 -1.58
C GLY N 130 29.46 -24.80 -1.54
N TYR N 131 30.08 -24.80 -0.37
CA TYR N 131 31.42 -25.34 -0.20
C TYR N 131 31.52 -26.84 -0.43
N VAL N 132 30.41 -27.57 -0.40
CA VAL N 132 30.46 -29.01 -0.65
C VAL N 132 30.52 -29.35 -2.14
N LEU N 133 30.07 -28.47 -3.02
CA LEU N 133 29.96 -28.81 -4.44
C LEU N 133 31.27 -29.16 -5.13
N PRO N 134 32.38 -28.41 -4.98
CA PRO N 134 33.59 -28.80 -5.72
C PRO N 134 34.16 -30.16 -5.35
N TRP N 135 33.75 -30.76 -4.22
CA TRP N 135 34.09 -32.15 -3.89
C TRP N 135 35.57 -32.37 -3.61
N GLY N 136 36.24 -31.39 -3.03
CA GLY N 136 37.57 -31.57 -2.51
C GLY N 136 37.56 -32.31 -1.17
N GLN N 137 38.75 -32.37 -0.56
CA GLN N 137 38.90 -33.03 0.73
C GLN N 137 38.10 -32.31 1.81
N MET N 138 38.23 -30.98 1.88
CA MET N 138 37.49 -30.22 2.88
C MET N 138 36.00 -30.23 2.63
N SER N 139 35.59 -30.33 1.36
CA SER N 139 34.18 -30.48 1.03
C SER N 139 33.60 -31.72 1.69
N PHE N 140 34.28 -32.84 1.50
CA PHE N 140 33.78 -34.13 1.97
C PHE N 140 33.74 -34.16 3.49
N TRP N 141 34.84 -33.80 4.15
CA TRP N 141 34.82 -33.89 5.60
C TRP N 141 34.00 -32.80 6.28
N GLY N 142 33.76 -31.67 5.60
CA GLY N 142 32.79 -30.72 6.09
C GLY N 142 31.37 -31.27 6.06
N ALA N 143 31.00 -31.92 4.96
CA ALA N 143 29.67 -32.52 4.89
C ALA N 143 29.52 -33.61 5.92
N THR N 144 30.58 -34.38 6.16
CA THR N 144 30.53 -35.47 7.13
C THR N 144 30.28 -34.91 8.53
N VAL N 145 31.11 -33.96 8.96
CA VAL N 145 31.02 -33.45 10.32
C VAL N 145 29.68 -32.75 10.53
N ILE N 146 29.35 -31.82 9.64
CA ILE N 146 28.19 -30.97 9.88
C ILE N 146 26.92 -31.81 9.86
N THR N 147 26.77 -32.73 8.90
CA THR N 147 25.59 -33.58 8.94
C THR N 147 25.59 -34.45 10.19
N ASN N 148 26.76 -34.94 10.63
CA ASN N 148 26.80 -35.74 11.85
C ASN N 148 26.43 -34.97 13.11
N LEU N 149 26.38 -33.63 13.05
CA LEU N 149 25.98 -32.87 14.24
C LEU N 149 24.58 -33.28 14.72
N LEU N 150 23.69 -33.65 13.81
CA LEU N 150 22.34 -34.09 14.18
C LEU N 150 22.33 -35.39 14.98
N SER N 151 23.39 -36.20 14.91
CA SER N 151 23.44 -37.44 15.69
C SER N 151 23.40 -37.21 17.19
N ALA N 152 23.73 -36.02 17.66
CA ALA N 152 23.62 -35.71 19.09
C ALA N 152 22.18 -35.67 19.58
N ILE N 153 21.20 -35.45 18.71
CA ILE N 153 19.79 -35.45 19.11
C ILE N 153 19.40 -36.84 19.60
N PRO N 154 18.90 -37.02 20.83
CA PRO N 154 18.59 -38.38 21.29
C PRO N 154 17.44 -39.02 20.54
N TYR N 155 17.59 -40.32 20.27
CA TYR N 155 16.54 -41.25 19.87
C TYR N 155 16.06 -41.09 18.42
N ILE N 156 16.44 -40.01 17.73
CA ILE N 156 16.09 -39.84 16.32
C ILE N 156 17.27 -39.34 15.49
N GLY N 157 18.42 -39.13 16.12
CA GLY N 157 19.53 -38.47 15.44
C GLY N 157 20.04 -39.26 14.25
N THR N 158 20.34 -40.55 14.45
CA THR N 158 20.85 -41.38 13.37
C THR N 158 19.87 -41.47 12.20
N ASN N 159 18.57 -41.51 12.49
CA ASN N 159 17.59 -41.53 11.42
C ASN N 159 17.63 -40.23 10.62
N LEU N 160 17.76 -39.09 11.30
CA LEU N 160 17.85 -37.81 10.59
C LEU N 160 19.10 -37.75 9.73
N VAL N 161 20.22 -38.29 10.24
CA VAL N 161 21.47 -38.28 9.49
C VAL N 161 21.32 -39.14 8.23
N GLU N 162 20.91 -40.39 8.38
CA GLU N 162 20.78 -41.24 7.21
C GLU N 162 19.73 -40.73 6.23
N TRP N 163 18.66 -40.10 6.72
CA TRP N 163 17.68 -39.50 5.82
C TRP N 163 18.27 -38.35 5.02
N ILE N 164 19.08 -37.50 5.65
CA ILE N 164 19.67 -36.39 4.91
C ILE N 164 20.72 -36.89 3.93
N TRP N 165 21.58 -37.83 4.35
CA TRP N 165 22.58 -38.35 3.43
C TRP N 165 21.96 -39.08 2.24
N GLY N 166 20.80 -39.71 2.42
CA GLY N 166 20.26 -40.56 1.40
C GLY N 166 20.98 -41.89 1.30
N GLY N 167 21.55 -42.37 2.40
CA GLY N 167 22.33 -43.60 2.38
C GLY N 167 23.10 -43.73 3.66
N PHE N 168 23.91 -44.78 3.71
CA PHE N 168 24.71 -45.07 4.90
C PHE N 168 25.99 -44.23 4.98
N SER N 169 26.24 -43.34 4.04
CA SER N 169 27.43 -42.50 4.06
C SER N 169 27.25 -41.39 3.04
N VAL N 170 28.12 -40.38 3.14
CA VAL N 170 28.12 -39.30 2.15
C VAL N 170 28.49 -39.88 0.79
N ASP N 171 27.69 -39.59 -0.22
CA ASP N 171 27.84 -40.19 -1.54
C ASP N 171 27.19 -39.29 -2.57
N LYS N 172 26.98 -39.84 -3.77
CA LYS N 172 26.45 -39.06 -4.90
C LYS N 172 25.11 -38.40 -4.59
N ALA N 173 24.24 -39.10 -3.87
CA ALA N 173 22.92 -38.52 -3.59
C ALA N 173 23.03 -37.28 -2.71
N THR N 174 24.05 -37.23 -1.86
CA THR N 174 24.22 -36.08 -0.99
C THR N 174 24.69 -34.88 -1.80
N LEU N 175 25.52 -35.13 -2.81
CA LEU N 175 26.03 -34.02 -3.59
C LEU N 175 24.94 -33.49 -4.50
N THR N 176 24.13 -34.38 -5.09
CA THR N 176 23.09 -33.93 -5.99
C THR N 176 22.05 -33.09 -5.24
N ARG N 177 21.72 -33.49 -4.01
CA ARG N 177 20.71 -32.72 -3.30
C ARG N 177 21.29 -31.44 -2.74
N PHE N 178 22.56 -31.45 -2.30
CA PHE N 178 23.19 -30.21 -1.88
C PHE N 178 23.25 -29.21 -3.03
N PHE N 179 23.42 -29.70 -4.26
CA PHE N 179 23.37 -28.82 -5.43
C PHE N 179 21.99 -28.22 -5.63
N ALA N 180 20.94 -29.02 -5.46
CA ALA N 180 19.58 -28.46 -5.60
C ALA N 180 19.27 -27.43 -4.52
N PHE N 181 19.64 -27.72 -3.27
CA PHE N 181 19.43 -26.76 -2.20
C PHE N 181 20.22 -25.48 -2.43
N HIS N 182 21.51 -25.60 -2.78
CA HIS N 182 22.32 -24.41 -2.99
C HIS N 182 21.79 -23.58 -4.16
N PHE N 183 21.12 -24.22 -5.12
CA PHE N 183 20.55 -23.47 -6.23
C PHE N 183 19.35 -22.67 -5.76
N ILE N 184 18.43 -23.32 -5.04
CA ILE N 184 17.13 -22.72 -4.76
C ILE N 184 17.11 -21.78 -3.54
N LEU N 185 17.98 -21.97 -2.57
CA LEU N 185 17.88 -21.25 -1.30
C LEU N 185 18.12 -19.72 -1.38
N PRO N 186 19.02 -19.23 -2.24
CA PRO N 186 19.15 -17.77 -2.40
C PRO N 186 17.89 -17.01 -2.80
N PHE N 187 17.00 -17.59 -3.60
CA PHE N 187 15.78 -16.85 -3.95
C PHE N 187 14.86 -16.72 -2.75
N ILE N 188 14.79 -17.75 -1.91
CA ILE N 188 14.07 -17.63 -0.65
C ILE N 188 14.71 -16.57 0.22
N ILE N 189 16.05 -16.47 0.20
CA ILE N 189 16.72 -15.43 0.97
C ILE N 189 16.31 -14.05 0.46
N MET N 190 16.24 -13.89 -0.86
CA MET N 190 15.85 -12.60 -1.42
C MET N 190 14.43 -12.21 -1.00
N ALA N 191 13.51 -13.17 -1.00
CA ALA N 191 12.15 -12.90 -0.54
C ALA N 191 12.11 -12.49 0.94
N ILE N 192 12.87 -13.19 1.79
CA ILE N 192 12.89 -12.81 3.20
C ILE N 192 13.55 -11.44 3.37
N ALA N 193 14.49 -11.09 2.48
CA ALA N 193 15.10 -9.76 2.54
C ALA N 193 14.09 -8.68 2.16
N MET N 194 13.11 -9.05 1.34
CA MET N 194 12.08 -8.08 1.00
C MET N 194 11.17 -7.87 2.19
N VAL N 195 10.84 -8.94 2.92
CA VAL N 195 10.07 -8.77 4.15
C VAL N 195 10.85 -8.01 5.22
N HIS N 196 12.19 -8.20 5.28
CA HIS N 196 13.06 -7.40 6.15
C HIS N 196 12.86 -5.92 5.90
N LEU N 197 12.91 -5.52 4.62
CA LEU N 197 12.73 -4.10 4.31
C LEU N 197 11.29 -3.65 4.52
N LEU N 198 10.33 -4.56 4.31
CA LEU N 198 8.92 -4.24 4.52
C LEU N 198 8.69 -3.81 5.97
N PHE N 199 9.17 -4.61 6.91
CA PHE N 199 8.99 -4.26 8.32
C PHE N 199 9.83 -3.04 8.69
N LEU N 200 10.99 -2.86 8.05
CA LEU N 200 11.81 -1.69 8.36
C LEU N 200 11.12 -0.39 8.00
N HIS N 201 10.50 -0.33 6.81
CA HIS N 201 9.93 0.91 6.32
C HIS N 201 8.77 1.43 7.16
N GLU N 202 8.13 0.58 7.95
CA GLU N 202 7.10 1.03 8.88
C GLU N 202 7.60 2.10 9.86
N THR N 203 8.83 1.96 10.36
CA THR N 203 9.39 2.88 11.35
C THR N 203 10.48 3.81 10.84
N GLY N 204 11.14 3.50 9.73
CA GLY N 204 12.33 4.20 9.32
C GLY N 204 13.57 3.82 10.12
N SER N 205 14.68 4.46 9.74
CA SER N 205 16.00 4.15 10.28
C SER N 205 16.25 4.77 11.65
N ASN N 206 17.07 4.08 12.44
CA ASN N 206 17.76 4.65 13.58
C ASN N 206 18.91 5.55 13.08
N ASN N 207 19.58 6.25 14.00
CA ASN N 207 20.72 7.09 13.66
C ASN N 207 21.79 6.94 14.75
N PRO N 208 23.01 7.45 14.54
CA PRO N 208 24.06 7.24 15.55
C PRO N 208 23.77 7.78 16.93
N THR N 209 22.98 8.84 17.07
CA THR N 209 22.71 9.39 18.39
C THR N 209 21.64 8.62 19.15
N GLY N 210 20.86 7.78 18.48
CA GLY N 210 19.74 7.13 19.13
C GLY N 210 18.57 8.03 19.47
N ILE N 211 18.58 9.28 19.06
CA ILE N 211 17.51 10.24 19.34
C ILE N 211 16.67 10.36 18.07
N SER N 212 15.36 10.54 18.25
CA SER N 212 14.45 10.67 17.11
C SER N 212 14.89 11.80 16.20
N SER N 213 14.79 11.56 14.90
CA SER N 213 15.27 12.47 13.85
C SER N 213 14.16 13.03 13.00
N ASP N 214 12.90 12.89 13.41
CA ASP N 214 11.79 13.46 12.63
C ASP N 214 11.89 14.97 12.48
N VAL N 215 12.59 15.66 13.39
CA VAL N 215 12.83 17.08 13.23
C VAL N 215 13.81 17.39 12.10
N ASP N 216 14.61 16.41 11.65
CA ASP N 216 15.61 16.61 10.60
C ASP N 216 15.67 15.38 9.71
N LYS N 217 14.87 15.39 8.65
CA LYS N 217 14.83 14.31 7.67
C LYS N 217 15.19 14.91 6.31
N ILE N 218 15.85 14.11 5.47
CA ILE N 218 16.18 14.49 4.09
C ILE N 218 15.73 13.39 3.15
N PRO N 219 15.43 13.68 1.88
CA PRO N 219 15.02 12.61 0.96
C PRO N 219 16.18 11.70 0.63
N PHE N 220 15.85 10.42 0.45
CA PHE N 220 16.88 9.42 0.14
C PHE N 220 17.64 9.74 -1.14
N HIS N 221 16.94 10.18 -2.19
CA HIS N 221 17.57 10.64 -3.43
C HIS N 221 17.78 12.15 -3.40
N PRO N 222 18.96 12.68 -3.78
CA PRO N 222 20.20 12.08 -4.31
C PRO N 222 21.30 11.80 -3.30
N TYR N 223 21.01 12.00 -2.01
CA TYR N 223 22.04 12.01 -1.00
C TYR N 223 22.58 10.62 -0.72
N TYR N 224 21.69 9.68 -0.44
CA TYR N 224 22.17 8.36 -0.09
C TYR N 224 22.21 7.45 -1.30
N THR N 225 21.63 7.87 -2.42
CA THR N 225 21.90 7.17 -3.66
C THR N 225 23.36 7.36 -4.07
N ILE N 226 23.87 8.60 -4.01
CA ILE N 226 25.26 8.79 -4.43
C ILE N 226 26.22 8.27 -3.35
N LYS N 227 25.86 8.38 -2.07
CA LYS N 227 26.74 7.81 -1.05
C LYS N 227 26.79 6.28 -1.13
N ASP N 228 25.67 5.65 -1.47
CA ASP N 228 25.66 4.20 -1.66
C ASP N 228 26.42 3.79 -2.91
N ILE N 229 26.39 4.62 -3.96
CA ILE N 229 27.19 4.32 -5.15
C ILE N 229 28.67 4.35 -4.81
N LEU N 230 29.11 5.36 -4.05
CA LEU N 230 30.51 5.41 -3.62
C LEU N 230 30.89 4.18 -2.80
N GLY N 231 30.03 3.78 -1.85
CA GLY N 231 30.34 2.60 -1.07
C GLY N 231 30.39 1.33 -1.91
N ALA N 232 29.52 1.24 -2.92
CA ALA N 232 29.57 0.10 -3.82
C ALA N 232 30.87 0.05 -4.59
N LEU N 233 31.33 1.20 -5.08
CA LEU N 233 32.61 1.26 -5.79
C LEU N 233 33.76 0.81 -4.89
N LEU N 234 33.67 1.09 -3.60
CA LEU N 234 34.71 0.62 -2.68
C LEU N 234 34.62 -0.88 -2.44
N LEU N 235 33.40 -1.42 -2.47
CA LEU N 235 33.25 -2.88 -2.39
C LEU N 235 33.85 -3.55 -3.61
N ILE N 236 33.61 -3.02 -4.80
CA ILE N 236 34.19 -3.58 -6.01
C ILE N 236 35.71 -3.53 -5.94
N LEU N 237 36.25 -2.44 -5.39
CA LEU N 237 37.71 -2.35 -5.23
C LEU N 237 38.23 -3.47 -4.34
N ALA N 238 37.57 -3.67 -3.18
CA ALA N 238 38.00 -4.71 -2.25
C ALA N 238 37.90 -6.10 -2.86
N LEU N 239 36.86 -6.35 -3.63
CA LEU N 239 36.70 -7.67 -4.26
C LEU N 239 37.77 -7.89 -5.31
N MET N 240 37.99 -6.91 -6.19
CA MET N 240 38.90 -7.13 -7.31
C MET N 240 40.35 -7.18 -6.86
N LEU N 241 40.69 -6.54 -5.73
CA LEU N 241 42.03 -6.73 -5.19
C LEU N 241 42.29 -8.20 -4.85
N LEU N 242 41.31 -8.85 -4.22
CA LEU N 242 41.45 -10.27 -3.91
C LEU N 242 41.49 -11.11 -5.17
N VAL N 243 40.56 -10.88 -6.09
CA VAL N 243 40.44 -11.75 -7.26
C VAL N 243 41.68 -11.65 -8.13
N LEU N 244 42.25 -10.44 -8.28
CA LEU N 244 43.31 -10.18 -9.24
C LEU N 244 44.71 -10.16 -8.65
N PHE N 245 44.87 -10.23 -7.32
CA PHE N 245 46.20 -10.22 -6.71
C PHE N 245 46.41 -11.29 -5.65
N ALA N 246 45.36 -11.89 -5.10
CA ALA N 246 45.54 -12.89 -4.07
C ALA N 246 44.33 -13.82 -4.03
N PRO N 247 44.04 -14.53 -5.13
CA PRO N 247 42.79 -15.29 -5.21
C PRO N 247 42.72 -16.49 -4.28
N ASP N 248 43.83 -16.92 -3.69
CA ASP N 248 43.88 -18.08 -2.81
C ASP N 248 44.15 -17.72 -1.35
N LEU N 249 44.20 -16.44 -1.00
CA LEU N 249 44.59 -16.05 0.34
C LEU N 249 43.59 -16.52 1.39
N LEU N 250 42.30 -16.45 1.07
CA LEU N 250 41.23 -16.84 1.99
C LEU N 250 40.77 -18.28 1.85
N GLY N 251 41.28 -19.05 0.88
CA GLY N 251 40.91 -20.44 0.74
C GLY N 251 41.89 -21.38 1.43
N ASP N 252 41.60 -22.68 1.31
CA ASP N 252 42.40 -23.74 1.90
C ASP N 252 43.09 -24.55 0.81
N PRO N 253 44.39 -24.87 0.90
CA PRO N 253 45.01 -25.71 -0.15
C PRO N 253 44.47 -27.13 -0.29
N ASP N 254 44.00 -27.77 0.79
CA ASP N 254 43.57 -29.17 0.69
C ASP N 254 42.39 -29.36 -0.24
N ASN N 255 41.60 -28.33 -0.48
CA ASN N 255 40.46 -28.47 -1.38
C ASN N 255 40.90 -28.64 -2.83
N TYR N 256 42.14 -28.30 -3.17
CA TYR N 256 42.65 -28.59 -4.50
C TYR N 256 43.07 -30.04 -4.70
N THR N 257 42.91 -30.92 -3.66
CA THR N 257 43.08 -32.36 -3.79
C THR N 257 41.72 -33.07 -3.89
N PRO N 258 41.50 -34.02 -4.80
CA PRO N 258 40.19 -34.69 -4.88
C PRO N 258 39.83 -35.40 -3.58
N ALA N 259 38.53 -35.61 -3.40
CA ALA N 259 38.03 -36.27 -2.20
C ALA N 259 38.55 -37.70 -2.08
N ASN N 260 38.79 -38.12 -0.84
CA ASN N 260 39.29 -39.44 -0.50
C ASN N 260 38.58 -39.91 0.77
N PRO N 261 37.62 -40.84 0.70
CA PRO N 261 36.93 -41.25 1.93
C PRO N 261 37.81 -41.97 2.95
N LEU N 262 38.99 -42.45 2.56
CA LEU N 262 39.80 -43.28 3.44
C LEU N 262 40.71 -42.50 4.37
N ASN N 263 41.06 -41.25 4.06
CA ASN N 263 41.99 -40.48 4.87
C ASN N 263 41.47 -39.07 5.07
N THR N 264 41.50 -38.60 6.31
CA THR N 264 41.21 -37.23 6.71
C THR N 264 42.50 -36.41 6.89
N PRO N 265 42.60 -35.17 6.42
CA PRO N 265 43.86 -34.42 6.59
C PRO N 265 44.14 -34.18 8.07
N PRO N 266 45.41 -33.95 8.47
CA PRO N 266 45.67 -33.76 9.91
C PRO N 266 45.24 -32.41 10.46
N HIS N 267 45.34 -31.36 9.65
CA HIS N 267 45.07 -29.97 10.05
C HIS N 267 43.73 -29.46 9.55
N ILE N 268 42.70 -30.29 9.58
CA ILE N 268 41.38 -29.90 9.07
C ILE N 268 40.84 -28.74 9.90
N LYS N 269 40.52 -27.63 9.23
CA LYS N 269 39.86 -26.47 9.82
C LYS N 269 38.77 -25.91 8.91
N PRO N 270 37.67 -25.38 9.48
CA PRO N 270 36.64 -24.75 8.65
C PRO N 270 37.11 -23.49 7.92
N GLU N 271 36.19 -22.97 7.08
CA GLU N 271 36.33 -21.63 6.53
C GLU N 271 36.45 -20.61 7.65
N TRP N 272 37.15 -19.49 7.37
CA TRP N 272 37.44 -18.53 8.42
C TRP N 272 36.20 -17.95 9.07
N TYR N 273 35.10 -17.81 8.33
CA TYR N 273 33.90 -17.21 8.88
C TYR N 273 33.08 -18.14 9.75
N PHE N 274 33.54 -19.37 9.99
CA PHE N 274 32.91 -20.28 10.91
C PHE N 274 33.83 -20.65 12.06
N LEU N 275 35.07 -20.13 12.08
CA LEU N 275 36.03 -20.65 13.05
C LEU N 275 35.65 -20.30 14.48
N PHE N 276 35.00 -19.17 14.68
CA PHE N 276 34.66 -18.78 16.04
C PHE N 276 33.66 -19.76 16.62
N ALA N 277 32.73 -20.23 15.80
CA ALA N 277 31.76 -21.16 16.34
C ALA N 277 32.37 -22.53 16.46
N TYR N 278 33.33 -22.85 15.59
CA TYR N 278 34.08 -24.08 15.75
C TYR N 278 34.83 -24.05 17.08
N ALA N 279 35.37 -22.88 17.43
CA ALA N 279 36.08 -22.77 18.69
C ALA N 279 35.13 -22.95 19.86
N ILE N 280 33.89 -22.48 19.71
CA ILE N 280 32.94 -22.64 20.80
C ILE N 280 32.61 -24.13 20.97
N LEU N 281 32.42 -24.84 19.86
CA LEU N 281 31.97 -26.22 19.95
C LEU N 281 33.01 -27.11 20.61
N ARG N 282 34.24 -27.07 20.12
CA ARG N 282 35.28 -27.97 20.58
C ARG N 282 35.85 -27.61 21.95
N SER N 283 35.58 -26.42 22.49
CA SER N 283 35.98 -26.12 23.85
C SER N 283 35.19 -26.88 24.91
N ILE N 284 34.07 -27.50 24.57
CA ILE N 284 33.26 -28.30 25.50
C ILE N 284 33.56 -29.78 25.25
N PRO N 285 34.24 -30.49 26.19
CA PRO N 285 34.42 -31.94 25.90
C PRO N 285 33.17 -32.77 26.15
N ASN N 286 32.17 -32.57 25.29
CA ASN N 286 30.92 -33.32 25.37
C ASN N 286 30.16 -33.11 24.07
N LYS N 287 29.56 -34.17 23.54
CA LYS N 287 28.91 -34.09 22.24
C LYS N 287 27.66 -33.20 22.29
N LEU N 288 26.70 -33.57 23.13
CA LEU N 288 25.44 -32.81 23.17
C LEU N 288 25.67 -31.43 23.75
N GLY N 289 26.55 -31.31 24.73
CA GLY N 289 26.80 -30.01 25.33
C GLY N 289 27.40 -29.06 24.32
N GLY N 290 28.39 -29.54 23.57
CA GLY N 290 29.00 -28.71 22.55
C GLY N 290 28.05 -28.34 21.43
N VAL N 291 27.11 -29.23 21.10
CA VAL N 291 26.17 -28.90 20.03
C VAL N 291 25.15 -27.87 20.51
N LEU N 292 24.73 -27.97 21.78
CA LEU N 292 23.83 -26.97 22.31
C LEU N 292 24.52 -25.62 22.45
N ALA N 293 25.77 -25.60 22.90
CA ALA N 293 26.51 -24.35 22.97
C ALA N 293 26.73 -23.76 21.58
N LEU N 294 26.92 -24.61 20.58
CA LEU N 294 27.04 -24.15 19.20
C LEU N 294 25.77 -23.42 18.77
N ALA N 295 24.62 -24.06 18.94
CA ALA N 295 23.37 -23.43 18.52
C ALA N 295 23.09 -22.15 19.32
N PHE N 296 23.35 -22.18 20.63
CA PHE N 296 23.07 -21.01 21.45
C PHE N 296 24.02 -19.85 21.16
N SER N 297 25.21 -20.11 20.63
CA SER N 297 26.15 -19.04 20.30
C SER N 297 25.62 -18.14 19.20
N ILE N 298 24.68 -18.63 18.40
CA ILE N 298 24.04 -17.85 17.34
C ILE N 298 22.66 -17.39 17.78
N LEU N 299 21.88 -18.29 18.37
CA LEU N 299 20.51 -17.95 18.76
C LEU N 299 20.45 -16.94 19.90
N ILE N 300 21.54 -16.68 20.62
CA ILE N 300 21.51 -15.70 21.71
C ILE N 300 21.19 -14.29 21.20
N LEU N 301 21.48 -14.02 19.92
CA LEU N 301 21.09 -12.74 19.32
C LEU N 301 19.59 -12.49 19.47
N ALA N 302 18.78 -13.54 19.39
CA ALA N 302 17.34 -13.38 19.60
C ALA N 302 17.01 -12.98 21.03
N LEU N 303 17.90 -13.26 21.99
CA LEU N 303 17.70 -12.87 23.38
C LEU N 303 18.24 -11.47 23.65
N ILE N 304 19.08 -10.95 22.77
CA ILE N 304 19.69 -9.63 22.99
C ILE N 304 18.66 -8.53 23.21
N PRO N 305 17.55 -8.45 22.46
CA PRO N 305 16.53 -7.42 22.74
C PRO N 305 15.94 -7.41 24.14
N LEU N 306 15.82 -8.57 24.79
CA LEU N 306 15.21 -8.66 26.11
C LEU N 306 16.12 -8.24 27.26
N LEU N 307 17.43 -8.14 27.05
CA LEU N 307 18.36 -7.77 28.10
C LEU N 307 18.72 -6.29 28.13
N HIS N 308 18.10 -5.45 27.30
CA HIS N 308 18.39 -4.02 27.30
C HIS N 308 17.80 -3.35 28.53
N THR N 309 18.67 -2.81 29.39
CA THR N 309 18.28 -2.13 30.62
C THR N 309 18.47 -0.61 30.60
N SER N 310 19.34 -0.09 29.75
CA SER N 310 19.66 1.33 29.76
C SER N 310 18.48 2.17 29.28
N LYS N 311 18.32 3.34 29.90
CA LYS N 311 17.34 4.33 29.44
C LYS N 311 17.77 5.11 28.20
N GLN N 312 18.98 4.89 27.68
CA GLN N 312 19.40 5.46 26.41
C GLN N 312 19.52 4.34 25.39
N ARG N 313 19.23 4.67 24.13
CA ARG N 313 19.18 3.64 23.09
C ARG N 313 20.57 3.27 22.57
N SER N 314 21.39 4.26 22.24
CA SER N 314 22.69 4.04 21.63
C SER N 314 23.78 4.04 22.69
N MET N 315 24.90 3.39 22.37
CA MET N 315 26.06 3.37 23.26
C MET N 315 26.95 4.60 23.12
N MET N 316 26.58 5.56 22.27
CA MET N 316 27.40 6.75 22.08
C MET N 316 27.66 7.48 23.38
N PHE N 317 26.70 7.50 24.30
CA PHE N 317 26.81 8.19 25.58
C PHE N 317 26.94 7.24 26.77
N ARG N 318 27.50 6.05 26.55
CA ARG N 318 27.58 4.99 27.56
C ARG N 318 28.99 4.40 27.54
N PRO N 319 29.95 5.03 28.22
CA PRO N 319 31.34 4.53 28.15
C PRO N 319 31.55 3.10 28.63
N LEU N 320 30.94 2.71 29.75
CA LEU N 320 31.12 1.35 30.23
C LEU N 320 30.62 0.32 29.23
N SER N 321 29.49 0.62 28.58
CA SER N 321 28.99 -0.31 27.57
C SER N 321 29.91 -0.34 26.37
N GLN N 322 30.51 0.80 26.02
CA GLN N 322 31.45 0.86 24.91
C GLN N 322 32.62 -0.07 25.18
N CYS N 323 33.18 0.00 26.40
CA CYS N 323 34.32 -0.84 26.74
C CYS N 323 33.96 -2.31 26.71
N LEU N 324 32.79 -2.67 27.24
CA LEU N 324 32.39 -4.07 27.17
C LEU N 324 32.13 -4.53 25.74
N PHE N 325 31.63 -3.65 24.88
CA PHE N 325 31.43 -3.99 23.48
C PHE N 325 32.75 -4.31 22.80
N TRP N 326 33.77 -3.49 23.03
CA TRP N 326 35.04 -3.77 22.37
C TRP N 326 35.76 -4.95 23.01
N ALA N 327 35.50 -5.24 24.29
CA ALA N 327 35.99 -6.50 24.87
C ALA N 327 35.32 -7.70 24.23
N LEU N 328 34.09 -7.53 23.74
CA LEU N 328 33.42 -8.62 23.05
C LEU N 328 33.97 -8.81 21.64
N VAL N 329 34.33 -7.72 20.99
CA VAL N 329 34.92 -7.83 19.66
C VAL N 329 36.28 -8.50 19.74
N ALA N 330 37.10 -8.09 20.71
CA ALA N 330 38.41 -8.73 20.86
C ALA N 330 38.28 -10.18 21.29
N ASP N 331 37.26 -10.52 22.08
CA ASP N 331 37.04 -11.91 22.44
C ASP N 331 36.63 -12.76 21.24
N LEU N 332 35.82 -12.21 20.35
CA LEU N 332 35.49 -12.96 19.13
C LEU N 332 36.72 -13.13 18.24
N LEU N 333 37.60 -12.13 18.19
CA LEU N 333 38.85 -12.33 17.46
C LEU N 333 39.71 -13.40 18.13
N THR N 334 39.63 -13.52 19.44
CA THR N 334 40.36 -14.57 20.14
C THR N 334 39.81 -15.93 19.78
N LEU N 335 38.49 -16.07 19.78
CA LEU N 335 37.90 -17.36 19.43
C LEU N 335 38.23 -17.74 17.99
N THR N 336 38.27 -16.78 17.08
CA THR N 336 38.67 -17.10 15.71
C THR N 336 40.12 -17.58 15.63
N TRP N 337 41.03 -16.92 16.37
CA TRP N 337 42.41 -17.37 16.40
C TRP N 337 42.52 -18.77 16.98
N ILE N 338 41.88 -19.03 18.12
CA ILE N 338 41.95 -20.36 18.71
C ILE N 338 41.30 -21.39 17.78
N GLY N 339 40.26 -21.00 17.05
CA GLY N 339 39.63 -21.91 16.12
C GLY N 339 40.58 -22.33 15.01
N GLY N 340 41.56 -21.50 14.69
CA GLY N 340 42.52 -21.80 13.65
C GLY N 340 43.80 -22.50 14.09
N GLN N 341 43.91 -22.91 15.35
CA GLN N 341 45.10 -23.54 15.93
C GLN N 341 44.79 -24.97 16.39
N PRO N 342 45.82 -25.82 16.50
CA PRO N 342 45.56 -27.22 16.87
C PRO N 342 45.23 -27.40 18.34
N VAL N 343 44.65 -28.56 18.65
CA VAL N 343 44.16 -28.87 19.98
C VAL N 343 45.29 -29.34 20.90
N GLU N 344 45.97 -28.40 21.55
CA GLU N 344 47.09 -28.69 22.42
C GLU N 344 47.17 -27.63 23.51
N HIS N 345 47.99 -27.90 24.51
CA HIS N 345 48.22 -26.92 25.55
C HIS N 345 48.99 -25.75 24.95
N PRO N 346 48.66 -24.50 25.32
CA PRO N 346 47.66 -23.91 26.20
C PRO N 346 46.38 -23.49 25.50
N TYR N 347 46.23 -23.83 24.22
CA TYR N 347 45.10 -23.33 23.46
C TYR N 347 43.76 -23.82 23.99
N ILE N 348 43.74 -25.00 24.62
CA ILE N 348 42.49 -25.55 25.14
C ILE N 348 41.93 -24.66 26.26
N THR N 349 42.79 -24.26 27.19
CA THR N 349 42.32 -23.45 28.30
C THR N 349 41.97 -22.05 27.85
N ILE N 350 42.75 -21.48 26.92
CA ILE N 350 42.44 -20.16 26.39
C ILE N 350 41.08 -20.19 25.71
N GLY N 351 40.82 -21.22 24.90
CA GLY N 351 39.54 -21.31 24.22
C GLY N 351 38.39 -21.52 25.18
N GLN N 352 38.62 -22.23 26.27
CA GLN N 352 37.56 -22.38 27.27
C GLN N 352 37.27 -21.06 27.96
N LEU N 353 38.32 -20.32 28.35
CA LEU N 353 38.10 -19.04 29.00
C LEU N 353 37.42 -18.05 28.08
N ALA N 354 37.76 -18.07 26.79
CA ALA N 354 37.12 -17.16 25.85
C ALA N 354 35.66 -17.54 25.63
N SER N 355 35.36 -18.83 25.56
CA SER N 355 33.98 -19.27 25.42
C SER N 355 33.15 -18.87 26.63
N VAL N 356 33.71 -19.01 27.82
CA VAL N 356 33.00 -18.58 29.03
C VAL N 356 32.82 -17.06 29.04
N LEU N 357 33.84 -16.32 28.63
CA LEU N 357 33.76 -14.86 28.62
C LEU N 357 32.72 -14.35 27.65
N TYR N 358 32.53 -15.03 26.52
CA TYR N 358 31.52 -14.60 25.55
C TYR N 358 30.12 -14.57 26.16
N PHE N 359 29.71 -15.68 26.77
CA PHE N 359 28.38 -15.74 27.36
C PHE N 359 28.30 -14.91 28.64
N LEU N 360 29.42 -14.74 29.35
CA LEU N 360 29.38 -13.92 30.55
C LEU N 360 29.15 -12.47 30.17
N LEU N 361 29.81 -12.02 29.09
CA LEU N 361 29.62 -10.65 28.62
C LEU N 361 28.19 -10.44 28.16
N ILE N 362 27.68 -11.34 27.31
CA ILE N 362 26.35 -11.12 26.74
C ILE N 362 25.25 -11.18 27.80
N LEU N 363 25.34 -12.14 28.71
CA LEU N 363 24.25 -12.44 29.64
C LEU N 363 24.25 -11.61 30.92
N VAL N 364 25.42 -11.27 31.46
CA VAL N 364 25.56 -10.74 32.82
C VAL N 364 26.08 -9.31 32.83
N LEU N 365 27.27 -9.10 32.27
CA LEU N 365 27.99 -7.85 32.47
C LEU N 365 27.30 -6.65 31.82
N MET N 366 26.86 -6.77 30.56
CA MET N 366 26.31 -5.61 29.89
C MET N 366 25.01 -5.10 30.53
N PRO N 367 24.04 -5.94 30.88
CA PRO N 367 22.89 -5.41 31.63
C PRO N 367 23.25 -4.76 32.96
N THR N 368 24.26 -5.29 33.66
CA THR N 368 24.63 -4.67 34.93
C THR N 368 25.29 -3.33 34.69
N ALA N 369 26.03 -3.20 33.59
CA ALA N 369 26.63 -1.91 33.27
C ALA N 369 25.54 -0.90 32.93
N GLY N 370 24.54 -1.33 32.17
CA GLY N 370 23.46 -0.42 31.83
C GLY N 370 22.68 0.04 33.05
N THR N 371 22.59 -0.80 34.07
CA THR N 371 21.90 -0.39 35.30
C THR N 371 22.77 0.54 36.14
N ILE N 372 24.07 0.27 36.22
CA ILE N 372 24.96 1.21 36.91
C ILE N 372 24.92 2.57 36.22
N GLU N 373 24.87 2.57 34.88
CA GLU N 373 24.81 3.84 34.16
C GLU N 373 23.51 4.57 34.43
N ASN N 374 22.39 3.85 34.52
CA ASN N 374 21.13 4.49 34.87
C ASN N 374 21.22 5.14 36.24
N LYS N 375 21.77 4.42 37.22
CA LYS N 375 21.87 4.96 38.57
C LYS N 375 22.79 6.17 38.65
N LEU N 376 23.90 6.16 37.88
CA LEU N 376 24.80 7.31 37.90
C LEU N 376 24.18 8.59 37.39
N LEU N 377 23.28 8.52 36.41
CA LEU N 377 22.57 9.70 35.92
C LEU N 377 21.33 10.06 36.72
N LYS N 378 21.02 9.35 37.80
CA LYS N 378 19.90 9.68 38.69
C LYS N 378 18.55 9.51 37.99
N TRP N 379 18.40 8.43 37.23
CA TRP N 379 17.09 8.08 36.68
C TRP N 379 16.97 6.56 36.47
N SER O 1 58.03 -37.70 13.19
CA SER O 1 57.53 -36.80 14.26
C SER O 1 56.68 -35.68 13.68
N ASP O 2 56.01 -34.94 14.56
CA ASP O 2 55.14 -33.83 14.18
C ASP O 2 55.86 -32.48 14.19
N LEU O 3 57.18 -32.46 14.37
CA LEU O 3 57.93 -31.24 14.14
C LEU O 3 57.88 -30.83 12.66
N GLU O 4 57.92 -29.52 12.44
CA GLU O 4 57.85 -28.92 11.12
C GLU O 4 59.10 -28.09 10.84
N LEU O 5 59.52 -28.11 9.57
CA LEU O 5 60.52 -27.20 9.04
C LEU O 5 59.82 -26.47 7.89
N HIS O 6 59.68 -25.09 8.04
CA HIS O 6 59.01 -24.33 6.99
C HIS O 6 60.01 -23.89 5.92
N PRO O 7 59.61 -23.81 4.64
CA PRO O 7 60.58 -23.42 3.62
C PRO O 7 60.86 -21.92 3.67
N PRO O 8 62.10 -21.50 3.38
CA PRO O 8 62.34 -20.06 3.23
C PRO O 8 61.70 -19.52 1.96
N SER O 9 61.76 -18.19 1.83
CA SER O 9 61.19 -17.48 0.68
C SER O 9 62.30 -17.20 -0.33
N TYR O 10 62.26 -17.88 -1.46
CA TYR O 10 63.20 -17.65 -2.54
C TYR O 10 62.73 -16.48 -3.42
N PRO O 11 63.67 -15.68 -3.97
CA PRO O 11 63.24 -14.51 -4.76
C PRO O 11 62.91 -14.86 -6.21
N TRP O 12 61.86 -15.66 -6.39
CA TRP O 12 61.33 -15.95 -7.72
C TRP O 12 61.06 -14.67 -8.50
N SER O 13 61.24 -14.74 -9.82
CA SER O 13 61.08 -13.56 -10.66
C SER O 13 59.62 -13.22 -10.94
N HIS O 14 58.68 -14.07 -10.54
CA HIS O 14 57.25 -13.81 -10.59
C HIS O 14 56.68 -13.48 -9.23
N ARG O 15 57.53 -13.19 -8.24
CA ARG O 15 57.06 -12.85 -6.91
C ARG O 15 56.33 -11.51 -6.91
N GLY O 16 56.83 -10.54 -7.66
CA GLY O 16 56.24 -9.20 -7.62
C GLY O 16 54.81 -9.19 -8.08
N LEU O 17 54.12 -8.10 -7.72
CA LEU O 17 52.68 -8.01 -7.99
C LEU O 17 52.36 -8.03 -9.47
N LEU O 18 53.19 -7.38 -10.30
CA LEU O 18 52.95 -7.27 -11.73
C LEU O 18 53.87 -8.14 -12.57
N SER O 19 54.60 -9.08 -11.96
CA SER O 19 55.68 -9.77 -12.66
C SER O 19 55.17 -11.08 -13.24
N SER O 20 55.32 -11.24 -14.56
CA SER O 20 54.89 -12.43 -15.27
C SER O 20 55.89 -13.58 -15.08
N LEU O 21 55.43 -14.79 -15.42
CA LEU O 21 56.30 -15.94 -15.59
C LEU O 21 57.31 -15.73 -16.72
N ASP O 22 58.44 -16.45 -16.60
CA ASP O 22 59.47 -16.55 -17.63
C ASP O 22 59.17 -17.76 -18.52
N HIS O 23 58.77 -17.52 -19.76
CA HIS O 23 58.30 -18.60 -20.61
C HIS O 23 59.42 -19.50 -21.11
N THR O 24 60.66 -19.04 -21.12
CA THR O 24 61.78 -19.92 -21.44
C THR O 24 61.98 -20.95 -20.32
N SER O 25 61.76 -20.54 -19.08
CA SER O 25 61.89 -21.47 -17.97
C SER O 25 60.75 -22.46 -17.96
N ILE O 26 59.54 -22.02 -18.34
CA ILE O 26 58.44 -22.95 -18.60
C ILE O 26 58.86 -24.01 -19.61
N ARG O 27 59.38 -23.59 -20.76
CA ARG O 27 59.82 -24.52 -21.79
C ARG O 27 60.82 -25.57 -21.26
N ARG O 28 61.84 -25.10 -20.53
CA ARG O 28 62.79 -26.06 -19.98
C ARG O 28 62.14 -26.96 -18.94
N GLY O 29 61.24 -26.41 -18.12
CA GLY O 29 60.59 -27.23 -17.12
C GLY O 29 59.71 -28.29 -17.73
N PHE O 30 59.08 -27.98 -18.86
CA PHE O 30 58.33 -29.02 -19.57
C PHE O 30 59.26 -30.13 -20.01
N GLN O 31 60.46 -29.76 -20.47
CA GLN O 31 61.39 -30.82 -20.89
C GLN O 31 61.80 -31.69 -19.70
N VAL O 32 61.93 -31.09 -18.54
CA VAL O 32 62.24 -31.85 -17.32
C VAL O 32 61.09 -32.78 -16.97
N TYR O 33 59.85 -32.28 -16.99
CA TYR O 33 58.70 -33.13 -16.70
C TYR O 33 58.64 -34.32 -17.64
N LYS O 34 58.78 -34.07 -18.94
CA LYS O 34 58.69 -35.12 -19.93
C LYS O 34 59.77 -36.18 -19.68
N GLN O 35 61.03 -35.76 -19.57
CA GLN O 35 62.12 -36.73 -19.53
C GLN O 35 62.25 -37.45 -18.18
N VAL O 36 62.04 -36.76 -17.06
CA VAL O 36 62.32 -37.32 -15.72
C VAL O 36 61.04 -37.68 -14.97
N CYS O 37 60.11 -36.73 -14.83
CA CYS O 37 59.00 -36.91 -13.90
C CYS O 37 57.86 -37.75 -14.46
N SER O 38 57.65 -37.73 -15.78
CA SER O 38 56.44 -38.30 -16.36
C SER O 38 56.35 -39.81 -16.21
N SER O 39 57.45 -40.49 -15.88
CA SER O 39 57.40 -41.94 -15.71
C SER O 39 56.74 -42.38 -14.41
N CYS O 40 56.63 -41.52 -13.40
CA CYS O 40 55.90 -41.84 -12.16
C CYS O 40 54.71 -40.95 -11.88
N HIS O 41 54.70 -39.70 -12.35
CA HIS O 41 53.69 -38.71 -12.02
C HIS O 41 52.83 -38.39 -13.24
N SER O 42 51.51 -38.45 -13.06
CA SER O 42 50.57 -38.00 -14.08
C SER O 42 50.39 -36.48 -14.05
N MET O 43 49.78 -35.96 -15.13
CA MET O 43 49.29 -34.58 -15.21
C MET O 43 47.96 -34.62 -15.98
N ASP O 44 46.91 -35.05 -15.28
CA ASP O 44 45.67 -35.41 -15.95
C ASP O 44 44.91 -34.23 -16.56
N TYR O 45 45.23 -33.00 -16.17
CA TYR O 45 44.45 -31.83 -16.56
C TYR O 45 45.16 -30.89 -17.52
N VAL O 46 46.33 -31.26 -18.05
CA VAL O 46 47.04 -30.47 -19.05
C VAL O 46 47.10 -31.27 -20.35
N ALA O 47 46.79 -30.59 -21.46
CA ALA O 47 46.79 -31.16 -22.80
C ALA O 47 47.80 -30.42 -23.67
N TYR O 48 48.21 -31.07 -24.75
CA TYR O 48 49.26 -30.52 -25.61
C TYR O 48 48.88 -29.17 -26.20
N ARG O 49 47.62 -28.99 -26.55
CA ARG O 49 47.16 -27.71 -27.09
C ARG O 49 47.38 -26.55 -26.14
N HIS O 50 47.34 -26.77 -24.83
CA HIS O 50 47.65 -25.69 -23.90
C HIS O 50 49.07 -25.16 -24.06
N LEU O 51 50.00 -25.95 -24.61
CA LEU O 51 51.36 -25.45 -24.78
C LEU O 51 51.47 -24.44 -25.92
N VAL O 52 50.55 -24.49 -26.89
CA VAL O 52 50.68 -23.70 -28.11
C VAL O 52 50.56 -22.22 -27.78
N GLY O 53 51.53 -21.42 -28.25
CA GLY O 53 51.51 -20.01 -27.97
C GLY O 53 51.91 -19.62 -26.56
N VAL O 54 52.35 -20.57 -25.75
CA VAL O 54 52.92 -20.29 -24.42
C VAL O 54 54.43 -20.50 -24.45
N CYS O 55 54.87 -21.70 -24.84
CA CYS O 55 56.28 -22.04 -24.92
C CYS O 55 56.65 -22.81 -26.18
N TYR O 56 55.71 -23.21 -27.02
CA TYR O 56 56.00 -23.86 -28.30
C TYR O 56 55.09 -23.32 -29.38
N THR O 57 55.58 -23.37 -30.62
CA THR O 57 54.75 -23.11 -31.77
C THR O 57 53.78 -24.28 -31.99
N GLU O 58 52.80 -24.04 -32.86
CA GLU O 58 51.86 -25.09 -33.24
C GLU O 58 52.55 -26.30 -33.85
N ASP O 59 53.49 -26.07 -34.77
CA ASP O 59 54.24 -27.19 -35.36
C ASP O 59 55.05 -27.96 -34.33
N GLU O 60 55.73 -27.26 -33.43
CA GLU O 60 56.47 -27.92 -32.36
C GLU O 60 55.55 -28.75 -31.48
N ALA O 61 54.41 -28.19 -31.07
CA ALA O 61 53.49 -28.92 -30.21
C ALA O 61 52.85 -30.10 -30.93
N LYS O 62 52.62 -29.97 -32.24
CA LYS O 62 52.12 -31.09 -33.03
C LYS O 62 53.14 -32.22 -33.06
N ALA O 63 54.39 -31.91 -33.39
CA ALA O 63 55.45 -32.93 -33.35
C ALA O 63 55.55 -33.58 -31.98
N LEU O 64 55.41 -32.79 -30.92
CA LEU O 64 55.44 -33.34 -29.57
C LEU O 64 54.29 -34.32 -29.36
N ALA O 65 53.08 -33.96 -29.80
CA ALA O 65 51.97 -34.88 -29.68
C ALA O 65 52.22 -36.13 -30.50
N GLU O 66 52.88 -36.00 -31.65
CA GLU O 66 53.09 -37.15 -32.52
C GLU O 66 54.23 -38.04 -32.04
N GLU O 67 54.98 -37.62 -31.01
CA GLU O 67 56.04 -38.47 -30.50
C GLU O 67 55.54 -39.60 -29.59
N VAL O 68 54.25 -39.62 -29.24
CA VAL O 68 53.67 -40.64 -28.37
C VAL O 68 52.47 -41.27 -29.07
N GLU O 69 52.12 -42.48 -28.63
CA GLU O 69 50.97 -43.22 -29.12
C GLU O 69 49.88 -43.31 -28.06
N VAL O 70 48.63 -43.10 -28.48
CA VAL O 70 47.47 -43.15 -27.60
C VAL O 70 46.42 -44.07 -28.19
N GLN O 71 45.56 -44.58 -27.32
CA GLN O 71 44.51 -45.51 -27.70
C GLN O 71 43.29 -44.79 -28.27
N ASP O 72 42.66 -45.41 -29.27
CA ASP O 72 41.44 -44.90 -29.88
C ASP O 72 40.59 -46.08 -30.32
N GLY O 73 39.39 -45.74 -30.80
CA GLY O 73 38.41 -46.70 -31.27
C GLY O 73 37.08 -46.54 -30.58
N PRO O 74 36.13 -47.46 -30.84
CA PRO O 74 36.23 -48.66 -31.68
C PRO O 74 36.34 -48.34 -33.17
N ASN O 75 36.94 -49.24 -33.92
CA ASN O 75 36.89 -49.22 -35.37
C ASN O 75 35.61 -49.93 -35.84
N GLU O 76 35.53 -50.24 -37.13
CA GLU O 76 34.30 -50.85 -37.65
C GLU O 76 34.11 -52.29 -37.19
N ASP O 77 35.15 -52.92 -36.62
CA ASP O 77 35.08 -54.27 -36.11
C ASP O 77 34.86 -54.33 -34.60
N GLY O 78 34.78 -53.20 -33.93
CA GLY O 78 34.62 -53.16 -32.49
C GLY O 78 35.90 -53.31 -31.69
N GLU O 79 37.06 -53.18 -32.33
CA GLU O 79 38.36 -53.34 -31.68
C GLU O 79 38.97 -51.98 -31.37
N MET O 80 39.64 -51.88 -30.23
CA MET O 80 40.49 -50.74 -29.93
C MET O 80 41.83 -50.86 -30.63
N PHE O 81 42.47 -49.71 -30.85
CA PHE O 81 43.74 -49.67 -31.57
C PHE O 81 44.53 -48.45 -31.11
N MET O 82 45.77 -48.36 -31.59
CA MET O 82 46.71 -47.31 -31.22
C MET O 82 46.89 -46.38 -32.41
N ARG O 83 46.98 -45.08 -32.14
CA ARG O 83 47.28 -44.09 -33.16
C ARG O 83 48.24 -43.03 -32.61
N PRO O 84 48.88 -42.25 -33.48
CA PRO O 84 49.67 -41.11 -33.00
C PRO O 84 48.83 -40.07 -32.29
N GLY O 85 49.46 -39.41 -31.31
CA GLY O 85 48.79 -38.35 -30.60
C GLY O 85 48.41 -37.20 -31.51
N LYS O 86 47.37 -36.48 -31.12
CA LYS O 86 47.01 -35.20 -31.73
C LYS O 86 46.95 -34.12 -30.65
N LEU O 87 46.80 -32.87 -31.09
CA LEU O 87 46.84 -31.74 -30.16
C LEU O 87 45.81 -31.85 -29.05
N SER O 88 44.68 -32.49 -29.32
CA SER O 88 43.59 -32.60 -28.36
C SER O 88 43.82 -33.66 -27.29
N ASP O 89 44.82 -34.52 -27.44
CA ASP O 89 45.08 -35.56 -26.47
C ASP O 89 45.75 -35.00 -25.22
N TYR O 90 45.31 -35.50 -24.07
CA TYR O 90 45.95 -35.25 -22.78
C TYR O 90 47.25 -36.04 -22.60
N PHE O 91 48.10 -35.54 -21.73
CA PHE O 91 49.37 -36.18 -21.42
C PHE O 91 49.14 -37.63 -20.96
N PRO O 92 49.88 -38.62 -21.51
CA PRO O 92 49.64 -40.03 -21.09
C PRO O 92 49.79 -40.26 -19.60
N LYS O 93 48.85 -41.04 -19.03
CA LYS O 93 49.01 -41.48 -17.64
C LYS O 93 50.06 -42.59 -17.58
N PRO O 94 50.95 -42.60 -16.57
CA PRO O 94 51.92 -43.70 -16.51
C PRO O 94 51.35 -45.04 -16.06
N TYR O 95 50.26 -45.07 -15.29
CA TYR O 95 49.64 -46.31 -14.84
C TYR O 95 48.13 -46.31 -15.09
N PRO O 96 47.53 -47.49 -15.36
CA PRO O 96 46.08 -47.51 -15.57
C PRO O 96 45.24 -47.15 -14.35
N ASN O 97 45.71 -47.39 -13.13
CA ASN O 97 44.88 -47.14 -11.95
C ASN O 97 45.79 -46.98 -10.73
N PRO O 98 45.27 -46.43 -9.62
CA PRO O 98 46.15 -46.24 -8.44
C PRO O 98 46.66 -47.51 -7.81
N GLU O 99 45.96 -48.64 -7.94
CA GLU O 99 46.46 -49.87 -7.34
C GLU O 99 47.75 -50.33 -8.01
N ALA O 100 47.81 -50.24 -9.34
CA ALA O 100 49.06 -50.54 -10.04
C ALA O 100 50.15 -49.57 -9.64
N ALA O 101 49.79 -48.30 -9.44
CA ALA O 101 50.78 -47.30 -9.06
C ALA O 101 51.39 -47.61 -7.71
N ARG O 102 50.53 -47.91 -6.72
CA ARG O 102 51.01 -48.30 -5.40
C ARG O 102 51.87 -49.56 -5.47
N ALA O 103 51.46 -50.52 -6.29
CA ALA O 103 52.20 -51.77 -6.38
C ALA O 103 53.59 -51.57 -6.96
N ALA O 104 53.76 -50.62 -7.87
CA ALA O 104 55.06 -50.34 -8.48
C ALA O 104 55.97 -49.44 -7.65
N ASN O 105 55.51 -48.85 -6.56
CA ASN O 105 56.29 -47.89 -5.78
C ASN O 105 56.26 -48.23 -4.29
N ASN O 106 56.48 -49.51 -3.97
CA ASN O 106 56.52 -50.01 -2.60
C ASN O 106 55.34 -49.54 -1.74
N GLY O 107 54.16 -49.43 -2.36
CA GLY O 107 52.95 -49.10 -1.63
C GLY O 107 52.58 -47.63 -1.60
N ALA O 108 53.47 -46.74 -2.02
CA ALA O 108 53.19 -45.31 -2.02
C ALA O 108 52.61 -44.89 -3.37
N LEU O 109 51.83 -43.82 -3.35
CA LEU O 109 51.10 -43.32 -4.51
C LEU O 109 51.67 -41.98 -4.96
N PRO O 110 52.36 -41.88 -6.09
CA PRO O 110 52.78 -40.57 -6.57
C PRO O 110 51.58 -39.71 -6.94
N PRO O 111 51.38 -38.54 -6.32
CA PRO O 111 50.19 -37.75 -6.65
C PRO O 111 50.26 -37.13 -8.04
N ASP O 112 49.08 -36.82 -8.55
CA ASP O 112 48.95 -35.95 -9.71
C ASP O 112 49.61 -34.61 -9.44
N LEU O 113 50.29 -34.07 -10.45
CA LEU O 113 51.03 -32.82 -10.31
C LEU O 113 50.33 -31.62 -10.92
N SER O 114 49.13 -31.79 -11.48
CA SER O 114 48.43 -30.68 -12.14
C SER O 114 48.26 -29.49 -11.21
N TYR O 115 48.02 -29.75 -9.91
CA TYR O 115 47.66 -28.72 -8.94
C TYR O 115 48.61 -28.71 -7.73
N ILE O 116 49.76 -29.36 -7.83
CA ILE O 116 50.59 -29.63 -6.63
C ILE O 116 51.04 -28.34 -5.98
N VAL O 117 51.33 -27.31 -6.77
CA VAL O 117 51.82 -26.06 -6.20
C VAL O 117 50.74 -25.40 -5.37
N ARG O 118 49.47 -25.59 -5.73
CA ARG O 118 48.37 -24.95 -5.02
C ARG O 118 47.84 -25.83 -3.90
N ALA O 119 48.16 -27.13 -3.91
CA ALA O 119 47.66 -28.09 -2.94
C ALA O 119 48.63 -28.30 -1.78
N ARG O 120 49.73 -27.55 -1.71
CA ARG O 120 50.71 -27.69 -0.64
C ARG O 120 51.07 -26.32 -0.11
N HIS O 121 51.03 -26.17 1.20
CA HIS O 121 51.50 -24.95 1.85
C HIS O 121 52.95 -24.68 1.48
N GLY O 122 53.24 -23.46 1.04
CA GLY O 122 54.57 -23.05 0.64
C GLY O 122 54.83 -23.10 -0.85
N GLY O 123 53.94 -23.70 -1.63
CA GLY O 123 54.05 -23.66 -3.09
C GLY O 123 55.39 -24.05 -3.68
N GLU O 124 55.88 -23.23 -4.60
CA GLU O 124 57.17 -23.49 -5.24
C GLU O 124 58.32 -23.48 -4.26
N ASP O 125 58.22 -22.71 -3.17
CA ASP O 125 59.24 -22.79 -2.14
C ASP O 125 59.31 -24.20 -1.54
N TYR O 126 58.15 -24.79 -1.31
CA TYR O 126 58.12 -26.15 -0.79
C TYR O 126 58.67 -27.14 -1.80
N VAL O 127 58.22 -27.06 -3.05
CA VAL O 127 58.66 -28.05 -4.03
C VAL O 127 60.17 -27.94 -4.27
N PHE O 128 60.67 -26.70 -4.40
CA PHE O 128 62.10 -26.48 -4.61
C PHE O 128 62.90 -27.01 -3.43
N SER O 129 62.45 -26.74 -2.22
CA SER O 129 63.19 -27.18 -1.04
C SER O 129 63.15 -28.70 -0.92
N LEU O 130 62.04 -29.31 -1.32
CA LEU O 130 61.93 -30.76 -1.26
C LEU O 130 62.89 -31.41 -2.24
N LEU O 131 62.88 -30.97 -3.50
CA LEU O 131 63.70 -31.62 -4.53
C LEU O 131 65.19 -31.51 -4.21
N THR O 132 65.62 -30.37 -3.67
CA THR O 132 67.02 -30.04 -3.47
C THR O 132 67.50 -30.29 -2.05
N GLY O 133 66.70 -30.92 -1.19
CA GLY O 133 66.96 -30.97 0.23
C GLY O 133 67.28 -32.31 0.84
N TYR O 134 67.54 -33.34 0.04
CA TYR O 134 67.86 -34.65 0.62
C TYR O 134 69.20 -34.58 1.34
N CYS O 135 69.32 -35.36 2.41
CA CYS O 135 70.56 -35.42 3.17
C CYS O 135 70.55 -36.69 4.01
N GLU O 136 71.69 -37.00 4.61
CA GLU O 136 71.80 -38.21 5.41
C GLU O 136 70.92 -38.12 6.66
N PRO O 137 70.39 -39.24 7.14
CA PRO O 137 69.59 -39.20 8.39
C PRO O 137 70.42 -38.74 9.56
N PRO O 138 69.87 -37.98 10.51
CA PRO O 138 70.63 -37.66 11.72
C PRO O 138 70.95 -38.93 12.51
N THR O 139 71.96 -38.82 13.36
CA THR O 139 72.29 -39.88 14.31
C THR O 139 71.08 -40.31 15.12
N GLY O 140 70.86 -41.63 15.20
CA GLY O 140 69.76 -42.21 15.94
C GLY O 140 68.46 -42.40 15.17
N VAL O 141 68.37 -41.89 13.95
CA VAL O 141 67.21 -42.10 13.09
C VAL O 141 67.57 -43.19 12.09
N SER O 142 66.79 -44.27 12.10
CA SER O 142 67.00 -45.40 11.19
C SER O 142 65.71 -45.69 10.44
N LEU O 143 65.67 -45.31 9.17
CA LEU O 143 64.48 -45.48 8.35
C LEU O 143 64.44 -46.89 7.79
N ARG O 144 63.24 -47.47 7.74
CA ARG O 144 63.11 -48.79 7.14
C ARG O 144 63.46 -48.69 5.66
N GLU O 145 63.94 -49.81 5.10
CA GLU O 145 64.20 -49.88 3.67
C GLU O 145 63.00 -49.44 2.86
N GLY O 146 63.27 -48.81 1.72
CA GLY O 146 62.26 -48.24 0.86
C GLY O 146 62.03 -46.76 1.04
N LEU O 147 62.37 -46.20 2.20
CA LEU O 147 62.15 -44.79 2.51
C LEU O 147 63.45 -44.02 2.56
N TYR O 148 63.36 -42.72 2.30
CA TYR O 148 64.49 -41.82 2.17
C TYR O 148 64.27 -40.62 3.06
N PHE O 149 65.32 -40.20 3.76
CA PHE O 149 65.23 -39.03 4.63
C PHE O 149 65.16 -37.74 3.82
N ASN O 150 64.19 -36.89 4.13
CA ASN O 150 64.06 -35.57 3.54
C ASN O 150 63.44 -34.63 4.58
N PRO O 151 64.17 -33.66 5.12
CA PRO O 151 63.67 -32.94 6.30
C PRO O 151 62.45 -32.06 6.06
N TYR O 152 62.15 -31.68 4.82
CA TYR O 152 60.97 -30.88 4.53
C TYR O 152 59.69 -31.69 4.38
N PHE O 153 59.78 -32.99 4.23
CA PHE O 153 58.59 -33.82 4.09
C PHE O 153 57.99 -34.12 5.46
N PRO O 154 56.66 -34.09 5.63
CA PRO O 154 56.09 -34.39 6.96
C PRO O 154 56.50 -35.78 7.41
N GLY O 155 57.04 -35.86 8.63
CA GLY O 155 57.55 -37.10 9.14
C GLY O 155 59.01 -37.35 8.80
N GLN O 156 59.57 -36.56 7.89
CA GLN O 156 60.95 -36.64 7.42
C GLN O 156 61.32 -37.94 6.70
N ALA O 157 60.36 -38.82 6.42
CA ALA O 157 60.61 -40.07 5.69
C ALA O 157 59.71 -40.14 4.47
N ILE O 158 60.30 -40.03 3.28
CA ILE O 158 59.56 -39.93 2.03
C ILE O 158 59.89 -41.13 1.16
N GLY O 159 58.90 -41.63 0.44
CA GLY O 159 59.06 -42.78 -0.42
C GLY O 159 59.55 -42.52 -1.83
N MET O 160 59.94 -41.29 -2.17
CA MET O 160 60.49 -40.96 -3.47
C MET O 160 61.99 -40.80 -3.33
N ALA O 161 62.75 -41.62 -4.06
CA ALA O 161 64.19 -41.44 -4.10
C ALA O 161 64.55 -40.11 -4.77
N PRO O 162 65.69 -39.50 -4.40
CA PRO O 162 66.10 -38.23 -5.04
C PRO O 162 66.08 -38.32 -6.56
N PRO O 163 65.26 -37.52 -7.26
CA PRO O 163 65.08 -37.75 -8.70
C PRO O 163 66.01 -36.96 -9.61
N ILE O 164 66.70 -35.93 -9.11
CA ILE O 164 67.54 -35.07 -9.93
C ILE O 164 68.94 -34.94 -9.34
N TYR O 165 69.89 -34.66 -10.22
CA TYR O 165 71.33 -34.59 -9.93
C TYR O 165 71.96 -33.96 -11.16
N ASN O 166 73.23 -33.56 -11.01
CA ASN O 166 73.98 -32.95 -12.10
C ASN O 166 73.96 -33.78 -13.37
N GLU O 167 73.71 -33.10 -14.50
CA GLU O 167 73.69 -33.73 -15.83
C GLU O 167 72.63 -34.81 -15.97
N VAL O 168 71.53 -34.71 -15.22
CA VAL O 168 70.46 -35.68 -15.38
C VAL O 168 69.84 -35.62 -16.77
N LEU O 169 69.80 -34.43 -17.38
CA LEU O 169 69.38 -34.28 -18.77
C LEU O 169 70.20 -33.19 -19.44
N GLU O 170 70.08 -33.11 -20.76
CA GLU O 170 70.64 -32.03 -21.57
C GLU O 170 69.52 -31.14 -22.09
N PHE O 171 69.66 -29.84 -21.92
CA PHE O 171 68.67 -28.90 -22.41
C PHE O 171 68.90 -28.62 -23.89
N ASP O 172 67.81 -28.39 -24.62
CA ASP O 172 67.89 -28.14 -26.06
C ASP O 172 68.70 -26.90 -26.41
N ASP O 173 68.73 -25.89 -25.53
CA ASP O 173 69.43 -24.64 -25.79
C ASP O 173 70.81 -24.54 -25.13
N GLY O 174 71.33 -25.64 -24.58
CA GLY O 174 72.69 -25.68 -24.06
C GLY O 174 72.88 -25.24 -22.63
N THR O 175 71.83 -24.83 -21.94
CA THR O 175 71.95 -24.34 -20.57
C THR O 175 72.57 -25.42 -19.68
N PRO O 176 73.55 -25.10 -18.83
CA PRO O 176 74.11 -26.13 -17.94
C PRO O 176 73.06 -26.73 -17.02
N ALA O 177 72.93 -28.06 -17.08
CA ALA O 177 71.91 -28.78 -16.32
C ALA O 177 72.39 -29.11 -14.90
N THR O 178 72.57 -28.06 -14.11
CA THR O 178 72.86 -28.22 -12.70
C THR O 178 71.57 -28.55 -11.94
N MET O 179 71.75 -29.17 -10.77
CA MET O 179 70.60 -29.59 -9.96
C MET O 179 69.68 -28.40 -9.67
N SER O 180 70.25 -27.28 -9.24
CA SER O 180 69.43 -26.13 -8.88
C SER O 180 68.73 -25.53 -10.09
N GLN O 181 69.39 -25.52 -11.25
CA GLN O 181 68.75 -25.05 -12.47
C GLN O 181 67.54 -25.90 -12.80
N VAL O 182 67.72 -27.23 -12.75
CA VAL O 182 66.64 -28.14 -13.11
C VAL O 182 65.47 -27.97 -12.15
N ALA O 183 65.78 -27.81 -10.86
CA ALA O 183 64.72 -27.60 -9.87
C ALA O 183 63.97 -26.31 -10.14
N LYS O 184 64.69 -25.23 -10.43
CA LYS O 184 64.04 -23.94 -10.67
C LYS O 184 63.14 -24.01 -11.90
N ASP O 185 63.62 -24.63 -12.98
CA ASP O 185 62.79 -24.71 -14.18
C ASP O 185 61.57 -25.59 -13.97
N VAL O 186 61.73 -26.76 -13.33
CA VAL O 186 60.56 -27.62 -13.18
C VAL O 186 59.56 -26.95 -12.25
N CYS O 187 60.03 -26.18 -11.27
CA CYS O 187 59.11 -25.50 -10.37
C CYS O 187 58.33 -24.42 -11.12
N THR O 188 59.01 -23.70 -12.02
CA THR O 188 58.32 -22.69 -12.81
C THR O 188 57.26 -23.32 -13.71
N PHE O 189 57.60 -24.44 -14.36
CA PHE O 189 56.63 -25.15 -15.18
C PHE O 189 55.44 -25.63 -14.35
N LEU O 190 55.69 -26.16 -13.14
CA LEU O 190 54.57 -26.63 -12.34
C LEU O 190 53.67 -25.49 -11.90
N ARG O 191 54.25 -24.32 -11.61
CA ARG O 191 53.44 -23.13 -11.38
C ARG O 191 52.56 -22.81 -12.56
N TRP O 192 53.13 -22.78 -13.76
CA TRP O 192 52.30 -22.53 -14.95
C TRP O 192 51.20 -23.57 -15.07
N ALA O 193 51.52 -24.83 -14.80
CA ALA O 193 50.54 -25.91 -14.89
C ALA O 193 49.37 -25.66 -13.95
N ALA O 194 49.65 -25.18 -12.73
CA ALA O 194 48.59 -24.96 -11.76
C ALA O 194 47.81 -23.66 -11.96
N GLU O 195 48.37 -22.65 -12.62
CA GLU O 195 47.73 -21.34 -12.75
C GLU O 195 48.03 -20.72 -14.10
N PRO O 196 47.53 -21.31 -15.19
CA PRO O 196 47.77 -20.74 -16.52
C PRO O 196 47.27 -19.30 -16.71
N GLU O 197 46.27 -18.87 -15.96
CA GLU O 197 45.75 -17.50 -16.03
C GLU O 197 46.65 -16.44 -15.39
N HIS O 198 47.79 -16.84 -14.81
CA HIS O 198 48.68 -15.95 -14.07
C HIS O 198 48.96 -14.63 -14.78
N ASP O 199 49.48 -14.69 -16.01
CA ASP O 199 49.90 -13.46 -16.70
C ASP O 199 48.71 -12.58 -17.01
N HIS O 200 47.59 -13.20 -17.42
CA HIS O 200 46.45 -12.41 -17.83
C HIS O 200 45.84 -11.73 -16.62
N ARG O 201 45.83 -12.43 -15.49
CA ARG O 201 45.31 -11.85 -14.27
C ARG O 201 46.15 -10.67 -13.80
N LYS O 202 47.47 -10.75 -13.95
CA LYS O 202 48.29 -9.59 -13.60
C LYS O 202 48.08 -8.39 -14.53
N ARG O 203 47.90 -8.65 -15.84
CA ARG O 203 47.59 -7.54 -16.74
C ARG O 203 46.26 -6.88 -16.40
N MET O 204 45.26 -7.70 -16.08
CA MET O 204 43.98 -7.18 -15.63
C MET O 204 44.13 -6.38 -14.34
N GLY O 205 44.90 -6.90 -13.40
CA GLY O 205 45.11 -6.17 -12.16
C GLY O 205 45.70 -4.79 -12.37
N LEU O 206 46.62 -4.68 -13.34
CA LEU O 206 47.20 -3.37 -13.62
C LEU O 206 46.14 -2.42 -14.18
N LYS O 207 45.33 -2.91 -15.11
CA LYS O 207 44.28 -2.04 -15.66
C LYS O 207 43.26 -1.66 -14.59
N MET O 208 42.97 -2.59 -13.67
CA MET O 208 42.02 -2.32 -12.61
C MET O 208 42.55 -1.25 -11.66
N LEU O 209 43.84 -1.31 -11.33
CA LEU O 209 44.42 -0.30 -10.45
C LEU O 209 44.37 1.07 -11.11
N LEU O 210 44.69 1.15 -12.40
CA LEU O 210 44.66 2.46 -13.06
C LEU O 210 43.24 3.02 -13.12
N MET O 211 42.26 2.18 -13.48
CA MET O 211 40.89 2.66 -13.53
C MET O 211 40.39 3.08 -12.16
N MET O 212 40.76 2.35 -11.11
CA MET O 212 40.27 2.73 -9.78
C MET O 212 40.91 4.03 -9.35
N GLY O 213 42.18 4.24 -9.72
CA GLY O 213 42.90 5.45 -9.38
C GLY O 213 42.30 6.65 -10.07
N LEU O 214 41.63 6.44 -11.20
CA LEU O 214 40.87 7.51 -11.83
C LEU O 214 39.50 7.69 -11.17
N LEU O 215 38.73 6.60 -11.07
CA LEU O 215 37.31 6.69 -10.71
C LEU O 215 37.07 7.06 -9.25
N LEU O 216 37.93 6.68 -8.31
CA LEU O 216 37.63 6.97 -6.91
C LEU O 216 37.57 8.45 -6.56
N PRO O 217 38.53 9.30 -6.94
CA PRO O 217 38.42 10.71 -6.56
C PRO O 217 37.33 11.46 -7.30
N LEU O 218 37.01 11.09 -8.54
CA LEU O 218 35.92 11.77 -9.23
C LEU O 218 34.57 11.49 -8.58
N VAL O 219 34.31 10.23 -8.21
CA VAL O 219 33.05 9.91 -7.56
C VAL O 219 33.00 10.54 -6.17
N TYR O 220 34.12 10.53 -5.44
CA TYR O 220 34.18 11.27 -4.18
C TYR O 220 33.83 12.74 -4.39
N ALA O 221 34.32 13.34 -5.47
CA ALA O 221 34.04 14.76 -5.74
C ALA O 221 32.56 14.98 -6.03
N MET O 222 31.94 14.05 -6.75
CA MET O 222 30.50 14.17 -7.00
C MET O 222 29.71 14.10 -5.70
N LYS O 223 30.13 13.21 -4.80
CA LYS O 223 29.48 13.08 -3.49
C LYS O 223 29.60 14.40 -2.72
N ARG O 224 30.82 14.94 -2.63
CA ARG O 224 31.01 16.18 -1.89
C ARG O 224 30.24 17.32 -2.53
N HIS O 225 30.16 17.34 -3.86
CA HIS O 225 29.44 18.37 -4.56
C HIS O 225 27.98 18.41 -4.11
N LYS O 226 27.32 17.24 -4.15
CA LYS O 226 25.92 17.21 -3.75
C LYS O 226 25.75 17.52 -2.27
N TRP O 227 26.57 16.94 -1.40
CA TRP O 227 26.41 17.11 0.04
C TRP O 227 26.77 18.51 0.54
N SER O 228 27.50 19.30 -0.24
CA SER O 228 27.90 20.64 0.21
C SER O 228 26.71 21.53 0.54
N VAL O 229 25.58 21.35 -0.16
CA VAL O 229 24.34 22.05 0.18
C VAL O 229 23.98 21.89 1.65
N LEU O 230 24.17 20.69 2.19
CA LEU O 230 23.80 20.39 3.57
C LEU O 230 24.92 20.72 4.55
N LYS O 231 26.16 20.46 4.18
CA LYS O 231 27.27 20.60 5.11
C LYS O 231 27.54 22.03 5.56
N SER O 232 27.17 23.04 4.76
CA SER O 232 27.39 24.44 5.12
C SER O 232 26.12 25.19 5.51
N ARG O 233 24.95 24.54 5.53
CA ARG O 233 23.72 25.18 5.98
C ARG O 233 23.86 25.69 7.41
N LYS O 234 23.17 26.80 7.69
CA LYS O 234 23.15 27.43 9.01
C LYS O 234 21.73 27.52 9.55
N LEU O 235 21.57 27.28 10.85
CA LEU O 235 20.29 27.28 11.54
C LEU O 235 20.25 28.44 12.53
N ALA O 236 19.05 29.00 12.73
CA ALA O 236 18.81 30.01 13.75
C ALA O 236 17.43 29.87 14.38
N TYR O 237 17.36 30.12 15.69
CA TYR O 237 16.14 29.98 16.48
C TYR O 237 15.74 31.39 16.91
N ARG O 238 14.55 31.83 16.49
CA ARG O 238 14.01 33.15 16.81
C ARG O 238 12.61 33.06 17.41
N PRO O 239 12.49 32.66 18.66
CA PRO O 239 11.16 32.53 19.25
C PRO O 239 10.58 33.90 19.58
N PRO O 240 9.25 34.08 19.56
CA PRO O 240 8.68 35.36 20.03
C PRO O 240 8.92 35.57 21.52
N LYS O 241 10.15 35.94 21.88
CA LYS O 241 10.50 36.33 23.25
C LYS O 241 10.22 35.22 24.26
N SER P 1 -44.48 4.60 2.49
CA SER P 1 -44.46 4.11 3.90
C SER P 1 -43.52 2.93 4.05
N HIS P 2 -43.31 2.50 5.31
CA HIS P 2 -42.44 1.38 5.64
C HIS P 2 -43.15 0.25 6.35
N THR P 3 -44.27 0.52 7.04
CA THR P 3 -45.00 -0.54 7.74
C THR P 3 -45.66 -1.52 6.80
N ASP P 4 -45.76 -1.19 5.50
CA ASP P 4 -46.20 -2.16 4.50
C ASP P 4 -45.17 -3.25 4.23
N ILE P 5 -43.95 -3.11 4.78
CA ILE P 5 -42.91 -4.12 4.55
C ILE P 5 -43.36 -5.46 5.13
N LYS P 6 -43.13 -6.51 4.36
CA LYS P 6 -43.52 -7.85 4.75
C LYS P 6 -42.61 -8.83 4.02
N VAL P 7 -41.94 -9.69 4.78
CA VAL P 7 -40.97 -10.61 4.18
C VAL P 7 -41.70 -11.57 3.25
N PRO P 8 -41.23 -11.81 2.02
CA PRO P 8 -41.89 -12.80 1.17
C PRO P 8 -41.74 -14.21 1.73
N ASP P 9 -42.67 -15.07 1.30
CA ASP P 9 -42.73 -16.44 1.81
C ASP P 9 -41.52 -17.23 1.32
N PHE P 10 -40.73 -17.74 2.25
CA PHE P 10 -39.55 -18.56 1.96
C PHE P 10 -39.84 -20.05 2.04
N SER P 11 -41.12 -20.44 2.14
CA SER P 11 -41.45 -21.83 2.46
C SER P 11 -40.98 -22.82 1.40
N ASP P 12 -40.76 -22.36 0.17
CA ASP P 12 -40.26 -23.26 -0.86
C ASP P 12 -38.83 -23.71 -0.61
N TYR P 13 -38.07 -23.00 0.23
CA TYR P 13 -36.67 -23.30 0.51
C TYR P 13 -36.42 -23.85 1.90
N ARG P 14 -37.36 -23.70 2.83
CA ARG P 14 -37.14 -24.12 4.20
C ARG P 14 -37.02 -25.64 4.30
N ARG P 15 -36.31 -26.09 5.32
CA ARG P 15 -36.17 -27.51 5.57
C ARG P 15 -37.51 -28.07 6.08
N PRO P 16 -37.70 -29.39 6.01
CA PRO P 16 -38.94 -29.96 6.56
C PRO P 16 -39.10 -29.77 8.05
N GLU P 17 -38.03 -29.53 8.80
CA GLU P 17 -38.12 -29.45 10.25
C GLU P 17 -38.70 -28.12 10.75
N VAL P 18 -38.72 -27.08 9.90
CA VAL P 18 -39.11 -25.74 10.32
C VAL P 18 -40.16 -25.17 9.38
N LEU P 19 -40.99 -26.03 8.79
CA LEU P 19 -42.04 -25.54 7.90
C LEU P 19 -43.19 -24.92 8.68
N ASP P 20 -43.53 -25.49 9.83
CA ASP P 20 -44.67 -25.02 10.60
C ASP P 20 -44.34 -23.72 11.32
N SER P 21 -45.17 -22.70 11.12
CA SER P 21 -44.98 -21.43 11.81
C SER P 21 -45.36 -21.49 13.28
N THR P 22 -46.20 -22.45 13.66
CA THR P 22 -46.75 -22.55 15.01
C THR P 22 -46.00 -23.55 15.87
N LYS P 23 -44.69 -23.65 15.71
CA LYS P 23 -43.88 -24.60 16.43
C LYS P 23 -42.52 -24.01 16.72
N SER P 24 -42.05 -24.18 17.94
CA SER P 24 -40.77 -23.61 18.34
C SER P 24 -39.62 -24.26 17.57
N SER P 25 -38.65 -23.45 17.19
CA SER P 25 -37.51 -23.90 16.40
C SER P 25 -36.31 -24.31 17.25
N LYS P 26 -36.32 -24.04 18.56
CA LYS P 26 -35.18 -24.40 19.39
C LYS P 26 -34.97 -25.90 19.49
N GLU P 27 -36.01 -26.70 19.24
CA GLU P 27 -35.91 -28.14 19.45
C GLU P 27 -35.14 -28.81 18.32
N SER P 28 -35.31 -28.34 17.09
CA SER P 28 -34.68 -28.93 15.93
C SER P 28 -33.32 -28.33 15.59
N SER P 29 -32.89 -27.27 16.28
CA SER P 29 -31.67 -26.57 15.87
C SER P 29 -30.44 -27.43 16.01
N GLU P 30 -30.33 -28.19 17.10
CA GLU P 30 -29.15 -29.01 17.33
C GLU P 30 -29.01 -30.08 16.27
N ALA P 31 -30.12 -30.68 15.84
CA ALA P 31 -30.05 -31.70 14.79
C ALA P 31 -29.52 -31.13 13.49
N ARG P 32 -30.00 -29.94 13.11
CA ARG P 32 -29.57 -29.33 11.86
C ARG P 32 -28.08 -28.96 11.91
N LYS P 33 -27.66 -28.32 13.00
CA LYS P 33 -26.26 -27.96 13.13
C LYS P 33 -25.37 -29.20 13.18
N GLY P 34 -25.83 -30.25 13.86
CA GLY P 34 -25.05 -31.47 13.94
C GLY P 34 -24.90 -32.15 12.59
N PHE P 35 -25.97 -32.13 11.78
CA PHE P 35 -25.87 -32.69 10.43
C PHE P 35 -24.84 -31.95 9.59
N SER P 36 -24.93 -30.62 9.58
CA SER P 36 -23.99 -29.84 8.77
C SER P 36 -22.56 -30.01 9.24
N TYR P 37 -22.34 -29.99 10.55
CA TYR P 37 -20.99 -30.15 11.05
C TYR P 37 -20.48 -31.58 10.86
N LEU P 38 -21.38 -32.57 10.80
CA LEU P 38 -20.94 -33.92 10.46
C LEU P 38 -20.43 -33.97 9.03
N VAL P 39 -21.11 -33.28 8.11
CA VAL P 39 -20.62 -33.20 6.73
C VAL P 39 -19.23 -32.59 6.69
N THR P 40 -19.05 -31.47 7.42
CA THR P 40 -17.74 -30.82 7.44
C THR P 40 -16.67 -31.72 8.03
N ALA P 41 -16.99 -32.43 9.11
CA ALA P 41 -16.00 -33.30 9.75
C ALA P 41 -15.58 -34.44 8.84
N THR P 42 -16.54 -35.04 8.13
CA THR P 42 -16.20 -36.12 7.20
C THR P 42 -15.28 -35.60 6.10
N THR P 43 -15.57 -34.42 5.56
CA THR P 43 -14.72 -33.85 4.53
C THR P 43 -13.30 -33.63 5.06
N THR P 44 -13.19 -33.09 6.27
CA THR P 44 -11.87 -32.83 6.84
C THR P 44 -11.10 -34.12 7.07
N VAL P 45 -11.78 -35.18 7.49
CA VAL P 45 -11.12 -36.47 7.72
C VAL P 45 -10.55 -37.00 6.41
N GLY P 46 -11.34 -36.95 5.34
CA GLY P 46 -10.85 -37.43 4.05
C GLY P 46 -9.65 -36.64 3.56
N VAL P 47 -9.73 -35.30 3.66
CA VAL P 47 -8.63 -34.46 3.21
C VAL P 47 -7.37 -34.73 4.02
N ALA P 48 -7.54 -34.94 5.33
CA ALA P 48 -6.38 -35.23 6.18
C ALA P 48 -5.71 -36.53 5.80
N TYR P 49 -6.51 -37.56 5.49
CA TYR P 49 -5.92 -38.83 5.06
C TYR P 49 -5.11 -38.65 3.78
N ALA P 50 -5.69 -37.94 2.80
CA ALA P 50 -4.98 -37.72 1.54
C ALA P 50 -3.69 -36.93 1.76
N ALA P 51 -3.75 -35.88 2.58
CA ALA P 51 -2.56 -35.06 2.84
C ALA P 51 -1.47 -35.86 3.51
N LYS P 52 -1.84 -36.69 4.48
CA LYS P 52 -0.85 -37.52 5.17
C LYS P 52 -0.17 -38.46 4.20
N ASN P 53 -0.94 -39.10 3.31
CA ASN P 53 -0.35 -40.03 2.36
C ASN P 53 0.64 -39.33 1.43
N VAL P 54 0.23 -38.19 0.85
CA VAL P 54 1.10 -37.56 -0.14
C VAL P 54 2.37 -37.00 0.52
N VAL P 55 2.24 -36.39 1.70
CA VAL P 55 3.42 -35.86 2.36
C VAL P 55 4.35 -37.00 2.79
N SER P 56 3.79 -38.13 3.23
CA SER P 56 4.62 -39.27 3.60
C SER P 56 5.39 -39.79 2.41
N GLN P 57 4.74 -39.89 1.24
CA GLN P 57 5.45 -40.36 0.05
C GLN P 57 6.57 -39.40 -0.34
N PHE P 58 6.31 -38.09 -0.30
CA PHE P 58 7.36 -37.13 -0.64
C PHE P 58 8.54 -37.22 0.32
N VAL P 59 8.26 -37.37 1.62
CA VAL P 59 9.35 -37.50 2.59
C VAL P 59 10.13 -38.79 2.35
N SER P 60 9.43 -39.89 2.08
CA SER P 60 10.11 -41.17 1.87
C SER P 60 10.93 -41.18 0.59
N SER P 61 10.61 -40.32 -0.37
CA SER P 61 11.41 -40.26 -1.60
C SER P 61 12.87 -39.90 -1.32
N MET P 62 13.13 -39.08 -0.31
CA MET P 62 14.49 -38.63 -0.01
C MET P 62 15.33 -39.66 0.74
N SER P 63 14.72 -40.73 1.26
CA SER P 63 15.46 -41.73 2.00
C SER P 63 16.31 -42.57 1.03
N ALA P 64 17.01 -43.56 1.58
CA ALA P 64 17.88 -44.41 0.77
C ALA P 64 17.07 -45.17 -0.27
N SER P 65 17.61 -45.27 -1.48
CA SER P 65 16.93 -45.88 -2.60
C SER P 65 17.24 -47.36 -2.69
N ALA P 66 16.61 -48.04 -3.65
CA ALA P 66 16.72 -49.48 -3.76
C ALA P 66 18.12 -49.94 -4.18
N ASP P 67 18.89 -49.07 -4.85
CA ASP P 67 20.15 -49.46 -5.44
C ASP P 67 21.36 -49.23 -4.54
N VAL P 68 21.16 -48.76 -3.31
CA VAL P 68 22.27 -48.39 -2.41
C VAL P 68 22.29 -49.20 -1.13
N LEU P 69 21.30 -50.06 -0.89
CA LEU P 69 21.28 -50.84 0.35
C LEU P 69 22.49 -51.77 0.40
N ALA P 70 22.53 -52.76 -0.51
CA ALA P 70 23.74 -53.46 -0.96
C ALA P 70 24.65 -53.89 0.20
N MET P 71 24.15 -54.83 1.00
CA MET P 71 24.98 -55.45 2.02
C MET P 71 25.95 -56.44 1.39
N SER P 72 27.07 -56.68 2.06
CA SER P 72 28.10 -57.56 1.53
C SER P 72 29.06 -57.95 2.65
N LYS P 73 30.13 -58.65 2.28
CA LYS P 73 31.21 -59.03 3.18
C LYS P 73 32.52 -58.85 2.45
N ILE P 74 33.63 -59.19 3.10
CA ILE P 74 34.95 -58.98 2.53
C ILE P 74 35.92 -59.94 3.17
N GLU P 75 37.00 -60.26 2.46
CA GLU P 75 38.08 -61.13 2.92
C GLU P 75 39.37 -60.33 2.97
N ILE P 76 40.15 -60.56 4.04
CA ILE P 76 41.40 -59.85 4.27
C ILE P 76 42.49 -60.86 4.62
N LYS P 77 43.70 -60.64 4.10
CA LYS P 77 44.81 -61.57 4.25
C LYS P 77 45.67 -61.14 5.44
N LEU P 78 45.65 -61.93 6.51
CA LEU P 78 46.39 -61.58 7.72
C LEU P 78 47.89 -61.53 7.47
N SER P 79 48.42 -62.46 6.67
CA SER P 79 49.85 -62.49 6.40
C SER P 79 50.37 -61.25 5.68
N ASP P 80 49.49 -60.42 5.12
CA ASP P 80 49.87 -59.20 4.44
C ASP P 80 50.12 -58.03 5.39
N ILE P 81 49.73 -58.14 6.65
CA ILE P 81 49.88 -57.06 7.63
C ILE P 81 50.97 -57.40 8.64
N PRO P 82 52.20 -56.86 8.52
CA PRO P 82 53.23 -57.20 9.50
C PRO P 82 52.96 -56.56 10.85
N GLU P 83 53.64 -57.10 11.87
CA GLU P 83 53.51 -56.60 13.23
C GLU P 83 53.79 -55.11 13.33
N GLY P 84 52.90 -54.39 14.03
CA GLY P 84 53.02 -52.97 14.24
C GLY P 84 52.36 -52.08 13.21
N LYS P 85 51.89 -52.62 12.09
CA LYS P 85 51.26 -51.85 11.02
C LYS P 85 49.75 -51.90 11.15
N ASN P 86 49.11 -50.75 10.92
CA ASN P 86 47.66 -50.60 10.87
C ASN P 86 47.24 -50.46 9.41
N MET P 87 46.55 -51.48 8.88
CA MET P 87 46.10 -51.48 7.49
C MET P 87 44.63 -51.10 7.39
N ALA P 88 44.34 -50.15 6.49
CA ALA P 88 42.99 -49.66 6.26
C ALA P 88 42.45 -50.19 4.94
N PHE P 89 41.17 -50.57 4.96
CA PHE P 89 40.45 -51.09 3.81
C PHE P 89 39.14 -50.33 3.69
N LYS P 90 38.42 -50.57 2.59
CA LYS P 90 37.11 -49.97 2.36
C LYS P 90 36.05 -51.05 2.46
N TRP P 91 35.07 -50.82 3.34
CA TRP P 91 34.00 -51.78 3.59
C TRP P 91 32.73 -51.02 3.86
N ARG P 92 31.68 -51.31 3.10
CA ARG P 92 30.38 -50.64 3.23
C ARG P 92 30.54 -49.13 3.10
N GLY P 93 31.46 -48.70 2.23
CA GLY P 93 31.64 -47.29 2.01
C GLY P 93 32.39 -46.56 3.09
N LYS P 94 32.97 -47.26 4.08
CA LYS P 94 33.68 -46.61 5.17
C LYS P 94 35.01 -47.31 5.46
N PRO P 95 35.92 -46.64 6.19
CA PRO P 95 37.20 -47.26 6.53
C PRO P 95 37.05 -48.42 7.51
N LEU P 96 37.89 -49.45 7.31
CA LEU P 96 37.96 -50.61 8.20
C LEU P 96 39.42 -50.79 8.57
N PHE P 97 39.74 -50.73 9.86
CA PHE P 97 41.09 -50.86 10.37
C PHE P 97 41.36 -52.26 10.90
N VAL P 98 42.47 -52.85 10.45
CA VAL P 98 42.98 -54.13 10.92
C VAL P 98 44.39 -53.89 11.43
N ARG P 99 44.60 -53.95 12.74
CA ARG P 99 45.88 -53.65 13.36
C ARG P 99 46.44 -54.87 14.08
N HIS P 100 47.70 -55.19 13.76
CA HIS P 100 48.44 -56.29 14.38
C HIS P 100 49.14 -55.74 15.61
N ARG P 101 48.72 -56.15 16.79
CA ARG P 101 49.29 -55.63 18.02
C ARG P 101 50.44 -56.48 18.53
N THR P 102 51.40 -55.82 19.17
CA THR P 102 52.56 -56.46 19.77
C THR P 102 52.24 -56.91 21.20
N LYS P 103 53.13 -57.74 21.74
CA LYS P 103 52.94 -58.22 23.11
C LYS P 103 52.93 -57.07 24.11
N LYS P 104 53.80 -56.08 23.89
CA LYS P 104 53.84 -54.92 24.78
C LYS P 104 52.51 -54.22 24.81
N GLU P 105 51.93 -53.97 23.63
CA GLU P 105 50.64 -53.31 23.54
C GLU P 105 49.56 -54.13 24.23
N ILE P 106 49.55 -55.45 23.99
CA ILE P 106 48.56 -56.34 24.60
C ILE P 106 48.63 -56.22 26.12
N ASP P 107 49.83 -56.32 26.69
CA ASP P 107 49.97 -56.24 28.14
C ASP P 107 49.56 -54.87 28.66
N GLN P 108 49.92 -53.80 27.93
CA GLN P 108 49.54 -52.47 28.36
C GLN P 108 48.02 -52.31 28.40
N GLU P 109 47.33 -52.82 27.38
CA GLU P 109 45.88 -52.75 27.38
C GLU P 109 45.30 -53.64 28.47
N ALA P 110 45.98 -54.73 28.81
CA ALA P 110 45.51 -55.62 29.86
C ALA P 110 45.64 -54.98 31.23
N ALA P 111 46.55 -54.01 31.39
CA ALA P 111 46.76 -53.35 32.68
C ALA P 111 45.77 -52.22 32.94
N VAL P 112 44.97 -51.84 31.93
CA VAL P 112 44.01 -50.74 32.07
C VAL P 112 42.96 -51.07 33.12
N GLU P 113 42.72 -50.11 34.01
CA GLU P 113 41.73 -50.22 35.07
C GLU P 113 40.37 -49.89 34.43
N VAL P 114 39.60 -50.95 34.14
CA VAL P 114 38.34 -50.81 33.41
C VAL P 114 37.34 -49.90 34.14
N SER P 115 37.35 -49.89 35.47
CA SER P 115 36.36 -49.09 36.19
C SER P 115 36.52 -47.59 35.94
N GLN P 116 37.68 -47.13 35.48
CA GLN P 116 37.91 -45.71 35.23
C GLN P 116 37.48 -45.29 33.82
N LEU P 117 37.16 -46.25 32.95
CA LEU P 117 36.77 -45.97 31.58
C LEU P 117 35.38 -45.36 31.46
N ARG P 118 35.22 -44.49 30.47
CA ARG P 118 33.93 -43.87 30.20
C ARG P 118 32.95 -44.92 29.68
N ASP P 119 33.45 -45.89 28.90
CA ASP P 119 32.66 -46.96 28.31
C ASP P 119 33.40 -48.23 28.74
N PRO P 120 33.12 -48.73 29.95
CA PRO P 120 33.86 -49.90 30.48
C PRO P 120 33.67 -51.21 29.71
N GLN P 121 34.79 -51.77 29.27
CA GLN P 121 34.86 -53.05 28.60
C GLN P 121 36.29 -53.54 28.79
N HIS P 122 36.45 -54.84 29.06
CA HIS P 122 37.78 -55.39 29.17
C HIS P 122 38.32 -55.62 27.76
N ASP P 123 39.65 -55.59 27.61
CA ASP P 123 40.25 -55.79 26.28
C ASP P 123 39.92 -57.15 25.65
N LEU P 124 39.81 -58.20 26.46
CA LEU P 124 39.59 -59.56 25.97
C LEU P 124 38.17 -59.87 25.53
N GLU P 125 37.21 -58.96 25.65
CA GLU P 125 35.86 -59.16 25.11
C GLU P 125 35.61 -58.37 23.83
N ARG P 126 36.64 -57.74 23.27
CA ARG P 126 36.56 -56.95 22.05
C ARG P 126 37.37 -57.54 20.91
N VAL P 127 38.16 -58.58 21.16
CA VAL P 127 38.97 -59.25 20.15
C VAL P 127 38.84 -60.76 20.34
N LYS P 128 39.07 -61.49 19.24
CA LYS P 128 39.04 -62.94 19.21
C LYS P 128 40.43 -63.53 19.38
N LYS P 129 41.42 -62.93 18.73
CA LYS P 129 42.82 -63.29 18.85
C LYS P 129 43.52 -62.08 19.46
N PRO P 130 44.26 -62.21 20.56
CA PRO P 130 44.91 -61.01 21.17
C PRO P 130 45.75 -60.16 20.24
N GLU P 131 46.48 -60.78 19.31
CA GLU P 131 47.37 -60.04 18.41
C GLU P 131 46.67 -59.35 17.24
N TRP P 132 45.34 -59.41 17.11
CA TRP P 132 44.63 -58.75 16.01
C TRP P 132 43.42 -58.00 16.55
N VAL P 133 43.39 -56.69 16.31
CA VAL P 133 42.24 -55.85 16.64
C VAL P 133 41.65 -55.32 15.35
N ILE P 134 40.34 -55.52 15.16
CA ILE P 134 39.60 -55.11 13.96
C ILE P 134 38.53 -54.13 14.40
N LEU P 135 38.55 -52.93 13.83
CA LEU P 135 37.65 -51.85 14.24
C LEU P 135 37.17 -51.08 13.03
N ILE P 136 35.98 -50.48 13.14
CA ILE P 136 35.48 -49.59 12.11
C ILE P 136 36.18 -48.25 12.32
N GLY P 137 36.87 -47.77 11.30
CA GLY P 137 37.64 -46.54 11.41
C GLY P 137 36.82 -45.28 11.24
N VAL P 138 35.84 -45.08 12.10
CA VAL P 138 34.94 -43.92 12.06
C VAL P 138 34.81 -43.40 13.48
N CYS P 139 35.27 -42.18 13.71
CA CYS P 139 35.20 -41.58 15.04
C CYS P 139 33.75 -41.50 15.49
N THR P 140 33.51 -41.93 16.73
CA THR P 140 32.16 -41.93 17.28
C THR P 140 31.65 -40.54 17.63
N HIS P 141 32.49 -39.51 17.59
CA HIS P 141 32.04 -38.16 17.88
C HIS P 141 31.22 -37.60 16.72
N LEU P 142 31.88 -37.23 15.62
CA LEU P 142 31.19 -36.69 14.45
C LEU P 142 31.61 -37.37 13.15
N GLY P 143 32.19 -38.57 13.22
CA GLY P 143 32.48 -39.33 12.02
C GLY P 143 33.83 -39.16 11.36
N CYS P 144 34.75 -38.39 11.92
CA CYS P 144 36.05 -38.26 11.26
C CYS P 144 36.81 -39.59 11.36
N VAL P 145 38.00 -39.64 10.75
CA VAL P 145 38.83 -40.85 10.71
C VAL P 145 39.95 -40.75 11.75
N PRO P 146 40.02 -41.66 12.73
CA PRO P 146 41.13 -41.63 13.69
C PRO P 146 42.45 -41.91 12.99
N ILE P 147 43.50 -41.17 13.36
CA ILE P 147 44.82 -41.33 12.77
C ILE P 147 45.66 -42.25 13.66
N ALA P 148 46.13 -43.33 13.05
CA ALA P 148 46.93 -44.35 13.72
C ALA P 148 48.28 -43.83 14.18
N ASN P 149 48.75 -44.40 15.31
CA ASN P 149 50.05 -44.08 15.88
C ASN P 149 50.16 -42.60 16.26
N ALA P 150 49.08 -42.05 16.77
CA ALA P 150 49.04 -40.66 17.23
C ALA P 150 48.30 -40.62 18.55
N GLY P 151 48.48 -39.51 19.27
CA GLY P 151 47.87 -39.32 20.57
C GLY P 151 48.78 -39.72 21.71
N ASP P 152 48.29 -39.46 22.92
CA ASP P 152 49.05 -39.71 24.14
C ASP P 152 49.03 -41.16 24.62
N PHE P 153 48.26 -42.05 23.99
CA PHE P 153 48.12 -43.43 24.46
C PHE P 153 48.55 -44.46 23.43
N GLY P 154 49.33 -44.06 22.41
CA GLY P 154 49.79 -44.97 21.39
C GLY P 154 48.71 -45.77 20.69
N GLY P 155 47.51 -45.19 20.56
CA GLY P 155 46.39 -45.83 19.89
C GLY P 155 45.99 -45.08 18.64
N TYR P 156 45.07 -44.14 18.78
CA TYR P 156 44.63 -43.31 17.67
C TYR P 156 44.34 -41.91 18.20
N TYR P 157 44.28 -40.96 17.27
CA TYR P 157 44.00 -39.57 17.58
C TYR P 157 43.11 -39.00 16.48
N CYS P 158 41.94 -38.48 16.86
CA CYS P 158 41.05 -37.84 15.91
C CYS P 158 41.36 -36.35 15.96
N PRO P 159 41.94 -35.76 14.90
CA PRO P 159 42.30 -34.34 14.94
C PRO P 159 41.15 -33.38 14.81
N CYS P 160 39.97 -33.83 14.35
CA CYS P 160 38.84 -32.93 14.17
C CYS P 160 38.51 -32.20 15.47
N HIS P 161 38.44 -32.94 16.59
CA HIS P 161 38.20 -32.32 17.88
C HIS P 161 39.09 -32.92 18.97
N GLY P 162 40.13 -33.66 18.61
CA GLY P 162 41.08 -34.14 19.59
C GLY P 162 40.65 -35.32 20.43
N SER P 163 40.00 -36.33 19.85
CA SER P 163 39.65 -37.52 20.61
C SER P 163 40.80 -38.51 20.63
N HIS P 164 41.13 -39.04 21.81
CA HIS P 164 42.21 -40.02 21.96
C HIS P 164 41.67 -41.40 22.26
N TYR P 165 42.12 -42.39 21.49
CA TYR P 165 41.75 -43.79 21.67
C TYR P 165 43.01 -44.60 21.97
N ASP P 166 42.86 -45.68 22.74
CA ASP P 166 43.98 -46.57 23.04
C ASP P 166 44.12 -47.61 21.93
N ALA P 167 45.05 -48.55 22.08
CA ALA P 167 45.24 -49.57 21.05
C ALA P 167 44.12 -50.60 20.99
N SER P 168 43.12 -50.52 21.86
CA SER P 168 41.94 -51.36 21.80
C SER P 168 40.75 -50.65 21.18
N GLY P 169 40.89 -49.36 20.87
CA GLY P 169 39.84 -48.54 20.32
C GLY P 169 38.91 -47.97 21.35
N ARG P 170 39.24 -48.08 22.64
CA ARG P 170 38.41 -47.54 23.69
C ARG P 170 38.64 -46.05 23.84
N ILE P 171 37.57 -45.31 24.09
CA ILE P 171 37.67 -43.87 24.28
C ILE P 171 38.27 -43.58 25.64
N ARG P 172 39.34 -42.78 25.66
CA ARG P 172 40.08 -42.45 26.87
C ARG P 172 40.11 -40.96 27.17
N LYS P 173 40.01 -40.10 26.16
CA LYS P 173 40.04 -38.66 26.34
C LYS P 173 39.30 -38.03 25.18
N GLY P 174 38.79 -36.82 25.40
CA GLY P 174 38.06 -36.10 24.38
C GLY P 174 36.55 -36.17 24.48
N PRO P 175 35.86 -35.62 23.47
CA PRO P 175 34.40 -35.56 23.50
C PRO P 175 33.65 -36.80 23.02
N ALA P 176 34.28 -37.70 22.27
CA ALA P 176 33.59 -38.87 21.74
C ALA P 176 32.88 -39.65 22.86
N PRO P 177 31.61 -40.04 22.69
CA PRO P 177 30.91 -40.75 23.77
C PRO P 177 31.15 -42.25 23.90
N LEU P 178 31.56 -42.96 22.84
CA LEU P 178 31.67 -44.41 22.89
C LEU P 178 32.96 -44.92 22.24
N ASN P 179 33.26 -46.17 22.58
CA ASN P 179 34.39 -46.90 22.01
C ASN P 179 34.12 -47.20 20.54
N LEU P 180 35.18 -47.28 19.74
CA LEU P 180 35.02 -47.60 18.33
C LEU P 180 34.27 -48.92 18.15
N GLU P 181 33.40 -48.95 17.13
CA GLU P 181 32.57 -50.11 16.88
C GLU P 181 33.38 -51.30 16.38
N VAL P 182 33.13 -52.46 16.97
CA VAL P 182 33.77 -53.72 16.57
C VAL P 182 32.78 -54.45 15.66
N PRO P 183 33.11 -54.69 14.39
CA PRO P 183 32.16 -55.39 13.51
C PRO P 183 32.14 -56.89 13.75
N SER P 184 31.14 -57.53 13.14
CA SER P 184 31.03 -58.98 13.19
C SER P 184 32.05 -59.56 12.21
N TYR P 185 32.83 -60.54 12.65
CA TYR P 185 33.81 -61.15 11.76
C TYR P 185 34.21 -62.50 12.32
N GLU P 186 34.88 -63.28 11.47
CA GLU P 186 35.36 -64.59 11.88
C GLU P 186 36.58 -64.96 11.04
N PHE P 187 37.46 -65.75 11.65
CA PHE P 187 38.67 -66.22 11.00
C PHE P 187 38.41 -67.56 10.33
N THR P 188 38.64 -67.64 9.02
CA THR P 188 38.41 -68.85 8.26
C THR P 188 39.63 -69.75 8.20
N SER P 189 40.80 -69.25 8.56
CA SER P 189 42.03 -70.03 8.57
C SER P 189 43.11 -69.17 9.24
N ASP P 190 44.31 -69.72 9.36
CA ASP P 190 45.41 -68.99 10.00
C ASP P 190 45.80 -67.72 9.25
N ASP P 191 45.55 -67.67 7.93
CA ASP P 191 45.97 -66.53 7.11
C ASP P 191 44.86 -65.56 6.71
N MET P 192 43.60 -65.97 6.69
CA MET P 192 42.50 -65.14 6.22
C MET P 192 41.45 -64.86 7.30
N VAL P 193 40.85 -63.69 7.20
CA VAL P 193 39.76 -63.25 8.08
C VAL P 193 38.65 -62.73 7.17
N ILE P 194 37.40 -63.13 7.46
CA ILE P 194 36.24 -62.71 6.69
C ILE P 194 35.38 -61.84 7.59
N VAL P 195 35.20 -60.59 7.19
CA VAL P 195 34.43 -59.60 7.93
C VAL P 195 33.10 -59.41 7.22
N GLY P 196 32.02 -59.41 7.99
CA GLY P 196 30.68 -59.23 7.45
C GLY P 196 29.72 -58.65 8.47
N VAL Q 6 28.22 17.71 52.60
CA VAL Q 6 29.56 17.72 52.02
C VAL Q 6 30.46 16.74 52.75
N SER Q 7 29.88 15.63 53.20
CA SER Q 7 30.57 14.69 54.08
C SER Q 7 31.46 13.76 53.25
N ALA Q 8 31.93 12.68 53.88
CA ALA Q 8 32.96 11.82 53.32
C ALA Q 8 32.47 11.17 52.02
N SER Q 9 31.42 10.38 52.12
CA SER Q 9 30.90 9.61 50.98
C SER Q 9 30.12 10.46 49.99
N SER Q 10 29.47 11.53 50.44
CA SER Q 10 28.67 12.33 49.53
C SER Q 10 29.53 13.04 48.49
N ARG Q 11 30.63 13.65 48.92
CA ARG Q 11 31.44 14.39 47.94
C ARG Q 11 32.13 13.44 46.97
N TRP Q 12 32.39 12.21 47.40
CA TRP Q 12 32.97 11.19 46.52
C TRP Q 12 31.97 10.70 45.50
N LEU Q 13 30.73 10.44 45.94
CA LEU Q 13 29.66 10.09 45.01
C LEU Q 13 29.40 11.20 44.01
N GLU Q 14 29.24 12.44 44.46
CA GLU Q 14 29.04 13.54 43.52
C GLU Q 14 30.25 13.72 42.59
N GLY Q 15 31.46 13.44 43.06
CA GLY Q 15 32.61 13.54 42.19
C GLY Q 15 32.60 12.49 41.10
N ILE Q 16 32.13 11.29 41.43
CA ILE Q 16 32.05 10.24 40.41
C ILE Q 16 30.89 10.52 39.46
N ARG Q 17 29.81 11.11 39.95
CA ARG Q 17 28.72 11.46 39.04
C ARG Q 17 29.13 12.57 38.07
N LYS Q 18 29.83 13.59 38.55
CA LYS Q 18 30.29 14.64 37.64
C LYS Q 18 31.33 14.11 36.66
N TRP Q 19 32.20 13.19 37.10
CA TRP Q 19 33.12 12.54 36.17
C TRP Q 19 32.37 11.82 35.07
N TYR Q 20 31.40 10.99 35.44
CA TYR Q 20 30.66 10.23 34.43
C TYR Q 20 29.89 11.17 33.51
N TYR Q 21 29.32 12.24 34.07
CA TYR Q 21 28.57 13.20 33.26
C TYR Q 21 29.46 13.77 32.16
N ASN Q 22 30.66 14.21 32.51
CA ASN Q 22 31.58 14.73 31.51
C ASN Q 22 32.07 13.64 30.55
N ALA Q 23 32.19 12.40 31.02
CA ALA Q 23 32.63 11.30 30.16
C ALA Q 23 31.59 10.92 29.12
N ALA Q 24 30.30 10.97 29.48
CA ALA Q 24 29.24 10.67 28.52
C ALA Q 24 29.30 11.58 27.29
N GLY Q 25 29.53 12.87 27.48
CA GLY Q 25 29.85 13.73 26.37
C GLY Q 25 28.68 14.28 25.57
N PHE Q 26 27.43 13.98 25.95
CA PHE Q 26 26.31 14.59 25.24
C PHE Q 26 26.24 16.09 25.46
N ASN Q 27 26.82 16.59 26.55
CA ASN Q 27 26.89 18.02 26.79
C ASN Q 27 27.73 18.72 25.73
N LYS Q 28 28.64 18.02 25.07
CA LYS Q 28 29.44 18.63 24.03
C LYS Q 28 28.59 18.99 22.81
N LEU Q 29 27.42 18.37 22.65
CA LEU Q 29 26.48 18.74 21.58
C LEU Q 29 25.40 19.70 22.02
N GLY Q 30 25.52 20.32 23.19
CA GLY Q 30 24.49 21.20 23.69
C GLY Q 30 23.25 20.54 24.23
N LEU Q 31 23.23 19.21 24.35
CA LEU Q 31 22.05 18.50 24.80
C LEU Q 31 21.98 18.49 26.32
N MET Q 32 20.78 18.23 26.83
CA MET Q 32 20.54 17.95 28.24
C MET Q 32 20.22 16.47 28.38
N ARG Q 33 20.26 15.99 29.64
CA ARG Q 33 20.04 14.58 29.90
C ARG Q 33 18.70 14.11 29.36
N ASP Q 34 17.63 14.84 29.66
CA ASP Q 34 16.29 14.42 29.26
C ASP Q 34 16.09 14.43 27.75
N ASP Q 35 16.92 15.16 27.02
CA ASP Q 35 16.86 15.11 25.56
C ASP Q 35 17.29 13.76 25.01
N THR Q 36 18.05 12.97 25.77
CA THR Q 36 18.63 11.73 25.30
C THR Q 36 17.82 10.51 25.67
N ILE Q 37 16.74 10.65 26.44
CA ILE Q 37 15.97 9.50 26.88
C ILE Q 37 15.33 8.78 25.69
N HIS Q 38 15.18 7.46 25.82
CA HIS Q 38 14.56 6.66 24.78
C HIS Q 38 13.04 6.84 24.84
N GLU Q 39 12.44 7.11 23.70
CA GLU Q 39 11.00 7.41 23.63
C GLU Q 39 10.20 6.11 23.63
N ASN Q 40 9.65 5.76 24.79
CA ASN Q 40 8.61 4.76 24.92
C ASN Q 40 7.26 5.46 25.14
N ASP Q 41 6.21 4.68 25.38
CA ASP Q 41 4.86 5.25 25.48
C ASP Q 41 4.74 6.22 26.66
N ASP Q 42 5.38 5.91 27.78
CA ASP Q 42 5.37 6.83 28.90
C ASP Q 42 6.08 8.13 28.54
N VAL Q 43 7.16 8.03 27.78
CA VAL Q 43 7.92 9.23 27.47
C VAL Q 43 7.21 10.02 26.38
N LYS Q 44 6.56 9.34 25.43
CA LYS Q 44 5.83 10.07 24.41
C LYS Q 44 4.68 10.83 25.04
N GLU Q 45 4.01 10.23 26.02
CA GLU Q 45 2.93 10.94 26.71
C GLU Q 45 3.46 12.13 27.49
N ALA Q 46 4.57 11.94 28.20
CA ALA Q 46 5.15 13.03 28.98
C ALA Q 46 5.59 14.19 28.09
N ILE Q 47 6.24 13.88 26.95
CA ILE Q 47 6.61 14.90 25.98
C ILE Q 47 5.37 15.61 25.46
N ARG Q 48 4.29 14.86 25.26
CA ARG Q 48 3.05 15.46 24.78
C ARG Q 48 2.51 16.48 25.77
N ARG Q 49 2.69 16.22 27.06
CA ARG Q 49 2.15 17.13 28.07
C ARG Q 49 2.99 18.39 28.29
N LEU Q 50 4.16 18.53 27.68
CA LEU Q 50 5.01 19.68 27.95
C LEU Q 50 4.39 20.98 27.42
N PRO Q 51 4.60 22.12 28.09
CA PRO Q 51 4.12 23.38 27.54
C PRO Q 51 4.89 23.78 26.29
N GLU Q 52 4.36 24.79 25.60
CA GLU Q 52 4.88 25.21 24.29
C GLU Q 52 6.37 25.54 24.33
N ASN Q 53 6.80 26.37 25.29
CA ASN Q 53 8.17 26.88 25.27
C ASN Q 53 9.18 25.76 25.50
N LEU Q 54 8.93 24.89 26.47
CA LEU Q 54 9.89 23.82 26.75
C LEU Q 54 9.97 22.85 25.59
N TYR Q 55 8.83 22.59 24.95
CA TYR Q 55 8.81 21.75 23.76
C TYR Q 55 9.65 22.36 22.65
N ASN Q 56 9.47 23.64 22.37
CA ASN Q 56 10.21 24.28 21.29
C ASN Q 56 11.71 24.32 21.58
N ASP Q 57 12.09 24.50 22.85
CA ASP Q 57 13.51 24.46 23.18
C ASP Q 57 14.08 23.07 22.98
N ARG Q 58 13.33 22.04 23.38
CA ARG Q 58 13.78 20.67 23.17
C ARG Q 58 13.96 20.38 21.68
N VAL Q 59 13.04 20.90 20.87
CA VAL Q 59 13.09 20.65 19.42
C VAL Q 59 14.35 21.27 18.85
N PHE Q 60 14.65 22.52 19.24
CA PHE Q 60 15.77 23.19 18.61
C PHE Q 60 17.10 22.61 19.09
N ARG Q 61 17.18 22.22 20.36
CA ARG Q 61 18.41 21.60 20.85
C ARG Q 61 18.70 20.29 20.15
N ILE Q 62 17.67 19.44 19.99
CA ILE Q 62 17.84 18.19 19.28
C ILE Q 62 18.23 18.43 17.82
N LYS Q 63 17.60 19.42 17.17
CA LYS Q 63 17.92 19.71 15.78
C LYS Q 63 19.37 20.19 15.62
N ARG Q 64 19.84 21.00 16.55
CA ARG Q 64 21.22 21.49 16.47
C ARG Q 64 22.21 20.35 16.72
N ALA Q 65 21.84 19.40 17.58
CA ALA Q 65 22.75 18.29 17.87
C ALA Q 65 22.83 17.35 16.68
N LEU Q 66 21.70 17.09 16.03
CA LEU Q 66 21.73 16.26 14.83
C LEU Q 66 22.56 16.92 13.73
N ASP Q 67 22.44 18.25 13.59
CA ASP Q 67 23.27 18.98 12.62
C ASP Q 67 24.76 18.85 12.92
N LEU Q 68 25.15 18.97 14.19
CA LEU Q 68 26.55 18.79 14.55
C LEU Q 68 27.02 17.37 14.24
N SER Q 69 26.22 16.37 14.65
CA SER Q 69 26.60 14.98 14.38
C SER Q 69 26.75 14.72 12.89
N MET Q 70 25.91 15.35 12.07
CA MET Q 70 26.08 15.26 10.62
C MET Q 70 27.43 15.82 10.21
N ARG Q 71 27.82 16.96 10.76
CA ARG Q 71 29.08 17.60 10.38
C ARG Q 71 30.28 17.07 11.18
N GLN Q 72 30.08 16.11 12.08
CA GLN Q 72 31.14 15.52 12.90
C GLN Q 72 31.88 16.57 13.73
N GLN Q 73 31.16 17.58 14.21
CA GLN Q 73 31.72 18.68 14.97
C GLN Q 73 31.09 18.71 16.35
N ILE Q 74 31.67 19.54 17.23
CA ILE Q 74 31.11 19.82 18.55
C ILE Q 74 31.09 21.34 18.72
N LEU Q 75 30.41 21.80 19.76
CA LEU Q 75 30.39 23.22 20.06
C LEU Q 75 31.71 23.66 20.67
N PRO Q 76 32.02 24.96 20.63
CA PRO Q 76 33.14 25.47 21.44
C PRO Q 76 32.91 25.19 22.91
N LYS Q 77 34.01 25.15 23.67
CA LYS Q 77 33.95 24.76 25.07
C LYS Q 77 33.08 25.69 25.91
N GLU Q 78 32.97 26.95 25.51
CA GLU Q 78 32.15 27.90 26.26
C GLU Q 78 30.68 27.51 26.29
N GLN Q 79 30.17 26.88 25.23
CA GLN Q 79 28.75 26.57 25.08
C GLN Q 79 28.37 25.16 25.57
N TRP Q 80 29.28 24.41 26.18
CA TRP Q 80 28.91 23.12 26.71
C TRP Q 80 27.92 23.27 27.86
N THR Q 81 27.03 22.29 27.99
CA THR Q 81 26.05 22.25 29.08
C THR Q 81 26.75 21.96 30.40
N LYS Q 82 26.77 22.94 31.28
CA LYS Q 82 27.38 22.77 32.60
C LYS Q 82 26.56 21.79 33.43
N TYR Q 83 27.27 20.91 34.16
CA TYR Q 83 26.64 19.87 34.96
C TYR Q 83 25.68 20.43 35.99
N GLU Q 84 26.02 21.55 36.61
CA GLU Q 84 25.18 22.14 37.66
C GLU Q 84 23.93 22.84 37.13
N GLU Q 85 23.89 23.21 35.86
CA GLU Q 85 22.75 23.92 35.28
C GLU Q 85 21.80 23.00 34.51
N ASP Q 86 22.01 21.69 34.53
CA ASP Q 86 21.14 20.77 33.82
C ASP Q 86 19.80 20.66 34.55
N LYS Q 87 18.73 21.03 33.85
CA LYS Q 87 17.37 21.09 34.39
C LYS Q 87 16.61 19.84 33.98
N SER Q 88 16.03 19.15 34.97
CA SER Q 88 15.20 17.97 34.72
C SER Q 88 13.76 18.38 34.44
N TYR Q 89 13.59 19.10 33.34
CA TYR Q 89 12.30 19.66 32.98
C TYR Q 89 11.24 18.59 32.74
N LEU Q 90 11.65 17.38 32.35
CA LEU Q 90 10.75 16.31 31.96
C LEU Q 90 10.37 15.38 33.10
N GLU Q 91 11.21 15.27 34.13
CA GLU Q 91 11.00 14.31 35.21
C GLU Q 91 9.62 14.35 35.87
N PRO Q 92 9.05 15.49 36.27
CA PRO Q 92 7.74 15.42 36.93
C PRO Q 92 6.61 14.91 36.06
N TYR Q 93 6.62 15.23 34.76
CA TYR Q 93 5.57 14.72 33.88
C TYR Q 93 5.67 13.20 33.73
N LEU Q 94 6.89 12.70 33.50
CA LEU Q 94 7.06 11.27 33.34
C LEU Q 94 6.68 10.53 34.63
N LYS Q 95 7.01 11.13 35.77
CA LYS Q 95 6.67 10.53 37.06
C LYS Q 95 5.16 10.41 37.23
N GLU Q 96 4.42 11.45 36.85
CA GLU Q 96 2.97 11.38 36.94
C GLU Q 96 2.39 10.34 35.98
N VAL Q 97 2.89 10.29 34.74
CA VAL Q 97 2.42 9.29 33.78
C VAL Q 97 2.66 7.88 34.29
N ILE Q 98 3.83 7.62 34.87
CA ILE Q 98 4.11 6.30 35.43
C ILE Q 98 3.17 5.99 36.59
N ARG Q 99 2.90 6.97 37.45
CA ARG Q 99 2.01 6.73 38.58
C ARG Q 99 0.61 6.39 38.11
N GLU Q 100 0.18 7.01 37.01
CA GLU Q 100 -1.15 6.73 36.48
C GLU Q 100 -1.20 5.33 35.89
N ARG Q 101 -0.15 4.94 35.17
CA ARG Q 101 -0.17 3.61 34.55
C ARG Q 101 -0.13 2.54 35.63
N LYS Q 102 0.62 2.77 36.71
CA LYS Q 102 0.65 1.76 37.76
C LYS Q 102 -0.69 1.67 38.47
N GLU Q 103 -1.41 2.79 38.60
CA GLU Q 103 -2.76 2.72 39.16
C GLU Q 103 -3.66 1.86 38.28
N ARG Q 104 -3.60 2.07 36.96
CA ARG Q 104 -4.38 1.24 36.04
C ARG Q 104 -4.03 -0.23 36.19
N GLU Q 105 -2.73 -0.54 36.24
CA GLU Q 105 -2.30 -1.93 36.36
C GLU Q 105 -2.77 -2.55 37.66
N GLU Q 106 -2.78 -1.77 38.74
CA GLU Q 106 -3.24 -2.26 40.04
C GLU Q 106 -4.74 -2.52 40.02
N TRP Q 107 -5.51 -1.71 39.29
CA TRP Q 107 -6.94 -1.98 39.16
C TRP Q 107 -7.21 -3.22 38.33
N ALA Q 108 -6.34 -3.55 37.36
CA ALA Q 108 -6.56 -4.73 36.54
C ALA Q 108 -6.31 -6.04 37.27
N LYS Q 109 -5.71 -6.03 38.46
CA LYS Q 109 -5.46 -7.28 39.17
C LYS Q 109 -6.65 -7.70 39.99
N LYS Q 110 -7.32 -6.75 40.64
CA LYS Q 110 -8.45 -7.06 41.50
C LYS Q 110 -9.61 -7.58 40.68
N GLY R 1 4.42 4.46 3.97
CA GLY R 1 4.99 4.89 5.27
C GLY R 1 4.65 6.33 5.60
N ARG R 2 5.56 7.01 6.29
CA ARG R 2 5.35 8.40 6.62
C ARG R 2 5.68 9.28 5.42
N GLN R 3 5.26 10.53 5.48
CA GLN R 3 5.46 11.48 4.39
C GLN R 3 5.78 12.86 4.95
N PHE R 4 6.54 13.63 4.17
CA PHE R 4 6.84 15.01 4.52
C PHE R 4 5.55 15.81 4.67
N GLY R 5 5.50 16.69 5.67
CA GLY R 5 4.28 17.38 6.03
C GLY R 5 3.46 16.73 7.12
N HIS R 6 3.82 15.52 7.56
CA HIS R 6 3.11 14.81 8.62
C HIS R 6 4.05 14.27 9.69
N LEU R 7 5.30 14.72 9.73
CA LEU R 7 6.26 14.11 10.65
C LEU R 7 6.07 14.64 12.06
N THR R 8 6.30 15.93 12.27
CA THR R 8 6.16 16.53 13.59
C THR R 8 5.91 18.02 13.41
N ARG R 9 5.84 18.73 14.53
CA ARG R 9 5.55 20.16 14.57
C ARG R 9 6.82 20.90 14.96
N VAL R 10 7.15 21.95 14.19
CA VAL R 10 8.34 22.76 14.40
C VAL R 10 7.94 24.21 14.18
N ARG R 11 8.44 25.08 15.05
CA ARG R 11 8.12 26.51 15.05
C ARG R 11 9.37 27.33 15.32
N HIS R 12 9.47 28.46 14.60
CA HIS R 12 10.45 29.52 14.90
C HIS R 12 11.88 29.11 14.58
N VAL R 13 12.08 28.34 13.50
CA VAL R 13 13.40 27.86 13.09
C VAL R 13 13.64 28.28 11.65
N ILE R 14 14.72 29.03 11.42
CA ILE R 14 15.11 29.53 10.11
C ILE R 14 16.33 28.74 9.64
N THR R 15 16.34 28.36 8.37
CA THR R 15 17.46 27.64 7.75
C THR R 15 17.94 28.39 6.51
N TYR R 16 19.24 28.69 6.48
CA TYR R 16 19.90 29.32 5.34
C TYR R 16 20.75 28.29 4.60
N SER R 17 20.51 28.15 3.29
CA SER R 17 21.26 27.22 2.46
C SER R 17 21.85 27.96 1.26
N LEU R 18 22.99 27.46 0.78
CA LEU R 18 23.69 28.00 -0.38
C LEU R 18 23.74 26.96 -1.51
N SER R 19 23.62 27.43 -2.75
CA SER R 19 23.67 26.55 -3.90
C SER R 19 25.00 25.80 -4.00
N PRO R 20 25.01 24.57 -4.54
CA PRO R 20 26.29 23.84 -4.63
C PRO R 20 27.24 24.36 -5.69
N PHE R 21 26.74 25.04 -6.72
CA PHE R 21 27.56 25.71 -7.72
C PHE R 21 28.14 27.03 -7.25
N GLU R 22 27.87 27.46 -6.02
CA GLU R 22 28.37 28.71 -5.48
C GLU R 22 29.51 28.54 -4.49
N GLN R 23 29.82 27.31 -4.07
CA GLN R 23 30.78 27.08 -2.99
C GLN R 23 31.72 25.95 -3.33
N ARG R 24 32.78 25.84 -2.52
CA ARG R 24 33.81 24.83 -2.71
C ARG R 24 33.38 23.49 -2.12
N ALA R 25 33.78 22.40 -2.78
CA ALA R 25 33.59 21.06 -2.23
C ALA R 25 34.69 20.65 -1.25
N PHE R 26 35.88 21.25 -1.37
CA PHE R 26 37.04 21.01 -0.49
C PHE R 26 37.56 22.35 -0.02
N PRO R 27 36.82 23.05 0.85
CA PRO R 27 37.31 24.35 1.31
C PRO R 27 38.45 24.37 2.33
N HIS R 28 38.41 23.54 3.36
CA HIS R 28 39.48 23.47 4.36
C HIS R 28 39.78 22.01 4.68
N TYR R 29 39.99 21.21 3.63
CA TYR R 29 40.10 19.78 3.77
C TYR R 29 41.25 19.38 4.70
N PHE R 30 42.43 19.97 4.49
CA PHE R 30 43.58 19.68 5.35
C PHE R 30 43.77 20.67 6.48
N SER R 31 43.51 21.96 6.24
CA SER R 31 43.72 22.96 7.28
C SER R 31 42.80 22.78 8.47
N LYS R 32 41.61 22.20 8.27
CA LYS R 32 40.65 21.90 9.33
C LYS R 32 40.38 20.42 9.55
N GLY R 33 40.50 19.58 8.52
CA GLY R 33 40.16 18.18 8.69
C GLY R 33 41.13 17.42 9.58
N ILE R 34 42.43 17.65 9.41
CA ILE R 34 43.42 16.91 10.19
C ILE R 34 43.29 17.17 11.69
N PRO R 35 43.18 18.42 12.17
CA PRO R 35 42.89 18.61 13.60
C PRO R 35 41.65 17.87 14.09
N ASN R 36 40.61 17.78 13.26
CA ASN R 36 39.40 17.10 13.72
C ASN R 36 39.64 15.60 13.78
N VAL R 37 40.43 15.06 12.85
CA VAL R 37 40.74 13.64 12.89
C VAL R 37 41.54 13.30 14.14
N LEU R 38 42.50 14.17 14.50
CA LEU R 38 43.26 13.93 15.72
C LEU R 38 42.36 14.02 16.94
N ARG R 39 41.39 14.95 16.93
CA ARG R 39 40.46 15.06 18.04
C ARG R 39 39.67 13.76 18.22
N ARG R 40 39.12 13.23 17.13
CA ARG R 40 38.34 12.00 17.24
C ARG R 40 39.20 10.81 17.63
N THR R 41 40.45 10.76 17.14
CA THR R 41 41.34 9.68 17.51
C THR R 41 41.60 9.70 19.01
N ARG R 42 41.93 10.88 19.54
CA ARG R 42 42.17 11.01 20.96
C ARG R 42 40.91 10.65 21.73
N ALA R 43 39.75 11.03 21.19
CA ALA R 43 38.49 10.85 21.89
C ALA R 43 38.11 9.38 22.02
N CYS R 44 38.60 8.51 21.12
CA CYS R 44 38.20 7.10 21.14
C CYS R 44 39.32 6.10 21.40
N ILE R 45 40.57 6.56 21.54
CA ILE R 45 41.67 5.61 21.64
C ILE R 45 41.56 4.79 22.93
N LEU R 46 41.16 5.43 24.03
CA LEU R 46 41.08 4.75 25.31
C LEU R 46 39.93 3.77 25.40
N ARG R 47 38.91 3.92 24.56
CA ARG R 47 37.80 2.97 24.53
C ARG R 47 38.11 1.79 23.63
N VAL R 48 38.83 2.00 22.54
CA VAL R 48 39.02 0.93 21.56
C VAL R 48 40.29 0.12 21.81
N ALA R 49 41.39 0.76 22.22
CA ALA R 49 42.69 0.08 22.20
C ALA R 49 42.91 -1.02 23.23
N PRO R 50 42.63 -0.82 24.53
CA PRO R 50 43.08 -1.80 25.56
C PRO R 50 42.57 -3.22 25.36
N PRO R 51 41.33 -3.44 24.87
CA PRO R 51 40.94 -4.83 24.56
C PRO R 51 41.86 -5.49 23.55
N PHE R 52 42.16 -4.81 22.45
CA PHE R 52 43.00 -5.41 21.43
C PHE R 52 44.46 -5.50 21.86
N VAL R 53 44.91 -4.62 22.75
CA VAL R 53 46.23 -4.82 23.34
C VAL R 53 46.27 -6.10 24.17
N ALA R 54 45.20 -6.34 24.94
CA ALA R 54 45.13 -7.57 25.74
C ALA R 54 45.12 -8.78 24.81
N PHE R 55 44.45 -8.67 23.67
CA PHE R 55 44.46 -9.77 22.71
C PHE R 55 45.86 -9.99 22.15
N TYR R 56 46.58 -8.92 21.85
CA TYR R 56 47.91 -9.07 21.26
C TYR R 56 48.86 -9.77 22.25
N LEU R 57 48.74 -9.41 23.53
CA LEU R 57 49.61 -10.04 24.53
C LEU R 57 49.24 -11.51 24.75
N VAL R 58 47.95 -11.83 24.77
CA VAL R 58 47.59 -13.24 24.91
C VAL R 58 48.01 -14.03 23.68
N TYR R 59 47.96 -13.41 22.49
CA TYR R 59 48.38 -14.09 21.27
C TYR R 59 49.85 -14.44 21.33
N THR R 60 50.69 -13.45 21.68
CA THR R 60 52.13 -13.69 21.66
C THR R 60 52.54 -14.66 22.75
N TRP R 61 51.98 -14.51 23.96
CA TRP R 61 52.31 -15.45 25.03
C TRP R 61 51.91 -16.87 24.67
N GLY R 62 50.68 -17.05 24.16
CA GLY R 62 50.24 -18.39 23.80
C GLY R 62 51.05 -19.02 22.69
N THR R 63 51.51 -18.21 21.73
CA THR R 63 52.32 -18.77 20.65
C THR R 63 53.72 -19.13 21.13
N GLN R 64 54.32 -18.28 21.97
CA GLN R 64 55.63 -18.61 22.50
C GLN R 64 55.56 -19.87 23.35
N GLU R 65 54.56 -19.95 24.23
CA GLU R 65 54.42 -21.14 25.07
C GLU R 65 54.22 -22.39 24.22
N PHE R 66 53.37 -22.32 23.19
CA PHE R 66 53.18 -23.49 22.35
C PHE R 66 54.45 -23.89 21.62
N GLU R 67 55.28 -22.91 21.25
CA GLU R 67 56.53 -23.25 20.57
C GLU R 67 57.50 -23.91 21.53
N LYS R 68 57.59 -23.40 22.76
CA LYS R 68 58.54 -23.95 23.71
C LYS R 68 58.11 -25.35 24.16
N SER R 69 56.81 -25.57 24.29
CA SER R 69 56.34 -26.87 24.75
C SER R 69 56.66 -28.00 23.77
N LYS R 70 56.75 -27.70 22.47
CA LYS R 70 57.06 -28.75 21.50
C LYS R 70 58.53 -29.17 21.52
N ARG R 71 59.40 -28.37 22.10
CA ARG R 71 60.81 -28.72 22.26
C ARG R 71 61.00 -29.58 23.50
N LYS R 72 61.81 -30.62 23.37
CA LYS R 72 61.92 -31.58 24.46
C LYS R 72 62.88 -31.05 25.53
N ASN R 73 62.77 -31.63 26.72
CA ASN R 73 63.58 -31.34 27.89
C ASN R 73 64.54 -32.48 28.19
N PRO R 74 65.77 -32.22 28.64
CA PRO R 74 66.64 -33.34 29.04
C PRO R 74 66.02 -34.16 30.16
N ALA R 75 66.27 -35.46 30.11
CA ALA R 75 65.72 -36.42 31.07
C ALA R 75 64.20 -36.40 31.02
N GLU S 12 83.23 -32.48 -12.48
CA GLU S 12 83.44 -31.52 -13.55
C GLU S 12 82.58 -30.28 -13.33
N LEU S 13 81.26 -30.45 -13.45
CA LEU S 13 80.33 -29.34 -13.30
C LEU S 13 80.14 -29.01 -11.82
N VAL S 14 80.30 -27.73 -11.48
CA VAL S 14 80.19 -27.24 -10.10
C VAL S 14 78.83 -26.58 -9.95
N ASP S 15 77.96 -27.19 -9.17
CA ASP S 15 76.66 -26.59 -8.87
C ASP S 15 76.87 -25.35 -7.99
N PRO S 16 76.21 -24.22 -8.30
CA PRO S 16 76.29 -23.07 -7.38
C PRO S 16 75.75 -23.33 -5.98
N LEU S 17 74.86 -24.30 -5.81
CA LEU S 17 74.34 -24.59 -4.48
C LEU S 17 75.44 -25.03 -3.52
N THR S 18 76.43 -25.78 -4.00
CA THR S 18 77.52 -26.21 -3.12
C THR S 18 78.34 -25.01 -2.62
N THR S 19 78.80 -24.17 -3.55
CA THR S 19 79.62 -23.02 -3.20
C THR S 19 78.84 -21.95 -2.47
N VAL S 20 77.50 -22.00 -2.44
CA VAL S 20 76.73 -20.99 -1.72
C VAL S 20 76.41 -21.58 -0.35
N ARG S 21 76.25 -22.90 -0.29
CA ARG S 21 75.97 -23.57 0.96
C ARG S 21 77.15 -23.41 1.90
N GLU S 22 78.33 -23.86 1.47
CA GLU S 22 79.50 -23.84 2.34
C GLU S 22 79.97 -22.44 2.68
N GLN S 23 79.64 -21.45 1.85
CA GLN S 23 80.00 -20.07 2.19
C GLN S 23 79.27 -19.59 3.44
N CYS S 24 78.00 -19.93 3.60
CA CYS S 24 77.24 -19.49 4.76
C CYS S 24 77.65 -20.10 6.10
N GLU S 25 78.41 -21.19 6.13
CA GLU S 25 78.61 -21.79 7.44
C GLU S 25 79.66 -21.06 8.25
N GLN S 26 80.50 -20.24 7.64
CA GLN S 26 81.46 -19.44 8.38
C GLN S 26 80.78 -18.18 8.95
N LEU S 27 79.65 -18.33 9.65
CA LEU S 27 78.90 -17.23 10.23
C LEU S 27 78.54 -17.53 11.67
N GLU S 28 78.53 -16.49 12.49
CA GLU S 28 78.28 -16.63 13.92
C GLU S 28 76.89 -17.18 14.22
N LYS S 29 75.92 -17.02 13.32
CA LYS S 29 74.57 -17.47 13.61
C LYS S 29 74.46 -18.99 13.57
N CYS S 30 75.02 -19.61 12.53
CA CYS S 30 74.89 -21.05 12.32
C CYS S 30 76.02 -21.87 12.92
N VAL S 31 77.17 -21.25 13.23
CA VAL S 31 78.22 -22.00 13.91
C VAL S 31 77.80 -22.46 15.29
N LYS S 32 76.90 -21.73 15.96
CA LYS S 32 76.36 -22.23 17.23
C LYS S 32 75.40 -23.38 17.03
N ALA S 33 74.66 -23.40 15.91
CA ALA S 33 73.77 -24.52 15.64
C ALA S 33 74.56 -25.77 15.32
N ARG S 34 75.62 -25.63 14.53
CA ARG S 34 76.50 -26.77 14.27
C ARG S 34 77.19 -27.25 15.55
N GLU S 35 77.55 -26.32 16.44
CA GLU S 35 78.12 -26.73 17.72
C GLU S 35 77.14 -27.57 18.51
N ARG S 36 75.91 -27.09 18.67
CA ARG S 36 74.93 -27.85 19.45
C ARG S 36 74.51 -29.15 18.76
N LEU S 37 74.71 -29.25 17.45
CA LEU S 37 74.41 -30.50 16.77
C LEU S 37 75.50 -31.51 17.07
N GLU S 38 76.78 -31.09 17.00
CA GLU S 38 77.85 -32.01 17.34
C GLU S 38 77.77 -32.41 18.82
N LEU S 39 77.23 -31.52 19.65
CA LEU S 39 76.96 -31.89 21.04
C LEU S 39 75.98 -33.05 21.12
N CYS S 40 74.82 -32.92 20.47
CA CYS S 40 73.85 -34.02 20.54
C CYS S 40 74.39 -35.30 19.92
N ASP S 41 75.22 -35.19 18.88
CA ASP S 41 75.89 -36.35 18.31
C ASP S 41 76.75 -37.07 19.35
N GLU S 42 77.42 -36.29 20.22
CA GLU S 42 78.29 -36.93 21.19
C GLU S 42 77.48 -37.38 22.40
N ARG S 43 76.34 -36.74 22.63
CA ARG S 43 75.48 -37.11 23.74
C ARG S 43 74.97 -38.52 23.50
N VAL S 44 74.29 -38.73 22.37
CA VAL S 44 73.64 -40.02 22.15
C VAL S 44 74.56 -41.08 21.56
N SER S 45 75.69 -40.71 20.95
CA SER S 45 76.62 -41.74 20.51
C SER S 45 77.20 -42.51 21.70
N SER S 46 77.36 -41.84 22.84
CA SER S 46 77.94 -42.46 24.03
C SER S 46 76.98 -43.35 24.78
N ARG S 47 75.67 -43.06 24.77
CA ARG S 47 74.74 -43.89 25.52
C ARG S 47 74.64 -45.28 24.90
N SER S 48 74.24 -46.25 25.72
CA SER S 48 74.12 -47.62 25.26
C SER S 48 72.87 -47.82 24.43
N GLN S 49 71.70 -47.57 25.03
CA GLN S 49 70.41 -47.69 24.33
C GLN S 49 69.54 -46.51 24.74
N THR S 50 69.28 -45.61 23.80
CA THR S 50 68.45 -44.44 24.05
C THR S 50 67.58 -44.19 22.82
N GLU S 51 66.78 -43.13 22.90
CA GLU S 51 65.90 -42.72 21.81
C GLU S 51 65.89 -41.22 21.59
N GLU S 52 66.63 -40.44 22.36
CA GLU S 52 66.67 -38.97 22.21
C GLU S 52 67.54 -38.62 21.01
N ASP S 53 66.99 -38.89 19.83
CA ASP S 53 67.70 -38.58 18.59
C ASP S 53 67.87 -37.07 18.41
N CYS S 54 68.65 -36.70 17.40
CA CYS S 54 69.07 -35.34 17.15
C CYS S 54 68.35 -34.74 15.94
N THR S 55 67.07 -35.09 15.76
CA THR S 55 66.29 -34.48 14.69
C THR S 55 66.14 -32.98 14.90
N GLU S 56 65.92 -32.56 16.14
CA GLU S 56 65.71 -31.14 16.42
C GLU S 56 66.96 -30.34 16.08
N GLU S 57 68.12 -30.82 16.53
CA GLU S 57 69.34 -30.05 16.35
C GLU S 57 69.73 -29.97 14.89
N LEU S 58 69.23 -30.89 14.05
CA LEU S 58 69.50 -30.82 12.62
C LEU S 58 68.56 -29.83 11.97
N LEU S 59 67.27 -29.91 12.34
CA LEU S 59 66.28 -29.05 11.68
C LEU S 59 66.55 -27.59 12.01
N ASP S 60 66.82 -27.28 13.27
CA ASP S 60 67.09 -25.89 13.63
C ASP S 60 68.42 -25.37 13.07
N PHE S 61 69.32 -26.25 12.65
CA PHE S 61 70.53 -25.82 11.93
C PHE S 61 70.20 -25.51 10.48
N LEU S 62 69.42 -26.40 9.85
CA LEU S 62 68.98 -26.15 8.47
C LEU S 62 68.06 -24.95 8.34
N HIS S 63 67.29 -24.62 9.39
CA HIS S 63 66.42 -23.45 9.33
C HIS S 63 67.23 -22.17 9.15
N ALA S 64 68.46 -22.15 9.67
CA ALA S 64 69.34 -20.99 9.55
C ALA S 64 70.10 -21.03 8.23
N ARG S 65 70.61 -22.22 7.87
CA ARG S 65 71.39 -22.31 6.64
C ARG S 65 70.52 -22.03 5.42
N ASP S 66 69.40 -22.72 5.25
CA ASP S 66 68.56 -22.47 4.08
C ASP S 66 68.03 -21.04 4.03
N HIS S 67 67.82 -20.42 5.20
CA HIS S 67 67.46 -19.01 5.24
C HIS S 67 68.56 -18.13 4.67
N CYS S 68 69.83 -18.45 4.92
CA CYS S 68 70.88 -17.63 4.30
C CYS S 68 71.03 -17.96 2.82
N VAL S 69 70.77 -19.20 2.44
CA VAL S 69 70.91 -19.64 1.06
C VAL S 69 69.90 -18.91 0.18
N ALA S 70 68.68 -18.69 0.68
CA ALA S 70 67.64 -18.14 -0.19
C ALA S 70 67.97 -16.73 -0.67
N HIS S 71 68.65 -15.93 0.14
CA HIS S 71 68.91 -14.55 -0.25
C HIS S 71 69.90 -14.45 -1.42
N LYS S 72 70.85 -15.39 -1.53
CA LYS S 72 71.92 -15.30 -2.51
C LYS S 72 71.90 -16.33 -3.62
N LEU S 73 71.20 -17.46 -3.47
CA LEU S 73 71.33 -18.56 -4.42
C LEU S 73 70.88 -18.18 -5.81
N PHE S 74 69.73 -17.50 -5.92
CA PHE S 74 69.11 -17.24 -7.22
C PHE S 74 69.88 -16.26 -8.09
N ASN S 75 70.93 -15.61 -7.57
CA ASN S 75 71.71 -14.68 -8.38
C ASN S 75 72.71 -15.37 -9.29
N SER S 76 73.03 -16.65 -9.04
CA SER S 76 73.92 -17.41 -9.91
C SER S 76 73.18 -18.26 -10.95
N LEU S 77 71.88 -18.44 -10.83
CA LEU S 77 71.14 -19.25 -11.78
C LEU S 77 70.60 -18.37 -12.90
N LYS S 78 70.20 -19.03 -13.99
CA LYS S 78 69.66 -18.33 -15.16
C LYS S 78 68.14 -18.35 -15.09
N GLY T 57 -7.75 55.05 6.97
CA GLY T 57 -9.12 55.23 6.53
C GLY T 57 -9.85 53.91 6.33
N GLN T 58 -10.15 53.24 7.44
CA GLN T 58 -10.82 51.95 7.42
C GLN T 58 -12.33 52.04 7.61
N ALA T 59 -12.83 53.13 8.17
CA ALA T 59 -14.26 53.25 8.41
C ALA T 59 -15.02 53.32 7.10
N ALA T 60 -16.15 52.64 7.02
CA ALA T 60 -16.98 52.68 5.83
C ALA T 60 -17.67 54.03 5.72
N GLY T 61 -17.84 54.50 4.48
CA GLY T 61 -18.51 55.76 4.20
C GLY T 61 -19.65 55.66 3.21
N ARG T 62 -19.58 54.70 2.29
CA ARG T 62 -20.49 54.54 1.17
C ARG T 62 -21.00 53.11 1.14
N PRO T 63 -22.17 52.86 0.55
CA PRO T 63 -22.73 51.50 0.61
C PRO T 63 -21.90 50.51 -0.20
N LEU T 64 -22.05 49.24 0.17
CA LEU T 64 -21.23 48.18 -0.38
C LEU T 64 -21.51 47.96 -1.86
N VAL T 65 -20.49 47.44 -2.55
CA VAL T 65 -20.58 47.02 -3.94
C VAL T 65 -19.83 45.70 -4.05
N ALA T 66 -20.41 44.72 -4.71
CA ALA T 66 -19.84 43.39 -4.85
C ALA T 66 -19.46 43.13 -6.30
N SER T 67 -18.20 42.79 -6.53
CA SER T 67 -17.64 42.63 -7.87
C SER T 67 -17.22 41.18 -8.10
N VAL T 68 -17.52 40.67 -9.29
CA VAL T 68 -17.16 39.32 -9.70
C VAL T 68 -16.72 39.37 -11.15
N SER T 69 -15.70 38.58 -11.49
CA SER T 69 -15.07 38.65 -12.80
C SER T 69 -14.62 37.27 -13.25
N LEU T 70 -14.46 37.14 -14.57
CA LEU T 70 -14.06 35.86 -15.14
C LEU T 70 -12.58 35.55 -14.90
N ASN T 71 -11.73 36.58 -15.00
CA ASN T 71 -10.27 36.40 -14.96
C ASN T 71 -9.62 37.48 -14.11
N VAL T 72 -10.28 37.88 -13.02
CA VAL T 72 -9.76 38.89 -12.09
C VAL T 72 -10.26 38.56 -10.70
N PRO T 73 -9.44 38.79 -9.66
CA PRO T 73 -9.93 38.53 -8.30
C PRO T 73 -11.14 39.38 -7.95
N ALA T 74 -12.08 38.77 -7.23
CA ALA T 74 -13.26 39.47 -6.77
C ALA T 74 -12.90 40.48 -5.69
N SER T 75 -13.81 41.41 -5.45
CA SER T 75 -13.56 42.50 -4.51
C SER T 75 -14.88 42.99 -3.96
N VAL T 76 -14.79 43.76 -2.88
CA VAL T 76 -15.96 44.31 -2.19
C VAL T 76 -15.71 45.78 -1.86
N ALA U 2 33.59 33.57 -21.38
CA ALA U 2 33.49 33.01 -22.72
C ALA U 2 34.83 32.51 -23.28
N PRO U 3 35.93 33.26 -23.10
CA PRO U 3 37.24 32.72 -23.52
C PRO U 3 37.68 31.49 -22.72
N THR U 4 37.04 31.20 -21.59
CA THR U 4 37.47 30.08 -20.77
C THR U 4 37.20 28.77 -21.50
N LEU U 5 38.07 27.77 -21.24
CA LEU U 5 37.89 26.47 -21.86
C LEU U 5 36.60 25.81 -21.38
N THR U 6 36.42 25.71 -20.06
CA THR U 6 35.23 25.09 -19.50
C THR U 6 33.95 25.83 -19.90
N ALA U 7 34.02 27.15 -20.08
CA ALA U 7 32.84 27.89 -20.50
C ALA U 7 32.41 27.48 -21.90
N ARG U 8 33.37 27.28 -22.79
CA ARG U 8 33.00 26.88 -24.15
C ARG U 8 32.59 25.43 -24.19
N LEU U 9 33.17 24.58 -23.33
CA LEU U 9 32.72 23.20 -23.25
C LEU U 9 31.28 23.15 -22.78
N TYR U 10 30.91 24.03 -21.85
CA TYR U 10 29.54 24.05 -21.36
C TYR U 10 28.59 24.53 -22.45
N SER U 11 28.95 25.63 -23.12
CA SER U 11 28.04 26.19 -24.12
C SER U 11 27.84 25.23 -25.29
N LEU U 12 28.89 24.50 -25.69
CA LEU U 12 28.81 23.64 -26.87
C LEU U 12 28.28 22.24 -26.59
N LEU U 13 28.72 21.58 -25.51
CA LEU U 13 28.51 20.14 -25.33
C LEU U 13 27.66 19.73 -24.15
N PHE U 14 27.67 20.47 -23.03
CA PHE U 14 27.02 20.01 -21.80
C PHE U 14 25.63 20.59 -21.56
N ARG U 15 25.25 21.65 -22.25
CA ARG U 15 23.97 22.29 -21.95
C ARG U 15 22.79 21.36 -22.24
N ARG U 16 22.70 20.84 -23.46
CA ARG U 16 21.70 19.83 -23.80
C ARG U 16 22.15 18.44 -23.36
N THR U 17 21.20 17.64 -22.88
CA THR U 17 21.49 16.26 -22.49
C THR U 17 21.81 15.38 -23.70
N SER U 18 21.23 15.68 -24.86
CA SER U 18 21.44 14.85 -26.03
C SER U 18 22.90 14.84 -26.47
N THR U 19 23.47 16.03 -26.62
CA THR U 19 24.88 16.13 -26.95
C THR U 19 25.77 15.73 -25.78
N PHE U 20 25.28 15.82 -24.54
CA PHE U 20 26.04 15.31 -23.41
C PHE U 20 26.17 13.79 -23.48
N ALA U 21 25.16 13.11 -24.01
CA ALA U 21 25.26 11.67 -24.16
C ALA U 21 26.11 11.31 -25.37
N LEU U 22 25.98 12.07 -26.46
CA LEU U 22 26.79 11.77 -27.63
C LEU U 22 28.27 11.98 -27.30
N THR U 23 28.56 13.00 -26.49
CA THR U 23 29.93 13.27 -26.09
C THR U 23 30.44 12.19 -25.16
N ILE U 24 29.54 11.55 -24.42
CA ILE U 24 29.97 10.51 -23.51
C ILE U 24 30.33 9.26 -24.28
N VAL U 25 29.48 8.84 -25.23
CA VAL U 25 29.78 7.61 -25.96
C VAL U 25 31.02 7.78 -26.84
N VAL U 26 31.21 8.97 -27.44
CA VAL U 26 32.44 9.17 -28.23
C VAL U 26 33.68 9.26 -27.33
N GLY U 27 33.52 9.79 -26.12
CA GLY U 27 34.64 9.82 -25.20
C GLY U 27 35.01 8.44 -24.72
N ALA U 28 34.02 7.60 -24.42
CA ALA U 28 34.34 6.24 -24.02
C ALA U 28 34.99 5.45 -25.15
N LEU U 29 34.65 5.77 -26.40
CA LEU U 29 35.28 5.09 -27.53
C LEU U 29 36.78 5.41 -27.61
N PHE U 30 37.11 6.71 -27.61
CA PHE U 30 38.52 7.05 -27.74
C PHE U 30 39.30 6.82 -26.46
N PHE U 31 38.63 6.86 -25.31
CA PHE U 31 39.30 6.53 -24.07
C PHE U 31 39.63 5.05 -24.03
N GLU U 32 38.72 4.20 -24.52
CA GLU U 32 38.98 2.77 -24.53
C GLU U 32 40.20 2.47 -25.39
N ARG U 33 40.31 3.13 -26.55
CA ARG U 33 41.45 2.85 -27.41
C ARG U 33 42.76 3.33 -26.81
N ALA U 34 42.78 4.51 -26.20
CA ALA U 34 44.04 5.03 -25.70
C ALA U 34 44.43 4.36 -24.39
N PHE U 35 43.45 4.02 -23.57
CA PHE U 35 43.74 3.40 -22.29
C PHE U 35 44.29 1.99 -22.52
N ASP U 36 43.63 1.20 -23.38
CA ASP U 36 44.16 -0.13 -23.64
C ASP U 36 45.55 -0.08 -24.25
N GLN U 37 45.80 0.91 -25.14
CA GLN U 37 47.13 0.99 -25.75
C GLN U 37 48.21 1.31 -24.73
N GLY U 38 47.95 2.26 -23.83
CA GLY U 38 48.96 2.62 -22.85
C GLY U 38 49.13 1.58 -21.77
N ALA U 39 48.03 0.94 -21.34
CA ALA U 39 48.15 -0.09 -20.32
C ALA U 39 48.97 -1.26 -20.85
N ASP U 40 48.69 -1.70 -22.09
CA ASP U 40 49.48 -2.80 -22.62
C ASP U 40 50.94 -2.40 -22.83
N ALA U 41 51.20 -1.15 -23.21
CA ALA U 41 52.60 -0.75 -23.35
C ALA U 41 53.33 -0.70 -22.01
N ILE U 42 52.61 -0.47 -20.93
CA ILE U 42 53.28 -0.46 -19.62
C ILE U 42 53.54 -1.88 -19.16
N TYR U 43 52.54 -2.75 -19.30
CA TYR U 43 52.73 -4.14 -18.91
C TYR U 43 53.83 -4.80 -19.72
N GLU U 44 54.00 -4.40 -20.99
CA GLU U 44 55.06 -4.98 -21.80
C GLU U 44 56.43 -4.41 -21.45
N HIS U 45 56.51 -3.13 -21.09
CA HIS U 45 57.81 -2.58 -20.68
C HIS U 45 58.29 -3.15 -19.36
N ILE U 46 57.38 -3.29 -18.39
CA ILE U 46 57.73 -3.88 -17.09
C ILE U 46 58.25 -5.31 -17.22
N ASN U 47 57.75 -6.08 -18.19
CA ASN U 47 58.09 -7.49 -18.36
C ASN U 47 58.95 -7.75 -19.59
N GLU U 48 59.95 -6.89 -19.83
CA GLU U 48 60.74 -6.90 -21.05
C GLU U 48 61.45 -8.25 -21.22
N GLY U 49 61.04 -8.98 -22.25
CA GLY U 49 61.65 -10.22 -22.69
C GLY U 49 60.88 -11.48 -22.34
N LYS U 50 60.32 -11.54 -21.12
CA LYS U 50 59.83 -12.80 -20.57
C LYS U 50 58.70 -13.42 -21.39
N LEU U 51 57.78 -12.61 -21.92
CA LEU U 51 56.62 -13.17 -22.63
C LEU U 51 57.02 -13.84 -23.94
N TRP U 52 56.09 -14.70 -24.41
CA TRP U 52 56.25 -15.44 -25.66
C TRP U 52 56.40 -14.54 -26.88
N LYS U 53 55.64 -13.45 -26.95
CA LYS U 53 55.79 -12.57 -28.11
C LYS U 53 57.10 -11.81 -28.14
N HIS U 54 57.88 -11.83 -27.07
CA HIS U 54 59.24 -11.32 -27.09
C HIS U 54 60.28 -12.36 -27.44
N ILE U 55 59.90 -13.64 -27.54
CA ILE U 55 60.83 -14.73 -27.85
C ILE U 55 60.35 -15.63 -29.00
N LYS U 56 59.13 -15.41 -29.49
CA LYS U 56 58.63 -16.29 -30.56
C LYS U 56 59.44 -16.17 -31.85
N HIS U 57 60.20 -15.09 -32.03
CA HIS U 57 60.98 -14.95 -33.25
C HIS U 57 62.14 -15.94 -33.30
N LYS U 58 62.66 -16.34 -32.14
CA LYS U 58 63.74 -17.32 -32.12
C LYS U 58 63.30 -18.64 -32.72
N TYR U 59 62.08 -19.08 -32.43
CA TYR U 59 61.59 -20.41 -32.81
C TYR U 59 60.81 -20.45 -34.11
N GLU U 60 60.62 -19.33 -34.81
CA GLU U 60 59.82 -19.26 -36.02
C GLU U 60 60.69 -18.67 -37.12
N ASN U 61 60.74 -19.35 -38.27
CA ASN U 61 61.53 -18.89 -39.42
C ASN U 61 61.26 -17.44 -39.82
N MET V 1 -9.09 7.46 -37.62
CA MET V 1 -9.06 7.17 -36.14
C MET V 1 -8.33 8.30 -35.41
N LEU V 2 -7.04 8.42 -35.64
CA LEU V 2 -6.20 9.41 -34.94
C LEU V 2 -6.14 10.73 -35.68
N THR V 3 -7.28 11.24 -36.15
CA THR V 3 -7.28 12.48 -36.91
C THR V 3 -7.07 13.71 -36.03
N ARG V 4 -7.24 13.58 -34.71
CA ARG V 4 -7.17 14.74 -33.82
C ARG V 4 -5.79 15.38 -33.80
N PHE V 5 -4.75 14.67 -34.25
CA PHE V 5 -3.38 15.17 -34.24
C PHE V 5 -2.96 15.86 -35.53
N LEU V 6 -3.93 16.23 -36.39
CA LEU V 6 -3.65 16.92 -37.65
C LEU V 6 -4.03 18.39 -37.48
N GLY V 7 -3.03 19.23 -37.23
CA GLY V 7 -3.24 20.64 -37.08
C GLY V 7 -1.94 21.42 -37.07
N PRO V 8 -2.03 22.76 -37.18
CA PRO V 8 -0.80 23.58 -37.18
C PRO V 8 0.06 23.43 -35.94
N ARG V 9 -0.57 23.28 -34.76
CA ARG V 9 0.20 23.16 -33.52
C ARG V 9 1.01 21.88 -33.49
N TYR V 10 0.46 20.78 -33.97
CA TYR V 10 1.17 19.52 -33.89
C TYR V 10 2.34 19.47 -34.85
N ARG V 11 2.27 20.21 -35.96
CA ARG V 11 3.41 20.29 -36.87
C ARG V 11 4.43 21.32 -36.44
N GLN V 12 4.04 22.27 -35.59
CA GLN V 12 5.04 23.12 -34.96
C GLN V 12 5.77 22.34 -33.88
N LEU V 13 5.06 21.47 -33.17
CA LEU V 13 5.70 20.67 -32.13
C LEU V 13 6.66 19.67 -32.76
N ALA V 14 6.24 19.00 -33.84
CA ALA V 14 7.15 18.08 -34.50
C ALA V 14 8.37 18.81 -35.07
N ARG V 15 8.17 20.01 -35.64
CA ARG V 15 9.34 20.71 -36.15
C ARG V 15 10.27 21.12 -35.02
N ASN V 16 9.74 21.38 -33.82
CA ASN V 16 10.59 21.72 -32.71
C ASN V 16 11.33 20.51 -32.14
N TRP V 17 10.77 19.31 -32.30
CA TRP V 17 11.30 18.13 -31.65
C TRP V 17 12.08 17.19 -32.56
N VAL V 18 12.13 17.45 -33.86
CA VAL V 18 12.95 16.59 -34.73
C VAL V 18 14.45 16.71 -34.50
N PRO V 19 15.04 17.87 -34.13
CA PRO V 19 16.49 17.84 -33.84
C PRO V 19 16.87 16.99 -32.64
N THR V 20 16.06 17.01 -31.59
CA THR V 20 16.36 16.20 -30.41
C THR V 20 16.25 14.72 -30.72
N ALA V 21 15.18 14.30 -31.39
CA ALA V 21 15.08 12.89 -31.76
C ALA V 21 16.18 12.47 -32.73
N SER V 22 16.62 13.39 -33.60
CA SER V 22 17.75 13.09 -34.47
C SER V 22 19.01 12.83 -33.63
N LEU V 23 19.23 13.64 -32.59
CA LEU V 23 20.44 13.45 -31.81
C LEU V 23 20.35 12.18 -30.96
N TRP V 24 19.18 11.86 -30.41
CA TRP V 24 19.07 10.59 -29.70
C TRP V 24 19.19 9.39 -30.64
N GLY V 25 18.91 9.57 -31.94
CA GLY V 25 19.19 8.51 -32.89
C GLY V 25 20.67 8.36 -33.16
N ALA V 26 21.39 9.48 -33.19
CA ALA V 26 22.84 9.39 -33.34
C ALA V 26 23.46 8.76 -32.11
N VAL V 27 22.92 9.06 -30.93
CA VAL V 27 23.39 8.45 -29.69
C VAL V 27 23.20 6.94 -29.74
N GLY V 28 22.04 6.49 -30.18
CA GLY V 28 21.79 5.06 -30.20
C GLY V 28 22.63 4.36 -31.26
N ALA V 29 22.83 5.00 -32.41
CA ALA V 29 23.63 4.40 -33.47
C ALA V 29 25.08 4.24 -33.04
N VAL V 30 25.68 5.31 -32.52
CA VAL V 30 27.05 5.24 -32.04
C VAL V 30 27.17 4.26 -30.87
N GLY V 31 26.15 4.21 -30.00
CA GLY V 31 26.21 3.29 -28.88
C GLY V 31 26.17 1.85 -29.31
N LEU V 32 25.42 1.55 -30.37
CA LEU V 32 25.35 0.19 -30.86
C LEU V 32 26.65 -0.21 -31.55
N VAL V 33 27.19 0.69 -32.37
CA VAL V 33 28.46 0.41 -33.04
C VAL V 33 29.56 0.20 -31.99
N TRP V 34 29.58 1.05 -30.96
CA TRP V 34 30.63 0.94 -29.94
C TRP V 34 30.46 -0.35 -29.14
N ALA V 35 29.24 -0.67 -28.72
CA ALA V 35 29.04 -1.82 -27.86
C ALA V 35 29.28 -3.14 -28.59
N THR V 36 29.05 -3.18 -29.91
CA THR V 36 29.22 -4.43 -30.66
C THR V 36 30.55 -4.54 -31.40
N ASP V 37 31.39 -3.51 -31.38
CA ASP V 37 32.67 -3.49 -32.10
C ASP V 37 32.47 -3.80 -33.59
N TRP V 38 31.52 -3.11 -34.20
CA TRP V 38 31.14 -3.36 -35.59
C TRP V 38 32.29 -2.97 -36.50
N ARG V 39 33.03 -3.96 -37.02
CA ARG V 39 34.18 -3.65 -37.86
C ARG V 39 33.78 -2.99 -39.17
N LEU V 40 32.55 -3.24 -39.65
CA LEU V 40 32.13 -2.68 -40.93
C LEU V 40 32.15 -1.16 -40.92
N ILE V 41 31.81 -0.55 -39.78
CA ILE V 41 31.82 0.90 -39.64
C ILE V 41 33.14 1.38 -39.04
N LEU V 42 33.70 0.63 -38.10
CA LEU V 42 34.88 1.13 -37.39
C LEU V 42 36.15 1.06 -38.23
N ASP V 43 36.16 0.23 -39.28
CA ASP V 43 37.31 0.24 -40.19
C ASP V 43 37.50 1.59 -40.87
N TRP V 44 36.41 2.35 -41.02
CA TRP V 44 36.48 3.66 -41.66
C TRP V 44 36.94 4.76 -40.70
N VAL V 45 36.76 4.59 -39.40
CA VAL V 45 37.20 5.63 -38.46
C VAL V 45 38.72 5.72 -38.51
N PRO V 46 39.33 6.93 -38.60
CA PRO V 46 40.80 7.01 -38.60
C PRO V 46 41.61 6.36 -37.48
N TYR V 47 41.65 6.92 -36.26
CA TYR V 47 42.54 6.33 -35.25
C TYR V 47 42.08 4.97 -34.75
N ILE V 48 40.78 4.68 -34.83
CA ILE V 48 40.26 3.44 -34.27
C ILE V 48 40.82 2.22 -35.02
N ASN V 49 41.00 2.37 -36.34
CA ASN V 49 41.51 1.35 -37.24
C ASN V 49 42.72 0.57 -36.73
N GLY V 50 43.61 1.21 -35.99
CA GLY V 50 44.79 0.51 -35.52
C GLY V 50 44.53 -0.58 -34.51
N LYS V 51 43.33 -0.59 -33.90
CA LYS V 51 43.03 -1.61 -32.90
C LYS V 51 42.97 -2.99 -33.54
N PHE V 52 42.46 -3.09 -34.77
CA PHE V 52 42.33 -4.36 -35.46
C PHE V 52 43.64 -4.74 -36.14
CHA HEM W . 11.17 -31.92 -16.93
CHB HEM W . 7.78 -28.51 -17.36
CHC HEM W . 9.44 -26.38 -13.36
CHD HEM W . 12.90 -29.71 -13.01
C1A HEM W . 10.10 -31.20 -17.38
C2A HEM W . 9.28 -31.54 -18.53
C3A HEM W . 8.34 -30.58 -18.65
C4A HEM W . 8.53 -29.63 -17.58
CMA HEM W . 7.25 -30.53 -19.73
CAA HEM W . 9.47 -32.76 -19.44
CBA HEM W . 9.18 -34.03 -18.67
CGA HEM W . 9.25 -35.23 -19.57
O1A HEM W . 9.06 -35.09 -20.80
O2A HEM W . 9.48 -36.35 -19.05
C1B HEM W . 7.92 -27.64 -16.30
C2B HEM W . 7.06 -26.52 -16.02
C3B HEM W . 7.52 -25.94 -14.89
C4B HEM W . 8.68 -26.68 -14.46
CMB HEM W . 5.83 -26.12 -16.88
CAB HEM W . 7.01 -24.69 -14.11
CBB HEM W . 6.09 -23.85 -14.57
C1C HEM W . 10.54 -27.06 -12.92
C2C HEM W . 11.38 -26.70 -11.80
C3C HEM W . 12.35 -27.63 -11.71
C4C HEM W . 12.13 -28.59 -12.77
CMC HEM W . 11.14 -25.46 -10.93
CAC HEM W . 13.52 -27.75 -10.70
CBC HEM W . 13.76 -26.88 -9.72
C1D HEM W . 12.74 -30.59 -14.05
C2D HEM W . 13.60 -31.72 -14.33
C3D HEM W . 13.13 -32.34 -15.41
C4D HEM W . 11.96 -31.61 -15.85
CMD HEM W . 14.84 -32.11 -13.51
CAD HEM W . 13.73 -33.58 -16.09
CBD HEM W . 13.42 -34.83 -15.28
CGD HEM W . 12.30 -35.59 -15.93
O1D HEM W . 11.29 -35.86 -15.25
O2D HEM W . 12.41 -35.93 -17.15
NA HEM W . 9.62 -30.04 -16.83
NB HEM W . 8.90 -27.71 -15.34
NC HEM W . 11.03 -28.22 -13.49
ND HEM W . 11.75 -30.55 -15.00
FE HEM W . 10.33 -29.15 -15.16
HHB HEM W . 7.12 -28.27 -18.04
HHC HEM W . 9.29 -25.49 -12.96
HHD HEM W . 13.57 -29.94 -12.34
HMA HEM W . 7.67 -30.53 -20.62
HMAA HEM W . 6.71 -29.71 -19.63
HMAB HEM W . 6.67 -31.31 -19.65
HAA HEM W . 10.39 -32.78 -19.76
HAAA HEM W . 8.88 -32.69 -20.21
HBA HEM W . 8.29 -33.97 -18.28
HBAA HEM W . 9.83 -34.14 -17.96
HMB HEM W . 5.14 -25.77 -16.33
HMBA HEM W . 5.50 -26.92 -17.34
HMBB HEM W . 6.11 -25.47 -17.54
HAB HEM W . 7.28 -24.59 -13.19
HBB HEM W . 5.33 -23.65 -14.02
HBBA HEM W . 6.03 -23.69 -15.52
HMC HEM W . 11.29 -25.66 -9.99
HMCA HEM W . 10.22 -25.15 -11.02
HMCB HEM W . 11.74 -24.75 -11.20
HAC HEM W . 14.08 -28.52 -10.75
HBC HEM W . 14.02 -27.21 -8.84
HBCA HEM W . 13.66 -25.93 -9.87
HMD HEM W . 15.49 -31.37 -13.51
HMDA HEM W . 15.26 -32.92 -13.87
HMDB HEM W . 14.57 -32.29 -12.58
HAD HEM W . 14.70 -33.47 -16.14
HADA HEM W . 13.38 -33.66 -16.99
HBD HEM W . 13.15 -34.58 -14.39
HBDA HEM W . 14.21 -35.39 -15.23
HHA HEM W . 11.45 -32.69 -17.47
CHA HEM X . -6.90 -12.78 -14.15
CHB HEM X . -3.34 -15.82 -12.92
CHC HEM X . -1.77 -15.80 -17.49
CHD HEM X . -5.10 -12.49 -18.62
C1A HEM X . -6.09 -13.63 -13.43
C2A HEM X . -6.27 -13.97 -12.04
C3A HEM X . -5.29 -14.80 -11.69
C4A HEM X . -4.46 -15.02 -12.86
CMA HEM X . -5.11 -15.41 -10.29
CAA HEM X . -7.40 -13.46 -11.12
CBA HEM X . -8.47 -14.53 -11.02
CGA HEM X . -9.25 -14.63 -12.30
O1A HEM X . -9.50 -15.78 -12.77
O2A HEM X . -9.62 -13.58 -12.87
C1B HEM X . -2.58 -16.06 -14.04
C2B HEM X . -1.35 -16.81 -14.09
C3B HEM X . -0.91 -16.81 -15.36
C4B HEM X . -1.85 -16.05 -16.14
CMB HEM X . -0.73 -17.48 -12.84
CAB HEM X . 0.34 -17.47 -15.98
CBB HEM X . 1.12 -18.34 -15.36
C1C HEM X . -2.58 -14.95 -18.22
C2C HEM X . -2.59 -14.79 -19.66
C3C HEM X . -3.52 -13.87 -19.97
C4C HEM X . -4.11 -13.43 -18.73
CMC HEM X . -1.67 -15.59 -20.61
CAC HEM X . -3.97 -13.29 -21.33
CBC HEM X . -3.35 -13.52 -22.50
C1D HEM X . -5.89 -12.28 -17.51
C2D HEM X . -7.01 -11.37 -17.42
C3D HEM X . -7.49 -11.44 -16.19
C4D HEM X . -6.72 -12.41 -15.46
CMD HEM X . -7.51 -10.47 -18.57
CAD HEM X . -8.69 -10.67 -15.62
CBD HEM X . -9.96 -11.39 -16.05
CGD HEM X . -11.13 -10.53 -15.73
O1D HEM X . -11.85 -10.14 -16.69
O2D HEM X . -11.35 -10.24 -14.54
NA HEM X . -4.98 -14.29 -13.91
NB HEM X . -2.86 -15.60 -15.30
NC HEM X . -3.52 -14.10 -17.69
ND HEM X . -5.74 -12.90 -16.30
FE HEM X . -4.32 -14.26 -15.82
HHB HEM X . -3.11 -16.33 -12.12
HHC HEM X . -1.12 -16.33 -17.99
HHD HEM X . -5.24 -11.89 -19.38
HMA HEM X . -5.05 -14.70 -9.62
HMAA HEM X . -4.29 -15.95 -10.26
HMAB HEM X . -5.88 -15.99 -10.08
HAA HEM X . -7.77 -12.64 -11.47
HAAA HEM X . -7.03 -13.28 -10.24
HBA HEM X . -9.08 -14.31 -10.30
HBAA HEM X . -8.05 -15.39 -10.84
HMB HEM X . -0.99 -17.00 -12.04
HMBA HEM X . 0.24 -17.46 -12.90
HMBB HEM X . -1.03 -18.40 -12.77
HAB HEM X . 0.60 -17.19 -16.87
HBB HEM X . 2.04 -18.45 -15.63
HBBA HEM X . 0.74 -18.94 -14.69
HMC HEM X . -0.89 -15.92 -20.12
HMCA HEM X . -1.36 -15.03 -21.33
HMCB HEM X . -2.16 -16.35 -20.97
HAC HEM X . -4.78 -12.79 -21.36
HBC HEM X . -3.23 -12.79 -23.13
HBCA HEM X . -3.06 -14.41 -22.74
HMD HEM X . -6.75 -10.04 -19.00
HMDA HEM X . -8.11 -9.78 -18.22
HMDB HEM X . -7.99 -11.02 -19.23
HAD HEM X . -8.70 -9.77 -15.96
HADA HEM X . -8.65 -10.65 -14.65
HBD HEM X . -10.03 -12.23 -15.58
HBDA HEM X . -9.93 -11.55 -17.01
HHA HEM X . -7.62 -12.33 -13.67
C4 JHB Y . 9.22 -28.64 -33.35
C5 JHB Y . 9.27 -28.59 -34.72
C6 JHB Y . 8.76 -27.43 -35.46
C2 JHB Y . 10.22 -30.78 -33.42
F2 JHB Y . 9.08 -18.23 -25.89
C23 JHB Y . 10.20 -18.18 -26.61
F JHB Y . 11.22 -17.87 -25.81
F1 JHB Y . 10.04 -17.18 -27.49
O1 JHB Y . 10.46 -19.36 -27.20
C22 JHB Y . 9.44 -20.19 -27.69
C18 JHB Y . 8.81 -19.74 -28.82
C19 JHB Y . 7.79 -20.50 -29.36
C21 JHB Y . 9.09 -21.36 -27.08
C20 JHB Y . 8.07 -22.12 -27.64
C17 JHB Y . 7.41 -21.70 -28.78
C16 JHB Y . 6.30 -22.53 -29.39
C13 JHB Y . 6.77 -23.54 -30.42
C12 JHB Y . 6.03 -23.83 -31.55
C11 JHB Y . 6.45 -24.77 -32.47
C14 JHB Y . 7.96 -24.23 -30.24
C15 JHB Y . 8.39 -25.15 -31.16
C10 JHB Y . 7.66 -25.44 -32.29
C7 JHB Y . 8.18 -26.46 -33.26
C8 JHB Y . 8.21 -26.33 -34.65
C9 JHB Y . 7.72 -25.17 -35.47
O JHB Y . 8.82 -27.40 -36.68
C JHB Y . 9.80 -29.65 -35.44
N JHB Y . 8.69 -27.60 -32.65
C3 JHB Y . 9.71 -29.77 -32.68
CL JHB Y . 10.84 -32.22 -32.58
C1 JHB Y . 10.29 -30.75 -34.80
H1 JHB Y . 9.07 -18.93 -29.21
H2 JHB Y . 7.36 -20.21 -30.14
H3 JHB Y . 9.53 -21.65 -26.32
H4 JHB Y . 7.83 -22.92 -27.24
H5 JHB Y . 5.82 -22.98 -28.68
H6 JHB Y . 5.66 -21.93 -29.81
H7 JHB Y . 5.23 -23.39 -31.68
H8 JHB Y . 5.94 -24.94 -33.23
H9 JHB Y . 8.48 -24.05 -29.49
H10 JHB Y . 9.19 -25.60 -31.02
H12 JHB Y . 8.28 -25.03 -36.25
H13 JHB Y . 6.82 -25.36 -35.81
H14 JHB Y . 7.70 -24.34 -34.97
H15 JHB Y . 9.82 -29.57 -36.37
H16 JHB Y . 9.68 -29.83 -31.75
H17 JHB Y . 10.65 -31.47 -35.27
H11 JHB Y . 8.66 -27.65 -31.79
FE HEC Z . 15.48 -59.46 -32.05
CHA HEC Z . 15.11 -56.53 -33.73
CHB HEC Z . 12.41 -58.93 -30.52
CHC HEC Z . 15.73 -62.44 -30.45
CHD HEC Z . 18.47 -60.05 -33.61
NA HEC Z . 14.00 -58.05 -32.16
C1A HEC Z . 14.12 -56.84 -32.81
C2A HEC Z . 13.05 -55.97 -32.40
C3A HEC Z . 12.31 -56.63 -31.51
C4A HEC Z . 12.89 -57.94 -31.35
CMA HEC Z . 11.06 -56.12 -30.78
CAA HEC Z . 12.83 -54.51 -32.89
CBA HEC Z . 11.67 -54.42 -33.85
CGA HEC Z . 11.47 -52.97 -34.21
O1A HEC Z . 12.37 -52.15 -33.91
O2A HEC Z . 10.40 -52.63 -34.77
NB HEC Z . 14.28 -60.49 -30.75
C1B HEC Z . 13.08 -60.07 -30.20
C2B HEC Z . 12.67 -61.06 -29.24
C3B HEC Z . 13.59 -62.03 -29.21
C4B HEC Z . 14.61 -61.69 -30.17
CMB HEC Z . 11.40 -61.01 -28.36
CAB HEC Z . 13.56 -63.29 -28.32
CBB HEC Z . 12.36 -64.19 -28.65
NC HEC Z . 16.84 -60.95 -32.03
C1C HEC Z . 16.75 -62.12 -31.30
C2C HEC Z . 17.94 -62.91 -31.54
C3C HEC Z . 18.67 -62.28 -32.47
C4C HEC Z . 18.01 -61.02 -32.76
CMC HEC Z . 18.19 -64.32 -30.96
CAC HEC Z . 20.03 -62.72 -33.07
CBC HEC Z . 20.04 -64.17 -33.59
ND HEC Z . 16.60 -58.46 -33.45
C1D HEC Z . 17.84 -58.88 -33.94
C2D HEC Z . 18.34 -57.88 -34.85
C3D HEC Z . 17.28 -56.79 -34.87
C4D HEC Z . 16.24 -57.23 -33.98
CMD HEC Z . 19.67 -57.89 -35.65
CAD HEC Z . 17.30 -55.48 -35.69
CBD HEC Z . 16.64 -55.80 -37.03
CGD HEC Z . 16.38 -54.54 -37.81
O1D HEC Z . 16.63 -53.43 -37.28
O2D HEC Z . 15.90 -54.66 -38.96
HHA HEC Z . 14.97 -55.71 -34.24
HHB HEC Z . 11.53 -58.80 -30.13
HHC HEC Z . 15.80 -63.30 -29.98
HHD HEC Z . 19.34 -60.20 -34.04
HMA1 HEC Z . 11.21 -56.17 -29.80
HMA2 HEC Z . 10.29 -56.68 -31.01
HMA3 HEC Z . 10.87 -55.19 -31.02
HAA1 HEC Z . 13.64 -54.20 -33.33
HAA2 HEC Z . 12.66 -53.95 -32.12
HBA1 HEC Z . 10.86 -54.76 -33.43
HBA2 HEC Z . 11.86 -54.92 -34.66
HMB1 HEC Z . 11.65 -61.03 -27.43
HMB2 HEC Z . 10.84 -61.78 -28.56
HMB3 HEC Z . 10.90 -60.19 -28.55
HAB HEC Z . 14.36 -63.78 -28.43
HBB1 HEC Z . 12.68 -65.09 -28.87
HBB2 HEC Z . 11.87 -63.83 -29.41
HBB3 HEC Z . 11.76 -64.24 -27.88
HMC1 HEC Z . 19.09 -64.37 -30.60
HMC2 HEC Z . 18.09 -64.98 -31.66
HMC3 HEC Z . 17.55 -64.51 -30.25
HAC HEC Z . 20.28 -62.14 -33.79
HBC1 HEC Z . 20.49 -64.20 -34.45
HBC2 HEC Z . 19.13 -64.49 -33.68
HBC3 HEC Z . 20.51 -64.73 -32.95
HMD1 HEC Z . 20.20 -57.11 -35.39
HMD2 HEC Z . 19.47 -57.85 -36.61
HMD3 HEC Z . 20.17 -58.70 -35.44
HAD1 HEC Z . 18.21 -55.19 -35.82
HAD2 HEC Z . 16.79 -54.80 -35.21
HBD1 HEC Z . 15.80 -56.25 -36.87
HBD2 HEC Z . 17.22 -56.37 -37.54
FE1 FES AA . 14.40 -29.85 -42.95
FE2 FES AA . 12.40 -28.21 -42.23
S1 FES AA . 12.62 -29.33 -44.11
S2 FES AA . 14.01 -29.01 -40.96
CHA HEM BA . 30.02 -22.70 -5.16
CHB HEM BA . 28.46 -19.40 -1.96
CHC HEM BA . 24.55 -18.59 -4.66
CHD HEM BA . 26.04 -21.93 -7.80
C1A HEM BA . 29.95 -21.86 -4.07
C2A HEM BA . 30.94 -21.73 -3.03
C3A HEM BA . 30.52 -20.82 -2.15
C4A HEM BA . 29.23 -20.34 -2.60
CMA HEM BA . 31.26 -20.37 -0.87
CAA HEM BA . 32.28 -22.51 -2.96
CBA HEM BA . 33.18 -22.03 -4.08
CGA HEM BA . 34.46 -22.81 -4.05
O1A HEM BA . 34.95 -23.12 -2.94
O2A HEM BA . 35.01 -23.11 -5.15
C1B HEM BA . 27.27 -18.88 -2.42
C2B HEM BA . 26.50 -17.85 -1.77
C3B HEM BA . 25.42 -17.62 -2.52
C4B HEM BA . 25.48 -18.52 -3.66
CMB HEM BA . 26.93 -17.17 -0.44
CAB HEM BA . 24.24 -16.64 -2.33
CBB HEM BA . 23.90 -16.13 -1.14
C1C HEM BA . 24.59 -19.44 -5.73
C2C HEM BA . 23.58 -19.56 -6.76
C3C HEM BA . 24.00 -20.49 -7.63
C4C HEM BA . 25.27 -20.97 -7.17
CMC HEM BA . 22.27 -18.73 -6.79
CAC HEM BA . 23.32 -21.03 -8.92
CBC HEM BA . 22.08 -20.72 -9.30
C1D HEM BA . 27.25 -22.43 -7.36
C2D HEM BA . 27.99 -23.48 -8.01
C3D HEM BA . 29.10 -23.70 -7.30
C4D HEM BA . 29.07 -22.80 -6.16
CMD HEM BA . 27.56 -24.19 -9.31
CAD HEM BA . 30.17 -24.77 -7.63
CBD HEM BA . 31.33 -24.17 -8.42
CGD HEM BA . 32.47 -23.73 -7.55
O1D HEM BA . 32.97 -22.60 -7.75
O2D HEM BA . 32.88 -24.49 -6.64
NA HEM BA . 28.92 -20.99 -3.78
NB HEM BA . 26.63 -19.27 -3.56
NC HEM BA . 25.61 -20.31 -6.01
ND HEM BA . 27.92 -22.04 -6.23
FE HEM BA . 27.28 -20.65 -4.91
HHB HEM BA . 28.75 -19.11 -1.07
HHC HEM BA . 23.72 -18.10 -4.52
HHD HEM BA . 25.64 -22.37 -8.58
HMA HEM BA . 31.37 -21.14 -0.27
HMAA HEM BA . 30.75 -19.67 -0.41
HMAB HEM BA . 32.13 -20.02 -1.12
HAA HEM BA . 32.10 -23.45 -3.08
HAAA HEM BA . 32.70 -22.37 -2.11
HBA HEM BA . 33.38 -21.09 -3.95
HBAA HEM BA . 32.75 -22.15 -4.94
HMB HEM BA . 26.57 -16.27 -0.41
HMBA HEM BA . 27.90 -17.13 -0.40
HMBB HEM BA . 26.60 -17.69 0.31
HAB HEM BA . 23.75 -16.35 -3.10
HBB HEM BA . 23.35 -15.33 -1.10
HBBA HEM BA . 24.21 -16.54 -0.32
HMC HEM BA . 22.08 -18.45 -7.69
HMCA HEM BA . 22.36 -17.94 -6.23
HMCB HEM BA . 21.54 -19.27 -6.45
HAC HEM BA . 23.84 -21.56 -9.52
HBC HEM BA . 21.87 -20.61 -10.24
HBCA HEM BA . 21.38 -20.59 -8.64
HMD HEM BA . 26.89 -24.88 -9.10
HMDA HEM BA . 28.33 -24.61 -9.74
HMDB HEM BA . 27.16 -23.54 -9.92
HAD HEM BA . 29.78 -25.48 -8.14
HADA HEM BA . 30.51 -25.14 -6.80
HBD HEM BA . 31.01 -23.40 -8.93
HBDA HEM BA . 31.66 -24.84 -9.05
HHA HEM BA . 30.78 -23.30 -5.21
CHA HEM CA . 18.48 -2.58 8.09
CHB HEM CA . 19.42 -5.58 4.42
CHC HEM CA . 20.50 -9.12 7.52
CHD HEM CA . 19.21 -6.23 11.15
C1A HEM CA . 18.69 -3.07 6.83
C2A HEM CA . 18.67 -2.29 5.60
C3A HEM CA . 18.93 -3.12 4.59
C4A HEM CA . 19.13 -4.45 5.14
CMA HEM CA . 18.99 -2.71 3.10
CAA HEM CA . 18.40 -0.79 5.46
CBA HEM CA . 19.70 -0.02 5.24
CGA HEM CA . 20.59 -0.16 6.45
O1A HEM CA . 21.80 -0.45 6.30
O2A HEM CA . 20.08 0.03 7.58
C1B HEM CA . 19.80 -6.80 4.93
C2B HEM CA . 20.21 -7.96 4.16
C3B HEM CA . 20.52 -8.94 5.02
C4B HEM CA . 20.31 -8.42 6.35
CMB HEM CA . 20.25 -7.97 2.62
CAB HEM CA . 21.00 -10.39 4.75
CBB HEM CA . 20.84 -11.01 3.58
C1C HEM CA . 20.32 -8.62 8.80
C2C HEM CA . 20.74 -9.24 10.04
C3C HEM CA . 20.38 -8.41 11.04
C4C HEM CA . 19.73 -7.27 10.45
CMC HEM CA . 21.49 -10.58 10.13
CAC HEM CA . 20.56 -8.53 12.57
CBC HEM CA . 20.78 -9.69 13.20
C1D HEM CA . 18.89 -5.00 10.65
C2D HEM CA . 18.43 -3.88 11.42
C3D HEM CA . 18.23 -2.86 10.58
C4D HEM CA . 18.55 -3.32 9.24
CMD HEM CA . 18.23 -3.91 12.95
CAD HEM CA . 17.74 -1.46 10.95
CBD HEM CA . 18.96 -0.57 11.08
CGD HEM CA . 18.54 0.82 11.43
O1D HEM CA . 19.36 1.57 12.00
O2D HEM CA . 17.37 1.19 11.16
NA HEM CA . 18.98 -4.38 6.50
NB HEM CA . 19.87 -7.12 6.27
NC HEM CA . 19.70 -7.43 9.09
ND HEM CA . 18.95 -4.63 9.32
FE HEM CA . 19.40 -5.86 7.82
HHB HEM CA . 19.30 -5.53 3.44
HHC HEM CA . 20.64 -10.09 7.45
HHD HEM CA . 19.03 -6.38 12.11
HMA HEM CA . 18.18 -2.22 2.86
HMAA HEM CA . 19.08 -3.51 2.54
HMAB HEM CA . 19.78 -2.14 2.96
HAA HEM CA . 17.99 -0.46 6.26
HAAA HEM CA . 17.81 -0.63 4.71
HBA HEM CA . 19.50 0.92 5.10
HBAA HEM CA . 20.17 -0.37 4.47
HMB HEM CA . 20.96 -8.56 2.32
HMBA HEM CA . 20.44 -7.08 2.29
HMBB HEM CA . 19.41 -8.27 2.27
HAB HEM CA . 21.44 -10.85 5.46
HBB HEM CA . 21.42 -11.77 3.36
HBBA HEM CA . 20.15 -10.73 2.96
HMC HEM CA . 21.41 -11.06 9.30
HMCA HEM CA . 21.11 -11.12 10.84
HMCB HEM CA . 22.42 -10.41 10.32
HAC HEM CA . 20.59 -7.72 13.09
HBC HEM CA . 21.41 -9.73 13.93
HBCA HEM CA . 20.33 -10.49 12.92
HMD HEM CA . 17.62 -4.63 13.18
HMDA HEM CA . 17.87 -3.06 13.28
HMDB HEM CA . 19.10 -4.08 13.38
HAD HEM CA . 17.23 -1.47 11.77
HADA HEM CA . 17.17 -1.13 10.23
HBD HEM CA . 19.46 -0.56 10.25
HBDA HEM CA . 19.53 -0.91 11.79
HHA HEM CA . 18.40 -1.60 8.19
C4 JHB DA . 33.48 -28.07 10.37
C5 JHB DA . 33.94 -28.79 11.45
C6 JHB DA . 33.37 -28.59 12.79
C2 JHB DA . 35.03 -29.22 8.99
F2 JHB DA . 21.33 -23.96 10.93
C23 JHB DA . 21.71 -24.23 9.67
F JHB DA . 20.76 -24.93 9.07
F1 JHB DA . 21.80 -23.03 9.05
O1 JHB DA . 22.86 -24.91 9.61
C22 JHB DA . 24.10 -24.35 10.00
C18 JHB DA . 24.39 -24.39 11.34
C19 JHB DA . 25.59 -23.86 11.79
C21 JHB DA . 24.99 -23.82 9.09
C20 JHB DA . 26.17 -23.30 9.55
C17 JHB DA . 26.49 -23.31 10.90
C16 JHB DA . 27.81 -22.74 11.39
C13 JHB DA . 28.90 -23.80 11.52
C12 JHB DA . 29.81 -23.79 12.57
C11 JHB DA . 30.80 -24.76 12.66
C14 JHB DA . 29.00 -24.80 10.57
C15 JHB DA . 29.98 -25.76 10.68
C10 JHB DA . 30.89 -25.76 11.71
C7 JHB DA . 31.93 -26.84 11.78
C8 JHB DA . 32.32 -27.57 12.91
C9 JHB DA . 31.79 -27.41 14.32
O JHB DA . 33.76 -29.25 13.74
C JHB DA . 34.92 -29.75 11.28
N JHB DA . 32.52 -27.11 10.55
C3 JHB DA . 34.06 -28.28 9.12
CL JHB DA . 35.73 -29.49 7.37
C1 JHB DA . 35.48 -29.98 10.05
H1 JHB DA . 23.78 -24.76 11.93
H2 JHB DA . 25.78 -23.88 12.70
H3 JHB DA . 24.77 -23.80 8.18
H4 JHB DA . 26.77 -22.94 8.94
H5 JHB DA . 28.11 -22.04 10.79
H6 JHB DA . 27.67 -22.32 12.27
H7 JHB DA . 29.77 -23.12 13.21
H8 JHB DA . 31.40 -24.73 13.37
H9 JHB DA . 28.40 -24.83 9.87
H10 JHB DA . 30.03 -26.43 10.04
H12 JHB DA . 31.73 -28.27 14.76
H13 JHB DA . 32.40 -26.87 14.84
H14 JHB DA . 30.91 -27.02 14.34
H15 JHB DA . 35.19 -30.23 12.03
H16 JHB DA . 33.78 -27.78 8.37
H17 JHB DA . 36.14 -30.62 9.92
H11 JHB DA . 32.27 -26.65 9.86
FE HEC EA . 57.87 -37.73 -7.25
CHA HEC EA . 55.96 -37.79 -4.43
CHB HEC EA . 57.81 -34.29 -7.19
CHC HEC EA . 59.80 -37.60 -10.10
CHD HEC EA . 57.92 -41.13 -7.40
NA HEC EA . 57.09 -36.31 -6.01
C1A HEC EA . 56.23 -36.56 -4.96
C2A HEC EA . 55.68 -35.29 -4.52
C3A HEC EA . 56.19 -34.33 -5.28
C4A HEC EA . 57.08 -34.95 -6.24
CMA HEC EA . 55.90 -32.82 -5.20
CAA HEC EA . 54.66 -35.11 -3.37
CBA HEC EA . 55.35 -34.74 -2.07
CGA HEC EA . 54.30 -34.44 -1.03
O1A HEC EA . 53.37 -35.27 -0.87
O2A HEC EA . 54.39 -33.39 -0.37
NB HEC EA . 58.68 -36.23 -8.40
C1B HEC EA . 58.48 -34.88 -8.23
C2B HEC EA . 59.10 -34.19 -9.34
C3B HEC EA . 59.64 -35.10 -10.17
C4B HEC EA . 59.39 -36.40 -9.57
CMB HEC EA . 59.12 -32.67 -9.58
CAB HEC EA . 60.41 -34.82 -11.47
CBB HEC EA . 61.68 -34.00 -11.19
NC HEC EA . 58.69 -39.11 -8.51
C1C HEC EA . 59.48 -38.85 -9.60
C2C HEC EA . 60.02 -40.10 -10.09
C3C HEC EA . 59.43 -41.09 -9.40
C4C HEC EA . 58.63 -40.48 -8.37
CMC HEC EA . 60.85 -40.23 -11.39
CAC HEC EA . 59.58 -42.63 -9.57
CBC HEC EA . 60.97 -43.12 -10.00
ND HEC EA . 57.06 -39.22 -6.11
C1D HEC EA . 57.24 -40.57 -6.34
C2D HEC EA . 56.60 -41.34 -5.29
C3D HEC EA . 56.00 -40.29 -4.36
C4D HEC EA . 56.32 -39.01 -4.94
CMD HEC EA . 56.53 -42.86 -5.12
CAD HEC EA . 55.19 -40.55 -3.08
CBD HEC EA . 56.09 -40.23 -1.89
CGD HEC EA . 55.35 -40.51 -0.61
O1D HEC EA . 54.10 -40.60 -0.65
O2D HEC EA . 56.02 -40.63 0.45
HHA HEC EA . 55.45 -37.80 -3.58
HHB HEC EA . 57.87 -33.32 -7.12
HHC HEC EA . 60.36 -37.57 -10.89
HHD HEC EA . 57.90 -42.10 -7.46
HMA1 HEC EA . 55.47 -32.52 -6.04
HMA2 HEC EA . 56.75 -32.33 -5.09
HMA3 HEC EA . 55.31 -32.62 -4.45
HAA1 HEC EA . 54.17 -35.95 -3.25
HAA2 HEC EA . 54.03 -34.41 -3.61
HBA1 HEC EA . 55.90 -33.96 -2.21
HBA2 HEC EA . 55.90 -35.48 -1.77
HMB1 HEC EA . 58.74 -32.46 -10.46
HMB2 HEC EA . 60.03 -32.34 -9.55
HMB3 HEC EA . 58.59 -32.21 -8.90
HAB HEC EA . 60.65 -35.65 -11.89
HBB1 HEC EA . 62.44 -34.45 -11.58
HBB2 HEC EA . 61.81 -33.91 -10.23
HBB3 HEC EA . 61.58 -33.11 -11.58
HMC1 HEC EA . 60.56 -41.02 -11.89
HMC2 HEC EA . 61.79 -40.34 -11.16
HMC3 HEC EA . 60.75 -39.45 -11.95
HAC HEC EA . 59.34 -43.08 -8.76
HBC1 HEC EA . 61.19 -43.93 -9.53
HBC2 HEC EA . 61.64 -42.45 -9.82
HBC3 HEC EA . 60.96 -43.30 -10.96
HMD1 HEC EA . 56.96 -43.11 -4.26
HMD2 HEC EA . 57.01 -43.30 -5.85
HMD3 HEC EA . 55.60 -43.14 -5.11
HAD1 HEC EA . 54.93 -41.49 -3.05
HAD2 HEC EA . 54.41 -39.98 -3.06
HBD1 HEC EA . 56.34 -39.30 -1.92
HBD2 HEC EA . 56.88 -40.78 -1.93
FE1 FES FA . 36.37 -37.28 15.99
FE2 FES FA . 35.31 -34.94 16.78
S1 FES FA . 36.84 -36.13 17.80
S2 FES FA . 34.99 -35.99 14.87
#